data_4JTX
#
_entry.id   4JTX
#
_cell.length_a   67.688
_cell.length_b   119.012
_cell.length_c   123.605
_cell.angle_alpha   115.14
_cell.angle_beta   94.96
_cell.angle_gamma   96.78
#
_symmetry.space_group_name_H-M   'P 1'
#
loop_
_entity.id
_entity.type
_entity.pdbx_description
1 polymer Hemagglutinin
2 polymer Hemagglutinin
3 branched 2-acetamido-2-deoxy-beta-D-glucopyranose-(1-4)-2-acetamido-2-deoxy-beta-D-glucopyranose
4 non-polymer 2-acetamido-2-deoxy-beta-D-glucopyranose
5 water water
#
loop_
_entity_poly.entity_id
_entity_poly.type
_entity_poly.pdbx_seq_one_letter_code
_entity_poly.pdbx_strand_id
1 'polypeptide(L)'
;RDTLCIGYHANNSTDTVDTVLEKNVTVTHSVNLLEDKHNGKLCKLRGVAPLHLGKCNIAGWILGNPECESLSTASSWSYI
VETPSSDNGTCYPGDFIDYEELREQLSSVSSFERFEIFPKTSSWPNHDSNKGVTAACPHAGAKSFYKNLIWLVKKGNSYP
KLSKSYINDKGKEVLVLWGIHHPSTSADQQSLYQNADTYVFVGSSRYSKKFKPEIAIRPKVREQEGRMNYYWTLVEPGDK
ITFEATGNLVVPRYAFAMERNAGSGIIISDTPVHDCNTTCQTPKGAINTSLPFQNIHPITIGKCPKYVKSTKLRLATGLR
NIP
;
A,C,E,G,I,K
2 'polypeptide(L)'
;GLFGAIAGFIEGGWTGMVDGWYGYHHQNEQGSGYAADLKSTQNAIDEITNKVNSVIEKMNTQFTAVGKEFNHLEKRIENL
NKKVDDGFLDIWTYNAELLVLLENERTLDYHDSNVKNLYEKVRSQLKNNAKEIGNGCFEFYHKCDNTCMESVKNGTYDYP
KYSEEA
;
B,D,F,H,J,L
#
loop_
_chem_comp.id
_chem_comp.type
_chem_comp.name
_chem_comp.formula
NAG D-saccharide, beta linking 2-acetamido-2-deoxy-beta-D-glucopyranose 'C8 H15 N O6'
#
# COMPACT_ATOMS: atom_id res chain seq x y z
N ARG A 1 -60.95 0.36 31.47
CA ARG A 1 -61.99 -0.41 30.83
C ARG A 1 -62.30 0.03 29.40
N ASP A 2 -62.23 1.33 29.12
CA ASP A 2 -62.40 1.82 27.77
C ASP A 2 -61.05 1.57 27.15
N THR A 3 -60.96 1.29 25.87
CA THR A 3 -59.61 1.12 25.33
C THR A 3 -59.46 1.15 23.83
N LEU A 4 -58.24 0.96 23.42
CA LEU A 4 -57.92 1.19 22.01
C LEU A 4 -56.63 0.47 21.65
N CYS A 5 -56.69 -0.40 20.64
CA CYS A 5 -55.53 -1.20 20.26
C CYS A 5 -54.95 -0.78 18.90
N ILE A 6 -53.66 -1.03 18.73
CA ILE A 6 -52.97 -0.74 17.47
C ILE A 6 -52.35 -2.00 16.87
N GLY A 7 -52.76 -2.34 15.65
CA GLY A 7 -52.32 -3.57 15.03
C GLY A 7 -52.12 -3.47 13.52
N TYR A 8 -51.97 -4.63 12.89
CA TYR A 8 -51.67 -4.67 11.46
C TYR A 8 -52.49 -5.73 10.71
N HIS A 9 -52.49 -5.62 9.40
CA HIS A 9 -53.31 -6.46 8.53
C HIS A 9 -52.92 -7.94 8.57
N ALA A 10 -53.84 -8.79 8.12
CA ALA A 10 -53.58 -10.22 7.98
C ALA A 10 -54.65 -10.79 7.04
N ASN A 11 -54.35 -11.93 6.41
CA ASN A 11 -55.30 -12.53 5.48
C ASN A 11 -55.07 -14.02 5.23
N ASN A 12 -55.80 -14.58 4.27
CA ASN A 12 -55.71 -16.00 3.94
C ASN A 12 -54.54 -16.32 3.02
N SER A 13 -53.75 -15.30 2.69
CA SER A 13 -52.63 -15.45 1.76
C SER A 13 -51.67 -16.54 2.22
N THR A 14 -51.09 -17.25 1.25
CA THR A 14 -50.12 -18.30 1.53
C THR A 14 -48.77 -17.98 0.90
N ASP A 15 -48.71 -16.87 0.18
CA ASP A 15 -47.48 -16.43 -0.47
C ASP A 15 -46.30 -16.42 0.50
N THR A 16 -45.21 -17.07 0.10
CA THR A 16 -43.98 -17.04 0.87
C THR A 16 -42.87 -16.32 0.11
N VAL A 17 -41.96 -15.70 0.85
CA VAL A 17 -40.82 -15.03 0.27
C VAL A 17 -39.59 -15.29 1.14
N ASP A 18 -38.40 -15.12 0.56
CA ASP A 18 -37.18 -15.31 1.31
C ASP A 18 -36.52 -13.97 1.65
N THR A 19 -35.88 -13.90 2.82
CA THR A 19 -35.10 -12.74 3.19
C THR A 19 -33.67 -13.19 3.47
N VAL A 20 -32.80 -12.24 3.73
CA VAL A 20 -31.41 -12.56 4.05
C VAL A 20 -31.33 -13.33 5.35
N LEU A 21 -32.27 -13.06 6.26
CA LEU A 21 -32.25 -13.65 7.61
C LEU A 21 -33.14 -14.88 7.75
N GLU A 22 -34.17 -14.96 6.92
CA GLU A 22 -35.18 -15.99 7.10
C GLU A 22 -35.76 -16.48 5.78
N LYS A 23 -35.97 -17.79 5.66
CA LYS A 23 -36.52 -18.38 4.45
C LYS A 23 -37.99 -18.76 4.66
N ASN A 24 -38.73 -18.88 3.57
CA ASN A 24 -40.14 -19.25 3.62
C ASN A 24 -40.95 -18.41 4.60
N VAL A 25 -40.95 -17.11 4.39
CA VAL A 25 -41.71 -16.20 5.24
C VAL A 25 -43.04 -15.85 4.57
N THR A 26 -44.14 -16.19 5.24
CA THR A 26 -45.47 -15.94 4.71
C THR A 26 -45.80 -14.44 4.78
N VAL A 27 -46.25 -13.89 3.66
CA VAL A 27 -46.57 -12.46 3.60
C VAL A 27 -47.97 -12.20 3.07
N THR A 28 -48.50 -11.03 3.39
CA THR A 28 -49.86 -10.66 3.00
C THR A 28 -49.97 -10.36 1.51
N HIS A 29 -48.93 -9.75 0.95
CA HIS A 29 -48.93 -9.37 -0.46
C HIS A 29 -47.53 -9.51 -1.06
N SER A 30 -47.48 -9.75 -2.36
CA SER A 30 -46.20 -9.91 -3.05
C SER A 30 -46.33 -9.83 -4.57
N VAL A 31 -45.21 -9.53 -5.23
CA VAL A 31 -45.16 -9.50 -6.68
C VAL A 31 -43.99 -10.36 -7.15
N ASN A 32 -44.10 -10.86 -8.38
CA ASN A 32 -43.04 -11.67 -8.95
C ASN A 32 -42.20 -10.88 -9.96
N LEU A 33 -40.91 -10.78 -9.69
CA LEU A 33 -40.00 -10.06 -10.58
C LEU A 33 -39.52 -10.94 -11.72
N LEU A 34 -39.79 -12.23 -11.64
CA LEU A 34 -39.31 -13.19 -12.63
C LEU A 34 -40.39 -13.58 -13.63
N GLU A 35 -40.14 -13.26 -14.90
CA GLU A 35 -41.03 -13.66 -15.96
C GLU A 35 -40.71 -15.08 -16.41
N ASP A 36 -41.67 -15.99 -16.25
CA ASP A 36 -41.47 -17.38 -16.62
C ASP A 36 -42.60 -17.87 -17.52
N LYS A 37 -43.10 -16.97 -18.37
CA LYS A 37 -44.25 -17.29 -19.20
C LYS A 37 -44.06 -16.80 -20.63
N HIS A 38 -44.14 -17.71 -21.58
CA HIS A 38 -44.04 -17.38 -22.99
C HIS A 38 -45.26 -17.88 -23.76
N ASN A 39 -45.52 -17.27 -24.91
CA ASN A 39 -46.71 -17.59 -25.70
C ASN A 39 -46.49 -18.70 -26.72
N GLY A 40 -45.37 -19.40 -26.59
CA GLY A 40 -45.05 -20.52 -27.48
C GLY A 40 -45.32 -20.26 -28.95
N LYS A 41 -44.95 -19.07 -29.42
CA LYS A 41 -45.13 -18.70 -30.82
C LYS A 41 -43.99 -17.82 -31.31
N LEU A 42 -43.66 -17.93 -32.60
CA LEU A 42 -42.69 -17.03 -33.21
C LEU A 42 -43.43 -15.87 -33.84
N CYS A 43 -43.26 -14.68 -33.29
CA CYS A 43 -44.06 -13.52 -33.68
C CYS A 43 -43.23 -12.48 -34.40
N LYS A 44 -43.88 -11.39 -34.82
CA LYS A 44 -43.19 -10.27 -35.43
C LYS A 44 -42.38 -9.56 -34.36
N LEU A 45 -41.19 -9.11 -34.73
CA LEU A 45 -40.34 -8.35 -33.82
C LEU A 45 -40.49 -6.85 -33.58
N ARG A 46 -40.23 -6.05 -34.62
CA ARG A 46 -40.42 -4.61 -34.54
C ARG A 46 -41.84 -4.25 -34.95
N GLY A 47 -42.16 -4.53 -36.20
CA GLY A 47 -43.47 -4.31 -36.76
C GLY A 47 -43.42 -5.60 -37.52
N VAL A 48 -42.37 -5.69 -38.35
CA VAL A 48 -42.18 -6.82 -39.24
C VAL A 48 -42.12 -8.29 -38.83
N ALA A 49 -42.62 -9.16 -39.70
CA ALA A 49 -42.57 -10.60 -39.45
C ALA A 49 -41.21 -11.18 -39.84
N PRO A 50 -40.91 -12.39 -39.34
CA PRO A 50 -39.65 -13.05 -39.66
C PRO A 50 -39.73 -13.76 -41.00
N LEU A 51 -38.58 -14.01 -41.61
CA LEU A 51 -38.52 -14.78 -42.85
C LEU A 51 -38.45 -16.26 -42.51
N HIS A 52 -39.48 -17.01 -42.87
CA HIS A 52 -39.50 -18.44 -42.57
C HIS A 52 -39.10 -19.25 -43.79
N LEU A 53 -38.02 -20.01 -43.66
CA LEU A 53 -37.52 -20.83 -44.74
C LEU A 53 -38.18 -22.21 -44.71
N GLY A 54 -38.69 -22.57 -43.54
CA GLY A 54 -39.37 -23.84 -43.37
C GLY A 54 -38.50 -25.03 -43.71
N LYS A 55 -38.73 -25.59 -44.90
CA LYS A 55 -38.02 -26.78 -45.35
C LYS A 55 -36.54 -26.56 -45.65
N CYS A 56 -36.20 -25.35 -46.05
CA CYS A 56 -34.84 -25.06 -46.52
C CYS A 56 -34.04 -24.25 -45.52
N ASN A 57 -32.74 -24.19 -45.74
CA ASN A 57 -31.87 -23.32 -44.96
C ASN A 57 -31.35 -22.18 -45.83
N ILE A 58 -30.70 -21.20 -45.22
CA ILE A 58 -30.24 -20.02 -45.95
C ILE A 58 -29.54 -20.41 -47.24
N ALA A 59 -28.61 -21.35 -47.16
CA ALA A 59 -27.88 -21.81 -48.33
C ALA A 59 -28.81 -22.14 -49.48
N GLY A 60 -29.77 -23.01 -49.23
CA GLY A 60 -30.71 -23.42 -50.25
C GLY A 60 -31.58 -22.27 -50.74
N TRP A 61 -31.95 -21.39 -49.82
CA TRP A 61 -32.85 -20.28 -50.13
C TRP A 61 -32.26 -19.25 -51.08
N ILE A 62 -30.99 -18.88 -50.85
CA ILE A 62 -30.37 -17.82 -51.66
C ILE A 62 -29.86 -18.37 -52.99
N LEU A 63 -29.37 -19.60 -52.97
CA LEU A 63 -28.89 -20.23 -54.19
C LEU A 63 -30.07 -20.56 -55.10
N GLY A 64 -31.24 -20.78 -54.49
CA GLY A 64 -32.45 -21.09 -55.23
C GLY A 64 -32.64 -22.57 -55.45
N ASN A 65 -32.28 -23.38 -54.45
CA ASN A 65 -32.55 -24.80 -54.48
C ASN A 65 -33.97 -25.03 -54.98
N PRO A 66 -34.14 -25.98 -55.92
CA PRO A 66 -35.43 -26.28 -56.55
C PRO A 66 -36.54 -26.54 -55.54
N GLU A 67 -36.18 -26.87 -54.30
CA GLU A 67 -37.17 -27.17 -53.28
C GLU A 67 -37.65 -25.92 -52.53
N CYS A 68 -36.82 -24.88 -52.53
CA CYS A 68 -37.16 -23.63 -51.86
C CYS A 68 -37.83 -22.67 -52.82
N GLU A 69 -38.81 -23.18 -53.55
CA GLU A 69 -39.40 -22.45 -54.66
C GLU A 69 -40.60 -21.60 -54.25
N SER A 70 -41.07 -21.81 -53.02
CA SER A 70 -42.36 -21.27 -52.60
C SER A 70 -42.30 -19.97 -51.78
N LEU A 71 -41.12 -19.39 -51.63
CA LEU A 71 -40.90 -18.50 -50.47
C LEU A 71 -40.61 -16.99 -50.52
N SER A 72 -39.80 -16.55 -51.48
CA SER A 72 -39.23 -15.20 -51.47
C SER A 72 -40.26 -14.20 -51.97
N THR A 73 -41.28 -13.96 -51.14
CA THR A 73 -42.30 -12.97 -51.46
C THR A 73 -42.25 -11.81 -50.45
N ALA A 74 -41.31 -11.88 -49.52
CA ALA A 74 -41.14 -10.80 -48.56
C ALA A 74 -40.02 -9.83 -48.98
N SER A 75 -40.26 -8.55 -48.76
CA SER A 75 -39.30 -7.51 -49.12
C SER A 75 -38.56 -7.00 -47.89
N SER A 76 -38.84 -7.62 -46.75
CA SER A 76 -38.17 -7.28 -45.50
C SER A 76 -38.54 -8.27 -44.41
N TRP A 77 -37.67 -8.39 -43.41
CA TRP A 77 -37.95 -9.27 -42.27
C TRP A 77 -37.12 -8.85 -41.07
N SER A 78 -37.64 -9.10 -39.88
CA SER A 78 -37.00 -8.71 -38.64
C SER A 78 -35.93 -9.71 -38.21
N TYR A 79 -36.16 -10.98 -38.54
CA TYR A 79 -35.20 -12.03 -38.25
C TYR A 79 -35.53 -13.25 -39.10
N ILE A 80 -34.70 -14.28 -39.01
CA ILE A 80 -34.87 -15.46 -39.84
C ILE A 80 -35.15 -16.71 -39.01
N VAL A 81 -36.01 -17.58 -39.54
CA VAL A 81 -36.37 -18.80 -38.85
C VAL A 81 -36.09 -20.03 -39.70
N GLU A 82 -35.18 -20.88 -39.24
CA GLU A 82 -34.95 -22.18 -39.86
C GLU A 82 -35.52 -23.25 -38.93
N THR A 83 -35.89 -24.39 -39.49
CA THR A 83 -36.34 -25.51 -38.66
C THR A 83 -35.15 -26.44 -38.42
N PRO A 84 -35.14 -27.11 -37.26
CA PRO A 84 -34.02 -28.00 -36.91
C PRO A 84 -33.86 -29.15 -37.92
N SER A 85 -34.87 -29.36 -38.75
CA SER A 85 -34.85 -30.47 -39.70
C SER A 85 -34.87 -30.00 -41.15
N SER A 86 -34.72 -28.71 -41.38
CA SER A 86 -34.67 -28.18 -42.73
C SER A 86 -33.31 -28.48 -43.37
N ASP A 87 -33.29 -29.40 -44.30
CA ASP A 87 -32.06 -29.90 -44.83
C ASP A 87 -31.77 -29.48 -46.25
N ASN A 88 -32.71 -28.86 -46.92
CA ASN A 88 -32.44 -28.57 -48.31
C ASN A 88 -31.65 -27.32 -48.47
N GLY A 89 -30.41 -27.48 -48.83
CA GLY A 89 -29.60 -26.29 -49.09
C GLY A 89 -28.77 -26.42 -50.35
N THR A 90 -27.47 -26.62 -50.20
CA THR A 90 -26.59 -26.83 -51.35
C THR A 90 -26.63 -28.29 -51.81
N CYS A 91 -27.57 -28.60 -52.69
CA CYS A 91 -27.78 -29.96 -53.17
C CYS A 91 -26.54 -30.55 -53.84
N TYR A 92 -25.85 -29.74 -54.65
CA TYR A 92 -24.59 -30.19 -55.23
C TYR A 92 -23.47 -30.02 -54.21
N PRO A 93 -22.83 -31.13 -53.82
CA PRO A 93 -21.80 -31.11 -52.79
C PRO A 93 -20.76 -30.05 -53.06
N GLY A 94 -20.39 -29.29 -52.05
CA GLY A 94 -19.40 -28.23 -52.20
C GLY A 94 -19.17 -27.46 -50.93
N ASP A 95 -18.46 -26.35 -51.05
CA ASP A 95 -18.09 -25.55 -49.88
C ASP A 95 -18.64 -24.13 -50.06
N PHE A 96 -19.54 -23.74 -49.16
CA PHE A 96 -20.08 -22.39 -49.16
C PHE A 96 -19.15 -21.48 -48.35
N ILE A 97 -18.42 -20.61 -49.06
CA ILE A 97 -17.42 -19.77 -48.43
C ILE A 97 -18.04 -18.64 -47.63
N ASP A 98 -17.53 -18.41 -46.42
CA ASP A 98 -18.05 -17.37 -45.53
C ASP A 98 -19.56 -17.49 -45.39
N TYR A 99 -20.04 -18.71 -45.24
CA TYR A 99 -21.46 -19.00 -45.13
C TYR A 99 -22.06 -18.35 -43.88
N GLU A 100 -21.43 -18.59 -42.73
CA GLU A 100 -21.90 -18.03 -41.47
C GLU A 100 -21.96 -16.52 -41.54
N GLU A 101 -20.94 -15.90 -42.12
CA GLU A 101 -20.93 -14.46 -42.29
C GLU A 101 -22.13 -13.99 -43.12
N LEU A 102 -22.42 -14.72 -44.18
CA LEU A 102 -23.54 -14.39 -45.06
C LEU A 102 -24.84 -14.44 -44.26
N ARG A 103 -25.04 -15.55 -43.57
CA ARG A 103 -26.25 -15.73 -42.77
C ARG A 103 -26.47 -14.57 -41.81
N GLU A 104 -25.38 -14.09 -41.22
CA GLU A 104 -25.44 -12.95 -40.31
C GLU A 104 -25.88 -11.69 -41.05
N GLN A 105 -25.28 -11.44 -42.21
CA GLN A 105 -25.57 -10.25 -42.98
C GLN A 105 -27.03 -10.23 -43.43
N LEU A 106 -27.58 -11.42 -43.63
CA LEU A 106 -28.94 -11.58 -44.14
C LEU A 106 -29.98 -11.69 -43.02
N SER A 107 -29.51 -11.77 -41.78
CA SER A 107 -30.39 -12.05 -40.64
C SER A 107 -31.58 -11.12 -40.58
N SER A 108 -31.36 -9.85 -40.88
CA SER A 108 -32.43 -8.85 -40.90
C SER A 108 -32.21 -7.84 -42.01
N VAL A 109 -33.24 -7.64 -42.81
CA VAL A 109 -33.15 -6.83 -44.01
C VAL A 109 -34.25 -5.77 -44.04
N SER A 110 -33.90 -4.56 -44.46
CA SER A 110 -34.87 -3.48 -44.56
C SER A 110 -35.63 -3.57 -45.88
N SER A 111 -34.90 -3.60 -46.99
CA SER A 111 -35.49 -3.83 -48.30
C SER A 111 -34.73 -4.94 -49.01
N PHE A 112 -35.46 -5.77 -49.77
CA PHE A 112 -34.86 -6.95 -50.37
C PHE A 112 -35.60 -7.37 -51.63
N GLU A 113 -35.12 -6.91 -52.79
CA GLU A 113 -35.72 -7.30 -54.05
C GLU A 113 -34.76 -8.10 -54.91
N ARG A 114 -35.23 -9.23 -55.43
CA ARG A 114 -34.42 -10.11 -56.27
C ARG A 114 -34.65 -9.82 -57.75
N PHE A 115 -33.55 -9.59 -58.48
CA PHE A 115 -33.64 -9.28 -59.89
C PHE A 115 -32.72 -10.15 -60.74
N GLU A 116 -32.95 -10.18 -62.05
CA GLU A 116 -32.15 -11.00 -62.95
C GLU A 116 -30.92 -10.24 -63.43
N ILE A 117 -29.82 -10.39 -62.70
CA ILE A 117 -28.59 -9.66 -63.00
C ILE A 117 -28.06 -9.96 -64.39
N PHE A 118 -28.02 -11.24 -64.75
CA PHE A 118 -27.59 -11.65 -66.08
C PHE A 118 -28.67 -12.50 -66.76
N PRO A 119 -29.60 -11.84 -67.45
CA PRO A 119 -30.73 -12.47 -68.14
C PRO A 119 -30.28 -13.69 -68.94
N LYS A 120 -30.94 -14.83 -68.73
CA LYS A 120 -30.53 -16.09 -69.34
C LYS A 120 -30.53 -16.05 -70.86
N THR A 121 -31.53 -15.41 -71.43
CA THR A 121 -31.71 -15.40 -72.88
C THR A 121 -30.66 -14.55 -73.61
N SER A 122 -30.38 -13.38 -73.09
CA SER A 122 -29.55 -12.40 -73.81
C SER A 122 -28.08 -12.39 -73.38
N SER A 123 -27.78 -12.96 -72.22
CA SER A 123 -26.44 -12.82 -71.63
C SER A 123 -25.38 -13.74 -72.22
N TRP A 124 -25.70 -15.03 -72.37
CA TRP A 124 -24.72 -16.01 -72.81
C TRP A 124 -25.08 -16.58 -74.18
N PRO A 125 -24.56 -15.95 -75.24
CA PRO A 125 -24.80 -16.30 -76.65
C PRO A 125 -23.82 -17.36 -77.15
N ASN A 126 -22.67 -17.50 -76.51
CA ASN A 126 -21.63 -18.40 -76.99
C ASN A 126 -21.44 -19.63 -76.10
N HIS A 127 -22.36 -19.83 -75.17
CA HIS A 127 -22.29 -20.95 -74.24
C HIS A 127 -23.66 -21.57 -74.04
N ASP A 128 -23.70 -22.83 -73.65
CA ASP A 128 -24.95 -23.53 -73.44
C ASP A 128 -25.48 -23.29 -72.02
N SER A 129 -26.66 -22.68 -71.93
CA SER A 129 -27.26 -22.35 -70.65
C SER A 129 -28.48 -23.22 -70.35
N ASN A 130 -28.54 -24.39 -70.97
CA ASN A 130 -29.69 -25.27 -70.80
C ASN A 130 -29.31 -26.66 -70.30
N LYS A 131 -28.11 -27.11 -70.68
CA LYS A 131 -27.65 -28.44 -70.30
C LYS A 131 -27.22 -28.51 -68.84
N GLY A 132 -27.11 -27.35 -68.20
CA GLY A 132 -26.59 -27.26 -66.85
C GLY A 132 -27.53 -27.74 -65.75
N VAL A 133 -27.91 -29.02 -65.80
CA VAL A 133 -28.73 -29.61 -64.75
C VAL A 133 -28.10 -30.90 -64.24
N THR A 134 -28.48 -31.32 -63.04
CA THR A 134 -27.88 -32.50 -62.42
C THR A 134 -28.89 -33.31 -61.61
N ALA A 135 -28.58 -34.59 -61.41
CA ALA A 135 -29.43 -35.46 -60.62
C ALA A 135 -29.24 -35.22 -59.13
N ALA A 136 -28.34 -34.30 -58.80
CA ALA A 136 -28.11 -33.94 -57.41
C ALA A 136 -29.09 -32.88 -56.96
N CYS A 137 -29.76 -32.25 -57.92
CA CYS A 137 -30.76 -31.21 -57.63
C CYS A 137 -32.06 -31.49 -58.36
N PRO A 138 -32.79 -32.52 -57.91
CA PRO A 138 -34.01 -33.02 -58.53
C PRO A 138 -35.24 -32.19 -58.15
N HIS A 139 -36.06 -31.83 -59.13
CA HIS A 139 -37.34 -31.18 -58.86
C HIS A 139 -38.46 -31.96 -59.53
N ALA A 140 -39.06 -32.88 -58.78
CA ALA A 140 -40.10 -33.74 -59.32
C ALA A 140 -39.54 -34.72 -60.33
N GLY A 141 -38.60 -35.55 -59.87
CA GLY A 141 -38.02 -36.60 -60.70
C GLY A 141 -37.05 -36.08 -61.74
N ALA A 142 -37.31 -34.88 -62.26
CA ALA A 142 -36.46 -34.29 -63.29
C ALA A 142 -35.17 -33.72 -62.73
N LYS A 143 -34.08 -33.87 -63.46
CA LYS A 143 -32.82 -33.25 -63.07
C LYS A 143 -32.95 -31.74 -63.22
N SER A 144 -32.53 -31.02 -62.19
CA SER A 144 -32.66 -29.57 -62.18
C SER A 144 -31.49 -28.98 -61.41
N PHE A 145 -31.53 -27.67 -61.18
CA PHE A 145 -30.43 -26.97 -60.52
C PHE A 145 -30.91 -25.69 -59.85
N TYR A 146 -30.01 -25.01 -59.14
CA TYR A 146 -30.36 -23.77 -58.46
C TYR A 146 -31.00 -22.80 -59.44
N LYS A 147 -31.97 -22.02 -58.96
CA LYS A 147 -32.69 -21.09 -59.80
C LYS A 147 -31.92 -19.79 -60.02
N ASN A 148 -31.10 -19.42 -59.06
CA ASN A 148 -30.40 -18.14 -59.10
C ASN A 148 -29.03 -18.21 -59.79
N LEU A 149 -28.61 -19.42 -60.13
CA LEU A 149 -27.35 -19.61 -60.85
C LEU A 149 -27.60 -20.40 -62.13
N ILE A 150 -26.67 -20.28 -63.07
CA ILE A 150 -26.74 -21.05 -64.32
C ILE A 150 -25.42 -21.77 -64.58
N TRP A 151 -25.50 -23.08 -64.76
CA TRP A 151 -24.31 -23.89 -64.98
C TRP A 151 -23.92 -23.86 -66.46
N LEU A 152 -23.11 -22.87 -66.83
CA LEU A 152 -22.69 -22.71 -68.22
C LEU A 152 -21.76 -23.83 -68.69
N VAL A 153 -22.18 -24.55 -69.72
CA VAL A 153 -21.36 -25.59 -70.33
C VAL A 153 -21.01 -25.22 -71.77
N LYS A 154 -20.04 -25.94 -72.35
CA LYS A 154 -19.59 -25.64 -73.70
C LYS A 154 -20.72 -25.77 -74.71
N LYS A 155 -20.62 -24.99 -75.78
CA LYS A 155 -21.59 -25.06 -76.86
C LYS A 155 -21.02 -25.84 -78.03
N GLY A 156 -21.19 -27.16 -78.00
CA GLY A 156 -20.69 -28.02 -79.05
C GLY A 156 -19.20 -27.91 -79.27
N ASN A 157 -18.43 -28.54 -78.38
CA ASN A 157 -16.98 -28.59 -78.52
C ASN A 157 -16.30 -27.21 -78.58
N SER A 158 -16.94 -26.22 -77.98
CA SER A 158 -16.36 -24.88 -77.93
C SER A 158 -16.77 -24.11 -76.69
N TYR A 159 -15.77 -23.65 -75.93
CA TYR A 159 -16.01 -22.82 -74.75
C TYR A 159 -15.11 -21.60 -74.81
N PRO A 160 -15.57 -20.54 -75.50
CA PRO A 160 -14.80 -19.31 -75.68
C PRO A 160 -14.65 -18.57 -74.36
N LYS A 161 -13.52 -17.90 -74.16
CA LYS A 161 -13.35 -17.08 -72.96
C LYS A 161 -14.55 -16.16 -72.84
N LEU A 162 -15.27 -16.25 -71.73
CA LEU A 162 -16.40 -15.37 -71.52
C LEU A 162 -16.03 -14.21 -70.63
N SER A 163 -16.72 -13.09 -70.81
CA SER A 163 -16.46 -11.90 -70.01
C SER A 163 -17.74 -11.08 -69.91
N LYS A 164 -18.39 -11.15 -68.75
CA LYS A 164 -19.60 -10.39 -68.50
C LYS A 164 -19.43 -9.46 -67.30
N SER A 165 -19.95 -8.25 -67.39
CA SER A 165 -19.88 -7.30 -66.27
C SER A 165 -21.25 -6.74 -65.91
N TYR A 166 -21.50 -6.62 -64.61
CA TYR A 166 -22.69 -5.93 -64.14
C TYR A 166 -22.29 -4.66 -63.38
N ILE A 167 -23.10 -3.62 -63.55
CA ILE A 167 -22.84 -2.36 -62.88
C ILE A 167 -24.04 -2.01 -62.00
N ASN A 168 -23.80 -1.90 -60.70
CA ASN A 168 -24.87 -1.69 -59.73
C ASN A 168 -25.57 -0.34 -59.91
N ASP A 169 -26.70 -0.38 -60.61
CA ASP A 169 -27.46 0.83 -60.89
C ASP A 169 -28.63 0.99 -59.94
N LYS A 170 -28.75 0.09 -58.96
CA LYS A 170 -29.72 0.25 -57.89
C LYS A 170 -29.24 1.37 -56.98
N GLY A 171 -29.99 1.60 -55.91
CA GLY A 171 -29.62 2.60 -54.93
C GLY A 171 -29.03 1.99 -53.69
N LYS A 172 -28.92 0.67 -53.70
CA LYS A 172 -28.52 -0.08 -52.53
C LYS A 172 -27.47 -1.13 -52.90
N GLU A 173 -27.01 -1.87 -51.91
CA GLU A 173 -26.04 -2.93 -52.15
C GLU A 173 -26.68 -4.06 -52.94
N VAL A 174 -25.88 -4.72 -53.79
CA VAL A 174 -26.35 -5.88 -54.50
C VAL A 174 -25.57 -7.12 -54.07
N LEU A 175 -26.29 -8.14 -53.61
CA LEU A 175 -25.67 -9.40 -53.21
C LEU A 175 -25.54 -10.32 -54.42
N VAL A 176 -24.31 -10.58 -54.84
CA VAL A 176 -24.06 -11.41 -56.00
C VAL A 176 -23.48 -12.76 -55.59
N LEU A 177 -24.10 -13.84 -56.05
CA LEU A 177 -23.61 -15.18 -55.75
C LEU A 177 -23.18 -15.89 -57.02
N TRP A 178 -22.17 -16.75 -56.89
CA TRP A 178 -21.70 -17.55 -58.02
C TRP A 178 -21.00 -18.79 -57.51
N GLY A 179 -20.79 -19.76 -58.40
CA GLY A 179 -20.14 -21.00 -58.03
C GLY A 179 -18.95 -21.34 -58.91
N ILE A 180 -18.01 -22.11 -58.36
CA ILE A 180 -16.91 -22.65 -59.13
C ILE A 180 -17.02 -24.16 -59.11
N HIS A 181 -17.00 -24.78 -60.28
CA HIS A 181 -17.16 -26.24 -60.37
C HIS A 181 -15.84 -26.99 -60.52
N HIS A 182 -15.64 -27.98 -59.65
CA HIS A 182 -14.44 -28.81 -59.70
C HIS A 182 -14.80 -30.23 -60.11
N PRO A 183 -14.65 -30.54 -61.41
CA PRO A 183 -14.94 -31.87 -61.94
C PRO A 183 -14.14 -32.96 -61.23
N SER A 184 -14.62 -34.19 -61.32
CA SER A 184 -13.97 -35.32 -60.65
C SER A 184 -12.81 -35.87 -61.48
N THR A 185 -12.95 -35.80 -62.80
CA THR A 185 -11.95 -36.36 -63.70
C THR A 185 -11.66 -35.40 -64.86
N SER A 186 -10.42 -35.41 -65.32
CA SER A 186 -10.00 -34.53 -66.41
C SER A 186 -10.79 -34.79 -67.69
N ALA A 187 -11.45 -35.94 -67.75
CA ALA A 187 -12.34 -36.27 -68.86
C ALA A 187 -13.64 -35.50 -68.73
N ASP A 188 -14.22 -35.55 -67.53
CA ASP A 188 -15.41 -34.76 -67.23
C ASP A 188 -15.13 -33.29 -67.51
N GLN A 189 -13.90 -32.87 -67.27
CA GLN A 189 -13.49 -31.49 -67.48
C GLN A 189 -13.69 -31.05 -68.93
N GLN A 190 -13.11 -31.78 -69.86
CA GLN A 190 -13.20 -31.41 -71.27
C GLN A 190 -14.58 -31.73 -71.83
N SER A 191 -15.24 -32.70 -71.21
CA SER A 191 -16.61 -33.04 -71.58
C SER A 191 -17.52 -31.84 -71.35
N LEU A 192 -17.30 -31.12 -70.26
CA LEU A 192 -18.13 -29.97 -69.90
C LEU A 192 -17.64 -28.65 -70.51
N TYR A 193 -16.33 -28.41 -70.44
CA TYR A 193 -15.78 -27.13 -70.89
C TYR A 193 -14.63 -27.85 -71.61
N GLN A 194 -14.61 -27.80 -72.94
CA GLN A 194 -13.57 -28.43 -73.75
C GLN A 194 -12.16 -28.27 -73.20
N ASN A 195 -11.75 -27.02 -72.98
CA ASN A 195 -10.41 -26.69 -72.50
C ASN A 195 -10.01 -27.47 -71.24
N ALA A 196 -8.76 -27.91 -71.19
CA ALA A 196 -8.28 -28.72 -70.07
C ALA A 196 -7.76 -27.84 -68.94
N ASP A 197 -6.99 -26.82 -69.29
CA ASP A 197 -6.45 -25.90 -68.30
C ASP A 197 -7.24 -24.59 -68.30
N THR A 198 -8.14 -24.44 -67.32
CA THR A 198 -9.05 -23.31 -67.28
C THR A 198 -8.86 -22.43 -66.05
N TYR A 199 -9.65 -21.37 -65.98
CA TYR A 199 -9.59 -20.44 -64.86
C TYR A 199 -10.82 -19.54 -64.83
N VAL A 200 -11.19 -19.09 -63.64
CA VAL A 200 -12.30 -18.16 -63.48
C VAL A 200 -11.80 -16.96 -62.69
N PHE A 201 -12.20 -15.76 -63.09
CA PHE A 201 -11.81 -14.56 -62.38
C PHE A 201 -13.00 -13.66 -62.08
N VAL A 202 -13.15 -13.28 -60.81
CA VAL A 202 -14.18 -12.33 -60.41
C VAL A 202 -13.52 -11.11 -59.80
N GLY A 203 -14.00 -9.93 -60.16
CA GLY A 203 -13.42 -8.70 -59.64
C GLY A 203 -14.34 -7.50 -59.63
N SER A 204 -14.28 -6.73 -58.54
CA SER A 204 -14.96 -5.45 -58.46
C SER A 204 -13.93 -4.44 -57.94
N SER A 205 -14.41 -3.34 -57.38
CA SER A 205 -13.52 -2.34 -56.80
C SER A 205 -12.84 -2.82 -55.51
N ARG A 206 -13.49 -3.74 -54.81
CA ARG A 206 -12.97 -4.22 -53.53
C ARG A 206 -12.64 -5.72 -53.58
N TYR A 207 -13.39 -6.46 -54.39
CA TYR A 207 -13.18 -7.90 -54.51
C TYR A 207 -12.28 -8.24 -55.69
N SER A 208 -11.46 -9.27 -55.54
CA SER A 208 -10.61 -9.75 -56.62
C SER A 208 -10.04 -11.11 -56.28
N LYS A 209 -10.35 -12.11 -57.10
CA LYS A 209 -9.88 -13.46 -56.86
C LYS A 209 -9.90 -14.31 -58.12
N LYS A 210 -8.82 -15.03 -58.36
CA LYS A 210 -8.73 -15.94 -59.49
C LYS A 210 -8.89 -17.37 -59.01
N PHE A 211 -9.72 -18.14 -59.71
CA PHE A 211 -10.04 -19.50 -59.28
C PHE A 211 -9.49 -20.54 -60.25
N LYS A 212 -8.81 -21.54 -59.69
CA LYS A 212 -8.30 -22.66 -60.47
C LYS A 212 -9.03 -23.93 -60.07
N PRO A 213 -9.70 -24.57 -61.04
CA PRO A 213 -10.42 -25.82 -60.82
C PRO A 213 -9.51 -26.92 -60.29
N GLU A 214 -9.86 -27.49 -59.14
CA GLU A 214 -9.10 -28.61 -58.58
C GLU A 214 -9.79 -29.91 -58.95
N ILE A 215 -9.22 -30.61 -59.92
CA ILE A 215 -9.84 -31.80 -60.47
C ILE A 215 -9.37 -33.07 -59.75
N ALA A 216 -10.32 -33.81 -59.19
CA ALA A 216 -10.01 -35.04 -58.47
C ALA A 216 -11.28 -35.78 -58.05
N ILE A 217 -11.11 -37.02 -57.61
CA ILE A 217 -12.26 -37.83 -57.19
C ILE A 217 -12.51 -37.70 -55.68
N ARG A 218 -13.52 -36.93 -55.31
CA ARG A 218 -13.96 -36.88 -53.93
C ARG A 218 -14.95 -38.01 -53.66
N PRO A 219 -15.00 -38.49 -52.41
CA PRO A 219 -15.97 -39.53 -52.04
C PRO A 219 -17.38 -39.12 -52.45
N LYS A 220 -18.15 -40.06 -53.00
CA LYS A 220 -19.49 -39.75 -53.49
C LYS A 220 -20.35 -39.05 -52.45
N VAL A 221 -20.92 -37.93 -52.85
CA VAL A 221 -21.93 -37.26 -52.03
C VAL A 221 -23.11 -36.89 -52.93
N ARG A 222 -24.29 -37.39 -52.60
CA ARG A 222 -25.45 -37.19 -53.46
C ARG A 222 -25.07 -37.51 -54.91
N GLU A 223 -24.29 -38.58 -55.10
CA GLU A 223 -23.95 -39.11 -56.41
C GLU A 223 -22.82 -38.36 -57.11
N GLN A 224 -22.26 -37.35 -56.43
CA GLN A 224 -21.25 -36.52 -57.07
C GLN A 224 -19.85 -36.75 -56.51
N GLU A 225 -18.92 -37.09 -57.40
CA GLU A 225 -17.53 -37.23 -57.01
C GLU A 225 -16.81 -35.91 -57.25
N GLY A 226 -17.49 -35.01 -57.95
CA GLY A 226 -16.99 -33.66 -58.15
C GLY A 226 -17.54 -32.73 -57.09
N ARG A 227 -17.04 -31.51 -57.06
CA ARG A 227 -17.48 -30.54 -56.05
C ARG A 227 -17.83 -29.21 -56.69
N MET A 228 -18.49 -28.36 -55.91
CA MET A 228 -18.87 -27.03 -56.39
C MET A 228 -18.88 -26.06 -55.22
N ASN A 229 -17.94 -25.12 -55.22
CA ASN A 229 -17.84 -24.13 -54.15
C ASN A 229 -18.61 -22.84 -54.47
N TYR A 230 -19.29 -22.30 -53.46
CA TYR A 230 -20.15 -21.16 -53.66
C TYR A 230 -19.57 -19.91 -53.02
N TYR A 231 -19.56 -18.82 -53.78
CA TYR A 231 -18.98 -17.56 -53.32
C TYR A 231 -19.99 -16.43 -53.42
N TRP A 232 -19.76 -15.37 -52.65
CA TRP A 232 -20.66 -14.23 -52.66
C TRP A 232 -19.92 -12.95 -52.29
N THR A 233 -20.47 -11.81 -52.71
CA THR A 233 -19.89 -10.53 -52.38
C THR A 233 -20.94 -9.44 -52.54
N LEU A 234 -20.78 -8.35 -51.79
CA LEU A 234 -21.70 -7.23 -51.87
C LEU A 234 -21.10 -6.13 -52.74
N VAL A 235 -21.77 -5.81 -53.85
CA VAL A 235 -21.27 -4.74 -54.69
C VAL A 235 -21.90 -3.39 -54.35
N GLU A 236 -21.04 -2.45 -53.99
CA GLU A 236 -21.48 -1.12 -53.58
C GLU A 236 -22.19 -0.41 -54.73
N PRO A 237 -23.14 0.48 -54.39
CA PRO A 237 -23.87 1.22 -55.41
C PRO A 237 -22.92 2.02 -56.29
N GLY A 238 -23.07 1.89 -57.60
CA GLY A 238 -22.21 2.61 -58.53
C GLY A 238 -20.98 1.81 -58.93
N ASP A 239 -20.70 0.77 -58.16
CA ASP A 239 -19.57 -0.11 -58.46
C ASP A 239 -19.99 -1.16 -59.47
N LYS A 240 -19.01 -1.82 -60.10
CA LYS A 240 -19.32 -2.87 -61.06
C LYS A 240 -18.48 -4.11 -60.82
N ILE A 241 -19.07 -5.27 -61.11
CA ILE A 241 -18.41 -6.55 -60.88
C ILE A 241 -18.21 -7.27 -62.21
N THR A 242 -17.03 -7.87 -62.38
CA THR A 242 -16.68 -8.52 -63.65
C THR A 242 -16.44 -10.00 -63.50
N PHE A 243 -17.09 -10.79 -64.35
CA PHE A 243 -16.85 -12.23 -64.41
C PHE A 243 -16.10 -12.57 -65.69
N GLU A 244 -15.15 -13.50 -65.57
CA GLU A 244 -14.31 -13.89 -66.69
C GLU A 244 -13.85 -15.33 -66.47
N ALA A 245 -14.12 -16.20 -67.44
CA ALA A 245 -13.78 -17.60 -67.28
C ALA A 245 -13.57 -18.31 -68.60
N THR A 246 -12.69 -19.30 -68.59
CA THR A 246 -12.51 -20.18 -69.73
C THR A 246 -13.12 -21.53 -69.40
N GLY A 247 -13.99 -21.54 -68.40
CA GLY A 247 -14.69 -22.74 -67.98
C GLY A 247 -14.92 -22.85 -66.49
N ASN A 248 -15.75 -23.81 -66.08
CA ASN A 248 -15.93 -24.13 -64.68
C ASN A 248 -16.68 -23.06 -63.87
N LEU A 249 -17.16 -22.03 -64.54
CA LEU A 249 -17.86 -20.96 -63.85
C LEU A 249 -19.37 -21.18 -63.86
N VAL A 250 -19.96 -21.27 -62.67
CA VAL A 250 -21.41 -21.28 -62.53
C VAL A 250 -21.89 -19.84 -62.36
N VAL A 251 -22.33 -19.23 -63.46
CA VAL A 251 -22.62 -17.80 -63.48
C VAL A 251 -23.89 -17.44 -62.74
N PRO A 252 -23.96 -16.19 -62.25
CA PRO A 252 -25.14 -15.62 -61.59
C PRO A 252 -26.26 -15.39 -62.61
N ARG A 253 -27.50 -15.61 -62.17
CA ARG A 253 -28.66 -15.28 -62.98
C ARG A 253 -29.46 -14.25 -62.23
N TYR A 254 -29.75 -14.53 -60.97
CA TYR A 254 -30.45 -13.60 -60.10
C TYR A 254 -29.55 -13.09 -58.98
N ALA A 255 -29.61 -11.78 -58.73
CA ALA A 255 -28.91 -11.19 -57.61
C ALA A 255 -29.93 -10.55 -56.67
N PHE A 256 -29.46 -9.77 -55.70
CA PHE A 256 -30.37 -9.18 -54.73
C PHE A 256 -30.02 -7.74 -54.37
N ALA A 257 -30.86 -6.80 -54.81
CA ALA A 257 -30.78 -5.43 -54.34
C ALA A 257 -31.21 -5.48 -52.89
N MET A 258 -30.40 -4.92 -52.01
CA MET A 258 -30.56 -5.20 -50.59
C MET A 258 -30.12 -4.05 -49.70
N GLU A 259 -30.92 -3.78 -48.68
CA GLU A 259 -30.57 -2.80 -47.66
C GLU A 259 -30.74 -3.44 -46.30
N ARG A 260 -29.66 -3.50 -45.54
CA ARG A 260 -29.67 -4.27 -44.29
C ARG A 260 -29.58 -3.40 -43.04
N ASN A 261 -30.22 -3.88 -41.97
CA ASN A 261 -30.16 -3.22 -40.67
C ASN A 261 -29.65 -4.18 -39.59
N ALA A 262 -28.47 -3.87 -39.05
CA ALA A 262 -27.82 -4.76 -38.10
C ALA A 262 -28.65 -4.95 -36.84
N GLY A 263 -28.27 -5.93 -36.02
CA GLY A 263 -28.87 -6.10 -34.72
C GLY A 263 -29.82 -7.27 -34.55
N SER A 264 -29.86 -8.17 -35.54
CA SER A 264 -30.73 -9.32 -35.45
C SER A 264 -29.98 -10.63 -35.64
N GLY A 265 -30.73 -11.74 -35.65
CA GLY A 265 -30.14 -13.05 -35.74
C GLY A 265 -31.04 -14.10 -36.36
N ILE A 266 -30.77 -15.36 -36.02
CA ILE A 266 -31.46 -16.49 -36.65
C ILE A 266 -31.88 -17.51 -35.61
N ILE A 267 -33.16 -17.87 -35.64
CA ILE A 267 -33.72 -18.83 -34.70
C ILE A 267 -33.99 -20.17 -35.37
N ILE A 268 -33.37 -21.23 -34.85
CA ILE A 268 -33.67 -22.58 -35.30
C ILE A 268 -34.67 -23.22 -34.35
N SER A 269 -35.91 -23.36 -34.81
CA SER A 269 -36.98 -23.85 -33.95
C SER A 269 -38.16 -24.41 -34.72
N ASP A 270 -38.88 -25.33 -34.09
CA ASP A 270 -40.09 -25.89 -34.68
C ASP A 270 -41.31 -25.04 -34.32
N THR A 271 -41.12 -24.15 -33.35
CA THR A 271 -42.20 -23.28 -32.90
C THR A 271 -42.87 -22.56 -34.06
N PRO A 272 -44.19 -22.69 -34.18
CA PRO A 272 -45.01 -22.11 -35.26
C PRO A 272 -44.90 -20.60 -35.33
N VAL A 273 -44.86 -20.06 -36.54
CA VAL A 273 -44.87 -18.61 -36.72
C VAL A 273 -46.30 -18.12 -36.82
N HIS A 274 -46.59 -16.98 -36.19
CA HIS A 274 -47.95 -16.46 -36.14
C HIS A 274 -48.01 -14.97 -36.49
N ASP A 275 -49.23 -14.45 -36.54
CA ASP A 275 -49.42 -13.02 -36.74
C ASP A 275 -49.69 -12.34 -35.40
N CYS A 276 -48.62 -12.02 -34.69
CA CYS A 276 -48.71 -11.34 -33.41
C CYS A 276 -47.51 -10.44 -33.21
N ASN A 277 -47.65 -9.44 -32.34
CA ASN A 277 -46.54 -8.57 -32.02
C ASN A 277 -45.80 -9.04 -30.77
N THR A 278 -44.52 -8.69 -30.70
CA THR A 278 -43.70 -8.99 -29.53
C THR A 278 -42.50 -8.06 -29.52
N THR A 279 -41.97 -7.81 -28.32
CA THR A 279 -40.82 -6.94 -28.19
C THR A 279 -39.60 -7.79 -27.89
N CYS A 280 -39.85 -9.07 -27.65
CA CYS A 280 -38.80 -10.01 -27.26
C CYS A 280 -39.15 -11.41 -27.75
N GLN A 281 -38.22 -12.04 -28.47
CA GLN A 281 -38.48 -13.36 -29.04
C GLN A 281 -37.45 -14.40 -28.59
N THR A 282 -37.95 -15.58 -28.25
CA THR A 282 -37.08 -16.71 -27.96
C THR A 282 -37.46 -17.89 -28.86
N PRO A 283 -36.55 -18.85 -29.02
CA PRO A 283 -36.83 -20.05 -29.83
C PRO A 283 -38.06 -20.81 -29.33
N LYS A 284 -38.42 -20.63 -28.07
CA LYS A 284 -39.55 -21.35 -27.49
C LYS A 284 -40.85 -20.57 -27.66
N GLY A 285 -40.73 -19.26 -27.87
CA GLY A 285 -41.88 -18.40 -28.02
C GLY A 285 -41.58 -16.97 -27.61
N ALA A 286 -42.52 -16.07 -27.86
CA ALA A 286 -42.34 -14.65 -27.55
C ALA A 286 -42.56 -14.37 -26.06
N ILE A 287 -42.07 -13.22 -25.62
CA ILE A 287 -42.21 -12.81 -24.22
C ILE A 287 -42.80 -11.41 -24.07
N ASN A 288 -44.00 -11.35 -23.47
CA ASN A 288 -44.63 -10.08 -23.17
C ASN A 288 -44.49 -9.78 -21.69
N THR A 289 -43.63 -8.83 -21.35
CA THR A 289 -43.35 -8.55 -19.95
C THR A 289 -42.66 -7.22 -19.70
N SER A 290 -42.79 -6.73 -18.47
CA SER A 290 -42.10 -5.53 -18.02
C SER A 290 -41.03 -5.92 -17.00
N LEU A 291 -41.16 -7.12 -16.46
CA LEU A 291 -40.21 -7.63 -15.48
C LEU A 291 -38.76 -7.59 -15.97
N PRO A 292 -37.82 -7.43 -15.05
CA PRO A 292 -36.38 -7.30 -15.34
C PRO A 292 -35.74 -8.63 -15.72
N PHE A 293 -36.30 -9.74 -15.25
CA PHE A 293 -35.67 -11.04 -15.43
C PHE A 293 -36.60 -12.10 -15.99
N GLN A 294 -36.06 -12.98 -16.82
CA GLN A 294 -36.80 -14.11 -17.34
C GLN A 294 -35.93 -15.35 -17.32
N ASN A 295 -36.54 -16.51 -17.09
CA ASN A 295 -35.81 -17.77 -17.05
C ASN A 295 -36.28 -18.71 -18.15
N ILE A 296 -36.84 -18.14 -19.22
CA ILE A 296 -37.42 -18.90 -20.31
C ILE A 296 -36.36 -19.41 -21.30
N HIS A 297 -35.42 -18.55 -21.67
CA HIS A 297 -34.38 -18.92 -22.63
C HIS A 297 -33.26 -17.89 -22.66
N PRO A 298 -32.00 -18.37 -22.72
CA PRO A 298 -30.79 -17.55 -22.76
C PRO A 298 -30.64 -16.81 -24.09
N ILE A 299 -30.92 -17.50 -25.19
CA ILE A 299 -30.79 -16.90 -26.52
C ILE A 299 -32.04 -16.11 -26.87
N THR A 300 -31.88 -14.80 -27.02
CA THR A 300 -33.01 -13.90 -27.15
C THR A 300 -32.82 -12.92 -28.31
N ILE A 301 -33.91 -12.42 -28.86
CA ILE A 301 -33.85 -11.41 -29.91
C ILE A 301 -34.81 -10.27 -29.64
N GLY A 302 -34.26 -9.06 -29.52
CA GLY A 302 -35.05 -7.88 -29.25
C GLY A 302 -34.66 -7.20 -27.94
N LYS A 303 -35.54 -6.33 -27.44
CA LYS A 303 -35.31 -5.67 -26.16
C LYS A 303 -35.87 -6.56 -25.05
N CYS A 304 -35.00 -7.38 -24.46
CA CYS A 304 -35.45 -8.44 -23.57
C CYS A 304 -34.98 -8.32 -22.11
N PRO A 305 -35.66 -9.05 -21.21
CA PRO A 305 -35.26 -9.21 -19.80
C PRO A 305 -34.00 -10.06 -19.71
N LYS A 306 -33.19 -9.81 -18.69
CA LYS A 306 -31.96 -10.58 -18.51
C LYS A 306 -32.27 -12.02 -18.15
N TYR A 307 -31.58 -12.96 -18.80
CA TYR A 307 -31.80 -14.37 -18.51
C TYR A 307 -31.17 -14.76 -17.17
N VAL A 308 -31.96 -15.44 -16.35
CA VAL A 308 -31.52 -15.84 -15.02
C VAL A 308 -31.83 -17.32 -14.76
N LYS A 309 -31.02 -17.95 -13.92
CA LYS A 309 -31.17 -19.36 -13.60
C LYS A 309 -32.22 -19.57 -12.51
N SER A 310 -32.65 -18.47 -11.88
CA SER A 310 -33.62 -18.53 -10.80
C SER A 310 -34.91 -19.22 -11.20
N THR A 311 -35.56 -19.83 -10.23
CA THR A 311 -36.86 -20.47 -10.45
C THR A 311 -37.99 -19.54 -10.01
N LYS A 312 -37.75 -18.80 -8.92
CA LYS A 312 -38.73 -17.84 -8.41
C LYS A 312 -38.05 -16.61 -7.80
N LEU A 313 -38.52 -15.44 -8.19
CA LEU A 313 -38.02 -14.19 -7.62
C LEU A 313 -39.17 -13.41 -7.00
N ARG A 314 -39.75 -13.95 -5.93
CA ARG A 314 -40.92 -13.34 -5.30
C ARG A 314 -40.53 -12.19 -4.37
N LEU A 315 -41.02 -11.00 -4.71
CA LEU A 315 -40.69 -9.79 -3.97
C LEU A 315 -41.84 -9.42 -3.04
N ALA A 316 -41.54 -9.26 -1.75
CA ALA A 316 -42.57 -8.96 -0.77
C ALA A 316 -42.98 -7.48 -0.80
N THR A 317 -44.29 -7.25 -0.82
CA THR A 317 -44.82 -5.89 -0.79
C THR A 317 -45.63 -5.62 0.48
N GLY A 318 -46.36 -6.63 0.94
CA GLY A 318 -47.10 -6.53 2.18
C GLY A 318 -46.22 -6.81 3.38
N LEU A 319 -46.80 -7.33 4.45
CA LEU A 319 -46.05 -7.65 5.67
C LEU A 319 -46.27 -9.09 6.09
N ARG A 320 -45.62 -9.49 7.18
CA ARG A 320 -45.79 -10.83 7.72
C ARG A 320 -47.27 -11.15 7.91
N ASN A 321 -47.64 -12.39 7.65
CA ASN A 321 -49.03 -12.80 7.77
C ASN A 321 -49.27 -13.64 9.03
N ILE A 322 -50.19 -13.18 9.86
CA ILE A 322 -50.60 -13.92 11.05
C ILE A 322 -52.11 -14.16 11.04
N PRO A 323 -52.60 -15.07 11.90
CA PRO A 323 -54.04 -15.27 12.09
C PRO A 323 -54.55 -14.49 13.29
N GLY B 1 -39.55 -7.94 14.23
CA GLY B 1 -38.27 -8.44 13.81
C GLY B 1 -37.11 -7.57 14.26
N LEU B 2 -36.90 -6.46 13.56
CA LEU B 2 -35.77 -5.58 13.82
C LEU B 2 -36.17 -4.44 14.77
N PHE B 3 -37.45 -4.12 14.79
CA PHE B 3 -37.94 -3.03 15.62
C PHE B 3 -38.78 -3.54 16.79
N GLY B 4 -38.95 -4.85 16.88
CA GLY B 4 -39.59 -5.47 18.02
C GLY B 4 -41.10 -5.34 18.08
N ALA B 5 -41.70 -4.70 17.08
CA ALA B 5 -43.14 -4.50 17.05
C ALA B 5 -43.87 -5.70 16.45
N ILE B 6 -43.87 -5.77 15.12
CA ILE B 6 -44.50 -6.88 14.42
C ILE B 6 -43.92 -8.21 14.85
N ALA B 7 -44.79 -9.16 15.17
CA ALA B 7 -44.36 -10.44 15.71
C ALA B 7 -43.41 -10.24 16.89
N GLY B 8 -43.59 -9.12 17.58
CA GLY B 8 -42.79 -8.80 18.75
C GLY B 8 -43.67 -8.64 19.97
N PHE B 9 -43.82 -7.41 20.45
CA PHE B 9 -44.72 -7.16 21.57
C PHE B 9 -46.16 -7.03 21.08
N ILE B 10 -46.32 -7.00 19.77
CA ILE B 10 -47.65 -7.15 19.15
C ILE B 10 -47.67 -8.48 18.41
N GLU B 11 -47.95 -9.54 19.15
CA GLU B 11 -47.77 -10.91 18.66
C GLU B 11 -48.35 -11.21 17.28
N GLY B 12 -49.61 -10.82 17.05
CA GLY B 12 -50.27 -11.17 15.81
C GLY B 12 -50.88 -10.02 15.04
N GLY B 13 -51.51 -10.34 13.92
CA GLY B 13 -52.19 -9.35 13.10
C GLY B 13 -53.69 -9.55 13.09
N TRP B 14 -54.42 -8.57 12.56
CA TRP B 14 -55.87 -8.63 12.55
C TRP B 14 -56.42 -8.90 11.16
N THR B 15 -56.97 -10.09 10.96
CA THR B 15 -57.64 -10.42 9.72
C THR B 15 -58.86 -9.53 9.56
N GLY B 16 -59.34 -9.00 10.69
CA GLY B 16 -60.51 -8.16 10.70
C GLY B 16 -60.28 -6.81 10.02
N MET B 17 -59.08 -6.27 10.21
CA MET B 17 -58.72 -5.01 9.57
C MET B 17 -58.32 -5.25 8.13
N VAL B 18 -59.22 -4.95 7.20
CA VAL B 18 -59.00 -5.29 5.80
C VAL B 18 -58.81 -4.06 4.93
N ASP B 19 -58.92 -2.88 5.52
CA ASP B 19 -58.87 -1.64 4.76
C ASP B 19 -57.51 -0.94 4.78
N GLY B 20 -56.54 -1.56 5.45
CA GLY B 20 -55.20 -0.99 5.52
C GLY B 20 -54.16 -1.90 6.12
N TRP B 21 -52.90 -1.47 6.08
CA TRP B 21 -51.80 -2.26 6.62
C TRP B 21 -51.66 -2.07 8.13
N TYR B 22 -51.73 -0.83 8.59
CA TYR B 22 -51.66 -0.53 10.01
C TYR B 22 -52.93 0.19 10.46
N GLY B 23 -53.39 -0.10 11.66
CA GLY B 23 -54.61 0.53 12.15
C GLY B 23 -54.86 0.37 13.64
N TYR B 24 -56.09 0.66 14.05
CA TYR B 24 -56.48 0.59 15.46
C TYR B 24 -57.69 -0.31 15.66
N HIS B 25 -57.90 -0.73 16.91
CA HIS B 25 -59.11 -1.43 17.30
C HIS B 25 -59.64 -0.86 18.61
N HIS B 26 -60.64 0.02 18.50
CA HIS B 26 -61.19 0.69 19.67
C HIS B 26 -62.20 -0.18 20.41
N GLN B 27 -62.38 0.10 21.69
CA GLN B 27 -63.30 -0.66 22.54
C GLN B 27 -63.87 0.24 23.63
N ASN B 28 -65.05 0.79 23.39
CA ASN B 28 -65.72 1.62 24.39
C ASN B 28 -67.20 1.28 24.54
N GLU B 29 -67.96 2.21 25.12
CA GLU B 29 -69.38 1.97 25.40
C GLU B 29 -70.24 2.04 24.15
N GLN B 30 -69.72 2.64 23.09
CA GLN B 30 -70.46 2.76 21.83
C GLN B 30 -70.19 1.57 20.89
N GLY B 31 -69.44 0.59 21.37
CA GLY B 31 -69.18 -0.61 20.61
C GLY B 31 -67.71 -0.86 20.32
N SER B 32 -67.44 -1.75 19.36
CA SER B 32 -66.08 -2.07 18.97
C SER B 32 -65.91 -1.89 17.47
N GLY B 33 -64.69 -2.12 16.99
CA GLY B 33 -64.42 -2.05 15.56
C GLY B 33 -62.97 -1.83 15.19
N TYR B 34 -62.64 -2.17 13.96
CA TYR B 34 -61.30 -1.94 13.42
C TYR B 34 -61.33 -0.72 12.51
N ALA B 35 -60.16 -0.14 12.26
CA ALA B 35 -60.05 1.00 11.36
C ALA B 35 -58.60 1.28 11.01
N ALA B 36 -58.25 1.14 9.73
CA ALA B 36 -56.89 1.36 9.28
C ALA B 36 -56.50 2.83 9.42
N ASP B 37 -55.21 3.08 9.65
CA ASP B 37 -54.71 4.45 9.70
C ASP B 37 -54.50 4.97 8.28
N LEU B 38 -55.48 5.72 7.80
CA LEU B 38 -55.47 6.24 6.44
C LEU B 38 -54.09 6.73 5.99
N LYS B 39 -53.60 7.78 6.64
CA LYS B 39 -52.35 8.41 6.22
C LYS B 39 -51.15 7.48 6.32
N SER B 40 -51.08 6.73 7.42
CA SER B 40 -49.95 5.83 7.66
C SER B 40 -49.88 4.72 6.61
N THR B 41 -51.03 4.17 6.25
CA THR B 41 -51.11 3.09 5.28
C THR B 41 -50.78 3.56 3.86
N GLN B 42 -51.31 4.72 3.49
CA GLN B 42 -51.08 5.25 2.15
C GLN B 42 -49.60 5.54 1.91
N ASN B 43 -48.93 6.03 2.94
CA ASN B 43 -47.51 6.35 2.83
C ASN B 43 -46.67 5.13 2.49
N ALA B 44 -46.94 4.02 3.18
CA ALA B 44 -46.22 2.78 2.93
C ALA B 44 -46.49 2.29 1.51
N ILE B 45 -47.75 2.35 1.10
CA ILE B 45 -48.13 1.95 -0.25
C ILE B 45 -47.38 2.76 -1.31
N ASP B 46 -47.30 4.07 -1.12
CA ASP B 46 -46.55 4.92 -2.04
C ASP B 46 -45.08 4.50 -2.09
N GLU B 47 -44.45 4.40 -0.94
CA GLU B 47 -43.02 4.10 -0.86
C GLU B 47 -42.71 2.68 -1.34
N ILE B 48 -43.51 1.71 -0.91
CA ILE B 48 -43.32 0.33 -1.36
C ILE B 48 -43.51 0.21 -2.86
N THR B 49 -44.51 0.90 -3.39
CA THR B 49 -44.73 0.93 -4.83
C THR B 49 -43.50 1.49 -5.54
N ASN B 50 -43.03 2.65 -5.08
CA ASN B 50 -41.84 3.26 -5.62
C ASN B 50 -40.67 2.27 -5.61
N LYS B 51 -40.51 1.58 -4.49
CA LYS B 51 -39.47 0.56 -4.35
C LYS B 51 -39.53 -0.43 -5.50
N VAL B 52 -40.66 -1.13 -5.60
CA VAL B 52 -40.86 -2.10 -6.67
C VAL B 52 -40.59 -1.49 -8.03
N ASN B 53 -41.07 -0.27 -8.25
CA ASN B 53 -40.86 0.41 -9.52
C ASN B 53 -39.40 0.75 -9.78
N SER B 54 -38.67 1.09 -8.73
CA SER B 54 -37.25 1.40 -8.87
C SER B 54 -36.47 0.16 -9.30
N VAL B 55 -36.73 -0.97 -8.64
CA VAL B 55 -36.07 -2.21 -8.98
C VAL B 55 -36.30 -2.61 -10.43
N ILE B 56 -37.49 -2.26 -10.94
CA ILE B 56 -37.84 -2.61 -12.32
C ILE B 56 -37.38 -1.56 -13.31
N GLU B 57 -37.72 -0.30 -13.04
CA GLU B 57 -37.48 0.79 -13.99
C GLU B 57 -36.00 1.06 -14.25
N LYS B 58 -35.14 0.79 -13.28
CA LYS B 58 -33.71 1.04 -13.43
C LYS B 58 -33.05 0.08 -14.43
N MET B 59 -33.70 -1.04 -14.70
CA MET B 59 -33.20 -2.00 -15.68
C MET B 59 -33.56 -1.56 -17.09
N ASN B 60 -32.68 -0.74 -17.68
CA ASN B 60 -32.85 -0.28 -19.04
C ASN B 60 -31.89 -1.03 -19.96
N THR B 61 -32.45 -1.85 -20.84
CA THR B 61 -31.65 -2.74 -21.68
C THR B 61 -31.45 -2.24 -23.11
N GLN B 62 -30.43 -2.78 -23.77
CA GLN B 62 -30.12 -2.45 -25.16
C GLN B 62 -30.92 -3.37 -26.07
N PHE B 63 -31.08 -2.96 -27.32
CA PHE B 63 -31.62 -3.88 -28.33
C PHE B 63 -30.48 -4.73 -28.87
N THR B 64 -30.45 -5.99 -28.45
CA THR B 64 -29.39 -6.89 -28.87
C THR B 64 -29.92 -8.24 -29.31
N ALA B 65 -29.20 -8.88 -30.22
CA ALA B 65 -29.52 -10.22 -30.65
C ALA B 65 -28.45 -11.18 -30.14
N VAL B 66 -28.65 -11.71 -28.95
CA VAL B 66 -27.77 -12.73 -28.40
C VAL B 66 -27.78 -13.89 -29.38
N GLY B 67 -26.72 -14.68 -29.39
CA GLY B 67 -26.70 -15.85 -30.24
C GLY B 67 -25.93 -15.61 -31.51
N LYS B 68 -24.89 -16.41 -31.70
CA LYS B 68 -24.02 -16.30 -32.85
C LYS B 68 -23.87 -17.67 -33.51
N GLU B 69 -23.48 -17.69 -34.77
CA GLU B 69 -23.26 -18.93 -35.48
C GLU B 69 -21.80 -19.08 -35.87
N PHE B 70 -21.23 -20.25 -35.60
CA PHE B 70 -19.84 -20.51 -35.93
C PHE B 70 -19.69 -21.88 -36.60
N ASN B 71 -18.76 -21.99 -37.55
CA ASN B 71 -18.54 -23.25 -38.23
C ASN B 71 -17.60 -24.18 -37.46
N HIS B 72 -17.45 -25.40 -37.95
CA HIS B 72 -16.72 -26.43 -37.22
C HIS B 72 -15.29 -26.03 -36.90
N LEU B 73 -14.79 -25.01 -37.59
CA LEU B 73 -13.41 -24.57 -37.39
C LEU B 73 -13.34 -23.25 -36.65
N GLU B 74 -14.38 -22.95 -35.87
CA GLU B 74 -14.41 -21.74 -35.05
C GLU B 74 -14.85 -22.08 -33.64
N LYS B 75 -14.55 -23.30 -33.21
CA LYS B 75 -14.96 -23.79 -31.90
C LYS B 75 -14.46 -22.88 -30.78
N ARG B 76 -13.25 -22.35 -30.95
CA ARG B 76 -12.69 -21.46 -29.93
C ARG B 76 -13.55 -20.21 -29.71
N ILE B 77 -13.82 -19.45 -30.76
CA ILE B 77 -14.65 -18.27 -30.62
C ILE B 77 -16.09 -18.63 -30.25
N GLU B 78 -16.50 -19.84 -30.59
CA GLU B 78 -17.81 -20.32 -30.18
C GLU B 78 -17.84 -20.44 -28.67
N ASN B 79 -16.78 -21.02 -28.11
CA ASN B 79 -16.66 -21.17 -26.67
C ASN B 79 -16.43 -19.84 -25.96
N LEU B 80 -15.81 -18.90 -26.66
CA LEU B 80 -15.63 -17.55 -26.13
C LEU B 80 -17.01 -16.92 -25.95
N ASN B 81 -17.82 -17.04 -26.99
CA ASN B 81 -19.19 -16.56 -26.95
C ASN B 81 -19.95 -17.25 -25.81
N LYS B 82 -19.80 -18.56 -25.71
CA LYS B 82 -20.45 -19.31 -24.65
C LYS B 82 -20.02 -18.79 -23.29
N LYS B 83 -18.76 -18.38 -23.19
CA LYS B 83 -18.22 -17.91 -21.91
C LYS B 83 -18.86 -16.59 -21.50
N VAL B 84 -18.98 -15.67 -22.45
CA VAL B 84 -19.59 -14.38 -22.17
C VAL B 84 -21.06 -14.51 -21.83
N ASP B 85 -21.73 -15.51 -22.41
CA ASP B 85 -23.14 -15.74 -22.13
C ASP B 85 -23.33 -16.31 -20.73
N ASP B 86 -22.54 -17.30 -20.38
CA ASP B 86 -22.63 -17.91 -19.06
C ASP B 86 -22.07 -16.96 -18.00
N GLY B 87 -21.20 -16.06 -18.42
CA GLY B 87 -20.64 -15.08 -17.52
C GLY B 87 -21.71 -14.10 -17.06
N PHE B 88 -22.54 -13.66 -18.00
CA PHE B 88 -23.64 -12.76 -17.68
C PHE B 88 -24.73 -13.49 -16.90
N LEU B 89 -24.92 -14.77 -17.20
CA LEU B 89 -25.93 -15.57 -16.53
C LEU B 89 -25.65 -15.68 -15.04
N ASP B 90 -24.38 -15.94 -14.70
CA ASP B 90 -23.99 -16.09 -13.31
C ASP B 90 -24.07 -14.75 -12.57
N ILE B 91 -23.66 -13.70 -13.25
CA ILE B 91 -23.68 -12.36 -12.66
C ILE B 91 -25.11 -11.91 -12.36
N TRP B 92 -25.99 -11.98 -13.35
CA TRP B 92 -27.38 -11.55 -13.16
C TRP B 92 -28.14 -12.43 -12.19
N THR B 93 -27.97 -13.74 -12.28
CA THR B 93 -28.66 -14.64 -11.36
C THR B 93 -28.32 -14.31 -9.92
N TYR B 94 -27.02 -14.18 -9.63
CA TYR B 94 -26.56 -13.92 -8.28
C TYR B 94 -27.10 -12.60 -7.76
N ASN B 95 -26.90 -11.53 -8.54
CA ASN B 95 -27.39 -10.21 -8.15
C ASN B 95 -28.90 -10.18 -7.94
N ALA B 96 -29.64 -10.73 -8.88
CA ALA B 96 -31.10 -10.76 -8.77
C ALA B 96 -31.53 -11.53 -7.53
N GLU B 97 -30.95 -12.71 -7.33
CA GLU B 97 -31.26 -13.52 -6.16
C GLU B 97 -30.99 -12.77 -4.86
N LEU B 98 -29.81 -12.15 -4.78
CA LEU B 98 -29.39 -11.42 -3.59
C LEU B 98 -30.18 -10.13 -3.40
N LEU B 99 -30.52 -9.48 -4.50
CA LEU B 99 -31.29 -8.24 -4.44
C LEU B 99 -32.63 -8.50 -3.78
N VAL B 100 -33.27 -9.61 -4.14
CA VAL B 100 -34.54 -9.98 -3.56
C VAL B 100 -34.40 -10.28 -2.07
N LEU B 101 -33.43 -11.11 -1.73
CA LEU B 101 -33.20 -11.44 -0.33
C LEU B 101 -32.97 -10.18 0.50
N LEU B 102 -32.14 -9.27 0.00
CA LEU B 102 -31.85 -8.04 0.73
C LEU B 102 -33.08 -7.17 0.88
N GLU B 103 -33.74 -6.90 -0.24
CA GLU B 103 -34.89 -5.99 -0.23
C GLU B 103 -36.08 -6.53 0.56
N ASN B 104 -36.24 -7.85 0.57
CA ASN B 104 -37.29 -8.45 1.39
C ASN B 104 -37.03 -8.26 2.87
N GLU B 105 -35.80 -8.52 3.29
CA GLU B 105 -35.39 -8.27 4.67
C GLU B 105 -35.74 -6.84 5.07
N ARG B 106 -35.34 -5.87 4.23
CA ARG B 106 -35.58 -4.47 4.53
C ARG B 106 -37.06 -4.12 4.57
N THR B 107 -37.83 -4.66 3.63
CA THR B 107 -39.24 -4.34 3.54
C THR B 107 -40.01 -4.77 4.80
N LEU B 108 -39.76 -6.00 5.26
CA LEU B 108 -40.39 -6.49 6.47
C LEU B 108 -40.03 -5.62 7.67
N ASP B 109 -38.78 -5.18 7.72
CA ASP B 109 -38.34 -4.29 8.79
C ASP B 109 -38.96 -2.91 8.63
N TYR B 110 -39.22 -2.53 7.37
CA TYR B 110 -39.87 -1.26 7.09
C TYR B 110 -41.26 -1.19 7.70
N HIS B 111 -42.00 -2.30 7.60
CA HIS B 111 -43.34 -2.38 8.19
C HIS B 111 -43.26 -2.44 9.72
N ASP B 112 -42.30 -3.19 10.24
CA ASP B 112 -42.09 -3.27 11.67
C ASP B 112 -41.89 -1.86 12.20
N SER B 113 -41.08 -1.08 11.50
CA SER B 113 -40.82 0.30 11.87
C SER B 113 -42.09 1.15 11.89
N ASN B 114 -42.92 0.98 10.87
CA ASN B 114 -44.15 1.77 10.77
C ASN B 114 -45.14 1.49 11.89
N VAL B 115 -45.23 0.24 12.30
CA VAL B 115 -46.10 -0.13 13.41
C VAL B 115 -45.56 0.41 14.72
N LYS B 116 -44.27 0.17 14.98
CA LYS B 116 -43.61 0.69 16.17
C LYS B 116 -43.78 2.20 16.27
N ASN B 117 -43.66 2.89 15.14
CA ASN B 117 -43.78 4.35 15.12
C ASN B 117 -45.20 4.83 15.41
N LEU B 118 -46.18 4.07 14.92
CA LEU B 118 -47.58 4.41 15.13
C LEU B 118 -47.95 4.25 16.60
N TYR B 119 -47.35 3.26 17.24
CA TYR B 119 -47.53 3.03 18.67
C TYR B 119 -46.89 4.16 19.48
N GLU B 120 -45.62 4.43 19.20
CA GLU B 120 -44.90 5.51 19.85
C GLU B 120 -45.67 6.83 19.74
N LYS B 121 -46.26 7.06 18.58
CA LYS B 121 -47.00 8.30 18.33
C LYS B 121 -48.15 8.48 19.31
N VAL B 122 -48.94 7.42 19.47
CA VAL B 122 -50.09 7.43 20.37
C VAL B 122 -49.66 7.49 21.83
N ARG B 123 -48.72 6.64 22.19
CA ARG B 123 -48.24 6.56 23.57
C ARG B 123 -47.73 7.90 24.09
N SER B 124 -46.92 8.58 23.27
CA SER B 124 -46.37 9.88 23.67
C SER B 124 -47.43 10.97 23.56
N GLN B 125 -48.65 10.58 23.22
CA GLN B 125 -49.74 11.52 23.10
C GLN B 125 -50.62 11.50 24.35
N LEU B 126 -50.96 10.29 24.80
CA LEU B 126 -51.68 10.12 26.06
C LEU B 126 -50.76 9.54 27.12
N LYS B 127 -50.04 10.41 27.82
CA LYS B 127 -49.08 9.98 28.83
C LYS B 127 -49.66 9.26 30.06
N ASN B 128 -50.44 9.99 30.85
CA ASN B 128 -51.03 9.45 32.07
C ASN B 128 -52.45 8.95 31.80
N ASN B 129 -53.15 9.64 30.91
CA ASN B 129 -54.56 9.37 30.66
C ASN B 129 -54.87 7.93 30.26
N ALA B 130 -53.83 7.11 30.14
CA ALA B 130 -54.01 5.70 29.81
C ALA B 130 -52.75 4.93 30.14
N LYS B 131 -52.91 3.65 30.49
CA LYS B 131 -51.75 2.82 30.84
C LYS B 131 -51.50 1.74 29.79
N GLU B 132 -50.23 1.44 29.56
CA GLU B 132 -49.84 0.43 28.59
C GLU B 132 -50.12 -0.98 29.12
N ILE B 133 -50.98 -1.71 28.42
CA ILE B 133 -51.22 -3.10 28.75
C ILE B 133 -49.97 -3.91 28.45
N GLY B 134 -49.28 -3.52 27.38
CA GLY B 134 -48.05 -4.19 26.98
C GLY B 134 -48.21 -4.98 25.70
N ASN B 135 -49.43 -5.02 25.19
CA ASN B 135 -49.73 -5.78 23.98
C ASN B 135 -50.02 -4.85 22.80
N GLY B 136 -49.41 -3.66 22.84
CA GLY B 136 -49.72 -2.64 21.87
C GLY B 136 -51.09 -2.07 22.16
N CYS B 137 -51.56 -2.29 23.38
CA CYS B 137 -52.88 -1.85 23.80
C CYS B 137 -52.79 -0.79 24.90
N PHE B 138 -53.65 0.21 24.80
CA PHE B 138 -53.74 1.26 25.82
C PHE B 138 -55.09 1.18 26.53
N GLU B 139 -55.05 1.16 27.86
CA GLU B 139 -56.28 1.18 28.65
C GLU B 139 -56.52 2.57 29.23
N PHE B 140 -57.61 3.20 28.80
CA PHE B 140 -57.90 4.57 29.21
C PHE B 140 -58.29 4.67 30.69
N TYR B 141 -57.72 5.67 31.35
CA TYR B 141 -58.15 5.99 32.71
C TYR B 141 -59.36 6.91 32.68
N HIS B 142 -59.46 7.73 31.64
CA HIS B 142 -60.61 8.60 31.45
C HIS B 142 -61.50 8.04 30.35
N LYS B 143 -62.80 7.98 30.61
CA LYS B 143 -63.76 7.50 29.62
C LYS B 143 -63.47 8.13 28.25
N CYS B 144 -63.51 7.30 27.20
CA CYS B 144 -63.20 7.77 25.86
C CYS B 144 -64.28 7.39 24.84
N ASP B 145 -65.09 8.37 24.45
CA ASP B 145 -66.14 8.14 23.47
C ASP B 145 -65.59 8.17 22.05
N ASN B 146 -66.46 7.93 21.07
CA ASN B 146 -66.04 7.84 19.67
C ASN B 146 -65.33 9.10 19.16
N THR B 147 -65.93 10.26 19.41
CA THR B 147 -65.32 11.51 18.98
C THR B 147 -64.03 11.78 19.75
N CYS B 148 -63.81 10.97 20.79
CA CYS B 148 -62.57 11.02 21.55
C CYS B 148 -61.51 10.17 20.87
N MET B 149 -61.90 8.97 20.45
CA MET B 149 -61.01 8.09 19.72
C MET B 149 -60.50 8.81 18.47
N GLU B 150 -61.30 9.73 17.95
CA GLU B 150 -60.93 10.48 16.77
C GLU B 150 -59.72 11.37 17.05
N SER B 151 -59.74 12.05 18.19
CA SER B 151 -58.66 12.95 18.56
C SER B 151 -57.36 12.20 18.80
N VAL B 152 -57.43 10.87 18.81
CA VAL B 152 -56.24 10.06 19.00
C VAL B 152 -55.67 9.65 17.64
N LYS B 153 -56.55 9.26 16.73
CA LYS B 153 -56.15 8.89 15.38
C LYS B 153 -55.64 10.11 14.61
N ASN B 154 -56.43 11.19 14.61
CA ASN B 154 -56.02 12.43 13.96
C ASN B 154 -54.75 13.01 14.59
N GLY B 155 -54.33 12.43 15.69
CA GLY B 155 -53.17 12.92 16.41
C GLY B 155 -53.47 14.24 17.09
N THR B 156 -54.76 14.58 17.15
CA THR B 156 -55.21 15.82 17.77
C THR B 156 -55.86 15.57 19.12
N TYR B 157 -55.11 14.94 20.02
CA TYR B 157 -55.61 14.57 21.35
C TYR B 157 -55.26 15.56 22.45
N ASP B 158 -56.27 16.00 23.19
CA ASP B 158 -56.09 16.92 24.34
C ASP B 158 -55.77 16.15 25.64
N TYR B 159 -55.41 16.88 26.69
CA TYR B 159 -55.18 16.31 28.02
C TYR B 159 -55.70 17.08 29.26
N PRO B 160 -57.03 17.18 29.41
CA PRO B 160 -57.62 17.72 30.64
C PRO B 160 -57.65 16.67 31.74
N LYS B 161 -57.50 15.42 31.32
CA LYS B 161 -57.90 14.26 32.11
C LYS B 161 -57.17 13.99 33.43
N TYR B 162 -57.84 13.21 34.28
CA TYR B 162 -57.44 12.93 35.66
C TYR B 162 -55.96 12.55 35.81
N ASP C 2 -30.44 -4.30 44.84
CA ASP C 2 -30.75 -5.41 43.94
C ASP C 2 -30.96 -4.92 42.51
N THR C 3 -29.96 -5.15 41.66
CA THR C 3 -29.98 -4.64 40.29
C THR C 3 -29.93 -5.75 39.25
N LEU C 4 -30.52 -5.47 38.09
CA LEU C 4 -30.44 -6.39 36.95
C LEU C 4 -30.02 -5.62 35.70
N CYS C 5 -28.92 -6.05 35.07
CA CYS C 5 -28.39 -5.34 33.91
C CYS C 5 -28.56 -6.13 32.63
N ILE C 6 -28.63 -5.42 31.51
CA ILE C 6 -28.74 -6.04 30.19
C ILE C 6 -27.57 -5.61 29.30
N GLY C 7 -26.80 -6.59 28.84
CA GLY C 7 -25.61 -6.31 28.05
C GLY C 7 -25.35 -7.30 26.94
N TYR C 8 -24.16 -7.24 26.37
CA TYR C 8 -23.81 -8.08 25.23
C TYR C 8 -22.41 -8.69 25.35
N HIS C 9 -22.13 -9.68 24.51
CA HIS C 9 -20.90 -10.44 24.55
C HIS C 9 -19.66 -9.62 24.23
N ALA C 10 -18.50 -10.14 24.61
CA ALA C 10 -17.20 -9.56 24.30
C ALA C 10 -16.13 -10.62 24.48
N ASN C 11 -14.99 -10.46 23.82
CA ASN C 11 -13.92 -11.45 23.92
C ASN C 11 -12.55 -10.92 23.53
N ASN C 12 -11.57 -11.81 23.49
CA ASN C 12 -10.19 -11.44 23.16
C ASN C 12 -9.95 -11.31 21.65
N SER C 13 -11.01 -11.49 20.87
CA SER C 13 -10.92 -11.45 19.41
C SER C 13 -10.31 -10.14 18.92
N THR C 14 -9.53 -10.23 17.85
CA THR C 14 -8.90 -9.06 17.24
C THR C 14 -9.38 -8.85 15.82
N ASP C 15 -10.23 -9.76 15.35
CA ASP C 15 -10.79 -9.68 14.00
C ASP C 15 -11.38 -8.30 13.71
N THR C 16 -10.96 -7.71 12.59
CA THR C 16 -11.53 -6.45 12.14
C THR C 16 -12.28 -6.64 10.83
N VAL C 17 -13.31 -5.81 10.62
CA VAL C 17 -14.07 -5.83 9.38
C VAL C 17 -14.40 -4.39 8.99
N ASP C 18 -14.72 -4.19 7.71
CA ASP C 18 -15.09 -2.85 7.25
C ASP C 18 -16.59 -2.76 7.01
N THR C 19 -17.15 -1.59 7.28
CA THR C 19 -18.54 -1.29 6.93
C THR C 19 -18.58 -0.10 6.00
N VAL C 20 -19.76 0.24 5.52
CA VAL C 20 -19.93 1.39 4.64
C VAL C 20 -19.60 2.68 5.39
N LEU C 21 -19.84 2.67 6.70
CA LEU C 21 -19.70 3.86 7.52
C LEU C 21 -18.36 3.93 8.27
N GLU C 22 -17.77 2.78 8.53
CA GLU C 22 -16.59 2.72 9.38
C GLU C 22 -15.62 1.62 8.97
N LYS C 23 -14.33 1.93 9.01
CA LYS C 23 -13.29 0.96 8.65
C LYS C 23 -12.61 0.40 9.89
N ASN C 24 -12.00 -0.76 9.76
CA ASN C 24 -11.29 -1.40 10.88
C ASN C 24 -12.11 -1.50 12.14
N VAL C 25 -13.26 -2.16 12.06
CA VAL C 25 -14.13 -2.33 13.21
C VAL C 25 -13.92 -3.71 13.83
N THR C 26 -13.48 -3.73 15.09
CA THR C 26 -13.22 -4.98 15.78
C THR C 26 -14.53 -5.70 16.12
N VAL C 27 -14.61 -6.98 15.77
CA VAL C 27 -15.82 -7.75 16.02
C VAL C 27 -15.54 -9.05 16.78
N THR C 28 -16.56 -9.59 17.42
CA THR C 28 -16.42 -10.79 18.22
C THR C 28 -16.26 -12.04 17.37
N HIS C 29 -16.95 -12.08 16.24
CA HIS C 29 -16.91 -13.22 15.35
C HIS C 29 -17.00 -12.80 13.89
N SER C 30 -16.44 -13.62 13.00
CA SER C 30 -16.43 -13.29 11.58
C SER C 30 -16.05 -14.50 10.71
N VAL C 31 -16.45 -14.45 9.45
CA VAL C 31 -16.09 -15.47 8.47
C VAL C 31 -15.47 -14.81 7.25
N ASN C 32 -14.63 -15.56 6.53
CA ASN C 32 -14.01 -15.03 5.32
C ASN C 32 -14.71 -15.56 4.07
N LEU C 33 -15.22 -14.66 3.23
CA LEU C 33 -15.88 -15.06 2.00
C LEU C 33 -14.89 -15.26 0.87
N LEU C 34 -13.64 -14.87 1.09
CA LEU C 34 -12.61 -14.92 0.05
C LEU C 34 -11.69 -16.12 0.22
N GLU C 35 -11.70 -17.01 -0.75
CA GLU C 35 -10.78 -18.14 -0.76
C GLU C 35 -9.44 -17.71 -1.34
N ASP C 36 -8.39 -17.82 -0.53
CA ASP C 36 -7.05 -17.43 -0.96
C ASP C 36 -6.05 -18.55 -0.70
N LYS C 37 -6.51 -19.78 -0.82
CA LYS C 37 -5.69 -20.92 -0.47
C LYS C 37 -5.79 -22.03 -1.52
N HIS C 38 -4.66 -22.41 -2.10
CA HIS C 38 -4.60 -23.50 -3.07
C HIS C 38 -3.61 -24.56 -2.63
N ASN C 39 -3.78 -25.78 -3.15
CA ASN C 39 -2.94 -26.90 -2.75
C ASN C 39 -1.70 -27.08 -3.61
N GLY C 40 -1.38 -26.07 -4.42
CA GLY C 40 -0.20 -26.10 -5.26
C GLY C 40 0.04 -27.40 -6.00
N LYS C 41 -1.03 -27.98 -6.53
CA LYS C 41 -0.93 -29.23 -7.27
C LYS C 41 -1.90 -29.25 -8.44
N LEU C 42 -1.53 -29.95 -9.52
CA LEU C 42 -2.46 -30.19 -10.62
C LEU C 42 -3.16 -31.53 -10.42
N CYS C 43 -4.45 -31.48 -10.16
CA CYS C 43 -5.19 -32.67 -9.76
C CYS C 43 -6.19 -33.11 -10.82
N LYS C 44 -6.90 -34.20 -10.53
CA LYS C 44 -7.87 -34.73 -11.48
C LYS C 44 -9.19 -33.97 -11.42
N LEU C 45 -9.78 -33.71 -12.59
CA LEU C 45 -11.05 -33.00 -12.67
C LEU C 45 -12.52 -33.30 -12.36
N ARG C 46 -13.07 -34.31 -13.02
CA ARG C 46 -14.46 -34.69 -12.77
C ARG C 46 -14.03 -35.84 -11.88
N GLY C 47 -13.49 -36.89 -12.49
CA GLY C 47 -12.92 -37.99 -11.75
C GLY C 47 -11.69 -38.45 -12.49
N VAL C 48 -11.43 -37.79 -13.62
CA VAL C 48 -10.31 -38.17 -14.47
C VAL C 48 -9.11 -37.24 -14.38
N ALA C 49 -7.93 -37.81 -14.57
CA ALA C 49 -6.69 -37.05 -14.49
C ALA C 49 -6.41 -36.33 -15.81
N PRO C 50 -5.53 -35.33 -15.75
CA PRO C 50 -5.16 -34.57 -16.95
C PRO C 50 -4.11 -35.31 -17.76
N LEU C 51 -4.02 -34.98 -19.05
CA LEU C 51 -2.99 -35.54 -19.90
C LEU C 51 -1.73 -34.69 -19.80
N HIS C 52 -0.66 -35.27 -19.26
CA HIS C 52 0.58 -34.51 -19.10
C HIS C 52 1.56 -34.84 -20.22
N LEU C 53 1.93 -33.83 -21.00
CA LEU C 53 2.86 -34.02 -22.09
C LEU C 53 4.29 -33.85 -21.60
N GLY C 54 4.44 -33.16 -20.47
CA GLY C 54 5.74 -32.93 -19.88
C GLY C 54 6.71 -32.23 -20.81
N LYS C 55 7.60 -33.00 -21.42
CA LYS C 55 8.64 -32.45 -22.28
C LYS C 55 8.12 -31.90 -23.60
N CYS C 56 7.02 -32.45 -24.08
CA CYS C 56 6.51 -32.11 -25.41
C CYS C 56 5.27 -31.23 -25.36
N ASN C 57 4.93 -30.65 -26.51
CA ASN C 57 3.68 -29.92 -26.65
C ASN C 57 2.74 -30.68 -27.57
N ILE C 58 1.49 -30.23 -27.64
CA ILE C 58 0.48 -30.94 -28.42
C ILE C 58 1.00 -31.33 -29.80
N ALA C 59 1.60 -30.37 -30.49
CA ALA C 59 2.15 -30.60 -31.82
C ALA C 59 3.03 -31.85 -31.86
N GLY C 60 4.03 -31.90 -30.98
CA GLY C 60 4.93 -33.02 -30.92
C GLY C 60 4.24 -34.31 -30.53
N TRP C 61 3.26 -34.20 -29.63
CA TRP C 61 2.58 -35.36 -29.08
C TRP C 61 1.72 -36.11 -30.13
N ILE C 62 0.98 -35.36 -30.93
CA ILE C 62 0.07 -35.98 -31.90
C ILE C 62 0.80 -36.44 -33.16
N LEU C 63 1.80 -35.67 -33.56
CA LEU C 63 2.60 -36.02 -34.73
C LEU C 63 3.47 -37.21 -34.41
N GLY C 64 3.81 -37.37 -33.14
CA GLY C 64 4.62 -38.49 -32.71
C GLY C 64 6.11 -38.19 -32.75
N ASN C 65 6.47 -36.96 -32.39
CA ASN C 65 7.87 -36.60 -32.26
C ASN C 65 8.60 -37.69 -31.50
N PRO C 66 9.79 -38.08 -31.99
CA PRO C 66 10.59 -39.16 -31.40
C PRO C 66 10.86 -38.99 -29.91
N GLU C 67 10.73 -37.77 -29.41
CA GLU C 67 10.97 -37.48 -28.00
C GLU C 67 9.75 -37.71 -27.12
N CYS C 68 8.55 -37.63 -27.71
CA CYS C 68 7.30 -37.82 -26.98
C CYS C 68 6.87 -39.27 -27.04
N GLU C 69 7.82 -40.18 -26.85
CA GLU C 69 7.57 -41.61 -27.05
C GLU C 69 7.26 -42.35 -25.75
N SER C 70 7.06 -41.58 -24.68
CA SER C 70 6.72 -42.12 -23.38
C SER C 70 5.84 -43.36 -23.37
N LEU C 71 4.53 -43.13 -23.48
CA LEU C 71 3.55 -44.16 -23.20
C LEU C 71 2.52 -44.51 -24.25
N SER C 72 1.73 -45.53 -23.96
CA SER C 72 0.63 -45.91 -24.81
C SER C 72 -0.35 -45.04 -24.04
N THR C 73 -0.36 -43.73 -24.35
CA THR C 73 -1.28 -42.85 -23.64
C THR C 73 -2.72 -43.23 -23.23
N ALA C 74 -3.08 -42.75 -22.04
CA ALA C 74 -4.43 -42.85 -21.52
C ALA C 74 -5.56 -42.61 -22.45
N SER C 75 -6.65 -43.33 -22.25
CA SER C 75 -7.80 -43.25 -23.10
C SER C 75 -8.72 -42.11 -22.90
N SER C 76 -8.43 -41.30 -21.91
CA SER C 76 -9.27 -40.13 -21.62
C SER C 76 -8.56 -39.19 -20.69
N TRP C 77 -8.95 -37.92 -20.71
CA TRP C 77 -8.40 -36.93 -19.81
C TRP C 77 -9.34 -35.74 -19.67
N SER C 78 -9.29 -35.09 -18.51
CA SER C 78 -10.18 -33.97 -18.19
C SER C 78 -9.65 -32.67 -18.76
N TYR C 79 -8.34 -32.55 -18.84
CA TYR C 79 -7.69 -31.37 -19.43
C TYR C 79 -6.24 -31.69 -19.74
N ILE C 80 -5.54 -30.76 -20.37
CA ILE C 80 -4.17 -31.01 -20.81
C ILE C 80 -3.17 -30.10 -20.10
N VAL C 81 -2.00 -30.64 -19.82
CA VAL C 81 -0.96 -29.88 -19.13
C VAL C 81 0.33 -29.86 -19.93
N GLU C 82 0.73 -28.67 -20.37
CA GLU C 82 2.05 -28.48 -20.97
C GLU C 82 2.92 -27.74 -19.98
N THR C 83 4.23 -27.92 -20.08
CA THR C 83 5.16 -27.16 -19.25
C THR C 83 5.63 -25.94 -20.04
N PRO C 84 5.93 -24.84 -19.34
CA PRO C 84 6.36 -23.60 -20.00
C PRO C 84 7.64 -23.79 -20.80
N SER C 85 8.35 -24.89 -20.56
CA SER C 85 9.63 -25.12 -21.22
C SER C 85 9.61 -26.37 -22.12
N SER C 86 8.44 -26.94 -22.34
CA SER C 86 8.31 -28.09 -23.23
C SER C 86 8.39 -27.64 -24.70
N ASP C 87 9.52 -27.92 -25.33
CA ASP C 87 9.82 -27.38 -26.66
C ASP C 87 9.65 -28.36 -27.82
N ASN C 88 9.83 -29.64 -27.55
CA ASN C 88 9.81 -30.67 -28.59
C ASN C 88 8.43 -30.87 -29.21
N GLY C 89 8.20 -30.25 -30.38
CA GLY C 89 6.96 -30.44 -31.11
C GLY C 89 7.19 -30.81 -32.57
N THR C 90 6.99 -29.86 -33.48
CA THR C 90 7.27 -30.10 -34.89
C THR C 90 8.76 -29.88 -35.19
N CYS C 91 9.54 -30.95 -35.06
CA CYS C 91 10.99 -30.89 -35.26
C CYS C 91 11.39 -30.43 -36.65
N TYR C 92 10.69 -30.92 -37.68
CA TYR C 92 10.91 -30.44 -39.03
C TYR C 92 10.17 -29.12 -39.24
N PRO C 93 10.91 -28.05 -39.54
CA PRO C 93 10.34 -26.71 -39.65
C PRO C 93 9.14 -26.71 -40.58
N GLY C 94 8.06 -26.06 -40.18
CA GLY C 94 6.87 -26.00 -41.01
C GLY C 94 5.73 -25.25 -40.34
N ASP C 95 4.55 -25.34 -40.93
CA ASP C 95 3.40 -24.62 -40.44
C ASP C 95 2.29 -25.59 -40.09
N PHE C 96 1.91 -25.63 -38.82
CA PHE C 96 0.81 -26.48 -38.36
C PHE C 96 -0.49 -25.70 -38.53
N ILE C 97 -1.29 -26.10 -39.52
CA ILE C 97 -2.51 -25.38 -39.86
C ILE C 97 -3.60 -25.61 -38.82
N ASP C 98 -4.30 -24.53 -38.44
CA ASP C 98 -5.36 -24.61 -37.44
C ASP C 98 -4.88 -25.34 -36.20
N TYR C 99 -3.67 -25.03 -35.77
CA TYR C 99 -3.06 -25.67 -34.61
C TYR C 99 -3.82 -25.37 -33.33
N GLU C 100 -4.09 -24.09 -33.09
CA GLU C 100 -4.84 -23.68 -31.90
C GLU C 100 -6.20 -24.35 -31.85
N GLU C 101 -6.89 -24.41 -32.98
CA GLU C 101 -8.19 -25.08 -33.05
C GLU C 101 -8.05 -26.53 -32.66
N LEU C 102 -7.01 -27.18 -33.15
CA LEU C 102 -6.78 -28.58 -32.83
C LEU C 102 -6.58 -28.77 -31.33
N ARG C 103 -5.70 -27.96 -30.75
CA ARG C 103 -5.44 -28.02 -29.32
C ARG C 103 -6.72 -27.89 -28.50
N GLU C 104 -7.62 -27.03 -28.94
CA GLU C 104 -8.90 -26.84 -28.27
C GLU C 104 -9.73 -28.11 -28.36
N GLN C 105 -9.81 -28.69 -29.57
CA GLN C 105 -10.61 -29.88 -29.81
C GLN C 105 -10.11 -31.05 -28.98
N LEU C 106 -8.81 -31.07 -28.72
CA LEU C 106 -8.17 -32.16 -27.99
C LEU C 106 -8.09 -31.91 -26.49
N SER C 107 -8.48 -30.71 -26.05
CA SER C 107 -8.30 -30.30 -24.66
C SER C 107 -8.87 -31.29 -23.67
N SER C 108 -10.02 -31.86 -24.00
CA SER C 108 -10.63 -32.88 -23.16
C SER C 108 -11.32 -33.95 -24.01
N VAL C 109 -11.01 -35.20 -23.71
CA VAL C 109 -11.46 -36.33 -24.52
C VAL C 109 -12.13 -37.40 -23.65
N SER C 110 -13.21 -37.95 -24.15
CA SER C 110 -13.93 -39.01 -23.44
C SER C 110 -13.27 -40.37 -23.70
N SER C 111 -13.14 -40.72 -24.97
CA SER C 111 -12.40 -41.92 -25.36
C SER C 111 -11.37 -41.56 -26.43
N PHE C 112 -10.22 -42.21 -26.39
CA PHE C 112 -9.12 -41.85 -27.27
C PHE C 112 -8.19 -43.02 -27.52
N GLU C 113 -8.42 -43.74 -28.61
CA GLU C 113 -7.55 -44.85 -28.97
C GLU C 113 -6.83 -44.59 -30.29
N ARG C 114 -5.52 -44.81 -30.29
CA ARG C 114 -4.69 -44.60 -31.47
C ARG C 114 -4.49 -45.91 -32.24
N PHE C 115 -4.78 -45.88 -33.54
CA PHE C 115 -4.66 -47.07 -34.36
C PHE C 115 -3.87 -46.81 -35.64
N GLU C 116 -3.42 -47.87 -36.29
CA GLU C 116 -2.63 -47.74 -37.51
C GLU C 116 -3.53 -47.67 -38.74
N ILE C 117 -3.88 -46.44 -39.13
CA ILE C 117 -4.81 -46.22 -40.23
C ILE C 117 -4.28 -46.80 -41.55
N PHE C 118 -3.01 -46.54 -41.85
CA PHE C 118 -2.38 -47.10 -43.04
C PHE C 118 -1.13 -47.87 -42.67
N PRO C 119 -1.29 -49.17 -42.37
CA PRO C 119 -0.21 -50.08 -41.97
C PRO C 119 1.01 -49.92 -42.87
N LYS C 120 2.18 -49.72 -42.26
CA LYS C 120 3.39 -49.43 -43.01
C LYS C 120 3.77 -50.53 -43.98
N THR C 121 3.61 -51.78 -43.55
CA THR C 121 4.06 -52.92 -44.34
C THR C 121 3.20 -53.18 -45.58
N SER C 122 1.88 -53.07 -45.43
CA SER C 122 0.97 -53.48 -46.49
C SER C 122 0.45 -52.33 -47.35
N SER C 123 0.57 -51.10 -46.86
CA SER C 123 -0.08 -49.96 -47.51
C SER C 123 0.65 -49.41 -48.73
N TRP C 124 1.96 -49.22 -48.61
CA TRP C 124 2.72 -48.59 -49.68
C TRP C 124 3.72 -49.55 -50.30
N PRO C 125 3.29 -50.26 -51.36
CA PRO C 125 4.07 -51.25 -52.10
C PRO C 125 4.93 -50.66 -53.19
N ASN C 126 4.56 -49.47 -53.66
CA ASN C 126 5.25 -48.86 -54.80
C ASN C 126 6.10 -47.66 -54.43
N HIS C 127 6.25 -47.44 -53.13
CA HIS C 127 7.01 -46.30 -52.63
C HIS C 127 7.89 -46.73 -51.46
N ASP C 128 8.97 -45.97 -51.24
CA ASP C 128 9.90 -46.29 -50.15
C ASP C 128 9.42 -45.68 -48.85
N SER C 129 9.16 -46.53 -47.87
CA SER C 129 8.65 -46.08 -46.58
C SER C 129 9.70 -46.24 -45.47
N ASN C 130 10.98 -46.26 -45.85
CA ASN C 130 12.06 -46.47 -44.90
C ASN C 130 13.10 -45.36 -44.92
N LYS C 131 13.31 -44.77 -46.08
CA LYS C 131 14.29 -43.70 -46.24
C LYS C 131 13.83 -42.38 -45.64
N GLY C 132 12.55 -42.30 -45.29
CA GLY C 132 11.96 -41.07 -44.82
C GLY C 132 12.35 -40.65 -43.40
N VAL C 133 13.64 -40.40 -43.19
CA VAL C 133 14.12 -39.90 -41.91
C VAL C 133 15.01 -38.67 -42.12
N THR C 134 15.17 -37.87 -41.07
CA THR C 134 15.91 -36.62 -41.17
C THR C 134 16.71 -36.31 -39.90
N ALA C 135 17.75 -35.49 -40.04
CA ALA C 135 18.57 -35.08 -38.91
C ALA C 135 17.89 -34.00 -38.10
N ALA C 136 16.70 -33.59 -38.55
CA ALA C 136 15.92 -32.59 -37.83
C ALA C 136 15.07 -33.27 -36.77
N CYS C 137 14.95 -34.59 -36.85
CA CYS C 137 14.18 -35.35 -35.87
C CYS C 137 14.98 -36.52 -35.34
N PRO C 138 16.00 -36.22 -34.53
CA PRO C 138 16.97 -37.20 -33.99
C PRO C 138 16.42 -37.94 -32.78
N HIS C 139 16.58 -39.26 -32.76
CA HIS C 139 16.26 -40.05 -31.58
C HIS C 139 17.46 -40.89 -31.17
N ALA C 140 18.26 -40.34 -30.27
CA ALA C 140 19.49 -41.01 -29.82
C ALA C 140 20.52 -41.02 -30.94
N GLY C 141 20.92 -39.83 -31.39
CA GLY C 141 21.94 -39.69 -32.40
C GLY C 141 21.48 -40.07 -33.80
N ALA C 142 20.60 -41.04 -33.90
CA ALA C 142 20.14 -41.54 -35.19
C ALA C 142 19.10 -40.60 -35.79
N LYS C 143 19.15 -40.44 -37.12
CA LYS C 143 18.12 -39.67 -37.80
C LYS C 143 16.79 -40.43 -37.77
N SER C 144 15.73 -39.72 -37.39
CA SER C 144 14.43 -40.36 -37.25
C SER C 144 13.35 -39.34 -37.62
N PHE C 145 12.09 -39.70 -37.41
CA PHE C 145 10.98 -38.87 -37.81
C PHE C 145 9.74 -39.15 -36.97
N TYR C 146 8.68 -38.37 -37.18
CA TYR C 146 7.44 -38.57 -36.45
C TYR C 146 6.97 -40.02 -36.54
N LYS C 147 6.39 -40.53 -35.46
CA LYS C 147 5.96 -41.92 -35.43
C LYS C 147 4.62 -42.13 -36.12
N ASN C 148 3.79 -41.09 -36.11
CA ASN C 148 2.44 -41.22 -36.64
C ASN C 148 2.32 -40.90 -38.13
N LEU C 149 3.41 -40.44 -38.72
CA LEU C 149 3.43 -40.14 -40.15
C LEU C 149 4.58 -40.90 -40.80
N ILE C 150 4.49 -41.09 -42.12
CA ILE C 150 5.56 -41.72 -42.88
C ILE C 150 5.94 -40.87 -44.08
N TRP C 151 7.22 -40.55 -44.18
CA TRP C 151 7.72 -39.71 -45.27
C TRP C 151 8.00 -40.54 -46.51
N LEU C 152 6.98 -40.73 -47.34
CA LEU C 152 7.09 -41.54 -48.55
C LEU C 152 8.00 -40.90 -49.59
N VAL C 153 9.06 -41.61 -49.95
CA VAL C 153 9.98 -41.17 -51.01
C VAL C 153 9.94 -42.14 -52.18
N LYS C 154 10.50 -41.72 -53.31
CA LYS C 154 10.48 -42.55 -54.52
C LYS C 154 11.18 -43.87 -54.31
N LYS C 155 10.73 -44.89 -55.03
CA LYS C 155 11.34 -46.21 -54.98
C LYS C 155 12.24 -46.44 -56.19
N GLY C 156 13.49 -45.98 -56.08
CA GLY C 156 14.45 -46.12 -57.16
C GLY C 156 14.01 -45.44 -58.44
N ASN C 157 14.14 -44.12 -58.49
CA ASN C 157 13.83 -43.36 -59.70
C ASN C 157 12.39 -43.54 -60.21
N SER C 158 11.48 -43.87 -59.30
CA SER C 158 10.07 -44.01 -59.68
C SER C 158 9.13 -43.64 -58.54
N TYR C 159 8.22 -42.70 -58.81
CA TYR C 159 7.20 -42.31 -57.86
C TYR C 159 5.85 -42.30 -58.54
N PRO C 160 5.18 -43.46 -58.58
CA PRO C 160 3.89 -43.62 -59.25
C PRO C 160 2.80 -42.87 -58.51
N LYS C 161 1.83 -42.32 -59.22
CA LYS C 161 0.70 -41.68 -58.56
C LYS C 161 0.13 -42.65 -57.53
N LEU C 162 0.09 -42.23 -56.28
CA LEU C 162 -0.46 -43.08 -55.24
C LEU C 162 -1.89 -42.67 -54.93
N SER C 163 -2.68 -43.62 -54.46
CA SER C 163 -4.06 -43.37 -54.11
C SER C 163 -4.52 -44.35 -53.04
N LYS C 164 -4.61 -43.87 -51.80
CA LYS C 164 -5.04 -44.69 -50.68
C LYS C 164 -6.26 -44.08 -50.01
N SER C 165 -7.22 -44.91 -49.63
CA SER C 165 -8.42 -44.42 -48.95
C SER C 165 -8.68 -45.18 -47.64
N TYR C 166 -9.09 -44.44 -46.63
CA TYR C 166 -9.52 -45.05 -45.39
C TYR C 166 -11.00 -44.77 -45.15
N ILE C 167 -11.70 -45.76 -44.61
CA ILE C 167 -13.11 -45.61 -44.35
C ILE C 167 -13.36 -45.82 -42.85
N ASN C 168 -13.90 -44.78 -42.20
CA ASN C 168 -14.07 -44.79 -40.76
C ASN C 168 -15.05 -45.83 -40.28
N ASP C 169 -14.53 -46.98 -39.86
CA ASP C 169 -15.37 -48.09 -39.42
C ASP C 169 -15.46 -48.14 -37.90
N LYS C 170 -14.87 -47.17 -37.23
CA LYS C 170 -15.05 -47.01 -35.79
C LYS C 170 -16.47 -46.52 -35.54
N GLY C 171 -16.78 -46.27 -34.27
CA GLY C 171 -18.08 -45.75 -33.91
C GLY C 171 -18.01 -44.27 -33.58
N LYS C 172 -16.83 -43.70 -33.72
CA LYS C 172 -16.58 -42.34 -33.29
C LYS C 172 -15.78 -41.60 -34.36
N GLU C 173 -15.49 -40.32 -34.11
CA GLU C 173 -14.70 -39.55 -35.06
C GLU C 173 -13.27 -40.04 -35.10
N VAL C 174 -12.65 -39.94 -36.28
CA VAL C 174 -11.24 -40.28 -36.41
C VAL C 174 -10.43 -39.03 -36.77
N LEU C 175 -9.43 -38.73 -35.96
CA LEU C 175 -8.54 -37.61 -36.22
C LEU C 175 -7.39 -38.04 -37.13
N VAL C 176 -7.38 -37.52 -38.34
CA VAL C 176 -6.34 -37.89 -39.31
C VAL C 176 -5.38 -36.74 -39.54
N LEU C 177 -4.09 -37.03 -39.38
CA LEU C 177 -3.06 -36.02 -39.62
C LEU C 177 -2.17 -36.40 -40.79
N TRP C 178 -1.68 -35.39 -41.52
CA TRP C 178 -0.76 -35.62 -42.62
C TRP C 178 0.06 -34.38 -42.88
N GLY C 179 1.14 -34.52 -43.64
CA GLY C 179 2.01 -33.40 -43.93
C GLY C 179 2.24 -33.21 -45.42
N ILE C 180 2.55 -31.98 -45.81
CA ILE C 180 2.97 -31.68 -47.17
C ILE C 180 4.39 -31.14 -47.13
N HIS C 181 5.28 -31.73 -47.92
CA HIS C 181 6.69 -31.34 -47.89
C HIS C 181 7.06 -30.39 -49.03
N HIS C 182 7.68 -29.27 -48.66
CA HIS C 182 8.14 -28.30 -49.63
C HIS C 182 9.67 -28.25 -49.66
N PRO C 183 10.26 -28.96 -50.62
CA PRO C 183 11.72 -29.00 -50.79
C PRO C 183 12.31 -27.61 -50.99
N SER C 184 13.61 -27.48 -50.73
CA SER C 184 14.29 -26.20 -50.82
C SER C 184 14.71 -25.91 -52.26
N THR C 185 15.06 -26.96 -52.98
CA THR C 185 15.54 -26.82 -54.35
C THR C 185 14.90 -27.85 -55.29
N SER C 186 14.70 -27.45 -56.54
CA SER C 186 14.08 -28.33 -57.53
C SER C 186 14.89 -29.61 -57.75
N ALA C 187 16.14 -29.59 -57.31
CA ALA C 187 16.98 -30.78 -57.36
C ALA C 187 16.59 -31.74 -56.24
N ASP C 188 16.45 -31.20 -55.03
CA ASP C 188 15.97 -31.98 -53.90
C ASP C 188 14.61 -32.59 -54.24
N GLN C 189 13.84 -31.85 -55.03
CA GLN C 189 12.51 -32.29 -55.42
C GLN C 189 12.55 -33.62 -56.17
N GLN C 190 13.33 -33.68 -57.24
CA GLN C 190 13.39 -34.89 -58.06
C GLN C 190 14.23 -35.96 -57.37
N SER C 191 15.14 -35.53 -56.51
CA SER C 191 15.92 -36.45 -55.70
C SER C 191 14.99 -37.29 -54.82
N LEU C 192 13.96 -36.64 -54.28
CA LEU C 192 13.02 -37.30 -53.36
C LEU C 192 11.85 -37.95 -54.08
N TYR C 193 11.25 -37.25 -55.04
CA TYR C 193 10.05 -37.74 -55.71
C TYR C 193 10.61 -37.32 -57.07
N GLN C 194 10.91 -38.29 -57.93
CA GLN C 194 11.44 -38.02 -59.28
C GLN C 194 10.76 -36.86 -60.01
N ASN C 195 9.44 -36.95 -60.14
CA ASN C 195 8.64 -35.95 -60.85
C ASN C 195 8.90 -34.52 -60.37
N ALA C 196 8.96 -33.59 -61.32
CA ALA C 196 9.26 -32.20 -61.00
C ALA C 196 8.00 -31.42 -60.63
N ASP C 197 6.94 -31.62 -61.42
CA ASP C 197 5.68 -30.94 -61.17
C ASP C 197 4.69 -31.91 -60.52
N THR C 198 4.52 -31.79 -59.21
CA THR C 198 3.70 -32.73 -58.45
C THR C 198 2.51 -32.06 -57.79
N TYR C 199 1.72 -32.87 -57.09
CA TYR C 199 0.53 -32.39 -56.38
C TYR C 199 0.03 -33.44 -55.39
N VAL C 200 -0.61 -32.97 -54.33
CA VAL C 200 -1.22 -33.86 -53.35
C VAL C 200 -2.68 -33.46 -53.19
N PHE C 201 -3.56 -34.44 -53.10
CA PHE C 201 -4.98 -34.16 -52.90
C PHE C 201 -5.57 -34.99 -51.76
N VAL C 202 -6.22 -34.32 -50.84
CA VAL C 202 -6.93 -34.98 -49.76
C VAL C 202 -8.41 -34.64 -49.83
N GLY C 203 -9.28 -35.63 -49.63
CA GLY C 203 -10.70 -35.37 -49.73
C GLY C 203 -11.57 -36.37 -48.98
N SER C 204 -12.59 -35.85 -48.31
CA SER C 204 -13.62 -36.66 -47.68
C SER C 204 -14.96 -36.09 -48.11
N SER C 205 -16.01 -36.40 -47.35
CA SER C 205 -17.33 -35.84 -47.63
C SER C 205 -17.43 -34.34 -47.35
N ARG C 206 -16.61 -33.86 -46.43
CA ARG C 206 -16.64 -32.45 -46.03
C ARG C 206 -15.35 -31.72 -46.35
N TYR C 207 -14.23 -32.44 -46.33
CA TYR C 207 -12.93 -31.85 -46.61
C TYR C 207 -12.52 -32.07 -48.06
N SER C 208 -11.82 -31.10 -48.63
CA SER C 208 -11.32 -31.19 -49.99
C SER C 208 -10.31 -30.08 -50.25
N LYS C 209 -9.08 -30.47 -50.58
CA LYS C 209 -8.04 -29.49 -50.84
C LYS C 209 -6.90 -30.09 -51.66
N LYS C 210 -6.45 -29.34 -52.65
CA LYS C 210 -5.33 -29.77 -53.48
C LYS C 210 -4.09 -28.97 -53.08
N PHE C 211 -2.97 -29.66 -52.93
CA PHE C 211 -1.74 -29.03 -52.46
C PHE C 211 -0.66 -28.99 -53.53
N LYS C 212 -0.09 -27.80 -53.72
CA LYS C 212 1.02 -27.63 -54.65
C LYS C 212 2.29 -27.29 -53.88
N PRO C 213 3.33 -28.13 -54.01
CA PRO C 213 4.61 -27.91 -53.34
C PRO C 213 5.23 -26.57 -53.74
N GLU C 214 5.54 -25.74 -52.76
CA GLU C 214 6.20 -24.47 -53.01
C GLU C 214 7.70 -24.62 -52.78
N ILE C 215 8.45 -24.72 -53.86
CA ILE C 215 9.88 -25.01 -53.77
C ILE C 215 10.73 -23.76 -53.72
N ALA C 216 11.52 -23.61 -52.66
CA ALA C 216 12.38 -22.44 -52.48
C ALA C 216 13.26 -22.59 -51.25
N ILE C 217 14.25 -21.71 -51.13
CA ILE C 217 15.18 -21.75 -50.00
C ILE C 217 14.72 -20.87 -48.86
N ARG C 218 14.18 -21.48 -47.81
CA ARG C 218 13.87 -20.76 -46.59
C ARG C 218 15.10 -20.71 -45.70
N PRO C 219 15.23 -19.65 -44.89
CA PRO C 219 16.33 -19.55 -43.93
C PRO C 219 16.44 -20.82 -43.10
N LYS C 220 17.66 -21.30 -42.88
CA LYS C 220 17.88 -22.55 -42.16
C LYS C 220 17.19 -22.58 -40.80
N VAL C 221 16.41 -23.63 -40.57
CA VAL C 221 15.84 -23.88 -39.26
C VAL C 221 16.05 -25.35 -38.93
N ARG C 222 16.74 -25.61 -37.83
CA ARG C 222 17.11 -26.97 -37.47
C ARG C 222 17.72 -27.66 -38.69
N GLU C 223 18.53 -26.92 -39.44
CA GLU C 223 19.29 -27.50 -40.56
C GLU C 223 18.48 -27.63 -41.85
N GLN C 224 17.23 -27.21 -41.83
CA GLN C 224 16.36 -27.40 -42.98
C GLN C 224 16.05 -26.08 -43.71
N GLU C 225 16.36 -26.05 -45.00
CA GLU C 225 16.00 -24.92 -45.83
C GLU C 225 14.65 -25.18 -46.49
N GLY C 226 14.20 -26.42 -46.39
CA GLY C 226 12.87 -26.79 -46.86
C GLY C 226 11.87 -26.70 -45.72
N ARG C 227 10.60 -26.86 -46.05
CA ARG C 227 9.54 -26.76 -45.05
C ARG C 227 8.58 -27.95 -45.13
N MET C 228 7.75 -28.09 -44.11
CA MET C 228 6.77 -29.17 -44.06
C MET C 228 5.55 -28.70 -43.26
N ASN C 229 4.44 -28.51 -43.95
CA ASN C 229 3.21 -28.06 -43.32
C ASN C 229 2.32 -29.23 -42.89
N TYR C 230 1.72 -29.12 -41.71
CA TYR C 230 0.95 -30.21 -41.15
C TYR C 230 -0.54 -29.90 -41.15
N TYR C 231 -1.33 -30.86 -41.60
CA TYR C 231 -2.77 -30.67 -41.71
C TYR C 231 -3.52 -31.76 -40.95
N TRP C 232 -4.77 -31.49 -40.62
CA TRP C 232 -5.58 -32.46 -39.89
C TRP C 232 -7.06 -32.26 -40.19
N THR C 233 -7.84 -33.31 -39.98
CA THR C 233 -9.29 -33.22 -40.16
C THR C 233 -9.97 -34.35 -39.43
N LEU C 234 -11.22 -34.14 -39.04
CA LEU C 234 -11.99 -35.18 -38.36
C LEU C 234 -12.92 -35.87 -39.34
N VAL C 235 -12.76 -37.18 -39.50
CA VAL C 235 -13.57 -37.97 -40.41
C VAL C 235 -14.77 -38.53 -39.66
N GLU C 236 -15.97 -38.13 -40.06
CA GLU C 236 -17.19 -38.61 -39.42
C GLU C 236 -17.33 -40.12 -39.57
N PRO C 237 -18.00 -40.77 -38.60
CA PRO C 237 -18.22 -42.22 -38.67
C PRO C 237 -18.98 -42.60 -39.94
N GLY C 238 -18.45 -43.59 -40.67
CA GLY C 238 -19.08 -44.03 -41.89
C GLY C 238 -18.55 -43.30 -43.12
N ASP C 239 -17.88 -42.18 -42.89
CA ASP C 239 -17.30 -41.40 -43.97
C ASP C 239 -15.93 -41.97 -44.32
N LYS C 240 -15.41 -41.59 -45.49
CA LYS C 240 -14.10 -42.07 -45.90
C LYS C 240 -13.25 -40.93 -46.42
N ILE C 241 -11.94 -41.04 -46.20
CA ILE C 241 -11.00 -40.00 -46.61
C ILE C 241 -10.03 -40.55 -47.64
N THR C 242 -9.74 -39.76 -48.67
CA THR C 242 -8.90 -40.22 -49.77
C THR C 242 -7.63 -39.39 -49.92
N PHE C 243 -6.49 -40.08 -49.98
CA PHE C 243 -5.22 -39.44 -50.25
C PHE C 243 -4.75 -39.78 -51.66
N GLU C 244 -4.19 -38.80 -52.34
CA GLU C 244 -3.72 -38.96 -53.71
C GLU C 244 -2.59 -37.99 -53.97
N ALA C 245 -1.44 -38.51 -54.41
CA ALA C 245 -0.29 -37.66 -54.61
C ALA C 245 0.68 -38.22 -55.65
N THR C 246 1.35 -37.31 -56.35
CA THR C 246 2.43 -37.68 -57.25
C THR C 246 3.75 -37.28 -56.60
N GLY C 247 3.71 -37.06 -55.29
CA GLY C 247 4.90 -36.72 -54.53
C GLY C 247 4.64 -35.74 -53.41
N ASN C 248 5.64 -35.55 -52.55
CA ASN C 248 5.60 -34.53 -51.52
C ASN C 248 4.59 -34.78 -50.39
N LEU C 249 3.96 -35.94 -50.41
CA LEU C 249 2.96 -36.27 -49.39
C LEU C 249 3.57 -37.07 -48.25
N VAL C 250 3.48 -36.52 -47.04
CA VAL C 250 3.86 -37.26 -45.85
C VAL C 250 2.62 -37.97 -45.33
N VAL C 251 2.48 -39.25 -45.67
CA VAL C 251 1.24 -39.98 -45.40
C VAL C 251 1.04 -40.33 -43.93
N PRO C 252 -0.23 -40.50 -43.54
CA PRO C 252 -0.61 -40.93 -42.20
C PRO C 252 -0.25 -42.38 -41.97
N ARG C 253 0.16 -42.71 -40.75
CA ARG C 253 0.40 -44.10 -40.36
C ARG C 253 -0.56 -44.42 -39.22
N TYR C 254 -0.56 -43.56 -38.21
CA TYR C 254 -1.48 -43.71 -37.09
C TYR C 254 -2.50 -42.58 -37.03
N ALA C 255 -3.75 -42.93 -36.77
CA ALA C 255 -4.81 -41.96 -36.59
C ALA C 255 -5.38 -42.13 -35.20
N PHE C 256 -6.49 -41.45 -34.91
CA PHE C 256 -7.05 -41.51 -33.57
C PHE C 256 -8.58 -41.59 -33.56
N ALA C 257 -9.10 -42.75 -33.18
CA ALA C 257 -10.51 -42.90 -32.90
C ALA C 257 -10.75 -42.10 -31.63
N MET C 258 -11.74 -41.20 -31.67
CA MET C 258 -11.82 -40.18 -30.65
C MET C 258 -13.25 -39.72 -30.39
N GLU C 259 -13.57 -39.56 -29.10
CA GLU C 259 -14.85 -39.00 -28.71
C GLU C 259 -14.60 -37.88 -27.73
N ARG C 260 -15.03 -36.67 -28.06
CA ARG C 260 -14.67 -35.49 -27.30
C ARG C 260 -15.84 -34.89 -26.52
N ASN C 261 -15.53 -34.30 -25.37
CA ASN C 261 -16.50 -33.57 -24.56
C ASN C 261 -16.05 -32.15 -24.31
N ALA C 262 -16.80 -31.18 -24.87
CA ALA C 262 -16.42 -29.78 -24.78
C ALA C 262 -16.37 -29.29 -23.34
N GLY C 263 -15.81 -28.10 -23.14
CA GLY C 263 -15.85 -27.44 -21.85
C GLY C 263 -14.56 -27.44 -21.05
N SER C 264 -13.45 -27.81 -21.68
CA SER C 264 -12.16 -27.81 -20.98
C SER C 264 -11.11 -27.02 -21.72
N GLY C 265 -9.88 -27.04 -21.20
CA GLY C 265 -8.80 -26.24 -21.76
C GLY C 265 -7.42 -26.80 -21.49
N ILE C 266 -6.42 -25.94 -21.53
CA ILE C 266 -5.02 -26.34 -21.44
C ILE C 266 -4.25 -25.47 -20.48
N ILE C 267 -3.55 -26.09 -19.53
CA ILE C 267 -2.79 -25.36 -18.53
C ILE C 267 -1.30 -25.47 -18.78
N ILE C 268 -0.63 -24.34 -18.98
CA ILE C 268 0.82 -24.33 -19.08
C ILE C 268 1.42 -23.98 -17.72
N SER C 269 2.00 -24.97 -17.06
CA SER C 269 2.50 -24.77 -15.70
C SER C 269 3.56 -25.80 -15.30
N ASP C 270 4.43 -25.41 -14.38
CA ASP C 270 5.43 -26.32 -13.84
C ASP C 270 4.87 -27.09 -12.64
N THR C 271 3.73 -26.65 -12.15
CA THR C 271 3.10 -27.28 -10.99
C THR C 271 2.92 -28.78 -11.21
N PRO C 272 3.44 -29.57 -10.26
CA PRO C 272 3.42 -31.04 -10.31
C PRO C 272 2.01 -31.62 -10.38
N VAL C 273 1.83 -32.67 -11.18
CA VAL C 273 0.56 -33.36 -11.25
C VAL C 273 0.52 -34.45 -10.17
N HIS C 274 -0.63 -34.60 -9.52
CA HIS C 274 -0.76 -35.56 -8.42
C HIS C 274 -2.01 -36.42 -8.55
N ASP C 275 -2.17 -37.36 -7.63
CA ASP C 275 -3.37 -38.17 -7.57
C ASP C 275 -4.29 -37.63 -6.49
N CYS C 276 -5.08 -36.62 -6.85
CA CYS C 276 -6.03 -36.01 -5.92
C CYS C 276 -7.25 -35.50 -6.70
N ASN C 277 -8.36 -35.35 -6.00
CA ASN C 277 -9.57 -34.81 -6.62
C ASN C 277 -9.68 -33.31 -6.42
N THR C 278 -10.36 -32.65 -7.35
CA THR C 278 -10.62 -31.23 -7.24
C THR C 278 -11.80 -30.87 -8.12
N THR C 279 -12.52 -29.82 -7.75
CA THR C 279 -13.66 -29.38 -8.52
C THR C 279 -13.28 -28.13 -9.31
N CYS C 280 -12.10 -27.61 -8.99
CA CYS C 280 -11.63 -26.36 -9.58
C CYS C 280 -10.11 -26.38 -9.68
N GLN C 281 -9.58 -26.10 -10.87
CA GLN C 281 -8.15 -26.15 -11.08
C GLN C 281 -7.58 -24.84 -11.61
N THR C 282 -6.45 -24.43 -11.05
CA THR C 282 -5.71 -23.29 -11.56
C THR C 282 -4.28 -23.71 -11.89
N PRO C 283 -3.59 -22.92 -12.73
CA PRO C 283 -2.20 -23.19 -13.06
C PRO C 283 -1.30 -23.25 -11.83
N LYS C 284 -1.71 -22.62 -10.74
CA LYS C 284 -0.90 -22.60 -9.51
C LYS C 284 -1.23 -23.78 -8.60
N GLY C 285 -2.42 -24.34 -8.77
CA GLY C 285 -2.86 -25.45 -7.94
C GLY C 285 -4.37 -25.54 -7.87
N ALA C 286 -4.88 -26.62 -7.28
CA ALA C 286 -6.32 -26.83 -7.19
C ALA C 286 -6.93 -26.01 -6.06
N ILE C 287 -8.26 -25.86 -6.11
CA ILE C 287 -8.97 -25.08 -5.11
C ILE C 287 -10.14 -25.86 -4.50
N ASN C 288 -10.04 -26.14 -3.21
CA ASN C 288 -11.12 -26.78 -2.49
C ASN C 288 -11.85 -25.75 -1.64
N THR C 289 -13.07 -25.38 -2.06
CA THR C 289 -13.78 -24.31 -1.37
C THR C 289 -15.26 -24.24 -1.68
N SER C 290 -16.02 -23.62 -0.78
CA SER C 290 -17.44 -23.36 -0.99
C SER C 290 -17.65 -21.86 -1.19
N LEU C 291 -16.65 -21.08 -0.79
CA LEU C 291 -16.71 -19.63 -0.89
C LEU C 291 -17.00 -19.16 -2.33
N PRO C 292 -17.65 -18.01 -2.46
CA PRO C 292 -18.07 -17.45 -3.74
C PRO C 292 -16.91 -16.83 -4.52
N PHE C 293 -15.87 -16.40 -3.82
CA PHE C 293 -14.80 -15.66 -4.47
C PHE C 293 -13.43 -16.20 -4.14
N GLN C 294 -12.52 -16.14 -5.11
CA GLN C 294 -11.13 -16.51 -4.90
C GLN C 294 -10.23 -15.50 -5.59
N ASN C 295 -9.06 -15.25 -5.01
CA ASN C 295 -8.10 -14.32 -5.60
C ASN C 295 -6.79 -15.02 -5.99
N ILE C 296 -6.89 -16.32 -6.23
CA ILE C 296 -5.73 -17.15 -6.50
C ILE C 296 -5.26 -17.05 -7.96
N HIS C 297 -6.21 -17.10 -8.88
CA HIS C 297 -5.88 -17.03 -10.31
C HIS C 297 -7.13 -16.79 -11.15
N PRO C 298 -7.01 -15.94 -12.17
CA PRO C 298 -8.08 -15.58 -13.11
C PRO C 298 -8.44 -16.72 -14.05
N ILE C 299 -7.42 -17.41 -14.56
CA ILE C 299 -7.64 -18.53 -15.49
C ILE C 299 -7.93 -19.81 -14.72
N THR C 300 -9.14 -20.32 -14.89
CA THR C 300 -9.63 -21.42 -14.09
C THR C 300 -10.26 -22.52 -14.95
N ILE C 301 -10.27 -23.75 -14.43
CA ILE C 301 -10.92 -24.85 -15.13
C ILE C 301 -11.80 -25.65 -14.17
N GLY C 302 -13.10 -25.71 -14.48
CA GLY C 302 -14.05 -26.43 -13.65
C GLY C 302 -15.14 -25.53 -13.11
N LYS C 303 -15.84 -26.02 -12.09
CA LYS C 303 -16.86 -25.22 -11.42
C LYS C 303 -16.21 -24.39 -10.31
N CYS C 304 -15.85 -23.16 -10.62
CA CYS C 304 -15.01 -22.36 -9.74
C CYS C 304 -15.64 -21.09 -9.17
N PRO C 305 -15.04 -20.56 -8.10
CA PRO C 305 -15.39 -19.25 -7.51
C PRO C 305 -14.97 -18.13 -8.44
N LYS C 306 -15.69 -17.02 -8.41
CA LYS C 306 -15.36 -15.89 -9.27
C LYS C 306 -14.05 -15.25 -8.84
N TYR C 307 -13.20 -14.94 -9.82
CA TYR C 307 -11.92 -14.33 -9.51
C TYR C 307 -12.10 -12.87 -9.15
N VAL C 308 -11.48 -12.47 -8.04
CA VAL C 308 -11.59 -11.11 -7.53
C VAL C 308 -10.22 -10.53 -7.18
N LYS C 309 -10.09 -9.21 -7.30
CA LYS C 309 -8.84 -8.53 -7.02
C LYS C 309 -8.67 -8.27 -5.52
N SER C 310 -9.73 -8.49 -4.76
CA SER C 310 -9.72 -8.26 -3.32
C SER C 310 -8.62 -9.04 -2.61
N THR C 311 -8.15 -8.48 -1.51
CA THR C 311 -7.15 -9.14 -0.67
C THR C 311 -7.82 -9.84 0.52
N LYS C 312 -8.86 -9.21 1.04
CA LYS C 312 -9.63 -9.77 2.15
C LYS C 312 -11.11 -9.42 2.05
N LEU C 313 -11.97 -10.41 2.21
CA LEU C 313 -13.42 -10.19 2.23
C LEU C 313 -13.99 -10.72 3.54
N ARG C 314 -13.64 -10.07 4.65
CA ARG C 314 -14.05 -10.54 5.97
C ARG C 314 -15.48 -10.09 6.30
N LEU C 315 -16.36 -11.07 6.49
CA LEU C 315 -17.77 -10.81 6.76
C LEU C 315 -18.06 -10.96 8.25
N ALA C 316 -18.63 -9.92 8.84
CA ALA C 316 -18.92 -9.92 10.27
C ALA C 316 -20.16 -10.75 10.62
N THR C 317 -20.02 -11.61 11.62
CA THR C 317 -21.14 -12.43 12.09
C THR C 317 -21.52 -12.09 13.53
N GLY C 318 -20.52 -11.77 14.35
CA GLY C 318 -20.75 -11.37 15.72
C GLY C 318 -21.07 -9.88 15.80
N LEU C 319 -20.73 -9.26 16.92
CA LEU C 319 -20.98 -7.83 17.11
C LEU C 319 -19.71 -7.09 17.50
N ARG C 320 -19.81 -5.78 17.68
CA ARG C 320 -18.67 -4.98 18.11
C ARG C 320 -18.04 -5.57 19.36
N ASN C 321 -16.72 -5.50 19.43
CA ASN C 321 -15.99 -6.06 20.56
C ASN C 321 -15.51 -4.98 21.52
N ILE C 322 -15.91 -5.10 22.79
CA ILE C 322 -15.45 -4.19 23.84
C ILE C 322 -14.83 -5.00 24.99
N PRO C 323 -14.08 -4.31 25.87
CA PRO C 323 -13.58 -4.94 27.10
C PRO C 323 -14.49 -4.64 28.30
N GLY D 1 -25.65 1.99 18.03
CA GLY D 1 -25.30 2.36 16.67
C GLY D 1 -26.46 2.99 15.93
N LEU D 2 -27.25 2.16 15.27
CA LEU D 2 -28.44 2.64 14.57
C LEU D 2 -29.64 2.61 15.51
N PHE D 3 -29.57 1.74 16.52
CA PHE D 3 -30.67 1.60 17.48
C PHE D 3 -30.32 2.17 18.86
N GLY D 4 -29.10 2.70 18.99
CA GLY D 4 -28.69 3.39 20.20
C GLY D 4 -28.38 2.52 21.40
N ALA D 5 -28.49 1.20 21.24
CA ALA D 5 -28.24 0.29 22.35
C ALA D 5 -26.75 -0.05 22.47
N ILE D 6 -26.28 -0.95 21.62
CA ILE D 6 -24.88 -1.35 21.63
C ILE D 6 -23.98 -0.14 21.41
N ALA D 7 -22.96 -0.01 22.24
CA ALA D 7 -22.08 1.14 22.21
C ALA D 7 -22.89 2.44 22.24
N GLY D 8 -24.08 2.36 22.85
CA GLY D 8 -24.96 3.50 22.99
C GLY D 8 -25.21 3.80 24.45
N PHE D 9 -26.43 3.54 24.92
CA PHE D 9 -26.73 3.71 26.34
C PHE D 9 -26.28 2.49 27.15
N ILE D 10 -25.84 1.46 26.44
CA ILE D 10 -25.14 0.33 27.05
C ILE D 10 -23.70 0.35 26.55
N GLU D 11 -22.88 1.17 27.20
CA GLU D 11 -21.55 1.51 26.70
C GLU D 11 -20.69 0.32 26.25
N GLY D 12 -20.60 -0.72 27.09
CA GLY D 12 -19.71 -1.82 26.82
C GLY D 12 -20.34 -3.20 26.83
N GLY D 13 -19.52 -4.21 26.59
CA GLY D 13 -19.97 -5.59 26.61
C GLY D 13 -19.33 -6.37 27.75
N TRP D 14 -19.86 -7.56 28.01
CA TRP D 14 -19.38 -8.38 29.11
C TRP D 14 -18.55 -9.56 28.65
N THR D 15 -17.25 -9.51 28.90
CA THR D 15 -16.38 -10.63 28.61
C THR D 15 -16.77 -11.82 29.49
N GLY D 16 -17.45 -11.50 30.59
CA GLY D 16 -17.89 -12.51 31.54
C GLY D 16 -18.95 -13.41 30.97
N MET D 17 -19.85 -12.84 30.18
CA MET D 17 -20.91 -13.62 29.55
C MET D 17 -20.37 -14.31 28.31
N VAL D 18 -20.09 -15.61 28.42
CA VAL D 18 -19.43 -16.34 27.34
C VAL D 18 -20.34 -17.36 26.67
N ASP D 19 -21.56 -17.50 27.20
CA ASP D 19 -22.47 -18.54 26.72
C ASP D 19 -23.50 -18.05 25.71
N GLY D 20 -23.43 -16.77 25.36
CA GLY D 20 -24.37 -16.19 24.41
C GLY D 20 -24.03 -14.79 23.95
N TRP D 21 -24.78 -14.29 22.97
CA TRP D 21 -24.55 -12.94 22.44
C TRP D 21 -25.22 -11.87 23.30
N TYR D 22 -26.46 -12.12 23.69
CA TYR D 22 -27.18 -11.20 24.56
C TYR D 22 -27.61 -11.91 25.84
N GLY D 23 -27.58 -11.19 26.96
CA GLY D 23 -27.93 -11.79 28.24
C GLY D 23 -28.17 -10.81 29.37
N TYR D 24 -28.19 -11.34 30.59
CA TYR D 24 -28.44 -10.54 31.78
C TYR D 24 -27.33 -10.69 32.81
N HIS D 25 -27.26 -9.76 33.75
CA HIS D 25 -26.38 -9.87 34.90
C HIS D 25 -27.14 -9.49 36.17
N HIS D 26 -27.61 -10.50 36.90
CA HIS D 26 -28.42 -10.26 38.10
C HIS D 26 -27.55 -9.94 39.31
N GLN D 27 -28.14 -9.25 40.27
CA GLN D 27 -27.45 -8.86 41.50
C GLN D 27 -28.42 -8.79 42.67
N ASN D 28 -28.49 -9.86 43.44
CA ASN D 28 -29.35 -9.88 44.63
C ASN D 28 -28.65 -10.48 45.84
N GLU D 29 -29.44 -10.88 46.84
CA GLU D 29 -28.90 -11.39 48.10
C GLU D 29 -28.32 -12.79 47.97
N GLN D 30 -28.70 -13.50 46.91
CA GLN D 30 -28.21 -14.85 46.69
C GLN D 30 -26.94 -14.87 45.84
N GLY D 31 -26.41 -13.70 45.53
CA GLY D 31 -25.16 -13.59 44.79
C GLY D 31 -25.29 -12.85 43.47
N SER D 32 -24.27 -13.00 42.63
CA SER D 32 -24.26 -12.38 41.31
C SER D 32 -24.01 -13.41 40.22
N GLY D 33 -24.02 -12.97 38.97
CA GLY D 33 -23.73 -13.87 37.87
C GLY D 33 -24.23 -13.38 36.52
N TYR D 34 -23.65 -13.93 35.45
CA TYR D 34 -24.10 -13.66 34.10
C TYR D 34 -24.91 -14.85 33.57
N ALA D 35 -25.71 -14.60 32.54
CA ALA D 35 -26.50 -15.66 31.92
C ALA D 35 -27.09 -15.19 30.60
N ALA D 36 -26.67 -15.83 29.51
CA ALA D 36 -27.15 -15.47 28.19
C ALA D 36 -28.63 -15.78 28.04
N ASP D 37 -29.31 -15.00 27.20
CA ASP D 37 -30.71 -15.24 26.90
C ASP D 37 -30.82 -16.35 25.86
N LEU D 38 -31.08 -17.57 26.33
CA LEU D 38 -31.13 -18.75 25.47
C LEU D 38 -31.83 -18.48 24.14
N LYS D 39 -33.12 -18.19 24.21
CA LYS D 39 -33.94 -18.03 23.01
C LYS D 39 -33.47 -16.89 22.10
N SER D 40 -33.16 -15.76 22.72
CA SER D 40 -32.74 -14.58 21.98
C SER D 40 -31.44 -14.81 21.22
N THR D 41 -30.50 -15.49 21.86
CA THR D 41 -29.20 -15.76 21.26
C THR D 41 -29.29 -16.78 20.12
N GLN D 42 -30.08 -17.83 20.32
CA GLN D 42 -30.21 -18.87 19.32
C GLN D 42 -30.84 -18.33 18.04
N ASN D 43 -31.79 -17.42 18.19
CA ASN D 43 -32.47 -16.83 17.04
C ASN D 43 -31.51 -16.08 16.13
N ALA D 44 -30.64 -15.27 16.73
CA ALA D 44 -29.65 -14.53 15.97
C ALA D 44 -28.70 -15.49 15.26
N ILE D 45 -28.24 -16.51 15.98
CA ILE D 45 -27.36 -17.52 15.40
C ILE D 45 -28.00 -18.16 14.17
N ASP D 46 -29.28 -18.52 14.28
CA ASP D 46 -29.99 -19.11 13.16
C ASP D 46 -30.02 -18.16 11.98
N GLU D 47 -30.46 -16.94 12.23
CA GLU D 47 -30.63 -15.95 11.16
C GLU D 47 -29.30 -15.50 10.55
N ILE D 48 -28.31 -15.25 11.41
CA ILE D 48 -26.98 -14.88 10.93
C ILE D 48 -26.36 -16.01 10.11
N THR D 49 -26.54 -17.24 10.57
CA THR D 49 -26.07 -18.41 9.83
C THR D 49 -26.72 -18.44 8.45
N ASN D 50 -28.04 -18.32 8.42
CA ASN D 50 -28.78 -18.29 7.16
C ASN D 50 -28.25 -17.21 6.24
N LYS D 51 -27.99 -16.04 6.81
CA LYS D 51 -27.42 -14.92 6.06
C LYS D 51 -26.15 -15.36 5.34
N VAL D 52 -25.15 -15.77 6.12
CA VAL D 52 -23.89 -16.22 5.56
C VAL D 52 -24.13 -17.30 4.51
N ASN D 53 -25.02 -18.23 4.79
CA ASN D 53 -25.31 -19.31 3.85
C ASN D 53 -25.98 -18.82 2.56
N SER D 54 -26.81 -17.78 2.67
CA SER D 54 -27.46 -17.21 1.50
C SER D 54 -26.44 -16.55 0.58
N VAL D 55 -25.55 -15.76 1.16
CA VAL D 55 -24.51 -15.10 0.39
C VAL D 55 -23.64 -16.11 -0.36
N ILE D 56 -23.44 -17.28 0.23
CA ILE D 56 -22.61 -18.31 -0.37
C ILE D 56 -23.41 -19.19 -1.34
N GLU D 57 -24.52 -19.71 -0.85
CA GLU D 57 -25.29 -20.71 -1.59
C GLU D 57 -25.89 -20.19 -2.89
N LYS D 58 -26.18 -18.88 -2.95
CA LYS D 58 -26.78 -18.29 -4.14
C LYS D 58 -25.81 -18.22 -5.32
N MET D 59 -24.52 -18.31 -5.03
CA MET D 59 -23.50 -18.32 -6.08
C MET D 59 -23.38 -19.70 -6.70
N ASN D 60 -24.20 -19.97 -7.70
CA ASN D 60 -24.15 -21.22 -8.44
C ASN D 60 -23.47 -21.02 -9.78
N THR D 61 -22.29 -21.61 -9.94
CA THR D 61 -21.47 -21.38 -11.12
C THR D 61 -21.54 -22.50 -12.17
N GLN D 62 -21.17 -22.16 -13.39
CA GLN D 62 -21.13 -23.10 -14.50
C GLN D 62 -19.79 -23.82 -14.50
N PHE D 63 -19.72 -24.96 -15.17
CA PHE D 63 -18.43 -25.59 -15.43
C PHE D 63 -17.83 -24.97 -16.67
N THR D 64 -16.83 -24.13 -16.48
CA THR D 64 -16.20 -23.45 -17.60
C THR D 64 -14.68 -23.49 -17.51
N ALA D 65 -14.04 -23.46 -18.67
CA ALA D 65 -12.60 -23.38 -18.75
C ALA D 65 -12.21 -22.01 -19.28
N VAL D 66 -12.02 -21.06 -18.38
CA VAL D 66 -11.55 -19.76 -18.81
C VAL D 66 -10.15 -19.93 -19.39
N GLY D 67 -9.75 -19.02 -20.26
CA GLY D 67 -8.44 -19.12 -20.87
C GLY D 67 -8.50 -19.70 -22.27
N LYS D 68 -8.03 -18.92 -23.22
CA LYS D 68 -8.04 -19.28 -24.62
C LYS D 68 -6.64 -19.09 -25.20
N GLU D 69 -6.36 -19.75 -26.31
CA GLU D 69 -5.08 -19.61 -26.98
C GLU D 69 -5.26 -18.98 -28.35
N PHE D 70 -4.43 -18.00 -28.67
CA PHE D 70 -4.51 -17.32 -29.96
C PHE D 70 -3.12 -17.14 -30.55
N ASN D 71 -3.01 -17.24 -31.87
CA ASN D 71 -1.71 -17.06 -32.52
C ASN D 71 -1.39 -15.59 -32.78
N HIS D 72 -0.17 -15.33 -33.24
CA HIS D 72 0.32 -13.97 -33.39
C HIS D 72 -0.55 -13.09 -34.29
N LEU D 73 -1.41 -13.73 -35.08
CA LEU D 73 -2.29 -13.00 -35.99
C LEU D 73 -3.73 -12.99 -35.52
N GLU D 74 -3.92 -13.15 -34.21
CA GLU D 74 -5.25 -13.11 -33.62
C GLU D 74 -5.25 -12.20 -32.38
N LYS D 75 -4.35 -11.22 -32.38
CA LYS D 75 -4.20 -10.33 -31.25
C LYS D 75 -5.51 -9.63 -30.89
N ARG D 76 -6.31 -9.28 -31.90
CA ARG D 76 -7.58 -8.61 -31.65
C ARG D 76 -8.52 -9.46 -30.80
N ILE D 77 -8.81 -10.69 -31.24
CA ILE D 77 -9.69 -11.56 -30.47
C ILE D 77 -9.05 -11.96 -29.14
N GLU D 78 -7.73 -11.91 -29.08
CA GLU D 78 -7.04 -12.17 -27.82
C GLU D 78 -7.38 -11.06 -26.85
N ASN D 79 -7.33 -9.83 -27.32
CA ASN D 79 -7.66 -8.67 -26.50
C ASN D 79 -9.16 -8.60 -26.18
N LEU D 80 -9.97 -9.14 -27.08
CA LEU D 80 -11.41 -9.23 -26.84
C LEU D 80 -11.62 -10.15 -25.64
N ASN D 81 -10.95 -11.29 -25.68
CA ASN D 81 -11.00 -12.23 -24.57
C ASN D 81 -10.50 -11.58 -23.29
N LYS D 82 -9.39 -10.87 -23.40
CA LYS D 82 -8.84 -10.18 -22.24
C LYS D 82 -9.84 -9.17 -21.68
N LYS D 83 -10.61 -8.54 -22.58
CA LYS D 83 -11.59 -7.55 -22.16
C LYS D 83 -12.72 -8.18 -21.35
N VAL D 84 -13.23 -9.32 -21.83
CA VAL D 84 -14.32 -10.00 -21.14
C VAL D 84 -13.87 -10.54 -19.79
N ASP D 85 -12.59 -10.91 -19.69
CA ASP D 85 -12.06 -11.41 -18.43
C ASP D 85 -11.91 -10.29 -17.41
N ASP D 86 -11.33 -9.18 -17.84
CA ASP D 86 -11.17 -8.04 -16.96
C ASP D 86 -12.50 -7.36 -16.68
N GLY D 87 -13.45 -7.55 -17.58
CA GLY D 87 -14.79 -7.00 -17.40
C GLY D 87 -15.50 -7.68 -16.25
N PHE D 88 -15.36 -9.01 -16.19
CA PHE D 88 -15.95 -9.79 -15.11
C PHE D 88 -15.22 -9.55 -13.80
N LEU D 89 -13.91 -9.32 -13.89
CA LEU D 89 -13.09 -9.08 -12.71
C LEU D 89 -13.51 -7.81 -11.98
N ASP D 90 -13.75 -6.75 -12.74
CA ASP D 90 -14.16 -5.49 -12.16
C ASP D 90 -15.56 -5.58 -11.59
N ILE D 91 -16.44 -6.27 -12.31
CA ILE D 91 -17.82 -6.43 -11.87
C ILE D 91 -17.90 -7.22 -10.56
N TRP D 92 -17.26 -8.38 -10.51
CA TRP D 92 -17.32 -9.21 -9.32
C TRP D 92 -16.60 -8.59 -8.12
N THR D 93 -15.43 -8.01 -8.37
CA THR D 93 -14.69 -7.37 -7.30
C THR D 93 -15.52 -6.29 -6.63
N TYR D 94 -16.10 -5.40 -7.44
CA TYR D 94 -16.89 -4.30 -6.91
C TYR D 94 -18.10 -4.80 -6.11
N ASN D 95 -18.89 -5.67 -6.72
CA ASN D 95 -20.06 -6.23 -6.05
C ASN D 95 -19.70 -6.95 -4.76
N ALA D 96 -18.69 -7.80 -4.81
CA ALA D 96 -18.27 -8.54 -3.62
C ALA D 96 -17.83 -7.58 -2.52
N GLU D 97 -16.99 -6.62 -2.88
CA GLU D 97 -16.52 -5.63 -1.92
C GLU D 97 -17.68 -4.87 -1.28
N LEU D 98 -18.60 -4.38 -2.11
CA LEU D 98 -19.75 -3.61 -1.62
C LEU D 98 -20.73 -4.48 -0.86
N LEU D 99 -20.88 -5.73 -1.27
CA LEU D 99 -21.81 -6.64 -0.61
C LEU D 99 -21.39 -6.83 0.83
N VAL D 100 -20.08 -6.97 1.05
CA VAL D 100 -19.53 -7.14 2.39
C VAL D 100 -19.76 -5.88 3.22
N LEU D 101 -19.39 -4.73 2.67
CA LEU D 101 -19.59 -3.46 3.37
C LEU D 101 -21.05 -3.27 3.77
N LEU D 102 -21.97 -3.55 2.84
CA LEU D 102 -23.38 -3.40 3.09
C LEU D 102 -23.86 -4.35 4.18
N GLU D 103 -23.58 -5.64 4.00
CA GLU D 103 -24.07 -6.66 4.92
C GLU D 103 -23.47 -6.54 6.31
N ASN D 104 -22.24 -6.07 6.40
CA ASN D 104 -21.63 -5.84 7.70
C ASN D 104 -22.34 -4.73 8.46
N GLU D 105 -22.59 -3.61 7.77
CA GLU D 105 -23.34 -2.52 8.34
C GLU D 105 -24.66 -3.02 8.92
N ARG D 106 -25.39 -3.79 8.12
CA ARG D 106 -26.69 -4.31 8.54
C ARG D 106 -26.58 -5.26 9.72
N THR D 107 -25.58 -6.14 9.69
CA THR D 107 -25.43 -7.14 10.74
C THR D 107 -25.19 -6.51 12.11
N LEU D 108 -24.31 -5.53 12.17
CA LEU D 108 -24.03 -4.82 13.41
C LEU D 108 -25.29 -4.13 13.93
N ASP D 109 -26.07 -3.55 13.01
CA ASP D 109 -27.34 -2.93 13.39
C ASP D 109 -28.34 -3.99 13.81
N TYR D 110 -28.24 -5.17 13.23
CA TYR D 110 -29.11 -6.29 13.59
C TYR D 110 -28.94 -6.65 15.05
N HIS D 111 -27.70 -6.67 15.52
CA HIS D 111 -27.41 -6.98 16.91
C HIS D 111 -27.85 -5.84 17.83
N ASP D 112 -27.60 -4.61 17.39
CA ASP D 112 -28.03 -3.45 18.15
C ASP D 112 -29.53 -3.54 18.39
N SER D 113 -30.27 -3.91 17.35
CA SER D 113 -31.70 -4.08 17.44
C SER D 113 -32.09 -5.15 18.45
N ASN D 114 -31.39 -6.27 18.44
CA ASN D 114 -31.72 -7.37 19.33
C ASN D 114 -31.52 -7.01 20.80
N VAL D 115 -30.48 -6.25 21.09
CA VAL D 115 -30.22 -5.80 22.45
C VAL D 115 -31.27 -4.79 22.91
N LYS D 116 -31.50 -3.79 22.07
CA LYS D 116 -32.53 -2.79 22.33
C LYS D 116 -33.89 -3.45 22.58
N ASN D 117 -34.21 -4.47 21.80
CA ASN D 117 -35.48 -5.16 21.94
C ASN D 117 -35.57 -5.97 23.22
N LEU D 118 -34.45 -6.56 23.63
CA LEU D 118 -34.41 -7.34 24.86
C LEU D 118 -34.61 -6.44 26.07
N TYR D 119 -34.08 -5.22 25.97
CA TYR D 119 -34.26 -4.23 27.03
C TYR D 119 -35.71 -3.77 27.09
N GLU D 120 -36.25 -3.36 25.95
CA GLU D 120 -37.64 -2.94 25.86
C GLU D 120 -38.57 -4.01 26.41
N LYS D 121 -38.26 -5.27 26.14
CA LYS D 121 -39.08 -6.39 26.59
C LYS D 121 -39.21 -6.43 28.11
N VAL D 122 -38.07 -6.31 28.79
CA VAL D 122 -38.02 -6.34 30.24
C VAL D 122 -38.65 -5.08 30.84
N ARG D 123 -38.24 -3.92 30.31
CA ARG D 123 -38.74 -2.64 30.82
C ARG D 123 -40.25 -2.55 30.81
N SER D 124 -40.86 -2.97 29.70
CA SER D 124 -42.31 -2.92 29.57
C SER D 124 -42.96 -4.05 30.35
N GLN D 125 -42.14 -4.82 31.06
CA GLN D 125 -42.64 -5.93 31.87
C GLN D 125 -42.74 -5.52 33.33
N LEU D 126 -41.68 -4.89 33.85
CA LEU D 126 -41.71 -4.34 35.20
C LEU D 126 -41.78 -2.83 35.16
N LYS D 127 -42.99 -2.29 35.07
CA LYS D 127 -43.19 -0.84 34.97
C LYS D 127 -42.73 -0.02 36.17
N ASN D 128 -43.41 -0.19 37.29
CA ASN D 128 -43.14 0.57 38.50
C ASN D 128 -42.17 -0.22 39.40
N ASN D 129 -42.31 -1.53 39.39
CA ASN D 129 -41.57 -2.40 40.31
C ASN D 129 -40.05 -2.24 40.25
N ALA D 130 -39.58 -1.40 39.34
CA ALA D 130 -38.15 -1.13 39.20
C ALA D 130 -37.91 0.14 38.40
N LYS D 131 -36.82 0.84 38.71
CA LYS D 131 -36.52 2.09 38.03
C LYS D 131 -35.29 1.95 37.13
N GLU D 132 -35.33 2.62 35.99
CA GLU D 132 -34.23 2.59 35.03
C GLU D 132 -33.03 3.39 35.55
N ILE D 133 -31.91 2.72 35.73
CA ILE D 133 -30.67 3.41 36.08
C ILE D 133 -30.22 4.25 34.89
N GLY D 134 -30.45 3.72 33.69
CA GLY D 134 -30.09 4.40 32.47
C GLY D 134 -28.93 3.74 31.74
N ASN D 135 -28.38 2.70 32.35
CA ASN D 135 -27.24 1.99 31.78
C ASN D 135 -27.64 0.61 31.29
N GLY D 136 -28.91 0.48 30.90
CA GLY D 136 -29.46 -0.82 30.55
C GLY D 136 -29.64 -1.62 31.82
N CYS D 137 -29.68 -0.92 32.94
CA CYS D 137 -29.83 -1.55 34.24
C CYS D 137 -31.14 -1.18 34.91
N PHE D 138 -31.76 -2.17 35.56
CA PHE D 138 -32.99 -1.94 36.30
C PHE D 138 -32.74 -2.17 37.79
N GLU D 139 -33.15 -1.20 38.61
CA GLU D 139 -33.03 -1.33 40.06
C GLU D 139 -34.39 -1.65 40.66
N PHE D 140 -34.52 -2.83 41.25
CA PHE D 140 -35.80 -3.29 41.80
C PHE D 140 -36.23 -2.51 43.04
N TYR D 141 -37.50 -2.14 43.07
CA TYR D 141 -38.08 -1.54 44.26
C TYR D 141 -38.55 -2.64 45.22
N HIS D 142 -38.94 -3.78 44.65
CA HIS D 142 -39.33 -4.93 45.44
C HIS D 142 -38.23 -5.98 45.40
N LYS D 143 -37.87 -6.51 46.58
CA LYS D 143 -36.86 -7.55 46.67
C LYS D 143 -37.08 -8.62 45.60
N CYS D 144 -36.01 -9.04 44.94
CA CYS D 144 -36.12 -10.02 43.85
C CYS D 144 -35.15 -11.19 44.01
N ASP D 145 -35.68 -12.33 44.44
CA ASP D 145 -34.86 -13.52 44.61
C ASP D 145 -34.62 -14.23 43.28
N ASN D 146 -33.84 -15.31 43.32
CA ASN D 146 -33.47 -16.03 42.10
C ASN D 146 -34.66 -16.52 41.27
N THR D 147 -35.61 -17.17 41.93
CA THR D 147 -36.80 -17.67 41.23
C THR D 147 -37.65 -16.50 40.75
N CYS D 148 -37.31 -15.30 41.22
CA CYS D 148 -37.94 -14.07 40.73
C CYS D 148 -37.27 -13.59 39.45
N MET D 149 -35.94 -13.61 39.44
CA MET D 149 -35.18 -13.25 38.26
C MET D 149 -35.60 -14.15 37.10
N GLU D 150 -36.04 -15.35 37.42
CA GLU D 150 -36.49 -16.31 36.41
C GLU D 150 -37.73 -15.79 35.69
N SER D 151 -38.69 -15.29 36.46
CA SER D 151 -39.94 -14.80 35.89
C SER D 151 -39.72 -13.57 35.02
N VAL D 152 -38.50 -13.05 35.03
CA VAL D 152 -38.16 -11.89 34.20
C VAL D 152 -37.55 -12.36 32.89
N LYS D 153 -36.66 -13.36 32.97
CA LYS D 153 -36.03 -13.92 31.79
C LYS D 153 -37.05 -14.69 30.95
N ASN D 154 -37.78 -15.59 31.58
CA ASN D 154 -38.84 -16.34 30.90
C ASN D 154 -39.94 -15.42 30.36
N GLY D 155 -39.86 -14.14 30.73
CA GLY D 155 -40.87 -13.18 30.31
C GLY D 155 -42.18 -13.44 31.01
N THR D 156 -42.13 -14.26 32.06
CA THR D 156 -43.32 -14.61 32.83
C THR D 156 -43.30 -13.91 34.19
N TYR D 157 -43.20 -12.59 34.16
CA TYR D 157 -43.13 -11.78 35.36
C TYR D 157 -44.51 -11.30 35.82
N ASP D 158 -44.96 -11.83 36.95
CA ASP D 158 -46.18 -11.36 37.62
C ASP D 158 -45.94 -9.91 38.03
N TYR D 159 -47.02 -9.17 38.24
CA TYR D 159 -46.93 -7.77 38.63
C TYR D 159 -47.38 -7.71 40.08
N PRO D 160 -48.68 -7.54 40.29
CA PRO D 160 -49.25 -7.47 41.63
C PRO D 160 -48.19 -7.69 42.71
N LYS D 161 -47.42 -6.64 43.00
CA LYS D 161 -46.37 -6.73 44.01
C LYS D 161 -45.74 -5.36 44.28
N TYR D 162 -46.39 -4.31 43.78
CA TYR D 162 -45.90 -2.95 43.97
C TYR D 162 -45.74 -2.56 45.44
N SER D 163 -44.53 -2.12 45.81
CA SER D 163 -44.22 -1.75 47.18
C SER D 163 -44.00 -0.30 47.60
N GLU D 164 -42.79 0.19 47.38
CA GLU D 164 -42.41 1.55 47.75
C GLU D 164 -41.17 1.94 46.95
N ASP E 2 -38.67 27.74 30.62
CA ASP E 2 -37.33 27.31 30.25
C ASP E 2 -37.34 26.00 29.50
N THR E 3 -37.16 26.06 28.18
CA THR E 3 -37.25 24.88 27.34
C THR E 3 -35.96 24.57 26.59
N LEU E 4 -35.76 23.30 26.28
CA LEU E 4 -34.62 22.86 25.47
C LEU E 4 -35.12 21.94 24.36
N CYS E 5 -34.84 22.31 23.12
CA CYS E 5 -35.31 21.52 21.98
C CYS E 5 -34.18 20.79 21.25
N ILE E 6 -34.53 19.68 20.61
CA ILE E 6 -33.57 18.91 19.83
C ILE E 6 -34.03 18.81 18.38
N GLY E 7 -33.20 19.30 17.46
CA GLY E 7 -33.56 19.34 16.06
C GLY E 7 -32.41 19.06 15.12
N TYR E 8 -32.63 19.34 13.84
CA TYR E 8 -31.63 19.04 12.81
C TYR E 8 -31.48 20.17 11.79
N HIS E 9 -30.40 20.10 11.02
CA HIS E 9 -30.00 21.16 10.09
C HIS E 9 -31.02 21.36 8.96
N ALA E 10 -30.92 22.52 8.31
CA ALA E 10 -31.70 22.83 7.12
C ALA E 10 -31.05 23.99 6.40
N ASN E 11 -31.32 24.14 5.11
CA ASN E 11 -30.71 25.21 4.33
C ASN E 11 -31.45 25.54 3.04
N ASN E 12 -30.85 26.41 2.24
CA ASN E 12 -31.47 26.86 0.99
C ASN E 12 -31.25 25.88 -0.16
N SER E 13 -30.60 24.76 0.14
CA SER E 13 -30.29 23.76 -0.87
C SER E 13 -31.52 23.29 -1.62
N THR E 14 -31.34 23.01 -2.91
CA THR E 14 -32.43 22.51 -3.75
C THR E 14 -32.11 21.12 -4.31
N ASP E 15 -30.92 20.62 -3.99
CA ASP E 15 -30.49 19.30 -4.43
C ASP E 15 -31.55 18.24 -4.13
N THR E 16 -31.90 17.46 -5.16
CA THR E 16 -32.80 16.32 -4.98
C THR E 16 -32.07 15.01 -5.25
N VAL E 17 -32.52 13.96 -4.59
CA VAL E 17 -31.98 12.62 -4.79
C VAL E 17 -33.12 11.61 -4.75
N ASP E 18 -32.89 10.43 -5.33
CA ASP E 18 -33.91 9.40 -5.31
C ASP E 18 -33.55 8.30 -4.32
N THR E 19 -34.57 7.72 -3.69
CA THR E 19 -34.39 6.55 -2.85
C THR E 19 -35.23 5.41 -3.39
N VAL E 20 -35.10 4.24 -2.77
CA VAL E 20 -35.90 3.09 -3.18
C VAL E 20 -37.37 3.35 -2.91
N LEU E 21 -37.66 4.12 -1.86
CA LEU E 21 -39.04 4.37 -1.44
C LEU E 21 -39.63 5.67 -1.98
N GLU E 22 -38.78 6.63 -2.29
CA GLU E 22 -39.26 7.96 -2.64
C GLU E 22 -38.37 8.64 -3.68
N LYS E 23 -39.00 9.33 -4.63
CA LYS E 23 -38.28 10.04 -5.68
C LYS E 23 -38.28 11.54 -5.41
N ASN E 24 -37.31 12.24 -6.00
CA ASN E 24 -37.21 13.69 -5.84
C ASN E 24 -37.24 14.16 -4.39
N VAL E 25 -36.31 13.66 -3.59
CA VAL E 25 -36.23 14.04 -2.19
C VAL E 25 -35.18 15.12 -1.98
N THR E 26 -35.61 16.28 -1.51
CA THR E 26 -34.71 17.40 -1.28
C THR E 26 -33.82 17.16 -0.07
N VAL E 27 -32.54 17.47 -0.22
CA VAL E 27 -31.52 17.04 0.72
C VAL E 27 -30.58 18.22 1.00
N THR E 28 -30.01 18.26 2.19
CA THR E 28 -29.15 19.40 2.58
C THR E 28 -27.81 19.35 1.86
N HIS E 29 -27.28 18.15 1.66
CA HIS E 29 -25.98 17.97 1.03
C HIS E 29 -25.96 16.72 0.17
N SER E 30 -25.11 16.71 -0.86
CA SER E 30 -25.03 15.58 -1.77
C SER E 30 -23.79 15.63 -2.66
N VAL E 31 -23.38 14.46 -3.17
CA VAL E 31 -22.27 14.36 -4.09
C VAL E 31 -22.72 13.62 -5.35
N ASN E 32 -22.05 13.87 -6.46
CA ASN E 32 -22.37 13.18 -7.71
C ASN E 32 -21.36 12.08 -8.01
N LEU E 33 -21.83 10.84 -8.12
CA LEU E 33 -20.98 9.71 -8.42
C LEU E 33 -20.73 9.56 -9.91
N LEU E 34 -21.48 10.32 -10.71
CA LEU E 34 -21.42 10.21 -12.16
C LEU E 34 -20.59 11.32 -12.80
N GLU E 35 -19.49 10.94 -13.44
CA GLU E 35 -18.67 11.90 -14.17
C GLU E 35 -19.27 12.12 -15.55
N ASP E 36 -19.66 13.36 -15.83
CA ASP E 36 -20.25 13.69 -17.13
C ASP E 36 -19.54 14.88 -17.76
N LYS E 37 -18.25 14.99 -17.52
CA LYS E 37 -17.49 16.15 -17.95
C LYS E 37 -16.15 15.75 -18.58
N HIS E 38 -15.94 16.15 -19.82
CA HIS E 38 -14.69 15.89 -20.51
C HIS E 38 -14.07 17.19 -21.02
N ASN E 39 -12.76 17.17 -21.25
CA ASN E 39 -12.05 18.37 -21.67
C ASN E 39 -11.96 18.55 -23.19
N GLY E 40 -12.76 17.79 -23.92
CA GLY E 40 -12.84 17.91 -25.36
C GLY E 40 -11.49 18.02 -26.06
N LYS E 41 -10.53 17.22 -25.59
CA LYS E 41 -9.19 17.20 -26.17
C LYS E 41 -8.60 15.79 -26.18
N LEU E 42 -7.77 15.52 -27.17
CA LEU E 42 -7.01 14.27 -27.22
C LEU E 42 -5.65 14.49 -26.58
N CYS E 43 -5.43 13.89 -25.43
CA CYS E 43 -4.25 14.17 -24.63
C CYS E 43 -3.29 12.99 -24.56
N LYS E 44 -2.17 13.18 -23.89
CA LYS E 44 -1.22 12.10 -23.65
C LYS E 44 -1.82 11.11 -22.68
N LEU E 45 -1.59 9.83 -22.93
CA LEU E 45 -2.14 8.79 -22.05
C LEU E 45 -1.33 8.41 -20.83
N ARG E 46 -0.19 7.74 -21.05
CA ARG E 46 0.68 7.38 -19.93
C ARG E 46 1.53 8.57 -19.50
N GLY E 47 2.49 8.95 -20.34
CA GLY E 47 3.24 10.17 -20.16
C GLY E 47 3.41 10.57 -21.60
N VAL E 48 3.21 9.60 -22.49
CA VAL E 48 3.46 9.75 -23.91
C VAL E 48 2.28 10.26 -24.72
N ALA E 49 2.56 11.03 -25.77
CA ALA E 49 1.51 11.53 -26.65
C ALA E 49 1.11 10.49 -27.68
N PRO E 50 -0.07 10.67 -28.29
CA PRO E 50 -0.55 9.75 -29.33
C PRO E 50 0.08 10.07 -30.69
N LEU E 51 0.11 9.08 -31.57
CA LEU E 51 0.59 9.29 -32.93
C LEU E 51 -0.56 9.80 -33.80
N HIS E 52 -0.45 11.02 -34.27
CA HIS E 52 -1.52 11.59 -35.10
C HIS E 52 -1.17 11.49 -36.58
N LEU E 53 -1.98 10.77 -37.34
CA LEU E 53 -1.75 10.62 -38.77
C LEU E 53 -2.43 11.75 -39.54
N GLY E 54 -3.38 12.41 -38.91
CA GLY E 54 -4.09 13.51 -39.52
C GLY E 54 -4.76 13.13 -40.84
N LYS E 55 -4.12 13.54 -41.93
CA LYS E 55 -4.67 13.32 -43.26
C LYS E 55 -4.70 11.85 -43.69
N CYS E 56 -3.77 11.06 -43.17
CA CYS E 56 -3.59 9.70 -43.65
C CYS E 56 -4.09 8.67 -42.65
N ASN E 57 -4.23 7.44 -43.11
CA ASN E 57 -4.54 6.32 -42.23
C ASN E 57 -3.35 5.39 -42.13
N ILE E 58 -3.42 4.43 -41.21
CA ILE E 58 -2.29 3.54 -40.95
C ILE E 58 -1.69 3.01 -42.26
N ALA E 59 -2.55 2.51 -43.14
CA ALA E 59 -2.12 1.97 -44.41
C ALA E 59 -1.18 2.93 -45.13
N GLY E 60 -1.65 4.15 -45.33
CA GLY E 60 -0.85 5.16 -46.02
C GLY E 60 0.42 5.49 -45.26
N TRP E 61 0.33 5.52 -43.94
CA TRP E 61 1.45 5.94 -43.10
C TRP E 61 2.63 4.98 -43.14
N ILE E 62 2.35 3.68 -43.08
CA ILE E 62 3.41 2.68 -43.02
C ILE E 62 3.98 2.37 -44.39
N LEU E 63 3.11 2.39 -45.40
CA LEU E 63 3.56 2.17 -46.77
C LEU E 63 4.36 3.36 -47.27
N GLY E 64 4.08 4.54 -46.70
CA GLY E 64 4.80 5.74 -47.08
C GLY E 64 4.13 6.48 -48.22
N ASN E 65 2.80 6.49 -48.23
CA ASN E 65 2.06 7.28 -49.20
C ASN E 65 2.68 8.67 -49.31
N PRO E 66 2.88 9.16 -50.55
CA PRO E 66 3.52 10.44 -50.81
C PRO E 66 2.88 11.60 -50.04
N GLU E 67 1.65 11.42 -49.58
CA GLU E 67 0.93 12.47 -48.86
C GLU E 67 1.23 12.46 -47.36
N CYS E 68 1.63 11.30 -46.84
CA CYS E 68 1.93 11.15 -45.42
C CYS E 68 3.41 11.40 -45.17
N GLU E 69 3.93 12.48 -45.74
CA GLU E 69 5.36 12.73 -45.77
C GLU E 69 5.86 13.51 -44.56
N SER E 70 4.92 14.06 -43.78
CA SER E 70 5.25 15.06 -42.78
C SER E 70 5.29 14.55 -41.34
N LEU E 71 4.93 13.28 -41.13
CA LEU E 71 4.36 12.87 -39.84
C LEU E 71 4.96 12.40 -38.51
N SER E 72 5.78 11.35 -38.58
CA SER E 72 6.14 10.56 -37.41
C SER E 72 7.49 11.08 -36.96
N THR E 73 7.50 12.23 -36.32
CA THR E 73 8.69 12.68 -35.62
C THR E 73 8.77 11.87 -34.34
N ALA E 74 8.13 10.69 -34.30
CA ALA E 74 7.98 10.04 -33.02
C ALA E 74 8.59 8.63 -32.92
N SER E 75 9.24 8.37 -31.78
CA SER E 75 9.87 7.10 -31.54
C SER E 75 9.03 6.24 -30.59
N SER E 76 7.87 6.78 -30.22
CA SER E 76 6.93 6.05 -29.36
C SER E 76 5.62 6.80 -29.27
N TRP E 77 4.55 6.07 -28.95
CA TRP E 77 3.24 6.68 -28.77
C TRP E 77 2.35 5.78 -27.93
N SER E 78 1.42 6.40 -27.21
CA SER E 78 0.54 5.68 -26.30
C SER E 78 -0.65 5.08 -27.04
N TYR E 79 -1.09 5.75 -28.10
CA TYR E 79 -2.19 5.28 -28.93
C TYR E 79 -2.18 6.03 -30.24
N ILE E 80 -3.07 5.66 -31.16
CA ILE E 80 -3.07 6.26 -32.49
C ILE E 80 -4.36 7.01 -32.77
N VAL E 81 -4.24 8.12 -33.49
CA VAL E 81 -5.40 8.93 -33.83
C VAL E 81 -5.55 9.12 -35.33
N GLU E 82 -6.64 8.61 -35.89
CA GLU E 82 -6.99 8.88 -37.26
C GLU E 82 -8.17 9.83 -37.28
N THR E 83 -8.31 10.60 -38.36
CA THR E 83 -9.49 11.45 -38.51
C THR E 83 -10.53 10.72 -39.34
N PRO E 84 -11.82 10.99 -39.09
CA PRO E 84 -12.90 10.31 -39.81
C PRO E 84 -12.84 10.57 -41.32
N SER E 85 -12.06 11.56 -41.73
CA SER E 85 -12.00 11.94 -43.14
C SER E 85 -10.60 11.75 -43.74
N SER E 86 -9.71 11.09 -43.01
CA SER E 86 -8.36 10.82 -43.50
C SER E 86 -8.40 9.65 -44.51
N ASP E 87 -8.26 9.97 -45.80
CA ASP E 87 -8.51 8.99 -46.85
C ASP E 87 -7.25 8.42 -47.48
N ASN E 88 -6.14 9.12 -47.29
CA ASN E 88 -4.91 8.82 -47.99
C ASN E 88 -4.24 7.59 -47.43
N GLY E 89 -4.39 6.43 -48.08
CA GLY E 89 -3.70 5.25 -47.61
C GLY E 89 -3.04 4.49 -48.74
N THR E 90 -3.63 3.38 -49.16
CA THR E 90 -3.09 2.62 -50.29
C THR E 90 -3.60 3.19 -51.62
N CYS E 91 -2.85 4.16 -52.15
CA CYS E 91 -3.23 4.85 -53.38
C CYS E 91 -3.39 3.91 -54.57
N TYR E 92 -2.49 2.95 -54.71
CA TYR E 92 -2.62 1.94 -55.75
C TYR E 92 -3.60 0.87 -55.27
N PRO E 93 -4.71 0.70 -56.00
CA PRO E 93 -5.76 -0.23 -55.60
C PRO E 93 -5.20 -1.60 -55.29
N GLY E 94 -5.63 -2.20 -54.20
CA GLY E 94 -5.16 -3.52 -53.82
C GLY E 94 -5.74 -4.01 -52.51
N ASP E 95 -5.18 -5.08 -51.99
CA ASP E 95 -5.69 -5.70 -50.77
C ASP E 95 -4.58 -5.73 -49.72
N PHE E 96 -4.80 -5.03 -48.62
CA PHE E 96 -3.86 -5.04 -47.51
C PHE E 96 -4.19 -6.23 -46.60
N ILE E 97 -3.34 -7.24 -46.64
CA ILE E 97 -3.61 -8.48 -45.90
C ILE E 97 -3.38 -8.32 -44.40
N ASP E 98 -4.30 -8.85 -43.60
CA ASP E 98 -4.23 -8.73 -42.15
C ASP E 98 -4.02 -7.28 -41.72
N TYR E 99 -4.73 -6.37 -42.38
CA TYR E 99 -4.60 -4.95 -42.11
C TYR E 99 -5.03 -4.62 -40.68
N GLU E 100 -6.21 -5.07 -40.29
CA GLU E 100 -6.73 -4.81 -38.95
C GLU E 100 -5.77 -5.33 -37.89
N GLU E 101 -5.22 -6.52 -38.11
CA GLU E 101 -4.26 -7.08 -37.17
C GLU E 101 -3.05 -6.18 -37.05
N LEU E 102 -2.58 -5.66 -38.18
CA LEU E 102 -1.41 -4.78 -38.18
C LEU E 102 -1.70 -3.51 -37.38
N ARG E 103 -2.84 -2.90 -37.67
CA ARG E 103 -3.25 -1.69 -36.94
C ARG E 103 -3.24 -1.92 -35.44
N GLU E 104 -3.70 -3.09 -35.01
CA GLU E 104 -3.71 -3.43 -33.59
C GLU E 104 -2.29 -3.52 -33.04
N GLN E 105 -1.42 -4.20 -33.78
CA GLN E 105 -0.05 -4.41 -33.34
C GLN E 105 0.70 -3.09 -33.23
N LEU E 106 0.29 -2.13 -34.06
CA LEU E 106 0.95 -0.83 -34.11
C LEU E 106 0.30 0.21 -33.20
N SER E 107 -0.82 -0.16 -32.58
CA SER E 107 -1.63 0.79 -31.81
C SER E 107 -0.82 1.55 -30.76
N SER E 108 0.10 0.85 -30.11
CA SER E 108 0.98 1.47 -29.14
C SER E 108 2.36 0.86 -29.19
N VAL E 109 3.37 1.71 -29.38
CA VAL E 109 4.75 1.22 -29.41
C VAL E 109 5.67 1.89 -28.40
N SER E 110 6.61 1.11 -27.91
CA SER E 110 7.58 1.58 -26.94
C SER E 110 8.74 2.29 -27.65
N SER E 111 9.38 1.59 -28.58
CA SER E 111 10.40 2.19 -29.44
C SER E 111 10.09 1.89 -30.91
N PHE E 112 10.38 2.85 -31.77
CA PHE E 112 9.99 2.74 -33.17
C PHE E 112 10.91 3.55 -34.09
N GLU E 113 11.94 2.90 -34.63
CA GLU E 113 12.84 3.57 -35.56
C GLU E 113 12.77 2.95 -36.95
N ARG E 114 12.65 3.81 -37.95
CA ARG E 114 12.55 3.37 -39.34
C ARG E 114 13.90 3.43 -40.02
N PHE E 115 14.31 2.32 -40.63
CA PHE E 115 15.61 2.25 -41.29
C PHE E 115 15.49 1.70 -42.71
N GLU E 116 16.53 1.90 -43.50
CA GLU E 116 16.54 1.45 -44.90
C GLU E 116 17.03 0.00 -44.99
N ILE E 117 16.09 -0.93 -44.94
CA ILE E 117 16.42 -2.36 -44.94
C ILE E 117 17.18 -2.77 -46.21
N PHE E 118 16.69 -2.33 -47.36
CA PHE E 118 17.35 -2.60 -48.63
C PHE E 118 17.66 -1.31 -49.38
N PRO E 119 18.83 -0.70 -49.08
CA PRO E 119 19.28 0.56 -49.68
C PRO E 119 19.06 0.58 -51.18
N LYS E 120 18.40 1.62 -51.67
CA LYS E 120 18.02 1.71 -53.08
C LYS E 120 19.21 1.64 -54.03
N THR E 121 20.29 2.33 -53.66
CA THR E 121 21.45 2.44 -54.54
C THR E 121 22.23 1.15 -54.70
N SER E 122 22.45 0.44 -53.59
CA SER E 122 23.35 -0.71 -53.59
C SER E 122 22.65 -2.07 -53.72
N SER E 123 21.34 -2.10 -53.47
CA SER E 123 20.62 -3.36 -53.35
C SER E 123 20.24 -4.02 -54.68
N TRP E 124 19.69 -3.23 -55.60
CA TRP E 124 19.19 -3.78 -56.85
C TRP E 124 20.00 -3.27 -58.04
N PRO E 125 21.05 -4.02 -58.41
CA PRO E 125 21.98 -3.69 -59.50
C PRO E 125 21.50 -4.19 -60.86
N ASN E 126 20.62 -5.20 -60.87
CA ASN E 126 20.20 -5.82 -62.11
C ASN E 126 18.75 -5.51 -62.47
N HIS E 127 18.16 -4.57 -61.75
CA HIS E 127 16.77 -4.19 -61.99
C HIS E 127 16.62 -2.67 -61.92
N ASP E 128 15.58 -2.16 -62.57
CA ASP E 128 15.33 -0.73 -62.58
C ASP E 128 14.53 -0.30 -61.35
N SER E 129 15.13 0.57 -60.53
CA SER E 129 14.49 1.03 -59.31
C SER E 129 14.08 2.49 -59.39
N ASN E 130 13.87 2.98 -60.61
CA ASN E 130 13.54 4.38 -60.83
C ASN E 130 12.24 4.57 -61.60
N LYS E 131 11.94 3.64 -62.50
CA LYS E 131 10.75 3.73 -63.33
C LYS E 131 9.48 3.39 -62.56
N GLY E 132 9.64 2.86 -61.35
CA GLY E 132 8.52 2.37 -60.57
C GLY E 132 7.65 3.45 -59.94
N VAL E 133 7.04 4.28 -60.79
CA VAL E 133 6.09 5.30 -60.31
C VAL E 133 4.78 5.21 -61.07
N THR E 134 3.72 5.77 -60.51
CA THR E 134 2.39 5.67 -61.10
C THR E 134 1.57 6.93 -60.89
N ALA E 135 0.57 7.14 -61.75
CA ALA E 135 -0.32 8.28 -61.65
C ALA E 135 -1.36 8.05 -60.56
N ALA E 136 -1.32 6.88 -59.93
CA ALA E 136 -2.24 6.56 -58.86
C ALA E 136 -1.69 7.07 -57.53
N CYS E 137 -0.41 7.43 -57.52
CA CYS E 137 0.22 7.96 -56.32
C CYS E 137 0.97 9.25 -56.62
N PRO E 138 0.21 10.33 -56.87
CA PRO E 138 0.72 11.64 -57.28
C PRO E 138 1.24 12.45 -56.10
N HIS E 139 2.41 13.06 -56.25
CA HIS E 139 2.92 14.00 -55.27
C HIS E 139 3.28 15.32 -55.95
N ALA E 140 2.32 16.24 -55.96
CA ALA E 140 2.50 17.52 -56.63
C ALA E 140 2.54 17.34 -58.15
N GLY E 141 1.46 16.80 -58.70
CA GLY E 141 1.33 16.63 -60.14
C GLY E 141 2.16 15.51 -60.70
N ALA E 142 3.34 15.28 -60.12
CA ALA E 142 4.26 14.27 -60.60
C ALA E 142 3.82 12.87 -60.18
N LYS E 143 4.00 11.89 -61.06
CA LYS E 143 3.75 10.50 -60.70
C LYS E 143 4.78 10.04 -59.68
N SER E 144 4.31 9.41 -58.61
CA SER E 144 5.18 8.98 -57.54
C SER E 144 4.61 7.70 -56.94
N PHE E 145 5.22 7.25 -55.84
CA PHE E 145 4.84 5.98 -55.23
C PHE E 145 5.21 5.95 -53.76
N TYR E 146 4.84 4.88 -53.06
CA TYR E 146 5.14 4.75 -51.65
C TYR E 146 6.63 4.96 -51.41
N LYS E 147 6.96 5.57 -50.28
CA LYS E 147 8.36 5.86 -49.95
C LYS E 147 9.08 4.64 -49.38
N ASN E 148 8.35 3.77 -48.71
CA ASN E 148 8.94 2.63 -48.01
C ASN E 148 9.07 1.38 -48.87
N LEU E 149 8.51 1.44 -50.08
CA LEU E 149 8.62 0.32 -51.02
C LEU E 149 9.21 0.82 -52.34
N ILE E 150 9.75 -0.11 -53.12
CA ILE E 150 10.27 0.22 -54.45
C ILE E 150 9.71 -0.73 -55.49
N TRP E 151 9.09 -0.17 -56.52
CA TRP E 151 8.48 -0.98 -57.57
C TRP E 151 9.52 -1.39 -58.62
N LEU E 152 10.19 -2.51 -58.38
CA LEU E 152 11.23 -2.99 -59.30
C LEU E 152 10.67 -3.42 -60.64
N VAL E 153 11.15 -2.79 -61.70
CA VAL E 153 10.79 -3.18 -63.05
C VAL E 153 12.01 -3.69 -63.81
N LYS E 154 11.77 -4.32 -64.95
CA LYS E 154 12.87 -4.88 -65.74
C LYS E 154 13.87 -3.82 -66.16
N LYS E 155 15.13 -4.23 -66.32
CA LYS E 155 16.18 -3.33 -66.79
C LYS E 155 16.47 -3.60 -68.27
N GLY E 156 15.72 -2.94 -69.14
CA GLY E 156 15.88 -3.10 -70.58
C GLY E 156 15.72 -4.53 -71.05
N ASN E 157 14.46 -4.98 -71.15
CA ASN E 157 14.17 -6.32 -71.66
C ASN E 157 14.83 -7.45 -70.90
N SER E 158 15.14 -7.24 -69.62
CA SER E 158 15.73 -8.27 -68.79
C SER E 158 15.33 -8.16 -67.32
N TYR E 159 14.76 -9.24 -66.79
CA TYR E 159 14.41 -9.30 -65.38
C TYR E 159 14.94 -10.60 -64.78
N PRO E 160 16.20 -10.59 -64.34
CA PRO E 160 16.86 -11.77 -63.79
C PRO E 160 16.25 -12.17 -62.46
N LYS E 161 16.19 -13.46 -62.16
CA LYS E 161 15.72 -13.90 -60.85
C LYS E 161 16.48 -13.14 -59.79
N LEU E 162 15.75 -12.44 -58.93
CA LEU E 162 16.38 -11.68 -57.88
C LEU E 162 16.29 -12.44 -56.56
N SER E 163 17.26 -12.21 -55.68
CA SER E 163 17.30 -12.89 -54.39
C SER E 163 18.04 -12.03 -53.38
N LYS E 164 17.29 -11.38 -52.51
CA LYS E 164 17.86 -10.53 -51.48
C LYS E 164 17.43 -11.00 -50.09
N SER E 165 18.35 -10.98 -49.13
CA SER E 165 18.03 -11.39 -47.76
C SER E 165 18.44 -10.33 -46.76
N TYR E 166 17.59 -10.11 -45.76
CA TYR E 166 17.94 -9.26 -44.64
C TYR E 166 18.01 -10.07 -43.36
N ILE E 167 18.97 -9.74 -42.51
CA ILE E 167 19.12 -10.43 -41.24
C ILE E 167 18.97 -9.43 -40.09
N ASN E 168 17.98 -9.68 -39.24
CA ASN E 168 17.63 -8.74 -38.17
C ASN E 168 18.74 -8.60 -37.14
N ASP E 169 19.56 -7.57 -37.30
CA ASP E 169 20.69 -7.33 -36.41
C ASP E 169 20.36 -6.28 -35.35
N LYS E 170 19.11 -5.81 -35.34
CA LYS E 170 18.64 -4.95 -34.27
C LYS E 170 18.47 -5.78 -33.02
N GLY E 171 17.99 -5.16 -31.95
CA GLY E 171 17.73 -5.87 -30.72
C GLY E 171 16.25 -6.15 -30.51
N LYS E 172 15.46 -5.75 -31.50
CA LYS E 172 14.01 -5.79 -31.39
C LYS E 172 13.41 -6.38 -32.66
N GLU E 173 12.09 -6.50 -32.69
CA GLU E 173 11.40 -6.99 -33.87
C GLU E 173 11.51 -5.99 -35.01
N VAL E 174 11.57 -6.50 -36.24
CA VAL E 174 11.55 -5.64 -37.41
C VAL E 174 10.28 -5.88 -38.22
N LEU E 175 9.53 -4.81 -38.46
CA LEU E 175 8.32 -4.90 -39.28
C LEU E 175 8.67 -4.71 -40.75
N VAL E 176 8.52 -5.76 -41.54
CA VAL E 176 8.84 -5.71 -42.96
C VAL E 176 7.59 -5.73 -43.82
N LEU E 177 7.47 -4.76 -44.72
CA LEU E 177 6.33 -4.69 -45.61
C LEU E 177 6.77 -4.85 -47.05
N TRP E 178 5.91 -5.45 -47.86
CA TRP E 178 6.18 -5.61 -49.29
C TRP E 178 4.87 -5.77 -50.05
N GLY E 179 4.94 -5.63 -51.37
CA GLY E 179 3.75 -5.75 -52.19
C GLY E 179 3.91 -6.73 -53.33
N ILE E 180 2.80 -7.29 -53.79
CA ILE E 180 2.79 -8.13 -54.98
C ILE E 180 1.90 -7.46 -56.02
N HIS E 181 2.43 -7.28 -57.23
CA HIS E 181 1.69 -6.57 -58.27
C HIS E 181 1.02 -7.51 -59.25
N HIS E 182 -0.28 -7.30 -59.47
CA HIS E 182 -1.05 -8.08 -60.41
C HIS E 182 -1.47 -7.22 -61.60
N PRO E 183 -0.70 -7.28 -62.70
CA PRO E 183 -1.00 -6.52 -63.91
C PRO E 183 -2.39 -6.83 -64.46
N SER E 184 -2.93 -5.92 -65.26
CA SER E 184 -4.26 -6.08 -65.83
C SER E 184 -4.26 -6.96 -67.07
N THR E 185 -3.17 -6.89 -67.83
CA THR E 185 -3.06 -7.64 -69.08
C THR E 185 -1.69 -8.29 -69.22
N SER E 186 -1.67 -9.44 -69.87
CA SER E 186 -0.43 -10.19 -70.06
C SER E 186 0.60 -9.40 -70.85
N ALA E 187 0.15 -8.35 -71.52
CA ALA E 187 1.04 -7.45 -72.23
C ALA E 187 1.73 -6.52 -71.23
N ASP E 188 0.94 -5.94 -70.33
CA ASP E 188 1.49 -5.14 -69.25
C ASP E 188 2.49 -5.95 -68.45
N GLN E 189 2.22 -7.25 -68.34
CA GLN E 189 3.08 -8.15 -67.60
C GLN E 189 4.50 -8.16 -68.16
N GLN E 190 4.64 -8.45 -69.44
CA GLN E 190 5.97 -8.55 -70.05
C GLN E 190 6.56 -7.17 -70.27
N SER E 191 5.69 -6.17 -70.38
CA SER E 191 6.14 -4.79 -70.48
C SER E 191 6.91 -4.39 -69.23
N LEU E 192 6.44 -4.86 -68.07
CA LEU E 192 7.05 -4.51 -66.80
C LEU E 192 8.15 -5.47 -66.37
N TYR E 193 7.91 -6.77 -66.52
CA TYR E 193 8.86 -7.78 -66.04
C TYR E 193 8.68 -8.58 -67.34
N GLN E 194 9.73 -8.65 -68.16
CA GLN E 194 9.71 -9.40 -69.42
C GLN E 194 9.02 -10.77 -69.35
N ASN E 195 9.46 -11.60 -68.43
CA ASN E 195 8.95 -12.95 -68.25
C ASN E 195 7.42 -12.99 -68.11
N ALA E 196 6.79 -13.99 -68.74
CA ALA E 196 5.34 -14.10 -68.72
C ALA E 196 4.84 -14.88 -67.51
N ASP E 197 5.51 -15.98 -67.20
CA ASP E 197 5.15 -16.81 -66.06
C ASP E 197 6.12 -16.57 -64.91
N THR E 198 5.70 -15.78 -63.93
CA THR E 198 6.58 -15.37 -62.84
C THR E 198 6.09 -15.83 -61.47
N TYR E 199 6.86 -15.50 -60.45
CA TYR E 199 6.53 -15.89 -59.09
C TYR E 199 7.34 -15.07 -58.09
N VAL E 200 6.78 -14.82 -56.92
CA VAL E 200 7.59 -14.27 -55.85
C VAL E 200 7.50 -15.12 -54.60
N PHE E 201 8.62 -15.20 -53.88
CA PHE E 201 8.68 -16.01 -52.67
C PHE E 201 9.30 -15.23 -51.52
N VAL E 202 8.59 -15.21 -50.39
CA VAL E 202 9.11 -14.61 -49.16
C VAL E 202 9.18 -15.67 -48.09
N GLY E 203 10.28 -15.69 -47.34
CA GLY E 203 10.45 -16.68 -46.29
C GLY E 203 11.43 -16.35 -45.18
N SER E 204 10.99 -16.54 -43.94
CA SER E 204 11.86 -16.45 -42.77
C SER E 204 11.86 -17.77 -42.02
N SER E 205 12.08 -17.71 -40.71
CA SER E 205 12.02 -18.91 -39.89
C SER E 205 10.58 -19.32 -39.58
N ARG E 206 9.67 -18.36 -39.62
CA ARG E 206 8.28 -18.62 -39.29
C ARG E 206 7.35 -18.36 -40.47
N TYR E 207 7.72 -17.41 -41.32
CA TYR E 207 6.92 -17.06 -42.48
C TYR E 207 7.41 -17.78 -43.73
N SER E 208 6.47 -18.13 -44.61
CA SER E 208 6.79 -18.78 -45.87
C SER E 208 5.58 -18.78 -46.78
N LYS E 209 5.71 -18.14 -47.94
CA LYS E 209 4.60 -18.05 -48.88
C LYS E 209 5.08 -17.75 -50.29
N LYS E 210 4.53 -18.48 -51.26
CA LYS E 210 4.85 -18.26 -52.67
C LYS E 210 3.68 -17.54 -53.33
N PHE E 211 4.00 -16.51 -54.12
CA PHE E 211 2.96 -15.68 -54.72
C PHE E 211 2.93 -15.82 -56.23
N LYS E 212 1.74 -16.06 -56.77
CA LYS E 212 1.54 -16.12 -58.20
C LYS E 212 0.69 -14.95 -58.67
N PRO E 213 1.23 -14.12 -59.56
CA PRO E 213 0.50 -12.96 -60.10
C PRO E 213 -0.78 -13.38 -60.80
N GLU E 214 -1.90 -12.81 -60.38
CA GLU E 214 -3.19 -13.06 -61.01
C GLU E 214 -3.49 -11.95 -62.00
N ILE E 215 -3.31 -12.23 -63.28
CA ILE E 215 -3.43 -11.22 -64.33
C ILE E 215 -4.84 -11.16 -64.90
N ALA E 216 -5.45 -9.99 -64.80
CA ALA E 216 -6.82 -9.80 -65.31
C ALA E 216 -7.23 -8.33 -65.21
N ILE E 217 -8.34 -8.00 -65.87
CA ILE E 217 -8.84 -6.62 -65.86
C ILE E 217 -9.86 -6.40 -64.74
N ARG E 218 -9.42 -5.75 -63.66
CA ARG E 218 -10.34 -5.33 -62.61
C ARG E 218 -10.93 -3.96 -62.98
N PRO E 219 -12.17 -3.71 -62.53
CA PRO E 219 -12.81 -2.41 -62.75
C PRO E 219 -11.89 -1.27 -62.33
N LYS E 220 -11.82 -0.23 -63.14
CA LYS E 220 -10.91 0.89 -62.87
C LYS E 220 -11.07 1.45 -61.47
N VAL E 221 -9.96 1.54 -60.75
CA VAL E 221 -9.92 2.24 -59.48
C VAL E 221 -8.70 3.16 -59.45
N ARG E 222 -8.94 4.46 -59.28
CA ARG E 222 -7.87 5.44 -59.39
C ARG E 222 -7.04 5.17 -60.65
N GLU E 223 -7.74 4.85 -61.74
CA GLU E 223 -7.12 4.71 -63.05
C GLU E 223 -6.45 3.36 -63.28
N GLN E 224 -6.53 2.46 -62.29
CA GLN E 224 -5.81 1.21 -62.37
C GLN E 224 -6.73 0.02 -62.56
N GLU E 225 -6.50 -0.74 -63.63
CA GLU E 225 -7.25 -1.97 -63.86
C GLU E 225 -6.47 -3.14 -63.27
N GLY E 226 -5.23 -2.87 -62.88
CA GLY E 226 -4.41 -3.85 -62.20
C GLY E 226 -4.54 -3.66 -60.69
N ARG E 227 -3.98 -4.60 -59.94
CA ARG E 227 -4.06 -4.53 -58.48
C ARG E 227 -2.70 -4.73 -57.83
N MET E 228 -2.62 -4.43 -56.54
CA MET E 228 -1.38 -4.58 -55.80
C MET E 228 -1.69 -4.91 -54.34
N ASN E 229 -1.40 -6.13 -53.92
CA ASN E 229 -1.68 -6.57 -52.56
C ASN E 229 -0.47 -6.35 -51.65
N TYR E 230 -0.74 -5.91 -50.43
CA TYR E 230 0.32 -5.55 -49.50
C TYR E 230 0.42 -6.56 -48.36
N TYR E 231 1.63 -7.00 -48.08
CA TYR E 231 1.86 -7.99 -47.04
C TYR E 231 2.87 -7.49 -46.01
N TRP E 232 2.87 -8.09 -44.83
CA TRP E 232 3.76 -7.69 -43.76
C TRP E 232 4.03 -8.85 -42.82
N THR E 233 5.16 -8.78 -42.12
CA THR E 233 5.51 -9.80 -41.14
C THR E 233 6.55 -9.24 -40.17
N LEU E 234 6.57 -9.78 -38.96
CA LEU E 234 7.54 -9.36 -37.96
C LEU E 234 8.69 -10.37 -37.89
N VAL E 235 9.90 -9.89 -38.17
CA VAL E 235 11.09 -10.74 -38.15
C VAL E 235 11.73 -10.71 -36.77
N GLU E 236 11.77 -11.85 -36.10
CA GLU E 236 12.35 -11.94 -34.76
C GLU E 236 13.83 -11.56 -34.79
N PRO E 237 14.35 -11.02 -33.68
CA PRO E 237 15.76 -10.66 -33.59
C PRO E 237 16.66 -11.86 -33.84
N GLY E 238 17.63 -11.71 -34.73
CA GLY E 238 18.53 -12.80 -35.06
C GLY E 238 18.04 -13.64 -36.22
N ASP E 239 16.77 -13.49 -36.57
CA ASP E 239 16.19 -14.21 -37.68
C ASP E 239 16.46 -13.46 -38.98
N LYS E 240 16.31 -14.12 -40.11
CA LYS E 240 16.51 -13.47 -41.40
C LYS E 240 15.37 -13.77 -42.38
N ILE E 241 15.08 -12.79 -43.24
CA ILE E 241 13.97 -12.91 -44.17
C ILE E 241 14.51 -12.86 -45.59
N THR E 242 13.98 -13.71 -46.45
CA THR E 242 14.48 -13.81 -47.82
C THR E 242 13.43 -13.49 -48.86
N PHE E 243 13.78 -12.60 -49.79
CA PHE E 243 12.93 -12.28 -50.92
C PHE E 243 13.50 -12.88 -52.20
N GLU E 244 12.61 -13.40 -53.03
CA GLU E 244 13.02 -14.04 -54.27
C GLU E 244 11.90 -13.91 -55.28
N ALA E 245 12.20 -13.35 -56.44
CA ALA E 245 11.17 -13.13 -57.45
C ALA E 245 11.71 -13.10 -58.88
N THR E 246 10.89 -13.55 -59.81
CA THR E 246 11.19 -13.42 -61.23
C THR E 246 10.31 -12.33 -61.82
N GLY E 247 9.76 -11.49 -60.94
CA GLY E 247 8.93 -10.38 -61.35
C GLY E 247 7.78 -10.09 -60.40
N ASN E 248 7.11 -8.95 -60.59
CA ASN E 248 5.91 -8.62 -59.86
C ASN E 248 6.11 -8.32 -58.38
N LEU E 249 7.36 -8.27 -57.93
CA LEU E 249 7.63 -8.01 -56.53
C LEU E 249 7.92 -6.54 -56.28
N VAL E 250 7.11 -5.93 -55.41
CA VAL E 250 7.36 -4.58 -54.94
C VAL E 250 8.21 -4.68 -53.68
N VAL E 251 9.52 -4.53 -53.83
CA VAL E 251 10.45 -4.79 -52.73
C VAL E 251 10.43 -3.73 -51.64
N PRO E 252 10.81 -4.14 -50.41
CA PRO E 252 10.96 -3.25 -49.27
C PRO E 252 12.16 -2.33 -49.45
N ARG E 253 12.03 -1.10 -48.97
CA ARG E 253 13.14 -0.16 -48.94
C ARG E 253 13.38 0.21 -47.49
N TYR E 254 12.31 0.62 -46.81
CA TYR E 254 12.39 0.94 -45.39
C TYR E 254 11.59 -0.06 -44.56
N ALA E 255 12.17 -0.48 -43.44
CA ALA E 255 11.49 -1.35 -42.49
C ALA E 255 11.42 -0.62 -41.15
N PHE E 256 11.01 -1.33 -40.11
CA PHE E 256 10.85 -0.68 -38.80
C PHE E 256 11.33 -1.54 -37.64
N ALA E 257 12.43 -1.12 -37.02
CA ALA E 257 12.85 -1.72 -35.77
C ALA E 257 11.84 -1.26 -34.74
N MET E 258 11.27 -2.20 -34.00
CA MET E 258 10.07 -1.91 -33.24
C MET E 258 9.93 -2.73 -31.97
N GLU E 259 9.52 -2.06 -30.89
CA GLU E 259 9.23 -2.74 -29.63
C GLU E 259 7.85 -2.30 -29.18
N ARG E 260 6.94 -3.26 -29.03
CA ARG E 260 5.54 -2.93 -28.77
C ARG E 260 5.07 -3.30 -27.37
N ASN E 261 4.14 -2.50 -26.86
CA ASN E 261 3.51 -2.78 -25.57
C ASN E 261 1.99 -2.86 -25.71
N ALA E 262 1.44 -4.04 -25.47
CA ALA E 262 0.02 -4.28 -25.67
C ALA E 262 -0.83 -3.40 -24.77
N GLY E 263 -2.13 -3.36 -25.05
CA GLY E 263 -3.08 -2.73 -24.16
C GLY E 263 -3.63 -1.39 -24.63
N SER E 264 -3.40 -1.05 -25.89
CA SER E 264 -3.92 0.21 -26.43
C SER E 264 -4.73 0.01 -27.69
N GLY E 265 -5.16 1.12 -28.30
CA GLY E 265 -6.03 1.07 -29.44
C GLY E 265 -5.94 2.28 -30.34
N ILE E 266 -7.01 2.52 -31.10
CA ILE E 266 -7.01 3.56 -32.12
C ILE E 266 -8.29 4.38 -32.07
N ILE E 267 -8.14 5.70 -32.00
CA ILE E 267 -9.29 6.59 -31.92
C ILE E 267 -9.49 7.35 -33.23
N ILE E 268 -10.66 7.18 -33.84
CA ILE E 268 -11.04 7.96 -35.01
C ILE E 268 -11.87 9.15 -34.57
N SER E 269 -11.28 10.34 -34.62
CA SER E 269 -11.94 11.53 -34.11
C SER E 269 -11.37 12.82 -34.70
N ASP E 270 -12.22 13.86 -34.75
CA ASP E 270 -11.78 15.18 -35.20
C ASP E 270 -11.23 15.98 -34.03
N THR E 271 -11.48 15.49 -32.81
CA THR E 271 -11.05 16.17 -31.60
C THR E 271 -9.55 16.48 -31.65
N PRO E 272 -9.20 17.77 -31.45
CA PRO E 272 -7.82 18.26 -31.52
C PRO E 272 -6.91 17.60 -30.50
N VAL E 273 -5.68 17.31 -30.90
CA VAL E 273 -4.68 16.76 -29.98
C VAL E 273 -3.94 17.91 -29.30
N HIS E 274 -3.69 17.76 -28.01
CA HIS E 274 -3.06 18.83 -27.22
C HIS E 274 -1.91 18.30 -26.38
N ASP E 275 -1.24 19.23 -25.69
CA ASP E 275 -0.19 18.86 -24.74
C ASP E 275 -0.74 18.88 -23.33
N CYS E 276 -1.38 17.78 -22.94
CA CYS E 276 -1.94 17.66 -21.60
C CYS E 276 -1.89 16.20 -21.15
N ASN E 277 -1.93 15.98 -19.85
CA ASN E 277 -1.96 14.62 -19.32
C ASN E 277 -3.38 14.15 -19.06
N THR E 278 -3.57 12.84 -19.12
CA THR E 278 -4.86 12.23 -18.80
C THR E 278 -4.64 10.77 -18.47
N THR E 279 -5.54 10.21 -17.66
CA THR E 279 -5.44 8.82 -17.27
C THR E 279 -6.48 8.03 -18.04
N CYS E 280 -7.35 8.74 -18.73
CA CYS E 280 -8.46 8.15 -19.44
C CYS E 280 -8.82 8.98 -20.65
N GLN E 281 -8.88 8.34 -21.82
CA GLN E 281 -9.16 9.06 -23.05
C GLN E 281 -10.38 8.53 -23.79
N THR E 282 -11.20 9.44 -24.30
CA THR E 282 -12.32 9.08 -25.15
C THR E 282 -12.22 9.85 -26.46
N PRO E 283 -12.90 9.37 -27.51
CA PRO E 283 -12.91 10.06 -28.80
C PRO E 283 -13.42 11.50 -28.68
N LYS E 284 -14.18 11.81 -27.64
CA LYS E 284 -14.75 13.13 -27.47
C LYS E 284 -13.83 14.04 -26.67
N GLY E 285 -12.94 13.43 -25.89
CA GLY E 285 -12.02 14.17 -25.05
C GLY E 285 -11.57 13.35 -23.86
N ALA E 286 -10.59 13.87 -23.12
CA ALA E 286 -10.04 13.17 -21.96
C ALA E 286 -10.96 13.30 -20.75
N ILE E 287 -10.75 12.43 -19.75
CA ILE E 287 -11.54 12.43 -18.54
C ILE E 287 -10.68 12.47 -17.29
N ASN E 288 -10.79 13.56 -16.53
CA ASN E 288 -10.11 13.68 -15.25
C ASN E 288 -11.12 13.47 -14.12
N THR E 289 -11.04 12.32 -13.45
CA THR E 289 -12.02 11.99 -12.44
C THR E 289 -11.62 10.84 -11.50
N SER E 290 -12.24 10.81 -10.33
CA SER E 290 -12.06 9.73 -9.38
C SER E 290 -13.34 8.91 -9.30
N LEU E 291 -14.43 9.49 -9.81
CA LEU E 291 -15.74 8.84 -9.78
C LEU E 291 -15.70 7.48 -10.46
N PRO E 292 -16.58 6.57 -10.02
CA PRO E 292 -16.65 5.19 -10.51
C PRO E 292 -17.32 5.09 -11.87
N PHE E 293 -18.17 6.05 -12.21
CA PHE E 293 -18.96 5.95 -13.43
C PHE E 293 -18.90 7.20 -14.29
N GLN E 294 -18.94 7.00 -15.60
CA GLN E 294 -19.00 8.11 -16.54
C GLN E 294 -19.98 7.78 -17.66
N ASN E 295 -20.66 8.79 -18.17
CA ASN E 295 -21.62 8.60 -19.25
C ASN E 295 -21.21 9.36 -20.50
N ILE E 296 -19.91 9.62 -20.61
CA ILE E 296 -19.38 10.41 -21.72
C ILE E 296 -19.19 9.61 -23.00
N HIS E 297 -18.66 8.41 -22.87
CA HIS E 297 -18.41 7.56 -24.04
C HIS E 297 -18.09 6.13 -23.63
N PRO E 298 -18.65 5.15 -24.36
CA PRO E 298 -18.44 3.71 -24.14
C PRO E 298 -17.03 3.26 -24.50
N ILE E 299 -16.52 3.74 -25.63
CA ILE E 299 -15.18 3.38 -26.09
C ILE E 299 -14.13 4.23 -25.40
N THR E 300 -13.29 3.58 -24.60
CA THR E 300 -12.35 4.27 -23.73
C THR E 300 -10.95 3.69 -23.83
N ILE E 301 -9.95 4.50 -23.52
CA ILE E 301 -8.57 4.02 -23.50
C ILE E 301 -7.87 4.48 -22.23
N GLY E 302 -7.38 3.52 -21.45
CA GLY E 302 -6.68 3.81 -20.21
C GLY E 302 -7.38 3.22 -19.00
N LYS E 303 -7.03 3.73 -17.82
CA LYS E 303 -7.69 3.30 -16.58
C LYS E 303 -8.91 4.18 -16.36
N CYS E 304 -10.07 3.70 -16.79
CA CYS E 304 -11.27 4.54 -16.85
C CYS E 304 -12.43 4.10 -15.96
N PRO E 305 -13.38 5.02 -15.73
CA PRO E 305 -14.64 4.76 -15.04
C PRO E 305 -15.55 3.92 -15.93
N LYS E 306 -16.39 3.10 -15.32
CA LYS E 306 -17.31 2.27 -16.09
C LYS E 306 -18.36 3.10 -16.80
N TYR E 307 -18.60 2.79 -18.08
CA TYR E 307 -19.58 3.54 -18.86
C TYR E 307 -20.99 3.15 -18.44
N VAL E 308 -21.82 4.16 -18.19
CA VAL E 308 -23.19 3.95 -17.74
C VAL E 308 -24.17 4.79 -18.55
N LYS E 309 -25.39 4.30 -18.68
CA LYS E 309 -26.43 4.99 -19.44
C LYS E 309 -27.12 6.06 -18.59
N SER E 310 -26.84 6.06 -17.30
CA SER E 310 -27.44 7.01 -16.37
C SER E 310 -27.19 8.46 -16.77
N THR E 311 -28.14 9.33 -16.40
CA THR E 311 -28.00 10.75 -16.65
C THR E 311 -27.50 11.47 -15.39
N LYS E 312 -27.96 10.99 -14.23
CA LYS E 312 -27.54 11.54 -12.94
C LYS E 312 -27.46 10.47 -11.87
N LEU E 313 -26.35 10.43 -11.14
CA LEU E 313 -26.19 9.52 -10.02
C LEU E 313 -25.90 10.30 -8.75
N ARG E 314 -26.88 11.08 -8.30
CA ARG E 314 -26.70 11.94 -7.13
C ARG E 314 -26.84 11.17 -5.82
N LEU E 315 -25.75 11.16 -5.04
CA LEU E 315 -25.70 10.41 -3.79
C LEU E 315 -25.88 11.35 -2.60
N ALA E 316 -26.86 11.05 -1.76
CA ALA E 316 -27.17 11.92 -0.62
C ALA E 316 -26.17 11.74 0.52
N THR E 317 -25.67 12.86 1.05
CA THR E 317 -24.75 12.83 2.18
C THR E 317 -25.35 13.52 3.41
N GLY E 318 -26.12 14.57 3.17
CA GLY E 318 -26.81 15.27 4.24
C GLY E 318 -28.13 14.59 4.58
N LEU E 319 -29.10 15.36 5.07
CA LEU E 319 -30.40 14.82 5.41
C LEU E 319 -31.52 15.57 4.70
N ARG E 320 -32.76 15.14 4.95
CA ARG E 320 -33.93 15.83 4.37
C ARG E 320 -33.87 17.32 4.67
N ASN E 321 -34.30 18.13 3.72
CA ASN E 321 -34.27 19.58 3.88
C ASN E 321 -35.66 20.15 4.16
N ILE E 322 -35.78 20.86 5.28
CA ILE E 322 -37.02 21.54 5.63
C ILE E 322 -36.77 23.02 5.87
N LEU F 2 -37.95 6.39 8.95
CA LEU F 2 -37.89 5.03 9.47
C LEU F 2 -37.83 5.04 10.98
N PHE F 3 -37.32 6.13 11.55
CA PHE F 3 -37.16 6.23 12.99
C PHE F 3 -38.15 7.22 13.61
N GLY F 4 -38.98 7.83 12.76
CA GLY F 4 -40.05 8.68 13.23
C GLY F 4 -39.66 10.06 13.74
N ALA F 5 -38.37 10.36 13.69
CA ALA F 5 -37.88 11.65 14.17
C ALA F 5 -37.97 12.73 13.09
N ILE F 6 -37.01 12.71 12.17
CA ILE F 6 -37.00 13.68 11.07
C ILE F 6 -38.28 13.61 10.28
N ALA F 7 -38.88 14.77 10.01
CA ALA F 7 -40.18 14.82 9.34
C ALA F 7 -41.18 13.88 10.03
N GLY F 8 -40.97 13.66 11.32
CA GLY F 8 -41.84 12.83 12.12
C GLY F 8 -42.46 13.64 13.25
N PHE F 9 -42.04 13.36 14.48
CA PHE F 9 -42.52 14.15 15.62
C PHE F 9 -41.73 15.44 15.76
N ILE F 10 -40.68 15.57 14.95
CA ILE F 10 -39.98 16.84 14.79
C ILE F 10 -40.22 17.30 13.35
N GLU F 11 -41.36 17.95 13.13
CA GLU F 11 -41.87 18.24 11.79
C GLU F 11 -40.86 18.86 10.82
N GLY F 12 -40.16 19.89 11.26
CA GLY F 12 -39.27 20.63 10.38
C GLY F 12 -37.84 20.78 10.85
N GLY F 13 -37.04 21.47 10.03
CA GLY F 13 -35.65 21.73 10.37
C GLY F 13 -35.40 23.21 10.59
N TRP F 14 -34.23 23.54 11.12
CA TRP F 14 -33.90 24.92 11.44
C TRP F 14 -32.87 25.49 10.48
N THR F 15 -33.32 26.42 9.63
CA THR F 15 -32.41 27.13 8.74
C THR F 15 -31.46 27.97 9.59
N GLY F 16 -31.88 28.26 10.82
CA GLY F 16 -31.09 29.07 11.73
C GLY F 16 -29.82 28.37 12.18
N MET F 17 -29.91 27.06 12.40
CA MET F 17 -28.75 26.27 12.79
C MET F 17 -27.91 25.95 11.56
N VAL F 18 -26.81 26.68 11.39
CA VAL F 18 -26.01 26.56 10.19
C VAL F 18 -24.64 25.92 10.44
N ASP F 19 -24.34 25.64 11.71
CA ASP F 19 -23.02 25.14 12.08
C ASP F 19 -22.96 23.62 12.26
N GLY F 20 -24.06 22.93 12.00
CA GLY F 20 -24.10 21.49 12.14
C GLY F 20 -25.36 20.83 11.60
N TRP F 21 -25.37 19.50 11.57
CA TRP F 21 -26.54 18.76 11.09
C TRP F 21 -27.59 18.59 12.18
N TYR F 22 -27.16 18.25 13.39
CA TYR F 22 -28.07 18.11 14.52
C TYR F 22 -27.66 19.06 15.64
N GLY F 23 -28.64 19.63 16.34
CA GLY F 23 -28.34 20.56 17.41
C GLY F 23 -29.50 20.88 18.33
N TYR F 24 -29.33 21.95 19.11
CA TYR F 24 -30.34 22.36 20.07
C TYR F 24 -30.75 23.81 19.86
N HIS F 25 -31.90 24.18 20.44
CA HIS F 25 -32.33 25.57 20.48
C HIS F 25 -32.84 25.90 21.89
N HIS F 26 -31.99 26.53 22.69
CA HIS F 26 -32.33 26.84 24.08
C HIS F 26 -33.18 28.10 24.19
N GLN F 27 -33.93 28.19 25.27
CA GLN F 27 -34.80 29.33 25.52
C GLN F 27 -34.95 29.59 27.01
N ASN F 28 -34.14 30.50 27.54
CA ASN F 28 -34.23 30.87 28.95
C ASN F 28 -34.18 32.37 29.17
N GLU F 29 -33.89 32.78 30.40
CA GLU F 29 -33.89 34.18 30.78
C GLU F 29 -32.71 34.96 30.22
N GLN F 30 -31.67 34.24 29.82
CA GLN F 30 -30.46 34.86 29.27
C GLN F 30 -30.52 35.00 27.75
N GLY F 31 -31.67 34.64 27.17
CA GLY F 31 -31.89 34.80 25.75
C GLY F 31 -32.18 33.50 25.02
N SER F 32 -32.07 33.54 23.69
CA SER F 32 -32.30 32.35 22.86
C SER F 32 -31.09 32.10 21.95
N GLY F 33 -31.16 31.03 21.18
CA GLY F 33 -30.10 30.73 20.23
C GLY F 33 -30.05 29.28 19.78
N TYR F 34 -29.39 29.05 18.65
CA TYR F 34 -29.17 27.71 18.14
C TYR F 34 -27.73 27.30 18.40
N ALA F 35 -27.47 25.99 18.37
CA ALA F 35 -26.12 25.48 18.57
C ALA F 35 -26.05 24.01 18.19
N ALA F 36 -25.25 23.71 17.16
CA ALA F 36 -25.11 22.33 16.70
C ALA F 36 -24.41 21.46 17.74
N ASP F 37 -24.74 20.18 17.76
CA ASP F 37 -24.08 19.23 18.64
C ASP F 37 -22.75 18.84 18.04
N LEU F 38 -21.69 19.47 18.51
CA LEU F 38 -20.35 19.28 17.96
C LEU F 38 -20.04 17.79 17.68
N LYS F 39 -20.00 16.98 18.73
CA LYS F 39 -19.60 15.58 18.60
C LYS F 39 -20.54 14.78 17.70
N SER F 40 -21.85 14.99 17.86
CA SER F 40 -22.84 14.24 17.09
C SER F 40 -22.74 14.54 15.60
N THR F 41 -22.52 15.81 15.26
CA THR F 41 -22.43 16.23 13.87
C THR F 41 -21.16 15.73 13.20
N GLN F 42 -20.04 15.81 13.91
CA GLN F 42 -18.75 15.39 13.36
C GLN F 42 -18.76 13.90 13.03
N ASN F 43 -19.40 13.12 13.90
CA ASN F 43 -19.47 11.68 13.71
C ASN F 43 -20.16 11.30 12.40
N ALA F 44 -21.29 11.95 12.13
CA ALA F 44 -22.03 11.71 10.89
C ALA F 44 -21.19 12.09 9.69
N ILE F 45 -20.53 13.24 9.78
CA ILE F 45 -19.66 13.72 8.70
C ILE F 45 -18.57 12.70 8.40
N ASP F 46 -17.94 12.16 9.45
CA ASP F 46 -16.91 11.16 9.26
C ASP F 46 -17.46 9.94 8.56
N GLU F 47 -18.56 9.40 9.09
CA GLU F 47 -19.13 8.17 8.55
C GLU F 47 -19.71 8.35 7.15
N ILE F 48 -20.45 9.45 6.95
CA ILE F 48 -20.99 9.75 5.62
C ILE F 48 -19.87 9.92 4.60
N THR F 49 -18.81 10.62 5.00
CA THR F 49 -17.65 10.77 4.14
C THR F 49 -17.06 9.42 3.76
N ASN F 50 -16.83 8.58 4.77
CA ASN F 50 -16.34 7.23 4.55
C ASN F 50 -17.23 6.48 3.57
N LYS F 51 -18.53 6.60 3.76
CA LYS F 51 -19.51 5.97 2.88
C LYS F 51 -19.23 6.35 1.43
N VAL F 52 -19.31 7.65 1.14
CA VAL F 52 -19.04 8.15 -0.20
C VAL F 52 -17.70 7.65 -0.72
N ASN F 53 -16.69 7.68 0.14
CA ASN F 53 -15.36 7.22 -0.26
C ASN F 53 -15.30 5.73 -0.56
N SER F 54 -16.08 4.94 0.18
CA SER F 54 -16.12 3.50 -0.05
C SER F 54 -16.75 3.17 -1.41
N VAL F 55 -17.86 3.82 -1.71
CA VAL F 55 -18.52 3.62 -2.99
C VAL F 55 -17.60 3.96 -4.15
N ILE F 56 -16.72 4.95 -3.94
CA ILE F 56 -15.81 5.38 -5.00
C ILE F 56 -14.54 4.55 -5.02
N GLU F 57 -13.89 4.44 -3.86
CA GLU F 57 -12.58 3.82 -3.76
C GLU F 57 -12.55 2.33 -4.12
N LYS F 58 -13.68 1.65 -3.90
CA LYS F 58 -13.75 0.22 -4.18
C LYS F 58 -13.74 -0.10 -5.67
N MET F 59 -14.07 0.90 -6.48
CA MET F 59 -14.03 0.74 -7.93
C MET F 59 -12.60 0.88 -8.45
N ASN F 60 -11.88 -0.23 -8.48
CA ASN F 60 -10.52 -0.26 -8.99
C ASN F 60 -10.51 -0.92 -10.36
N THR F 61 -10.21 -0.13 -11.39
CA THR F 61 -10.30 -0.59 -12.78
C THR F 61 -8.97 -0.98 -13.40
N GLN F 62 -9.04 -1.77 -14.46
CA GLN F 62 -7.88 -2.20 -15.22
C GLN F 62 -7.54 -1.15 -16.27
N PHE F 63 -6.31 -1.16 -16.77
CA PHE F 63 -5.98 -0.37 -17.94
C PHE F 63 -6.36 -1.13 -19.18
N THR F 64 -7.46 -0.73 -19.82
CA THR F 64 -7.94 -1.43 -21.00
C THR F 64 -8.30 -0.48 -22.12
N ALA F 65 -8.19 -0.96 -23.35
CA ALA F 65 -8.59 -0.19 -24.51
C ALA F 65 -9.81 -0.86 -25.12
N VAL F 66 -10.98 -0.47 -24.67
CA VAL F 66 -12.20 -0.96 -25.28
C VAL F 66 -12.23 -0.50 -26.73
N GLY F 67 -12.95 -1.22 -27.57
CA GLY F 67 -13.01 -0.86 -28.97
C GLY F 67 -12.08 -1.69 -29.82
N LYS F 68 -12.67 -2.40 -30.78
CA LYS F 68 -11.94 -3.27 -31.66
C LYS F 68 -12.31 -2.96 -33.10
N GLU F 69 -11.46 -3.35 -34.04
CA GLU F 69 -11.74 -3.13 -35.45
C GLU F 69 -11.89 -4.47 -36.17
N PHE F 70 -12.93 -4.57 -36.99
CA PHE F 70 -13.19 -5.81 -37.74
C PHE F 70 -13.55 -5.49 -39.19
N ASN F 71 -13.12 -6.33 -40.11
CA ASN F 71 -13.44 -6.11 -41.52
C ASN F 71 -14.81 -6.66 -41.90
N HIS F 72 -15.23 -6.37 -43.13
CA HIS F 72 -16.58 -6.70 -43.58
C HIS F 72 -16.92 -8.19 -43.46
N LEU F 73 -15.90 -9.02 -43.30
CA LEU F 73 -16.11 -10.46 -43.19
C LEU F 73 -15.89 -10.97 -41.77
N GLU F 74 -16.06 -10.08 -40.79
CA GLU F 74 -15.93 -10.45 -39.38
C GLU F 74 -17.10 -9.88 -38.58
N LYS F 75 -18.23 -9.71 -39.25
CA LYS F 75 -19.41 -9.14 -38.63
C LYS F 75 -19.84 -9.90 -37.39
N ARG F 76 -19.68 -11.23 -37.41
CA ARG F 76 -20.04 -12.05 -36.26
C ARG F 76 -19.25 -11.67 -35.02
N ILE F 77 -17.92 -11.70 -35.09
CA ILE F 77 -17.11 -11.33 -33.94
C ILE F 77 -17.24 -9.85 -33.60
N GLU F 78 -17.63 -9.04 -34.58
CA GLU F 78 -17.92 -7.64 -34.32
C GLU F 78 -19.14 -7.54 -33.41
N ASN F 79 -20.17 -8.32 -33.73
CA ASN F 79 -21.38 -8.35 -32.92
C ASN F 79 -21.16 -9.01 -31.57
N LEU F 80 -20.21 -9.94 -31.52
CA LEU F 80 -19.83 -10.56 -30.26
C LEU F 80 -19.25 -9.48 -29.35
N ASN F 81 -18.33 -8.70 -29.91
CA ASN F 81 -17.75 -7.58 -29.20
C ASN F 81 -18.83 -6.61 -28.75
N LYS F 82 -19.74 -6.28 -29.66
CA LYS F 82 -20.84 -5.39 -29.33
C LYS F 82 -21.66 -5.95 -28.18
N LYS F 83 -21.81 -7.28 -28.14
CA LYS F 83 -22.61 -7.91 -27.11
C LYS F 83 -21.97 -7.76 -25.75
N VAL F 84 -20.65 -7.96 -25.67
CA VAL F 84 -19.93 -7.86 -24.41
C VAL F 84 -19.91 -6.42 -23.91
N ASP F 85 -19.92 -5.47 -24.83
CA ASP F 85 -19.93 -4.06 -24.45
C ASP F 85 -21.28 -3.65 -23.89
N ASP F 86 -22.35 -4.03 -24.59
CA ASP F 86 -23.70 -3.72 -24.14
C ASP F 86 -24.06 -4.55 -22.91
N GLY F 87 -23.41 -5.68 -22.76
CA GLY F 87 -23.62 -6.54 -21.60
C GLY F 87 -23.12 -5.86 -20.35
N PHE F 88 -21.95 -5.26 -20.43
CA PHE F 88 -21.37 -4.54 -19.31
C PHE F 88 -22.15 -3.25 -19.04
N LEU F 89 -22.64 -2.64 -20.11
CA LEU F 89 -23.39 -1.39 -19.98
C LEU F 89 -24.66 -1.57 -19.17
N ASP F 90 -25.40 -2.65 -19.44
CA ASP F 90 -26.62 -2.95 -18.73
C ASP F 90 -26.34 -3.32 -17.28
N ILE F 91 -25.30 -4.10 -17.07
CA ILE F 91 -24.91 -4.52 -15.73
C ILE F 91 -24.52 -3.33 -14.86
N TRP F 92 -23.61 -2.49 -15.34
CA TRP F 92 -23.14 -1.35 -14.57
C TRP F 92 -24.23 -0.31 -14.35
N THR F 93 -24.99 -0.01 -15.39
CA THR F 93 -26.06 0.96 -15.28
C THR F 93 -27.04 0.55 -14.17
N TYR F 94 -27.50 -0.70 -14.23
CA TYR F 94 -28.46 -1.20 -13.26
C TYR F 94 -27.93 -1.13 -11.84
N ASN F 95 -26.74 -1.71 -11.63
CA ASN F 95 -26.12 -1.70 -10.32
C ASN F 95 -25.90 -0.28 -9.78
N ALA F 96 -25.34 0.58 -10.61
CA ALA F 96 -25.08 1.95 -10.19
C ALA F 96 -26.38 2.65 -9.81
N GLU F 97 -27.38 2.52 -10.67
CA GLU F 97 -28.69 3.13 -10.41
C GLU F 97 -29.29 2.63 -9.09
N LEU F 98 -29.28 1.31 -8.90
CA LEU F 98 -29.84 0.72 -7.69
C LEU F 98 -28.99 1.01 -6.45
N LEU F 99 -27.68 1.08 -6.63
CA LEU F 99 -26.79 1.37 -5.52
C LEU F 99 -27.11 2.72 -4.94
N VAL F 100 -27.35 3.69 -5.81
CA VAL F 100 -27.70 5.04 -5.39
C VAL F 100 -29.05 5.05 -4.65
N LEU F 101 -30.06 4.44 -5.26
CA LEU F 101 -31.37 4.35 -4.63
C LEU F 101 -31.29 3.73 -3.25
N LEU F 102 -30.56 2.62 -3.14
CA LEU F 102 -30.42 1.92 -1.88
C LEU F 102 -29.70 2.78 -0.84
N GLU F 103 -28.54 3.29 -1.20
CA GLU F 103 -27.71 4.05 -0.26
C GLU F 103 -28.35 5.37 0.18
N ASN F 104 -29.12 5.98 -0.71
CA ASN F 104 -29.84 7.19 -0.35
C ASN F 104 -30.91 6.90 0.70
N GLU F 105 -31.70 5.85 0.48
CA GLU F 105 -32.68 5.42 1.45
C GLU F 105 -32.02 5.25 2.82
N ARG F 106 -30.91 4.53 2.86
CA ARG F 106 -30.22 4.26 4.12
C ARG F 106 -29.69 5.54 4.76
N THR F 107 -29.13 6.43 3.95
CA THR F 107 -28.51 7.65 4.47
C THR F 107 -29.53 8.54 5.18
N LEU F 108 -30.68 8.74 4.55
CA LEU F 108 -31.75 9.53 5.14
C LEU F 108 -32.22 8.91 6.46
N ASP F 109 -32.29 7.58 6.49
CA ASP F 109 -32.66 6.89 7.71
C ASP F 109 -31.55 7.00 8.75
N TYR F 110 -30.31 7.08 8.26
CA TYR F 110 -29.16 7.23 9.15
C TYR F 110 -29.27 8.54 9.94
N HIS F 111 -29.69 9.60 9.27
CA HIS F 111 -29.85 10.89 9.93
C HIS F 111 -31.05 10.88 10.87
N ASP F 112 -32.13 10.26 10.43
CA ASP F 112 -33.31 10.12 11.26
C ASP F 112 -32.92 9.45 12.58
N SER F 113 -32.09 8.41 12.47
CA SER F 113 -31.60 7.69 13.63
C SER F 113 -30.79 8.59 14.56
N ASN F 114 -29.92 9.41 13.99
CA ASN F 114 -29.07 10.27 14.79
C ASN F 114 -29.85 11.32 15.57
N VAL F 115 -30.90 11.86 14.96
CA VAL F 115 -31.75 12.83 15.64
C VAL F 115 -32.54 12.16 16.75
N LYS F 116 -33.20 11.05 16.42
CA LYS F 116 -33.94 10.28 17.41
C LYS F 116 -33.05 9.91 18.61
N ASN F 117 -31.80 9.54 18.33
CA ASN F 117 -30.88 9.14 19.39
C ASN F 117 -30.46 10.31 20.26
N LEU F 118 -30.30 11.48 19.64
CA LEU F 118 -29.92 12.68 20.37
C LEU F 118 -31.04 13.11 21.31
N TYR F 119 -32.29 12.90 20.87
CA TYR F 119 -33.46 13.18 21.70
C TYR F 119 -33.53 12.21 22.87
N GLU F 120 -33.46 10.92 22.56
CA GLU F 120 -33.47 9.89 23.59
C GLU F 120 -32.40 10.14 24.64
N LYS F 121 -31.23 10.60 24.18
CA LYS F 121 -30.12 10.86 25.08
C LYS F 121 -30.47 11.90 26.13
N VAL F 122 -31.05 13.02 25.70
CA VAL F 122 -31.41 14.05 26.67
C VAL F 122 -32.62 13.71 27.51
N ARG F 123 -33.64 13.13 26.89
CA ARG F 123 -34.84 12.74 27.60
C ARG F 123 -34.54 11.80 28.77
N SER F 124 -33.70 10.80 28.52
CA SER F 124 -33.34 9.84 29.56
C SER F 124 -32.35 10.45 30.54
N GLN F 125 -32.04 11.73 30.34
CA GLN F 125 -31.09 12.43 31.20
C GLN F 125 -31.83 13.29 32.22
N LEU F 126 -32.84 14.03 31.75
CA LEU F 126 -33.71 14.79 32.64
C LEU F 126 -35.05 14.04 32.60
N LYS F 127 -35.33 13.29 33.65
CA LYS F 127 -36.53 12.46 33.71
C LYS F 127 -37.69 13.36 34.11
N ASN F 128 -37.74 13.70 35.40
CA ASN F 128 -38.82 14.53 35.93
C ASN F 128 -38.58 16.03 35.74
N ASN F 129 -37.31 16.43 35.82
CA ASN F 129 -36.95 17.84 35.81
C ASN F 129 -37.44 18.63 34.60
N ALA F 130 -38.10 17.94 33.67
CA ALA F 130 -38.67 18.58 32.50
C ALA F 130 -39.70 17.67 31.84
N LYS F 131 -40.70 18.27 31.21
CA LYS F 131 -41.75 17.49 30.56
C LYS F 131 -41.69 17.60 29.04
N GLU F 132 -42.00 16.50 28.37
CA GLU F 132 -41.98 16.47 26.90
C GLU F 132 -43.16 17.24 26.33
N ILE F 133 -42.87 18.28 25.56
CA ILE F 133 -43.91 19.00 24.83
C ILE F 133 -44.47 18.10 23.75
N GLY F 134 -43.59 17.29 23.15
CA GLY F 134 -43.99 16.36 22.11
C GLY F 134 -43.47 16.76 20.75
N ASN F 135 -42.81 17.91 20.68
CA ASN F 135 -42.29 18.42 19.42
C ASN F 135 -40.77 18.35 19.39
N GLY F 136 -40.22 17.37 20.12
CA GLY F 136 -38.79 17.28 20.30
C GLY F 136 -38.33 18.38 21.22
N CYS F 137 -39.28 18.90 21.98
CA CYS F 137 -39.02 20.01 22.91
C CYS F 137 -39.22 19.58 24.36
N PHE F 138 -38.32 20.04 25.23
CA PHE F 138 -38.43 19.79 26.65
C PHE F 138 -38.68 21.09 27.40
N GLU F 139 -39.70 21.09 28.25
CA GLU F 139 -40.01 22.25 29.09
C GLU F 139 -39.54 22.00 30.51
N PHE F 140 -38.57 22.79 30.96
CA PHE F 140 -37.98 22.62 32.27
C PHE F 140 -38.92 22.97 33.41
N TYR F 141 -38.96 22.12 34.44
CA TYR F 141 -39.70 22.43 35.65
C TYR F 141 -38.82 23.24 36.59
N HIS F 142 -37.51 23.03 36.50
CA HIS F 142 -36.55 23.81 37.29
C HIS F 142 -35.85 24.80 36.39
N LYS F 143 -35.75 26.05 36.84
CA LYS F 143 -35.07 27.09 36.09
C LYS F 143 -33.74 26.59 35.57
N CYS F 144 -33.43 26.89 34.31
CA CYS F 144 -32.20 26.40 33.69
C CYS F 144 -31.41 27.52 33.02
N ASP F 145 -30.33 27.95 33.66
CA ASP F 145 -29.47 28.98 33.11
C ASP F 145 -28.51 28.42 32.06
N ASN F 146 -27.71 29.30 31.46
CA ASN F 146 -26.80 28.90 30.39
C ASN F 146 -25.82 27.79 30.78
N THR F 147 -25.15 27.96 31.92
CA THR F 147 -24.22 26.94 32.38
C THR F 147 -24.96 25.67 32.76
N CYS F 148 -26.29 25.76 32.81
CA CYS F 148 -27.13 24.59 33.03
C CYS F 148 -27.40 23.88 31.71
N MET F 149 -27.71 24.65 30.68
CA MET F 149 -27.90 24.10 29.34
C MET F 149 -26.65 23.34 28.91
N GLU F 150 -25.51 23.77 29.43
CA GLU F 150 -24.24 23.13 29.11
C GLU F 150 -24.21 21.70 29.62
N SER F 151 -24.65 21.50 30.86
CA SER F 151 -24.64 20.19 31.48
C SER F 151 -25.60 19.24 30.78
N VAL F 152 -26.39 19.77 29.86
CA VAL F 152 -27.32 18.94 29.10
C VAL F 152 -26.68 18.51 27.78
N LYS F 153 -26.00 19.46 27.13
CA LYS F 153 -25.30 19.19 25.88
C LYS F 153 -24.11 18.26 26.11
N ASN F 154 -23.26 18.62 27.06
CA ASN F 154 -22.11 17.79 27.43
C ASN F 154 -22.54 16.42 27.96
N GLY F 155 -23.85 16.26 28.16
CA GLY F 155 -24.38 15.02 28.69
C GLY F 155 -24.01 14.86 30.15
N THR F 156 -23.54 15.94 30.75
CA THR F 156 -23.12 15.94 32.15
C THR F 156 -24.14 16.68 33.01
N TYR F 157 -25.40 16.28 32.89
CA TYR F 157 -26.49 16.84 33.67
C TYR F 157 -26.47 15.98 34.93
N ASP F 158 -25.37 16.12 35.66
CA ASP F 158 -25.00 15.14 36.69
C ASP F 158 -25.62 15.36 38.06
N TYR F 159 -26.40 16.41 38.19
CA TYR F 159 -27.10 16.69 39.44
C TYR F 159 -28.54 17.16 39.33
N PRO F 160 -29.49 16.20 39.32
CA PRO F 160 -30.92 16.46 39.25
C PRO F 160 -31.45 17.23 40.47
N LYS F 161 -31.15 18.53 40.53
CA LYS F 161 -31.73 19.39 41.55
C LYS F 161 -32.90 20.17 40.96
N TYR F 162 -33.87 20.50 41.82
CA TYR F 162 -35.04 21.26 41.41
C TYR F 162 -35.60 22.06 42.58
N ASP G 2 -23.05 38.15 63.31
CA ASP G 2 -21.84 38.70 62.69
C ASP G 2 -20.84 37.61 62.33
N THR G 3 -20.77 37.27 61.04
CA THR G 3 -19.92 36.18 60.60
C THR G 3 -18.85 36.61 59.60
N LEU G 4 -17.74 35.89 59.60
CA LEU G 4 -16.67 36.12 58.63
C LEU G 4 -16.27 34.79 57.99
N CYS G 5 -16.35 34.71 56.67
CA CYS G 5 -16.06 33.47 55.96
C CYS G 5 -14.77 33.55 55.14
N ILE G 6 -14.15 32.40 54.93
CA ILE G 6 -12.93 32.30 54.13
C ILE G 6 -13.14 31.37 52.95
N GLY G 7 -12.97 31.89 51.74
CA GLY G 7 -13.22 31.12 50.54
C GLY G 7 -12.26 31.40 49.40
N TYR G 8 -12.60 30.91 48.22
CA TYR G 8 -11.73 31.04 47.05
C TYR G 8 -12.47 31.44 45.78
N HIS G 9 -11.71 31.86 44.77
CA HIS G 9 -12.25 32.41 43.53
C HIS G 9 -13.05 31.38 42.72
N ALA G 10 -13.87 31.89 41.80
CA ALA G 10 -14.60 31.05 40.86
C ALA G 10 -15.06 31.95 39.71
N ASN G 11 -15.33 31.34 38.56
CA ASN G 11 -15.74 32.12 37.38
C ASN G 11 -16.47 31.30 36.33
N ASN G 12 -16.75 31.93 35.19
CA ASN G 12 -17.49 31.29 34.10
C ASN G 12 -16.59 30.41 33.24
N SER G 13 -15.31 30.31 33.61
CA SER G 13 -14.34 29.55 32.84
C SER G 13 -14.77 28.10 32.62
N THR G 14 -14.44 27.56 31.45
CA THR G 14 -14.76 26.19 31.11
C THR G 14 -13.51 25.36 30.87
N ASP G 15 -12.34 26.03 30.94
CA ASP G 15 -11.06 25.37 30.75
C ASP G 15 -10.94 24.11 31.60
N THR G 16 -10.58 23.00 30.95
CA THR G 16 -10.31 21.76 31.67
C THR G 16 -8.84 21.38 31.55
N VAL G 17 -8.33 20.69 32.56
CA VAL G 17 -6.95 20.19 32.54
C VAL G 17 -6.93 18.80 33.17
N ASP G 18 -5.89 18.04 32.87
CA ASP G 18 -5.74 16.71 33.44
C ASP G 18 -4.68 16.69 34.53
N THR G 19 -4.91 15.87 35.56
CA THR G 19 -3.91 15.63 36.59
C THR G 19 -3.59 14.14 36.62
N VAL G 20 -2.63 13.76 37.45
CA VAL G 20 -2.28 12.36 37.60
C VAL G 20 -3.43 11.57 38.21
N LEU G 21 -4.22 12.24 39.05
CA LEU G 21 -5.30 11.58 39.77
C LEU G 21 -6.67 11.74 39.12
N GLU G 22 -6.84 12.78 38.33
CA GLU G 22 -8.17 13.11 37.82
C GLU G 22 -8.10 13.74 36.43
N LYS G 23 -9.03 13.35 35.56
CA LYS G 23 -9.08 13.88 34.21
C LYS G 23 -10.22 14.89 34.08
N ASN G 24 -10.12 15.76 33.07
CA ASN G 24 -11.15 16.76 32.81
C ASN G 24 -11.54 17.55 34.05
N VAL G 25 -10.56 18.22 34.64
CA VAL G 25 -10.80 19.04 35.82
C VAL G 25 -10.94 20.51 35.43
N THR G 26 -12.11 21.08 35.69
CA THR G 26 -12.37 22.47 35.36
C THR G 26 -11.58 23.42 36.26
N VAL G 27 -10.86 24.36 35.65
CA VAL G 27 -10.06 25.30 36.42
C VAL G 27 -10.36 26.76 36.07
N THR G 28 -10.03 27.66 36.99
CA THR G 28 -10.31 29.08 36.81
C THR G 28 -9.39 29.73 35.77
N HIS G 29 -8.14 29.29 35.75
CA HIS G 29 -7.15 29.85 34.82
C HIS G 29 -6.18 28.78 34.35
N SER G 30 -5.62 28.97 33.16
CA SER G 30 -4.70 28.00 32.58
C SER G 30 -3.92 28.56 31.40
N VAL G 31 -2.78 27.95 31.12
CA VAL G 31 -1.97 28.32 29.95
C VAL G 31 -1.68 27.08 29.12
N ASN G 32 -1.42 27.27 27.83
CA ASN G 32 -1.10 26.16 26.95
C ASN G 32 0.40 26.09 26.65
N LEU G 33 1.01 24.97 27.00
CA LEU G 33 2.44 24.79 26.77
C LEU G 33 2.72 24.29 25.36
N LEU G 34 1.67 23.91 24.64
CA LEU G 34 1.81 23.33 23.31
C LEU G 34 1.51 24.33 22.21
N GLU G 35 2.50 24.63 21.39
CA GLU G 35 2.31 25.50 20.24
C GLU G 35 1.77 24.68 19.07
N ASP G 36 0.58 25.04 18.61
CA ASP G 36 -0.05 24.33 17.50
C ASP G 36 -0.50 25.29 16.41
N LYS G 37 0.26 26.36 16.23
CA LYS G 37 -0.13 27.42 15.31
C LYS G 37 1.05 27.88 14.47
N HIS G 38 0.89 27.79 13.15
CA HIS G 38 1.92 28.24 12.22
C HIS G 38 1.33 29.27 11.25
N ASN G 39 2.20 30.10 10.66
CA ASN G 39 1.76 31.15 9.76
C ASN G 39 1.68 30.73 8.29
N GLY G 40 1.75 29.42 8.04
CA GLY G 40 1.63 28.90 6.69
C GLY G 40 2.43 29.64 5.64
N LYS G 41 3.67 30.01 5.99
CA LYS G 41 4.54 30.72 5.07
C LYS G 41 5.99 30.29 5.25
N LEU G 42 6.76 30.31 4.17
CA LEU G 42 8.20 30.09 4.26
C LEU G 42 8.92 31.43 4.38
N CYS G 43 9.51 31.67 5.55
CA CYS G 43 10.05 32.99 5.86
C CYS G 43 11.57 32.96 5.95
N LYS G 44 12.15 34.14 6.21
CA LYS G 44 13.59 34.24 6.41
C LYS G 44 13.94 33.59 7.73
N LEU G 45 15.05 32.87 7.77
CA LEU G 45 15.48 32.24 9.02
C LEU G 45 16.27 33.10 9.98
N ARG G 46 17.54 33.35 9.67
CA ARG G 46 18.37 34.20 10.50
C ARG G 46 18.04 35.68 10.37
N GLY G 47 18.38 36.24 9.23
CA GLY G 47 17.93 37.56 8.85
C GLY G 47 17.85 37.45 7.34
N VAL G 48 18.27 36.28 6.85
CA VAL G 48 18.41 36.02 5.43
C VAL G 48 17.26 35.18 4.89
N ALA G 49 16.87 35.44 3.65
CA ALA G 49 15.81 34.67 3.01
C ALA G 49 16.35 33.37 2.43
N PRO G 50 15.45 32.42 2.15
CA PRO G 50 15.84 31.13 1.57
C PRO G 50 16.02 31.24 0.06
N LEU G 51 16.79 30.32 -0.51
CA LEU G 51 16.95 30.27 -1.95
C LEU G 51 15.84 29.43 -2.55
N HIS G 52 14.97 30.05 -3.34
CA HIS G 52 13.86 29.34 -3.94
C HIS G 52 14.17 28.96 -5.38
N LEU G 53 14.17 27.66 -5.65
CA LEU G 53 14.46 27.16 -6.99
C LEU G 53 13.18 27.08 -7.81
N GLY G 54 12.04 27.03 -7.11
CA GLY G 54 10.75 26.97 -7.75
C GLY G 54 10.61 25.77 -8.68
N LYS G 55 10.74 26.04 -9.98
CA LYS G 55 10.55 25.01 -11.00
C LYS G 55 11.65 23.95 -11.02
N CYS G 56 12.84 24.34 -10.62
CA CYS G 56 14.00 23.45 -10.75
C CYS G 56 14.44 22.87 -9.41
N ASN G 57 15.30 21.85 -9.50
CA ASN G 57 15.94 21.30 -8.31
C ASN G 57 17.43 21.62 -8.31
N ILE G 58 18.11 21.35 -7.21
CA ILE G 58 19.51 21.72 -7.06
C ILE G 58 20.30 21.32 -8.30
N ALA G 59 20.12 20.08 -8.74
CA ALA G 59 20.83 19.56 -9.91
C ALA G 59 20.72 20.52 -11.09
N GLY G 60 19.49 20.86 -11.46
CA GLY G 60 19.26 21.75 -12.58
C GLY G 60 19.81 23.14 -12.34
N TRP G 61 19.73 23.60 -11.09
CA TRP G 61 20.13 24.96 -10.74
C TRP G 61 21.63 25.20 -10.87
N ILE G 62 22.43 24.24 -10.41
CA ILE G 62 23.88 24.41 -10.39
C ILE G 62 24.50 24.10 -11.74
N LEU G 63 23.93 23.12 -12.43
CA LEU G 63 24.40 22.76 -13.76
C LEU G 63 24.02 23.85 -14.76
N GLY G 64 22.94 24.57 -14.46
CA GLY G 64 22.48 25.65 -15.32
C GLY G 64 21.50 25.19 -16.38
N ASN G 65 20.63 24.26 -16.00
CA ASN G 65 19.56 23.83 -16.89
C ASN G 65 18.92 25.06 -17.53
N PRO G 66 18.67 25.01 -18.84
CA PRO G 66 18.12 26.14 -19.60
C PRO G 66 16.82 26.69 -19.00
N GLU G 67 16.15 25.88 -18.18
CA GLU G 67 14.88 26.30 -17.58
C GLU G 67 15.07 27.07 -16.27
N CYS G 68 16.20 26.86 -15.61
CA CYS G 68 16.50 27.53 -14.35
C CYS G 68 17.28 28.81 -14.60
N GLU G 69 16.81 29.60 -15.55
CA GLU G 69 17.56 30.74 -16.05
C GLU G 69 17.27 32.03 -15.27
N SER G 70 16.24 31.99 -14.44
CA SER G 70 15.68 33.21 -13.87
C SER G 70 16.16 33.52 -12.45
N LEU G 71 17.07 32.72 -11.93
CA LEU G 71 17.21 32.61 -10.47
C LEU G 71 18.51 33.14 -9.83
N SER G 72 19.63 33.00 -10.54
CA SER G 72 20.93 33.34 -9.96
C SER G 72 21.08 34.84 -9.68
N THR G 73 20.77 35.25 -8.46
CA THR G 73 20.91 36.65 -8.08
C THR G 73 21.42 36.66 -6.64
N ALA G 74 20.72 35.96 -5.74
CA ALA G 74 21.19 35.88 -4.36
C ALA G 74 22.65 35.51 -4.08
N SER G 75 23.27 36.23 -3.15
CA SER G 75 24.65 36.00 -2.78
C SER G 75 24.74 35.26 -1.46
N SER G 76 23.59 34.90 -0.92
CA SER G 76 23.52 34.16 0.33
C SER G 76 22.09 33.72 0.61
N TRP G 77 21.95 32.65 1.40
CA TRP G 77 20.64 32.17 1.79
C TRP G 77 20.73 31.33 3.06
N SER G 78 19.66 31.33 3.83
CA SER G 78 19.62 30.62 5.10
C SER G 78 19.28 29.14 4.92
N TYR G 79 18.49 28.84 3.90
CA TYR G 79 18.16 27.47 3.56
C TYR G 79 17.60 27.41 2.15
N ILE G 80 17.33 26.21 1.65
CA ILE G 80 16.89 26.05 0.28
C ILE G 80 15.48 25.47 0.19
N VAL G 81 14.71 25.95 -0.78
CA VAL G 81 13.34 25.51 -0.97
C VAL G 81 13.12 24.93 -2.37
N GLU G 82 12.80 23.65 -2.44
CA GLU G 82 12.37 23.02 -3.68
C GLU G 82 10.88 22.74 -3.59
N THR G 83 10.21 22.70 -4.74
CA THR G 83 8.81 22.33 -4.76
C THR G 83 8.68 20.83 -5.04
N PRO G 84 7.64 20.19 -4.51
CA PRO G 84 7.47 18.75 -4.68
C PRO G 84 7.32 18.37 -6.15
N SER G 85 7.07 19.35 -7.02
CA SER G 85 6.84 19.08 -8.43
C SER G 85 7.90 19.71 -9.34
N SER G 86 8.96 20.24 -8.75
CA SER G 86 10.04 20.82 -9.53
C SER G 86 10.91 19.71 -10.14
N ASP G 87 10.77 19.51 -11.45
CA ASP G 87 11.37 18.35 -12.12
C ASP G 87 12.63 18.65 -12.93
N ASN G 88 12.74 19.88 -13.43
CA ASN G 88 13.83 20.26 -14.32
C ASN G 88 15.19 20.29 -13.63
N GLY G 89 15.97 19.22 -13.78
CA GLY G 89 17.33 19.18 -13.25
C GLY G 89 18.36 18.77 -14.30
N THR G 90 18.83 17.53 -14.22
CA THR G 90 19.76 17.01 -15.22
C THR G 90 18.99 16.49 -16.44
N CYS G 91 18.75 17.39 -17.39
CA CYS G 91 17.99 17.06 -18.60
C CYS G 91 18.61 15.92 -19.41
N TYR G 92 19.93 15.95 -19.57
CA TYR G 92 20.62 14.84 -20.22
C TYR G 92 20.79 13.69 -19.23
N PRO G 93 20.20 12.53 -19.54
CA PRO G 93 20.22 11.39 -18.63
C PRO G 93 21.64 11.09 -18.16
N GLY G 94 21.80 10.85 -16.86
CA GLY G 94 23.11 10.55 -16.31
C GLY G 94 23.07 10.34 -14.82
N ASP G 95 24.26 10.28 -14.22
CA ASP G 95 24.38 10.02 -12.80
C ASP G 95 25.12 11.17 -12.13
N PHE G 96 24.43 11.87 -11.23
CA PHE G 96 25.05 12.96 -10.48
C PHE G 96 25.72 12.36 -9.24
N ILE G 97 27.05 12.34 -9.25
CA ILE G 97 27.81 11.70 -8.18
C ILE G 97 27.82 12.53 -6.90
N ASP G 98 27.63 11.87 -5.76
CA ASP G 98 27.57 12.55 -4.48
C ASP G 98 26.61 13.73 -4.52
N TYR G 99 25.46 13.52 -5.14
CA TYR G 99 24.45 14.57 -5.30
C TYR G 99 23.90 15.02 -3.95
N GLU G 100 23.49 14.07 -3.13
CA GLU G 100 22.95 14.38 -1.81
C GLU G 100 23.95 15.14 -0.97
N GLU G 101 25.22 14.73 -1.03
CA GLU G 101 26.27 15.43 -0.31
C GLU G 101 26.38 16.87 -0.78
N LEU G 102 26.29 17.08 -2.08
CA LEU G 102 26.37 18.42 -2.65
C LEU G 102 25.23 19.28 -2.12
N ARG G 103 24.01 18.74 -2.22
CA ARG G 103 22.84 19.45 -1.75
C ARG G 103 22.99 19.91 -0.30
N GLU G 104 23.59 19.05 0.52
CA GLU G 104 23.83 19.38 1.92
C GLU G 104 24.82 20.54 2.04
N GLN G 105 25.91 20.46 1.28
CA GLN G 105 26.96 21.47 1.33
C GLN G 105 26.43 22.83 0.90
N LEU G 106 25.45 22.81 0.01
CA LEU G 106 24.88 24.02 -0.56
C LEU G 106 23.65 24.53 0.20
N SER G 107 23.21 23.76 1.19
CA SER G 107 21.96 24.06 1.89
C SER G 107 21.91 25.48 2.43
N SER G 108 23.04 25.95 2.94
CA SER G 108 23.14 27.31 3.44
C SER G 108 24.51 27.90 3.16
N VAL G 109 24.51 29.08 2.56
CA VAL G 109 25.72 29.72 2.09
C VAL G 109 25.85 31.15 2.62
N SER G 110 27.06 31.52 3.00
CA SER G 110 27.32 32.86 3.52
C SER G 110 27.54 33.82 2.35
N SER G 111 28.50 33.49 1.49
CA SER G 111 28.70 34.26 0.27
C SER G 111 28.74 33.31 -0.93
N PHE G 112 28.20 33.74 -2.06
CA PHE G 112 28.05 32.86 -3.21
C PHE G 112 28.03 33.64 -4.52
N GLU G 113 29.20 33.77 -5.15
CA GLU G 113 29.29 34.44 -6.44
C GLU G 113 29.72 33.49 -7.55
N ARG G 114 28.99 33.52 -8.66
CA ARG G 114 29.26 32.66 -9.79
C ARG G 114 30.12 33.39 -10.83
N PHE G 115 31.22 32.78 -11.23
CA PHE G 115 32.13 33.38 -12.19
C PHE G 115 32.48 32.43 -13.33
N GLU G 116 33.02 32.98 -14.41
CA GLU G 116 33.38 32.18 -15.58
C GLU G 116 34.79 31.62 -15.45
N ILE G 117 34.89 30.42 -14.90
CA ILE G 117 36.19 29.81 -14.64
C ILE G 117 37.01 29.60 -15.91
N PHE G 118 36.37 29.07 -16.95
CA PHE G 118 37.02 28.89 -18.25
C PHE G 118 36.23 29.60 -19.34
N PRO G 119 36.54 30.89 -19.56
CA PRO G 119 35.87 31.73 -20.56
C PRO G 119 35.71 31.00 -21.90
N LYS G 120 34.50 30.97 -22.42
CA LYS G 120 34.20 30.22 -23.63
C LYS G 120 35.02 30.66 -24.83
N THR G 121 35.21 31.97 -24.97
CA THR G 121 35.88 32.50 -26.15
C THR G 121 37.38 32.23 -26.20
N SER G 122 38.05 32.38 -25.06
CA SER G 122 39.51 32.33 -25.02
C SER G 122 40.08 30.98 -24.58
N SER G 123 39.26 30.14 -23.96
CA SER G 123 39.75 28.92 -23.33
C SER G 123 40.01 27.75 -24.29
N TRP G 124 39.06 27.48 -25.16
CA TRP G 124 39.16 26.33 -26.06
C TRP G 124 39.31 26.76 -27.51
N PRO G 125 40.56 26.89 -27.97
CA PRO G 125 40.94 27.31 -29.33
C PRO G 125 41.02 26.14 -30.30
N ASN G 126 41.20 24.92 -29.79
CA ASN G 126 41.41 23.77 -30.66
C ASN G 126 40.23 22.79 -30.66
N HIS G 127 39.12 23.21 -30.09
CA HIS G 127 37.93 22.38 -29.99
C HIS G 127 36.68 23.21 -30.28
N ASP G 128 35.61 22.54 -30.69
CA ASP G 128 34.37 23.23 -31.01
C ASP G 128 33.52 23.40 -29.75
N SER G 129 33.25 24.65 -29.40
CA SER G 129 32.47 24.96 -28.20
C SER G 129 31.09 25.50 -28.54
N ASN G 130 30.59 25.17 -29.73
CA ASN G 130 29.31 25.70 -30.18
C ASN G 130 28.33 24.61 -30.57
N LYS G 131 28.85 23.49 -31.07
CA LYS G 131 28.02 22.38 -31.52
C LYS G 131 27.45 21.59 -30.36
N GLY G 132 27.95 21.86 -29.15
CA GLY G 132 27.57 21.09 -27.98
C GLY G 132 26.17 21.35 -27.44
N VAL G 133 25.15 21.10 -28.24
CA VAL G 133 23.77 21.22 -27.79
C VAL G 133 22.99 19.95 -28.11
N THR G 134 21.88 19.75 -27.40
CA THR G 134 21.08 18.54 -27.56
C THR G 134 19.59 18.79 -27.43
N ALA G 135 18.80 17.88 -28.00
CA ALA G 135 17.34 17.98 -27.93
C ALA G 135 16.83 17.52 -26.59
N ALA G 136 17.74 17.10 -25.73
CA ALA G 136 17.39 16.68 -24.38
C ALA G 136 17.34 17.87 -23.44
N CYS G 137 17.90 19.00 -23.89
CA CYS G 137 17.91 20.22 -23.10
C CYS G 137 17.40 21.40 -23.94
N PRO G 138 16.09 21.41 -24.22
CA PRO G 138 15.43 22.40 -25.07
C PRO G 138 15.14 23.70 -24.35
N HIS G 139 15.46 24.83 -24.98
CA HIS G 139 15.06 26.13 -24.45
C HIS G 139 14.30 26.91 -25.51
N ALA G 140 12.98 26.79 -25.49
CA ALA G 140 12.13 27.43 -26.49
C ALA G 140 12.30 26.75 -27.85
N GLY G 141 12.00 25.47 -27.92
CA GLY G 141 12.05 24.72 -29.17
C GLY G 141 13.45 24.42 -29.64
N ALA G 142 14.38 25.34 -29.37
CA ALA G 142 15.76 25.18 -29.82
C ALA G 142 16.53 24.21 -28.94
N LYS G 143 17.40 23.42 -29.57
CA LYS G 143 18.29 22.54 -28.82
C LYS G 143 19.31 23.38 -28.05
N SER G 144 19.47 23.07 -26.77
CA SER G 144 20.36 23.84 -25.92
C SER G 144 20.97 22.91 -24.88
N PHE G 145 21.71 23.49 -23.94
CA PHE G 145 22.41 22.71 -22.92
C PHE G 145 22.65 23.52 -21.66
N TYR G 146 23.21 22.88 -20.64
CA TYR G 146 23.49 23.55 -19.37
C TYR G 146 24.31 24.81 -19.63
N LYS G 147 24.06 25.85 -18.84
CA LYS G 147 24.74 27.12 -19.02
C LYS G 147 26.13 27.13 -18.39
N ASN G 148 26.30 26.34 -17.35
CA ASN G 148 27.55 26.35 -16.59
C ASN G 148 28.59 25.37 -17.10
N LEU G 149 28.21 24.53 -18.06
CA LEU G 149 29.12 23.59 -18.68
C LEU G 149 29.14 23.79 -20.19
N ILE G 150 30.21 23.32 -20.84
CA ILE G 150 30.29 23.37 -22.29
C ILE G 150 30.66 22.00 -22.85
N TRP G 151 29.84 21.51 -23.78
CA TRP G 151 30.06 20.20 -24.37
C TRP G 151 31.06 20.28 -25.51
N LEU G 152 32.34 20.16 -25.19
CA LEU G 152 33.40 20.26 -26.18
C LEU G 152 33.40 19.09 -27.16
N VAL G 153 33.22 19.39 -28.45
CA VAL G 153 33.29 18.39 -29.50
C VAL G 153 34.47 18.66 -30.42
N LYS G 154 34.82 17.68 -31.25
CA LYS G 154 35.96 17.80 -32.15
C LYS G 154 35.80 18.97 -33.11
N LYS G 155 36.93 19.55 -33.50
CA LYS G 155 36.93 20.64 -34.47
C LYS G 155 37.35 20.11 -35.84
N GLY G 156 36.35 19.65 -36.60
CA GLY G 156 36.59 19.11 -37.93
C GLY G 156 37.57 17.97 -37.95
N ASN G 157 37.10 16.79 -37.57
CA ASN G 157 37.92 15.57 -37.62
C ASN G 157 39.22 15.65 -36.82
N SER G 158 39.23 16.49 -35.79
CA SER G 158 40.41 16.60 -34.93
C SER G 158 40.05 16.96 -33.49
N TYR G 159 40.49 16.12 -32.56
CA TYR G 159 40.30 16.38 -31.13
C TYR G 159 41.64 16.19 -30.41
N PRO G 160 42.44 17.26 -30.37
CA PRO G 160 43.77 17.23 -29.75
C PRO G 160 43.65 17.07 -28.24
N LYS G 161 44.59 16.36 -27.62
CA LYS G 161 44.61 16.28 -26.16
C LYS G 161 44.53 17.68 -25.59
N LEU G 162 43.50 17.94 -24.78
CA LEU G 162 43.35 19.24 -24.17
C LEU G 162 43.88 19.21 -22.75
N SER G 163 44.32 20.37 -22.27
CA SER G 163 44.84 20.48 -20.91
C SER G 163 44.66 21.91 -20.40
N LYS G 164 43.66 22.10 -19.56
CA LYS G 164 43.39 23.41 -18.98
C LYS G 164 43.46 23.35 -17.46
N SER G 165 44.03 24.38 -16.85
CA SER G 165 44.12 24.45 -15.39
C SER G 165 43.58 25.76 -14.85
N TYR G 166 42.86 25.68 -13.74
CA TYR G 166 42.43 26.86 -13.02
C TYR G 166 43.08 26.91 -11.65
N ILE G 167 43.44 28.10 -11.22
CA ILE G 167 44.06 28.29 -9.92
C ILE G 167 43.19 29.22 -9.07
N ASN G 168 42.72 28.71 -7.94
CA ASN G 168 41.78 29.43 -7.10
C ASN G 168 42.38 30.69 -6.50
N ASP G 169 42.13 31.82 -7.14
CA ASP G 169 42.67 33.10 -6.70
C ASP G 169 41.66 33.92 -5.91
N LYS G 170 40.50 33.35 -5.67
CA LYS G 170 39.54 33.93 -4.75
C LYS G 170 40.04 33.78 -3.34
N GLY G 171 39.22 34.28 -2.40
CA GLY G 171 39.56 34.12 -1.00
C GLY G 171 38.83 32.99 -0.31
N LYS G 172 38.00 32.27 -1.08
CA LYS G 172 37.11 31.26 -0.54
C LYS G 172 37.17 29.99 -1.40
N GLU G 173 36.41 28.98 -1.00
CA GLU G 173 36.36 27.75 -1.78
C GLU G 173 35.68 27.99 -3.12
N VAL G 174 36.10 27.25 -4.14
CA VAL G 174 35.45 27.32 -5.44
C VAL G 174 34.81 25.96 -5.77
N LEU G 175 33.52 25.98 -6.04
CA LEU G 175 32.81 24.77 -6.41
C LEU G 175 32.90 24.58 -7.91
N VAL G 176 33.60 23.52 -8.33
CA VAL G 176 33.79 23.25 -9.75
C VAL G 176 32.98 22.03 -10.18
N LEU G 177 32.16 22.19 -11.21
CA LEU G 177 31.38 21.07 -11.74
C LEU G 177 31.81 20.71 -13.16
N TRP G 178 31.72 19.44 -13.51
CA TRP G 178 32.02 18.98 -14.86
C TRP G 178 31.30 17.68 -15.15
N GLY G 179 31.23 17.31 -16.42
CA GLY G 179 30.56 16.08 -16.81
C GLY G 179 31.43 15.16 -17.66
N ILE G 180 31.13 13.88 -17.60
CA ILE G 180 31.77 12.90 -18.48
C ILE G 180 30.69 12.28 -19.36
N HIS G 181 30.91 12.31 -20.67
CA HIS G 181 29.90 11.80 -21.60
C HIS G 181 30.18 10.39 -22.08
N HIS G 182 29.18 9.53 -21.96
CA HIS G 182 29.28 8.15 -22.42
C HIS G 182 28.36 7.91 -23.61
N PRO G 183 28.91 8.00 -24.83
CA PRO G 183 28.16 7.77 -26.07
C PRO G 183 27.50 6.39 -26.09
N SER G 184 26.45 6.26 -26.90
CA SER G 184 25.71 5.01 -26.99
C SER G 184 26.39 4.01 -27.91
N THR G 185 27.05 4.53 -28.96
CA THR G 185 27.69 3.68 -29.95
C THR G 185 29.09 4.19 -30.29
N SER G 186 29.99 3.26 -30.61
CA SER G 186 31.37 3.62 -30.95
C SER G 186 31.44 4.52 -32.19
N ALA G 187 30.35 4.56 -32.95
CA ALA G 187 30.25 5.46 -34.09
C ALA G 187 29.99 6.88 -33.61
N ASP G 188 29.02 7.02 -32.70
CA ASP G 188 28.76 8.31 -32.06
C ASP G 188 30.02 8.82 -31.40
N GLN G 189 30.83 7.90 -30.89
CA GLN G 189 32.08 8.25 -30.23
C GLN G 189 33.01 9.03 -31.15
N GLN G 190 33.33 8.45 -32.30
CA GLN G 190 34.27 9.10 -33.21
C GLN G 190 33.61 10.25 -33.94
N SER G 191 32.28 10.20 -34.04
CA SER G 191 31.53 11.30 -34.61
C SER G 191 31.73 12.56 -33.78
N LEU G 192 31.76 12.40 -32.47
CA LEU G 192 31.89 13.52 -31.55
C LEU G 192 33.33 13.89 -31.23
N TYR G 193 34.16 12.88 -30.95
CA TYR G 193 35.53 13.14 -30.55
C TYR G 193 36.06 12.02 -31.47
N GLN G 194 36.77 12.41 -32.53
CA GLN G 194 37.35 11.46 -33.49
C GLN G 194 37.93 10.18 -32.87
N ASN G 195 38.87 10.35 -31.94
CA ASN G 195 39.54 9.24 -31.28
C ASN G 195 38.57 8.21 -30.70
N ALA G 196 38.92 6.93 -30.85
CA ALA G 196 38.07 5.85 -30.39
C ALA G 196 38.33 5.50 -28.92
N ASP G 197 39.60 5.42 -28.56
CA ASP G 197 39.97 5.12 -27.19
C ASP G 197 40.42 6.38 -26.46
N THR G 198 39.54 6.93 -25.63
CA THR G 198 39.79 8.21 -24.99
C THR G 198 39.82 8.12 -23.47
N TYR G 199 40.08 9.25 -22.84
CA TYR G 199 40.14 9.32 -21.38
C TYR G 199 40.06 10.77 -20.91
N VAL G 200 39.53 10.96 -19.71
CA VAL G 200 39.49 12.28 -19.09
C VAL G 200 40.14 12.19 -17.71
N PHE G 201 40.94 13.18 -17.37
CA PHE G 201 41.57 13.22 -16.06
C PHE G 201 41.38 14.55 -15.36
N VAL G 202 40.88 14.51 -14.12
CA VAL G 202 40.76 15.70 -13.29
C VAL G 202 41.61 15.54 -12.05
N GLY G 203 42.32 16.60 -11.67
CA GLY G 203 43.18 16.53 -10.50
C GLY G 203 43.49 17.86 -9.83
N SER G 204 43.45 17.85 -8.50
CA SER G 204 43.90 18.98 -7.72
C SER G 204 44.84 18.44 -6.65
N SER G 205 45.02 19.20 -5.57
CA SER G 205 45.86 18.75 -4.47
C SER G 205 45.24 17.61 -3.67
N ARG G 206 43.92 17.54 -3.68
CA ARG G 206 43.20 16.52 -2.91
C ARG G 206 42.41 15.56 -3.80
N TYR G 207 41.93 16.07 -4.93
CA TYR G 207 41.15 15.27 -5.87
C TYR G 207 42.02 14.69 -6.97
N SER G 208 41.69 13.49 -7.42
CA SER G 208 42.40 12.84 -8.51
C SER G 208 41.62 11.63 -9.00
N LYS G 209 41.23 11.66 -10.27
CA LYS G 209 40.45 10.58 -10.84
C LYS G 209 40.54 10.56 -12.37
N LYS G 210 40.75 9.36 -12.92
CA LYS G 210 40.79 9.18 -14.37
C LYS G 210 39.48 8.54 -14.82
N PHE G 211 38.91 9.08 -15.89
CA PHE G 211 37.61 8.61 -16.37
C PHE G 211 37.71 7.93 -17.73
N LYS G 212 37.12 6.73 -17.82
CA LYS G 212 37.05 6.00 -19.07
C LYS G 212 35.61 5.93 -19.55
N PRO G 213 35.34 6.46 -20.74
CA PRO G 213 33.99 6.44 -21.33
C PRO G 213 33.48 5.02 -21.50
N GLU G 214 32.32 4.73 -20.94
CA GLU G 214 31.68 3.43 -21.08
C GLU G 214 30.64 3.50 -22.20
N ILE G 215 30.99 2.97 -23.37
CA ILE G 215 30.15 3.10 -24.54
C ILE G 215 29.19 1.92 -24.69
N ALA G 216 27.89 2.23 -24.73
CA ALA G 216 26.86 1.20 -24.85
C ALA G 216 25.48 1.82 -25.00
N ILE G 217 24.51 0.98 -25.37
CA ILE G 217 23.14 1.46 -25.58
C ILE G 217 22.31 1.30 -24.31
N ARG G 218 22.08 2.41 -23.62
CA ARG G 218 21.15 2.42 -22.49
C ARG G 218 19.75 2.68 -23.00
N PRO G 219 18.74 2.14 -22.29
CA PRO G 219 17.34 2.39 -22.64
C PRO G 219 17.09 3.87 -22.81
N LYS G 220 16.33 4.23 -23.85
CA LYS G 220 16.08 5.64 -24.14
C LYS G 220 15.52 6.41 -22.95
N VAL G 221 16.17 7.53 -22.63
CA VAL G 221 15.65 8.46 -21.64
C VAL G 221 15.75 9.87 -22.20
N ARG G 222 14.62 10.54 -22.30
CA ARG G 222 14.58 11.84 -22.95
C ARG G 222 15.31 11.77 -24.29
N GLU G 223 15.12 10.68 -25.02
CA GLU G 223 15.64 10.53 -26.37
C GLU G 223 17.10 10.10 -26.43
N GLN G 224 17.72 9.89 -25.27
CA GLN G 224 19.15 9.61 -25.22
C GLN G 224 19.46 8.17 -24.83
N GLU G 225 20.19 7.47 -25.69
CA GLU G 225 20.63 6.12 -25.39
C GLU G 225 22.02 6.20 -24.76
N GLY G 226 22.62 7.38 -24.84
CA GLY G 226 23.89 7.63 -24.18
C GLY G 226 23.66 8.23 -22.80
N ARG G 227 24.72 8.35 -22.02
CA ARG G 227 24.61 8.90 -20.67
C ARG G 227 25.65 9.98 -20.42
N MET G 228 25.46 10.72 -19.32
CA MET G 228 26.37 11.79 -18.96
C MET G 228 26.41 11.91 -17.45
N ASN G 229 27.53 11.56 -16.85
CA ASN G 229 27.69 11.63 -15.40
C ASN G 229 28.29 12.97 -14.95
N TYR G 230 27.76 13.50 -13.85
CA TYR G 230 28.17 14.82 -13.38
C TYR G 230 28.98 14.73 -12.09
N TYR G 231 30.11 15.42 -12.07
CA TYR G 231 31.00 15.39 -10.93
C TYR G 231 31.26 16.79 -10.39
N TRP G 232 31.70 16.88 -9.15
CA TRP G 232 31.99 18.17 -8.53
C TRP G 232 33.03 18.03 -7.43
N THR G 233 33.71 19.13 -7.14
CA THR G 233 34.71 19.14 -6.07
C THR G 233 34.95 20.57 -5.63
N LEU G 234 35.36 20.73 -4.37
CA LEU G 234 35.66 22.06 -3.84
C LEU G 234 37.17 22.30 -3.85
N VAL G 235 37.61 23.31 -4.59
CA VAL G 235 39.03 23.61 -4.62
C VAL G 235 39.42 24.67 -3.59
N GLU G 236 40.31 24.27 -2.68
CA GLU G 236 40.73 25.14 -1.60
C GLU G 236 41.42 26.38 -2.16
N PRO G 237 41.34 27.49 -1.42
CA PRO G 237 41.99 28.74 -1.83
C PRO G 237 43.48 28.54 -2.02
N GLY G 238 44.01 28.97 -3.15
CA GLY G 238 45.43 28.83 -3.45
C GLY G 238 45.76 27.54 -4.16
N ASP G 239 44.81 26.61 -4.15
CA ASP G 239 44.98 25.34 -4.84
C ASP G 239 44.60 25.49 -6.30
N LYS G 240 45.00 24.54 -7.13
CA LYS G 240 44.64 24.58 -8.55
C LYS G 240 44.14 23.23 -9.03
N ILE G 241 43.20 23.27 -9.98
CA ILE G 241 42.59 22.07 -10.51
C ILE G 241 42.90 21.93 -12.00
N THR G 242 43.24 20.70 -12.43
CA THR G 242 43.66 20.47 -13.80
C THR G 242 42.72 19.53 -14.55
N PHE G 243 42.30 19.95 -15.74
CA PHE G 243 41.50 19.11 -16.61
C PHE G 243 42.34 18.67 -17.79
N GLU G 244 42.17 17.41 -18.19
CA GLU G 244 42.93 16.84 -19.28
C GLU G 244 42.11 15.73 -19.92
N ALA G 245 41.89 15.83 -21.22
CA ALA G 245 41.05 14.85 -21.90
C ALA G 245 41.39 14.70 -23.39
N THR G 246 41.20 13.49 -23.90
CA THR G 246 41.30 13.24 -25.33
C THR G 246 39.90 13.06 -25.89
N GLY G 247 38.91 13.52 -25.14
CA GLY G 247 37.52 13.44 -25.56
C GLY G 247 36.55 13.16 -24.43
N ASN G 248 35.26 13.29 -24.72
CA ASN G 248 34.21 12.92 -23.77
C ASN G 248 34.10 13.82 -22.53
N LEU G 249 34.87 14.88 -22.49
CA LEU G 249 34.85 15.79 -21.34
C LEU G 249 33.91 16.96 -21.58
N VAL G 250 32.92 17.09 -20.70
CA VAL G 250 32.05 18.26 -20.68
C VAL G 250 32.66 19.29 -19.73
N VAL G 251 33.41 20.23 -20.28
CA VAL G 251 34.21 21.16 -19.48
C VAL G 251 33.39 22.19 -18.73
N PRO G 252 33.93 22.68 -17.62
CA PRO G 252 33.35 23.76 -16.82
C PRO G 252 33.42 25.09 -17.56
N ARG G 253 32.40 25.92 -17.40
CA ARG G 253 32.42 27.27 -17.93
C ARG G 253 32.28 28.22 -16.76
N TYR G 254 31.28 27.98 -15.92
CA TYR G 254 31.08 28.76 -14.72
C TYR G 254 31.29 27.93 -13.46
N ALA G 255 31.98 28.51 -12.49
CA ALA G 255 32.18 27.89 -11.20
C ALA G 255 31.58 28.78 -10.12
N PHE G 256 31.85 28.48 -8.86
CA PHE G 256 31.24 29.26 -7.78
C PHE G 256 32.19 29.52 -6.62
N ALA G 257 32.61 30.78 -6.48
CA ALA G 257 33.31 31.20 -5.29
C ALA G 257 32.29 31.15 -4.17
N MET G 258 32.64 30.48 -3.08
CA MET G 258 31.61 30.10 -2.12
C MET G 258 32.15 30.01 -0.70
N GLU G 259 31.38 30.52 0.25
CA GLU G 259 31.69 30.40 1.66
C GLU G 259 30.45 29.88 2.37
N ARG G 260 30.59 28.72 3.02
CA ARG G 260 29.43 28.04 3.57
C ARG G 260 29.39 28.02 5.09
N ASN G 261 28.18 28.04 5.63
CA ASN G 261 27.96 27.93 7.07
C ASN G 261 27.04 26.77 7.40
N ALA G 262 27.58 25.76 8.09
CA ALA G 262 26.84 24.54 8.38
C ALA G 262 25.61 24.81 9.23
N GLY G 263 24.75 23.81 9.34
CA GLY G 263 23.63 23.88 10.27
C GLY G 263 22.27 24.09 9.65
N SER G 264 22.16 23.99 8.33
CA SER G 264 20.87 24.17 7.68
C SER G 264 20.50 22.99 6.79
N GLY G 265 19.37 23.12 6.09
CA GLY G 265 18.86 22.03 5.28
C GLY G 265 18.01 22.48 4.11
N ILE G 266 17.15 21.58 3.64
CA ILE G 266 16.36 21.81 2.44
C ILE G 266 14.90 21.42 2.66
N ILE G 267 14.00 22.34 2.33
CA ILE G 267 12.58 22.10 2.50
C ILE G 267 11.88 21.90 1.16
N ILE G 268 11.25 20.74 0.99
CA ILE G 268 10.42 20.49 -0.19
C ILE G 268 8.96 20.79 0.14
N SER G 269 8.45 21.91 -0.36
CA SER G 269 7.10 22.34 -0.02
C SER G 269 6.50 23.29 -1.05
N ASP G 270 5.17 23.30 -1.12
CA ASP G 270 4.47 24.22 -1.99
C ASP G 270 4.19 25.53 -1.27
N THR G 271 4.39 25.54 0.04
CA THR G 271 4.14 26.72 0.86
C THR G 271 4.88 27.94 0.31
N PRO G 272 4.14 29.02 0.06
CA PRO G 272 4.66 30.27 -0.52
C PRO G 272 5.76 30.90 0.33
N VAL G 273 6.78 31.44 -0.32
CA VAL G 273 7.83 32.16 0.37
C VAL G 273 7.43 33.64 0.50
N HIS G 274 7.70 34.22 1.66
CA HIS G 274 7.31 35.60 1.93
C HIS G 274 8.44 36.43 2.52
N ASP G 275 8.17 37.71 2.72
CA ASP G 275 9.12 38.60 3.39
C ASP G 275 8.74 38.77 4.84
N CYS G 276 9.15 37.82 5.67
CA CYS G 276 8.87 37.85 7.10
C CYS G 276 10.01 37.19 7.87
N ASN G 277 10.15 37.54 9.13
CA ASN G 277 11.16 36.91 9.98
C ASN G 277 10.59 35.72 10.75
N THR G 278 11.46 34.78 11.08
CA THR G 278 11.09 33.63 11.90
C THR G 278 12.34 33.03 12.52
N THR G 279 12.17 32.38 13.66
CA THR G 279 13.29 31.78 14.35
C THR G 279 13.22 30.27 14.15
N CYS G 280 12.11 29.83 13.58
CA CYS G 280 11.83 28.41 13.40
C CYS G 280 10.98 28.18 12.17
N GLN G 281 11.44 27.30 11.29
CA GLN G 281 10.72 27.07 10.03
C GLN G 281 10.34 25.61 9.84
N THR G 282 9.11 25.38 9.37
CA THR G 282 8.66 24.05 9.00
C THR G 282 8.16 24.09 7.57
N PRO G 283 8.08 22.92 6.91
CA PRO G 283 7.57 22.83 5.55
C PRO G 283 6.14 23.36 5.43
N LYS G 284 5.40 23.41 6.53
CA LYS G 284 4.02 23.88 6.52
C LYS G 284 3.92 25.38 6.76
N GLY G 285 4.96 25.94 7.38
CA GLY G 285 4.98 27.36 7.71
C GLY G 285 5.88 27.64 8.90
N ALA G 286 6.13 28.93 9.16
CA ALA G 286 7.01 29.32 10.25
C ALA G 286 6.31 29.24 11.59
N ILE G 287 7.10 29.23 12.67
CA ILE G 287 6.58 29.15 14.02
C ILE G 287 7.10 30.26 14.92
N ASN G 288 6.20 31.12 15.38
CA ASN G 288 6.54 32.17 16.33
C ASN G 288 6.04 31.77 17.71
N THR G 289 6.96 31.39 18.60
CA THR G 289 6.56 30.89 19.90
C THR G 289 7.69 30.85 20.93
N SER G 290 7.30 30.84 22.21
CA SER G 290 8.24 30.69 23.31
C SER G 290 8.03 29.34 23.96
N LEU G 291 6.87 28.73 23.67
CA LEU G 291 6.51 27.43 24.23
C LEU G 291 7.57 26.37 23.93
N PRO G 292 7.68 25.37 24.83
CA PRO G 292 8.70 24.32 24.75
C PRO G 292 8.36 23.26 23.71
N PHE G 293 7.07 23.11 23.39
CA PHE G 293 6.64 22.03 22.52
C PHE G 293 5.74 22.49 21.39
N GLN G 294 5.87 21.83 20.24
CA GLN G 294 5.00 22.10 19.11
C GLN G 294 4.62 20.78 18.45
N ASN G 295 3.41 20.72 17.91
CA ASN G 295 2.94 19.50 17.25
C ASN G 295 2.63 19.77 15.78
N ILE G 296 3.27 20.79 15.23
CA ILE G 296 3.03 21.22 13.86
C ILE G 296 3.78 20.37 12.83
N HIS G 297 5.04 20.08 13.09
CA HIS G 297 5.85 19.29 12.17
C HIS G 297 7.15 18.82 12.82
N PRO G 298 7.54 17.56 12.55
CA PRO G 298 8.76 16.93 13.06
C PRO G 298 10.02 17.50 12.43
N ILE G 299 9.98 17.73 11.12
CA ILE G 299 11.14 18.27 10.41
C ILE G 299 11.18 19.78 10.51
N THR G 300 12.21 20.28 11.18
CA THR G 300 12.28 21.70 11.54
C THR G 300 13.64 22.29 11.19
N ILE G 301 13.67 23.61 10.98
CA ILE G 301 14.93 24.32 10.72
C ILE G 301 15.03 25.56 11.58
N GLY G 302 16.07 25.62 12.41
CA GLY G 302 16.29 26.77 13.28
C GLY G 302 16.28 26.39 14.75
N LYS G 303 16.11 27.38 15.61
CA LYS G 303 16.01 27.15 17.04
C LYS G 303 14.54 26.91 17.39
N CYS G 304 14.15 25.64 17.44
CA CYS G 304 12.74 25.28 17.52
C CYS G 304 12.31 24.54 18.77
N PRO G 305 11.00 24.51 19.04
CA PRO G 305 10.36 23.72 20.09
C PRO G 305 10.42 22.24 19.75
N LYS G 306 10.49 21.39 20.76
CA LYS G 306 10.54 19.94 20.52
C LYS G 306 9.22 19.44 19.95
N TYR G 307 9.31 18.61 18.92
CA TYR G 307 8.11 18.06 18.31
C TYR G 307 7.48 17.00 19.19
N VAL G 308 6.17 17.12 19.41
CA VAL G 308 5.44 16.20 20.27
C VAL G 308 4.17 15.70 19.59
N LYS G 309 3.74 14.50 19.96
CA LYS G 309 2.56 13.89 19.38
C LYS G 309 1.28 14.37 20.08
N SER G 310 1.46 15.07 21.20
CA SER G 310 0.33 15.57 21.98
C SER G 310 -0.60 16.46 21.18
N THR G 311 -1.88 16.45 21.56
CA THR G 311 -2.86 17.31 20.94
C THR G 311 -3.09 18.58 21.77
N LYS G 312 -3.04 18.42 23.09
CA LYS G 312 -3.18 19.54 24.01
C LYS G 312 -2.33 19.36 25.26
N LEU G 313 -1.58 20.40 25.62
CA LEU G 313 -0.80 20.39 26.85
C LEU G 313 -1.20 21.55 27.74
N ARG G 314 -2.43 21.50 28.25
CA ARG G 314 -2.98 22.59 29.03
C ARG G 314 -2.49 22.54 30.49
N LEU G 315 -1.79 23.59 30.89
CA LEU G 315 -1.19 23.67 32.23
C LEU G 315 -2.04 24.56 33.13
N ALA G 316 -2.45 24.03 34.27
CA ALA G 316 -3.32 24.75 35.19
C ALA G 316 -2.54 25.79 36.00
N THR G 317 -3.07 27.01 36.06
CA THR G 317 -2.46 28.08 36.84
C THR G 317 -3.39 28.53 37.97
N GLY G 318 -4.69 28.54 37.70
CA GLY G 318 -5.67 28.87 38.72
C GLY G 318 -6.01 27.67 39.58
N LEU G 319 -7.23 27.64 40.12
CA LEU G 319 -7.66 26.52 40.95
C LEU G 319 -8.96 25.92 40.43
N ARG G 320 -9.45 24.89 41.11
CA ARG G 320 -10.71 24.27 40.74
C ARG G 320 -11.81 25.31 40.63
N ASN G 321 -12.70 25.14 39.66
CA ASN G 321 -13.78 26.08 39.44
C ASN G 321 -15.12 25.55 39.95
N ILE G 322 -15.76 26.32 40.83
CA ILE G 322 -17.08 25.99 41.34
C ILE G 322 -18.04 27.16 41.11
N PRO G 323 -19.35 26.91 41.24
CA PRO G 323 -20.35 27.98 41.20
C PRO G 323 -20.73 28.43 42.59
N GLY H 1 -9.06 17.90 48.17
CA GLY H 1 -7.69 17.94 47.69
C GLY H 1 -6.71 17.24 48.63
N LEU H 2 -5.53 17.84 48.77
CA LEU H 2 -4.45 17.26 49.57
C LEU H 2 -4.39 17.91 50.94
N PHE H 3 -4.90 19.14 51.03
CA PHE H 3 -4.89 19.89 52.29
C PHE H 3 -6.27 20.02 52.92
N GLY H 4 -7.28 19.46 52.25
CA GLY H 4 -8.61 19.37 52.80
C GLY H 4 -9.41 20.66 52.80
N ALA H 5 -8.83 21.73 52.27
CA ALA H 5 -9.50 23.02 52.25
C ALA H 5 -10.41 23.17 51.02
N ILE H 6 -9.80 23.46 49.87
CA ILE H 6 -10.54 23.61 48.63
C ILE H 6 -11.31 22.34 48.31
N ALA H 7 -12.58 22.48 47.98
CA ALA H 7 -13.46 21.33 47.75
C ALA H 7 -13.36 20.36 48.92
N GLY H 8 -13.05 20.88 50.09
CA GLY H 8 -12.97 20.10 51.31
C GLY H 8 -13.97 20.58 52.34
N PHE H 9 -13.49 21.21 53.40
CA PHE H 9 -14.39 21.80 54.40
C PHE H 9 -14.88 23.17 53.95
N ILE H 10 -14.32 23.66 52.86
CA ILE H 10 -14.85 24.83 52.16
C ILE H 10 -15.37 24.36 50.81
N GLU H 11 -16.60 23.85 50.81
CA GLU H 11 -17.16 23.12 49.67
C GLU H 11 -17.01 23.81 48.31
N GLY H 12 -17.35 25.10 48.23
CA GLY H 12 -17.36 25.79 46.96
C GLY H 12 -16.56 27.07 46.91
N GLY H 13 -16.58 27.72 45.75
CA GLY H 13 -15.90 28.98 45.55
C GLY H 13 -16.88 30.12 45.30
N TRP H 14 -16.38 31.35 45.35
CA TRP H 14 -17.24 32.51 45.19
C TRP H 14 -17.04 33.18 43.84
N THR H 15 -18.03 33.07 42.98
CA THR H 15 -18.02 33.79 41.71
C THR H 15 -18.05 35.29 41.98
N GLY H 16 -18.54 35.65 43.16
CA GLY H 16 -18.65 37.05 43.56
C GLY H 16 -17.30 37.71 43.76
N MET H 17 -16.35 36.96 44.30
CA MET H 17 -15.00 37.48 44.50
C MET H 17 -14.22 37.39 43.19
N VAL H 18 -14.08 38.53 42.51
CA VAL H 18 -13.48 38.54 41.18
C VAL H 18 -12.12 39.24 41.15
N ASP H 19 -11.71 39.78 42.29
CA ASP H 19 -10.49 40.58 42.35
C ASP H 19 -9.26 39.81 42.86
N GLY H 20 -9.44 38.52 43.15
CA GLY H 20 -8.34 37.71 43.65
C GLY H 20 -8.65 36.22 43.73
N TRP H 21 -7.63 35.43 44.03
CA TRP H 21 -7.80 33.98 44.13
C TRP H 21 -8.34 33.56 45.49
N TYR H 22 -7.79 34.15 46.55
CA TYR H 22 -8.26 33.87 47.91
C TYR H 22 -8.72 35.16 48.57
N GLY H 23 -9.78 35.08 49.38
CA GLY H 23 -10.30 36.26 50.03
C GLY H 23 -11.29 36.00 51.16
N TYR H 24 -11.99 37.05 51.56
CA TYR H 24 -12.94 36.97 52.65
C TYR H 24 -14.32 37.45 52.23
N HIS H 25 -15.34 37.09 53.01
CA HIS H 25 -16.69 37.61 52.85
C HIS H 25 -17.25 38.00 54.21
N HIS H 26 -17.19 39.29 54.53
CA HIS H 26 -17.63 39.79 55.82
C HIS H 26 -19.15 39.98 55.87
N GLN H 27 -19.70 39.91 57.08
CA GLN H 27 -21.13 40.08 57.29
C GLN H 27 -21.42 40.71 58.64
N ASN H 28 -21.60 42.04 58.65
CA ASN H 28 -21.93 42.74 59.88
C ASN H 28 -23.06 43.75 59.69
N GLU H 29 -23.18 44.69 60.62
CA GLU H 29 -24.26 45.65 60.62
C GLU H 29 -24.10 46.72 59.54
N GLN H 30 -22.88 46.88 59.04
CA GLN H 30 -22.61 47.88 58.01
C GLN H 30 -22.77 47.29 56.60
N GLY H 31 -23.22 46.05 56.51
CA GLY H 31 -23.48 45.43 55.22
C GLY H 31 -22.68 44.16 54.98
N SER H 32 -22.64 43.74 53.71
CA SER H 32 -21.88 42.56 53.32
C SER H 32 -20.93 42.90 52.18
N GLY H 33 -20.15 41.92 51.75
CA GLY H 33 -19.25 42.11 50.64
C GLY H 33 -18.10 41.12 50.56
N TYR H 34 -17.52 41.00 49.38
CA TYR H 34 -16.34 40.17 49.18
C TYR H 34 -15.10 41.05 49.07
N ALA H 35 -13.93 40.45 49.28
CA ALA H 35 -12.68 41.18 49.18
C ALA H 35 -11.49 40.22 49.18
N ALA H 36 -10.77 40.20 48.06
CA ALA H 36 -9.62 39.31 47.93
C ALA H 36 -8.50 39.71 48.88
N ASP H 37 -7.72 38.73 49.33
CA ASP H 37 -6.56 38.99 50.16
C ASP H 37 -5.40 39.47 49.30
N LEU H 38 -5.21 40.78 49.24
CA LEU H 38 -4.19 41.39 48.37
C LEU H 38 -2.88 40.61 48.39
N LYS H 39 -2.22 40.58 49.53
CA LYS H 39 -0.89 39.99 49.64
C LYS H 39 -0.87 38.50 49.30
N SER H 40 -1.86 37.77 49.81
CA SER H 40 -1.93 36.33 49.60
C SER H 40 -2.10 35.97 48.12
N THR H 41 -2.95 36.73 47.44
CA THR H 41 -3.21 36.49 46.02
C THR H 41 -2.02 36.83 45.15
N GLN H 42 -1.38 37.95 45.44
CA GLN H 42 -0.24 38.40 44.63
C GLN H 42 0.90 37.39 44.71
N ASN H 43 1.10 36.81 45.89
CA ASN H 43 2.17 35.85 46.09
C ASN H 43 2.01 34.63 45.20
N ALA H 44 0.80 34.09 45.14
CA ALA H 44 0.51 32.94 44.30
C ALA H 44 0.74 33.30 42.83
N ILE H 45 0.27 34.47 42.43
CA ILE H 45 0.45 34.92 41.05
C ILE H 45 1.93 34.98 40.68
N ASP H 46 2.74 35.53 41.58
CA ASP H 46 4.17 35.60 41.35
C ASP H 46 4.77 34.21 41.18
N GLU H 47 4.48 33.33 42.13
CA GLU H 47 5.06 31.99 42.15
C GLU H 47 4.55 31.12 40.99
N ILE H 48 3.24 31.16 40.74
CA ILE H 48 2.65 30.43 39.63
C ILE H 48 3.22 30.92 38.30
N THR H 49 3.36 32.23 38.16
CA THR H 49 3.98 32.81 36.97
C THR H 49 5.39 32.26 36.79
N ASN H 50 6.19 32.35 37.86
CA ASN H 50 7.54 31.81 37.83
C ASN H 50 7.55 30.36 37.40
N LYS H 51 6.63 29.58 37.95
CA LYS H 51 6.49 28.17 37.59
C LYS H 51 6.36 28.02 36.08
N VAL H 52 5.30 28.60 35.51
CA VAL H 52 5.07 28.55 34.07
C VAL H 52 6.31 28.99 33.32
N ASN H 53 6.94 30.07 33.78
CA ASN H 53 8.13 30.59 33.12
C ASN H 53 9.33 29.64 33.21
N SER H 54 9.45 28.92 34.31
CA SER H 54 10.52 27.95 34.49
C SER H 54 10.37 26.77 33.51
N VAL H 55 9.16 26.24 33.42
CA VAL H 55 8.87 25.16 32.50
C VAL H 55 9.19 25.55 31.06
N ILE H 56 8.99 26.81 30.72
CA ILE H 56 9.25 27.30 29.37
C ILE H 56 10.70 27.70 29.16
N GLU H 57 11.20 28.55 30.05
CA GLU H 57 12.51 29.16 29.89
C GLU H 57 13.67 28.17 29.93
N LYS H 58 13.49 27.06 30.65
CA LYS H 58 14.53 26.05 30.78
C LYS H 58 14.78 25.29 29.46
N MET H 59 13.79 25.32 28.58
CA MET H 59 13.94 24.68 27.27
C MET H 59 14.73 25.57 26.32
N ASN H 60 16.04 25.42 26.35
CA ASN H 60 16.94 26.14 25.46
C ASN H 60 17.44 25.20 24.36
N THR H 61 17.02 25.48 23.13
CA THR H 61 17.30 24.58 22.02
C THR H 61 18.44 25.05 21.12
N GLN H 62 18.99 24.11 20.36
CA GLN H 62 20.07 24.39 19.41
C GLN H 62 19.46 24.81 18.08
N PHE H 63 20.26 25.47 17.25
CA PHE H 63 19.84 25.72 15.87
C PHE H 63 20.20 24.50 15.05
N THR H 64 19.18 23.71 14.70
CA THR H 64 19.41 22.49 13.94
C THR H 64 18.43 22.36 12.79
N ALA H 65 18.88 21.67 11.74
CA ALA H 65 18.01 21.35 10.62
C ALA H 65 17.75 19.85 10.60
N VAL H 66 16.70 19.43 11.30
CA VAL H 66 16.24 18.05 11.24
C VAL H 66 15.96 17.74 9.79
N GLY H 67 16.05 16.47 9.42
CA GLY H 67 15.71 16.06 8.07
C GLY H 67 16.93 15.89 7.21
N LYS H 68 17.08 14.69 6.68
CA LYS H 68 18.22 14.35 5.86
C LYS H 68 17.72 13.69 4.59
N GLU H 69 18.56 13.68 3.55
CA GLU H 69 18.21 13.05 2.29
C GLU H 69 19.14 11.87 2.03
N PHE H 70 18.56 10.74 1.62
CA PHE H 70 19.35 9.56 1.32
C PHE H 70 18.85 8.91 0.03
N ASN H 71 19.77 8.34 -0.74
CA ASN H 71 19.41 7.68 -1.99
C ASN H 71 18.94 6.24 -1.79
N HIS H 72 18.46 5.62 -2.86
CA HIS H 72 17.84 4.31 -2.76
C HIS H 72 18.76 3.25 -2.16
N LEU H 73 20.06 3.54 -2.14
CA LEU H 73 21.04 2.59 -1.61
C LEU H 73 21.59 3.02 -0.26
N GLU H 74 20.80 3.81 0.47
CA GLU H 74 21.16 4.25 1.81
C GLU H 74 19.99 4.08 2.77
N LYS H 75 19.13 3.10 2.46
CA LYS H 75 17.94 2.85 3.26
C LYS H 75 18.27 2.60 4.73
N ARG H 76 19.40 1.93 4.99
CA ARG H 76 19.80 1.64 6.35
C ARG H 76 20.02 2.93 7.15
N ILE H 77 20.89 3.82 6.68
CA ILE H 77 21.13 5.07 7.39
C ILE H 77 19.89 5.96 7.38
N GLU H 78 19.03 5.77 6.40
CA GLU H 78 17.77 6.49 6.37
C GLU H 78 16.93 6.05 7.56
N ASN H 79 16.88 4.75 7.79
CA ASN H 79 16.13 4.20 8.91
C ASN H 79 16.79 4.52 10.24
N LEU H 80 18.11 4.67 10.23
CA LEU H 80 18.84 5.06 11.42
C LEU H 80 18.38 6.45 11.81
N ASN H 81 18.34 7.34 10.82
CA ASN H 81 17.85 8.69 11.01
C ASN H 81 16.42 8.69 11.51
N LYS H 82 15.59 7.87 10.87
CA LYS H 82 14.20 7.74 11.29
C LYS H 82 14.12 7.28 12.75
N LYS H 83 15.04 6.41 13.15
CA LYS H 83 15.04 5.90 14.52
C LYS H 83 15.34 6.99 15.53
N VAL H 84 16.33 7.82 15.23
CA VAL H 84 16.71 8.89 16.14
C VAL H 84 15.62 9.95 16.23
N ASP H 85 14.87 10.12 15.15
CA ASP H 85 13.79 11.10 15.15
C ASP H 85 12.62 10.60 15.99
N ASP H 86 12.23 9.35 15.79
CA ASP H 86 11.13 8.77 16.53
C ASP H 86 11.54 8.51 17.97
N GLY H 87 12.85 8.38 18.20
CA GLY H 87 13.37 8.18 19.55
C GLY H 87 13.16 9.43 20.38
N PHE H 88 13.46 10.57 19.78
CA PHE H 88 13.28 11.86 20.45
C PHE H 88 11.80 12.17 20.61
N LEU H 89 10.99 11.75 19.64
CA LEU H 89 9.55 12.00 19.68
C LEU H 89 8.88 11.31 20.86
N ASP H 90 9.25 10.07 21.10
CA ASP H 90 8.70 9.31 22.21
C ASP H 90 9.18 9.86 23.54
N ILE H 91 10.46 10.22 23.61
CA ILE H 91 11.03 10.80 24.81
C ILE H 91 10.36 12.12 25.20
N TRP H 92 10.29 13.05 24.26
CA TRP H 92 9.72 14.36 24.54
C TRP H 92 8.22 14.28 24.82
N THR H 93 7.49 13.51 24.03
CA THR H 93 6.07 13.38 24.23
C THR H 93 5.77 12.89 25.65
N TYR H 94 6.44 11.81 26.05
CA TYR H 94 6.21 11.22 27.36
C TYR H 94 6.52 12.20 28.48
N ASN H 95 7.72 12.78 28.46
CA ASN H 95 8.12 13.76 29.47
C ASN H 95 7.17 14.96 29.54
N ALA H 96 6.85 15.52 28.39
CA ALA H 96 5.95 16.67 28.34
C ALA H 96 4.60 16.31 28.92
N GLU H 97 4.04 15.19 28.46
CA GLU H 97 2.75 14.72 28.96
C GLU H 97 2.77 14.55 30.48
N LEU H 98 3.81 13.87 30.98
CA LEU H 98 3.93 13.60 32.40
C LEU H 98 4.23 14.85 33.22
N LEU H 99 5.01 15.75 32.63
CA LEU H 99 5.37 16.99 33.31
C LEU H 99 4.11 17.80 33.60
N VAL H 100 3.20 17.84 32.63
CA VAL H 100 1.94 18.54 32.80
C VAL H 100 1.08 17.90 33.88
N LEU H 101 0.92 16.58 33.81
CA LEU H 101 0.15 15.85 34.80
C LEU H 101 0.70 16.08 36.21
N LEU H 102 2.01 15.99 36.36
CA LEU H 102 2.63 16.21 37.66
C LEU H 102 2.42 17.63 38.17
N GLU H 103 2.79 18.61 37.33
CA GLU H 103 2.73 20.01 37.75
C GLU H 103 1.32 20.49 38.01
N ASN H 104 0.34 19.94 37.29
CA ASN H 104 -1.05 20.28 37.54
C ASN H 104 -1.50 19.78 38.90
N GLU H 105 -1.18 18.53 39.21
CA GLU H 105 -1.47 17.98 40.52
C GLU H 105 -0.92 18.89 41.62
N ARG H 106 0.34 19.26 41.49
CA ARG H 106 0.99 20.10 42.49
C ARG H 106 0.35 21.48 42.60
N THR H 107 0.02 22.08 41.45
CA THR H 107 -0.53 23.43 41.43
C THR H 107 -1.86 23.51 42.18
N LEU H 108 -2.75 22.56 41.91
CA LEU H 108 -4.03 22.51 42.59
C LEU H 108 -3.85 22.35 44.09
N ASP H 109 -2.88 21.53 44.49
CA ASP H 109 -2.57 21.35 45.90
C ASP H 109 -1.93 22.61 46.47
N TYR H 110 -1.20 23.34 45.63
CA TYR H 110 -0.59 24.60 46.03
C TYR H 110 -1.66 25.59 46.47
N HIS H 111 -2.75 25.66 45.72
CA HIS H 111 -3.85 26.56 46.05
C HIS H 111 -4.60 26.08 47.29
N ASP H 112 -4.81 24.76 47.37
CA ASP H 112 -5.45 24.19 48.55
C ASP H 112 -4.67 24.60 49.80
N SER H 113 -3.34 24.52 49.70
CA SER H 113 -2.47 24.92 50.80
C SER H 113 -2.63 26.39 51.17
N ASN H 114 -2.71 27.25 50.16
CA ASN H 114 -2.84 28.69 50.41
C ASN H 114 -4.14 29.06 51.11
N VAL H 115 -5.23 28.40 50.75
CA VAL H 115 -6.52 28.62 51.39
C VAL H 115 -6.51 28.11 52.83
N LYS H 116 -6.05 26.88 53.01
CA LYS H 116 -5.92 26.30 54.34
C LYS H 116 -5.07 27.18 55.26
N ASN H 117 -3.99 27.73 54.70
CA ASN H 117 -3.09 28.58 55.48
C ASN H 117 -3.73 29.91 55.87
N LEU H 118 -4.54 30.46 54.96
CA LEU H 118 -5.21 31.72 55.21
C LEU H 118 -6.25 31.55 56.31
N TYR H 119 -6.88 30.38 56.36
CA TYR H 119 -7.84 30.05 57.39
C TYR H 119 -7.13 29.89 58.73
N GLU H 120 -6.09 29.07 58.75
CA GLU H 120 -5.30 28.86 59.96
C GLU H 120 -4.80 30.19 60.52
N LYS H 121 -4.41 31.10 59.63
CA LYS H 121 -3.90 32.40 60.06
C LYS H 121 -4.91 33.18 60.88
N VAL H 122 -6.14 33.25 60.37
CA VAL H 122 -7.22 33.96 61.03
C VAL H 122 -7.67 33.26 62.30
N ARG H 123 -7.88 31.95 62.20
CA ARG H 123 -8.33 31.17 63.35
C ARG H 123 -7.41 31.30 64.55
N SER H 124 -6.11 31.20 64.32
CA SER H 124 -5.13 31.30 65.41
C SER H 124 -4.96 32.76 65.84
N GLN H 125 -5.75 33.65 65.23
CA GLN H 125 -5.69 35.06 65.57
C GLN H 125 -6.82 35.44 66.53
N LEU H 126 -8.04 35.00 66.21
CA LEU H 126 -9.18 35.17 67.11
C LEU H 126 -9.45 33.78 67.67
N LYS H 127 -9.03 33.56 68.92
CA LYS H 127 -9.16 32.25 69.55
C LYS H 127 -10.59 32.13 70.05
N ASN H 128 -10.89 32.80 71.16
CA ASN H 128 -12.21 32.73 71.79
C ASN H 128 -13.21 33.70 71.16
N ASN H 129 -12.72 34.86 70.74
CA ASN H 129 -13.57 35.94 70.26
C ASN H 129 -14.50 35.56 69.12
N ALA H 130 -14.39 34.33 68.64
CA ALA H 130 -15.26 33.83 67.57
C ALA H 130 -15.21 32.31 67.53
N LYS H 131 -16.31 31.69 67.10
CA LYS H 131 -16.39 30.25 67.03
C LYS H 131 -16.44 29.75 65.59
N GLU H 132 -15.79 28.61 65.33
CA GLU H 132 -15.77 28.03 64.01
C GLU H 132 -17.12 27.42 63.65
N ILE H 133 -17.74 27.93 62.60
CA ILE H 133 -18.96 27.33 62.08
C ILE H 133 -18.62 25.96 61.48
N GLY H 134 -17.45 25.87 60.86
CA GLY H 134 -16.98 24.64 60.26
C GLY H 134 -16.98 24.69 58.74
N ASN H 135 -17.44 25.81 58.20
CA ASN H 135 -17.51 25.98 56.75
C ASN H 135 -16.48 26.99 56.27
N GLY H 136 -15.38 27.09 57.01
CA GLY H 136 -14.39 28.12 56.75
C GLY H 136 -14.95 29.46 57.19
N CYS H 137 -15.97 29.41 58.04
CA CYS H 137 -16.62 30.61 58.54
C CYS H 137 -16.41 30.79 60.04
N PHE H 138 -16.20 32.04 60.44
CA PHE H 138 -16.07 32.38 61.85
C PHE H 138 -17.23 33.26 62.29
N GLU H 139 -17.87 32.89 63.38
CA GLU H 139 -18.96 33.68 63.94
C GLU H 139 -18.46 34.43 65.17
N PHE H 140 -18.45 35.76 65.07
CA PHE H 140 -17.93 36.61 66.15
C PHE H 140 -18.80 36.60 67.40
N TYR H 141 -18.16 36.47 68.56
CA TYR H 141 -18.85 36.61 69.83
C TYR H 141 -18.92 38.10 70.21
N HIS H 142 -17.92 38.85 69.78
CA HIS H 142 -17.91 40.30 70.01
C HIS H 142 -18.24 41.02 68.72
N LYS H 143 -19.14 41.99 68.79
CA LYS H 143 -19.52 42.79 67.63
C LYS H 143 -18.28 43.22 66.86
N CYS H 144 -18.33 43.11 65.54
CA CYS H 144 -17.17 43.45 64.70
C CYS H 144 -17.53 44.40 63.56
N ASP H 145 -17.16 45.67 63.71
CA ASP H 145 -17.42 46.67 62.68
C ASP H 145 -16.38 46.59 61.56
N ASN H 146 -16.56 47.43 60.55
CA ASN H 146 -15.68 47.42 59.37
C ASN H 146 -14.20 47.62 59.70
N THR H 147 -13.89 48.64 60.50
CA THR H 147 -12.50 48.89 60.89
C THR H 147 -11.99 47.76 61.78
N CYS H 148 -12.91 46.91 62.21
CA CYS H 148 -12.54 45.72 62.97
C CYS H 148 -12.16 44.58 62.03
N MET H 149 -12.98 44.40 60.98
CA MET H 149 -12.69 43.41 59.94
C MET H 149 -11.31 43.68 59.35
N GLU H 150 -10.90 44.94 59.38
CA GLU H 150 -9.60 45.33 58.84
C GLU H 150 -8.47 44.73 59.66
N SER H 151 -8.60 44.80 60.98
CA SER H 151 -7.57 44.28 61.87
C SER H 151 -7.45 42.76 61.76
N VAL H 152 -8.37 42.15 61.04
CA VAL H 152 -8.32 40.71 60.83
C VAL H 152 -7.60 40.38 59.53
N LYS H 153 -7.90 41.14 58.49
CA LYS H 153 -7.26 40.98 57.19
C LYS H 153 -5.78 41.38 57.26
N ASN H 154 -5.51 42.57 57.79
CA ASN H 154 -4.14 43.04 57.98
C ASN H 154 -3.36 42.15 58.94
N GLY H 155 -4.05 41.20 59.56
CA GLY H 155 -3.43 40.32 60.53
C GLY H 155 -3.06 41.07 61.78
N THR H 156 -3.59 42.28 61.93
CA THR H 156 -3.32 43.12 63.07
C THR H 156 -4.53 43.18 64.01
N TYR H 157 -4.98 42.01 64.44
CA TYR H 157 -6.15 41.87 65.29
C TYR H 157 -5.78 41.90 66.77
N ASP H 158 -6.18 42.99 67.43
CA ASP H 158 -6.03 43.16 68.87
C ASP H 158 -6.79 42.09 69.65
N TYR H 159 -6.33 41.79 70.85
CA TYR H 159 -6.97 40.77 71.66
C TYR H 159 -7.34 41.29 73.05
N PRO H 160 -8.45 42.06 73.13
CA PRO H 160 -8.94 42.56 74.42
C PRO H 160 -10.25 41.93 74.87
N LYS H 161 -11.28 42.09 74.04
CA LYS H 161 -12.67 42.09 74.51
C LYS H 161 -13.35 40.75 74.76
N TYR H 162 -14.45 40.82 75.51
CA TYR H 162 -15.54 39.87 75.41
C TYR H 162 -16.81 40.65 75.08
N ASP I 2 -16.96 4.30 75.77
CA ASP I 2 -17.40 4.30 74.37
C ASP I 2 -16.46 5.08 73.48
N THR I 3 -15.63 4.38 72.71
CA THR I 3 -14.61 5.02 71.90
C THR I 3 -14.79 4.74 70.41
N LEU I 4 -14.33 5.68 69.58
CA LEU I 4 -14.31 5.50 68.14
C LEU I 4 -12.93 5.85 67.59
N CYS I 5 -12.30 4.91 66.89
CA CYS I 5 -10.95 5.11 66.40
C CYS I 5 -10.91 5.24 64.87
N ILE I 6 -9.90 5.94 64.37
CA ILE I 6 -9.69 6.09 62.94
C ILE I 6 -8.33 5.56 62.53
N GLY I 7 -8.33 4.59 61.61
CA GLY I 7 -7.08 3.94 61.21
C GLY I 7 -7.04 3.57 59.74
N TYR I 8 -6.05 2.75 59.39
CA TYR I 8 -5.85 2.37 57.99
C TYR I 8 -5.55 0.89 57.82
N HIS I 9 -5.64 0.42 56.57
CA HIS I 9 -5.51 -0.99 56.24
C HIS I 9 -4.11 -1.56 56.53
N ALA I 10 -4.04 -2.88 56.62
CA ALA I 10 -2.78 -3.61 56.75
C ALA I 10 -3.02 -5.06 56.34
N ASN I 11 -1.95 -5.75 55.96
CA ASN I 11 -2.08 -7.15 55.53
C ASN I 11 -0.79 -7.95 55.60
N ASN I 12 -0.82 -9.18 55.09
CA ASN I 12 0.33 -10.07 55.12
C ASN I 12 1.31 -9.79 53.99
N SER I 13 1.02 -8.77 53.20
CA SER I 13 1.85 -8.44 52.04
C SER I 13 3.30 -8.19 52.42
N THR I 14 4.22 -8.59 51.54
CA THR I 14 5.65 -8.40 51.76
C THR I 14 6.26 -7.51 50.69
N ASP I 15 5.43 -7.10 49.73
CA ASP I 15 5.88 -6.22 48.65
C ASP I 15 6.63 -5.01 49.18
N THR I 16 7.81 -4.77 48.64
CA THR I 16 8.57 -3.58 48.97
C THR I 16 8.71 -2.67 47.76
N VAL I 17 8.82 -1.37 48.01
CA VAL I 17 9.04 -0.38 46.95
C VAL I 17 10.01 0.67 47.44
N ASP I 18 10.63 1.39 46.51
CA ASP I 18 11.56 2.44 46.89
C ASP I 18 10.94 3.82 46.66
N THR I 19 11.30 4.77 47.53
CA THR I 19 10.91 6.15 47.33
C THR I 19 12.16 7.01 47.26
N VAL I 20 11.99 8.30 47.00
CA VAL I 20 13.12 9.21 46.95
C VAL I 20 13.78 9.33 48.32
N LEU I 21 12.97 9.17 49.36
CA LEU I 21 13.42 9.38 50.73
C LEU I 21 13.80 8.10 51.46
N GLU I 22 13.21 6.98 51.03
CA GLU I 22 13.38 5.73 51.77
C GLU I 22 13.38 4.51 50.84
N LYS I 23 14.26 3.55 51.13
CA LYS I 23 14.36 2.34 50.33
C LYS I 23 13.71 1.16 51.06
N ASN I 24 13.34 0.14 50.31
CA ASN I 24 12.73 -1.07 50.87
C ASN I 24 11.57 -0.77 51.81
N VAL I 25 10.56 -0.09 51.30
CA VAL I 25 9.38 0.24 52.08
C VAL I 25 8.25 -0.75 51.80
N THR I 26 7.82 -1.46 52.83
CA THR I 26 6.78 -2.47 52.69
C THR I 26 5.42 -1.81 52.48
N VAL I 27 4.70 -2.23 51.45
CA VAL I 27 3.39 -1.65 51.14
C VAL I 27 2.30 -2.70 51.02
N THR I 28 1.06 -2.26 51.19
CA THR I 28 -0.08 -3.17 51.15
C THR I 28 -0.38 -3.65 49.74
N HIS I 29 -0.20 -2.78 48.75
CA HIS I 29 -0.50 -3.11 47.36
C HIS I 29 0.48 -2.44 46.42
N SER I 30 0.71 -3.06 45.25
CA SER I 30 1.65 -2.51 44.28
C SER I 30 1.51 -3.14 42.90
N VAL I 31 1.97 -2.43 41.88
CA VAL I 31 1.98 -2.95 40.51
C VAL I 31 3.37 -2.83 39.94
N ASN I 32 3.70 -3.67 38.97
CA ASN I 32 5.01 -3.62 38.32
C ASN I 32 4.91 -2.95 36.95
N LEU I 33 5.67 -1.88 36.77
CA LEU I 33 5.68 -1.16 35.50
C LEU I 33 6.67 -1.78 34.53
N LEU I 34 7.48 -2.70 35.01
CA LEU I 34 8.52 -3.31 34.20
C LEU I 34 8.13 -4.69 33.68
N GLU I 35 8.04 -4.83 32.37
CA GLU I 35 7.78 -6.13 31.75
C GLU I 35 9.08 -6.89 31.61
N ASP I 36 9.17 -8.04 32.28
CA ASP I 36 10.37 -8.86 32.21
C ASP I 36 10.04 -10.30 31.84
N LYS I 37 9.03 -10.47 30.99
CA LYS I 37 8.54 -11.79 30.65
C LYS I 37 8.28 -11.92 29.16
N HIS I 38 8.93 -12.90 28.54
CA HIS I 38 8.73 -13.18 27.12
C HIS I 38 8.33 -14.63 26.91
N ASN I 39 7.68 -14.92 25.78
CA ASN I 39 7.18 -16.26 25.51
C ASN I 39 8.19 -17.16 24.77
N GLY I 40 9.44 -16.72 24.71
CA GLY I 40 10.50 -17.50 24.08
C GLY I 40 10.12 -18.10 22.74
N LYS I 41 9.44 -17.33 21.91
CA LYS I 41 9.03 -17.79 20.59
C LYS I 41 9.08 -16.67 19.56
N LEU I 42 9.38 -17.00 18.30
CA LEU I 42 9.28 -16.03 17.23
C LEU I 42 7.91 -16.13 16.57
N CYS I 43 7.12 -15.09 16.75
CA CYS I 43 5.72 -15.13 16.34
C CYS I 43 5.43 -14.21 15.17
N LYS I 44 4.17 -14.21 14.72
CA LYS I 44 3.74 -13.30 13.66
C LYS I 44 3.71 -11.89 14.22
N LEU I 45 4.14 -10.92 13.43
CA LEU I 45 4.11 -9.53 13.87
C LEU I 45 2.81 -8.77 13.70
N ARG I 46 2.49 -8.40 12.47
CA ARG I 46 1.27 -7.65 12.20
C ARG I 46 0.01 -8.48 12.02
N GLY I 47 -0.04 -9.23 10.92
CA GLY I 47 -1.12 -10.16 10.66
C GLY I 47 -0.43 -11.19 9.80
N VAL I 48 0.90 -11.23 9.87
CA VAL I 48 1.68 -12.12 9.04
C VAL I 48 2.90 -12.71 9.72
N ALA I 49 3.25 -13.92 9.29
CA ALA I 49 4.39 -14.63 9.87
C ALA I 49 5.70 -14.17 9.23
N PRO I 50 6.82 -14.46 9.90
CA PRO I 50 8.14 -14.08 9.39
C PRO I 50 8.63 -15.08 8.35
N LEU I 51 9.55 -14.65 7.50
CA LEU I 51 10.18 -15.54 6.54
C LEU I 51 11.38 -16.22 7.18
N HIS I 52 11.29 -17.53 7.36
CA HIS I 52 12.39 -18.26 8.00
C HIS I 52 13.27 -18.93 6.96
N LEU I 53 14.54 -18.56 6.92
CA LEU I 53 15.48 -19.14 5.97
C LEU I 53 16.13 -20.38 6.56
N GLY I 54 16.07 -20.49 7.88
CA GLY I 54 16.62 -21.65 8.57
C GLY I 54 18.09 -21.87 8.27
N LYS I 55 18.37 -22.82 7.38
CA LYS I 55 19.75 -23.19 7.06
C LYS I 55 20.52 -22.12 6.28
N CYS I 56 19.79 -21.33 5.50
CA CYS I 56 20.42 -20.40 4.59
C CYS I 56 20.32 -18.96 5.07
N ASN I 57 21.11 -18.08 4.45
CA ASN I 57 20.99 -16.65 4.68
C ASN I 57 20.45 -15.95 3.44
N ILE I 58 20.11 -14.68 3.56
CA ILE I 58 19.49 -13.94 2.47
C ILE I 58 20.21 -14.19 1.15
N ALA I 59 21.54 -14.04 1.18
CA ALA I 59 22.35 -14.25 0.00
C ALA I 59 22.01 -15.56 -0.70
N GLY I 60 22.08 -16.66 0.04
CA GLY I 60 21.78 -17.97 -0.52
C GLY I 60 20.34 -18.09 -0.98
N TRP I 61 19.43 -17.47 -0.25
CA TRP I 61 18.00 -17.59 -0.52
C TRP I 61 17.57 -16.94 -1.83
N ILE I 62 18.10 -15.74 -2.11
CA ILE I 62 17.68 -15.00 -3.29
C ILE I 62 18.41 -15.47 -4.54
N LEU I 63 19.68 -15.85 -4.38
CA LEU I 63 20.46 -16.36 -5.49
C LEU I 63 19.98 -17.75 -5.88
N GLY I 64 19.41 -18.46 -4.91
CA GLY I 64 18.88 -19.78 -5.15
C GLY I 64 19.90 -20.87 -4.92
N ASN I 65 20.73 -20.70 -3.90
CA ASN I 65 21.66 -21.74 -3.50
C ASN I 65 20.95 -23.09 -3.47
N PRO I 66 21.58 -24.12 -4.04
CA PRO I 66 20.98 -25.46 -4.15
C PRO I 66 20.48 -26.00 -2.82
N GLU I 67 20.97 -25.45 -1.71
CA GLU I 67 20.58 -25.92 -0.39
C GLU I 67 19.31 -25.24 0.13
N CYS I 68 19.02 -24.05 -0.39
CA CYS I 68 17.84 -23.28 0.04
C CYS I 68 16.67 -23.58 -0.87
N GLU I 69 16.45 -24.87 -1.15
CA GLU I 69 15.35 -25.29 -2.01
C GLU I 69 14.09 -26.02 -1.56
N SER I 70 13.74 -25.86 -0.29
CA SER I 70 12.57 -26.51 0.25
C SER I 70 11.38 -25.81 0.95
N LEU I 71 11.37 -24.48 0.90
CA LEU I 71 10.32 -23.70 1.51
C LEU I 71 9.61 -22.39 1.21
N SER I 72 9.86 -21.83 0.03
CA SER I 72 9.25 -20.57 -0.37
C SER I 72 7.77 -20.51 0.02
N THR I 73 7.36 -19.38 0.59
CA THR I 73 6.00 -19.21 1.06
C THR I 73 5.19 -18.43 0.03
N ALA I 74 4.08 -17.84 0.48
CA ALA I 74 3.20 -17.08 -0.41
C ALA I 74 3.47 -15.63 -0.77
N SER I 75 3.15 -14.72 0.15
CA SER I 75 3.32 -13.30 -0.08
C SER I 75 3.94 -12.68 1.18
N SER I 76 4.17 -13.51 2.18
CA SER I 76 4.77 -13.04 3.43
C SER I 76 6.03 -12.24 3.16
N TRP I 77 6.46 -11.45 4.13
CA TRP I 77 6.37 -11.69 5.54
C TRP I 77 6.51 -10.40 6.29
N SER I 78 6.36 -10.43 7.60
CA SER I 78 6.46 -9.25 8.45
C SER I 78 7.91 -8.91 8.76
N TYR I 79 8.75 -9.95 8.85
CA TYR I 79 10.16 -9.77 9.08
C TYR I 79 10.90 -11.06 8.71
N ILE I 80 12.23 -11.03 8.78
CA ILE I 80 13.02 -12.18 8.35
C ILE I 80 13.80 -12.77 9.51
N VAL I 81 13.94 -14.10 9.50
CA VAL I 81 14.66 -14.80 10.56
C VAL I 81 15.78 -15.66 9.99
N GLU I 82 17.02 -15.32 10.35
CA GLU I 82 18.17 -16.17 10.04
C GLU I 82 18.63 -16.83 11.33
N THR I 83 19.27 -17.98 11.21
CA THR I 83 19.86 -18.62 12.38
C THR I 83 21.32 -18.22 12.47
N PRO I 84 21.86 -18.16 13.71
CA PRO I 84 23.25 -17.75 13.90
C PRO I 84 24.23 -18.70 13.21
N SER I 85 23.76 -19.88 12.81
CA SER I 85 24.64 -20.88 12.20
C SER I 85 24.26 -21.20 10.75
N SER I 86 23.36 -20.42 10.17
CA SER I 86 22.97 -20.61 8.78
C SER I 86 24.05 -20.07 7.86
N ASP I 87 24.80 -20.98 7.23
CA ASP I 87 26.01 -20.61 6.48
C ASP I 87 25.85 -20.60 4.96
N ASN I 88 24.94 -21.44 4.45
CA ASN I 88 24.80 -21.61 3.00
C ASN I 88 24.24 -20.36 2.30
N GLY I 89 25.11 -19.56 1.72
CA GLY I 89 24.70 -18.40 0.93
C GLY I 89 25.32 -18.38 -0.46
N THR I 90 26.30 -17.50 -0.67
CA THR I 90 27.02 -17.47 -1.94
C THR I 90 28.13 -18.53 -1.97
N CYS I 91 27.77 -19.73 -2.43
CA CYS I 91 28.70 -20.86 -2.46
C CYS I 91 29.95 -20.59 -3.31
N TYR I 92 29.76 -19.95 -4.47
CA TYR I 92 30.89 -19.54 -5.28
C TYR I 92 31.47 -18.25 -4.72
N PRO I 93 32.74 -18.29 -4.30
CA PRO I 93 33.39 -17.14 -3.67
C PRO I 93 33.21 -15.88 -4.51
N GLY I 94 32.87 -14.78 -3.86
CA GLY I 94 32.69 -13.52 -4.57
C GLY I 94 32.24 -12.41 -3.66
N ASP I 95 31.84 -11.30 -4.26
CA ASP I 95 31.44 -10.12 -3.50
C ASP I 95 30.01 -9.75 -3.84
N PHE I 96 29.14 -9.80 -2.84
CA PHE I 96 27.75 -9.39 -3.02
C PHE I 96 27.65 -7.89 -2.78
N ILE I 97 27.44 -7.14 -3.86
CA ILE I 97 27.44 -5.67 -3.78
C ILE I 97 26.15 -5.14 -3.15
N ASP I 98 26.31 -4.16 -2.25
CA ASP I 98 25.18 -3.59 -1.52
C ASP I 98 24.31 -4.67 -0.91
N TYR I 99 24.96 -5.66 -0.31
CA TYR I 99 24.26 -6.80 0.29
C TYR I 99 23.39 -6.35 1.46
N GLU I 100 23.99 -5.61 2.38
CA GLU I 100 23.25 -5.12 3.54
C GLU I 100 22.03 -4.31 3.13
N GLU I 101 22.21 -3.45 2.12
CA GLU I 101 21.10 -2.66 1.61
C GLU I 101 19.99 -3.56 1.09
N LEU I 102 20.37 -4.60 0.37
CA LEU I 102 19.39 -5.53 -0.17
C LEU I 102 18.62 -6.21 0.97
N ARG I 103 19.34 -6.73 1.95
CA ARG I 103 18.70 -7.37 3.10
C ARG I 103 17.67 -6.45 3.77
N GLU I 104 18.00 -5.16 3.84
CA GLU I 104 17.08 -4.19 4.43
C GLU I 104 15.82 -4.07 3.57
N GLN I 105 16.02 -3.95 2.26
CA GLN I 105 14.90 -3.75 1.34
C GLN I 105 13.97 -4.96 1.36
N LEU I 106 14.53 -6.12 1.65
CA LEU I 106 13.79 -7.38 1.64
C LEU I 106 13.23 -7.75 3.01
N SER I 107 13.60 -6.98 4.04
CA SER I 107 13.24 -7.31 5.41
C SER I 107 11.75 -7.58 5.60
N SER I 108 10.93 -6.79 4.94
CA SER I 108 9.48 -6.98 5.00
C SER I 108 8.84 -6.66 3.66
N VAL I 109 8.02 -7.59 3.19
CA VAL I 109 7.45 -7.53 1.86
C VAL I 109 5.93 -7.70 1.91
N SER I 110 5.22 -6.91 1.12
CA SER I 110 3.76 -7.00 1.05
C SER I 110 3.34 -8.11 0.09
N SER I 111 3.83 -8.05 -1.14
CA SER I 111 3.62 -9.12 -2.10
C SER I 111 4.97 -9.51 -2.72
N PHE I 112 5.15 -10.79 -3.00
CA PHE I 112 6.44 -11.30 -3.45
C PHE I 112 6.28 -12.57 -4.27
N GLU I 113 6.23 -12.41 -5.60
CA GLU I 113 6.14 -13.57 -6.48
C GLU I 113 7.38 -13.69 -7.37
N ARG I 114 7.94 -14.89 -7.43
CA ARG I 114 9.13 -15.15 -8.22
C ARG I 114 8.77 -15.73 -9.58
N PHE I 115 9.28 -15.11 -10.64
CA PHE I 115 8.98 -15.54 -12.00
C PHE I 115 10.24 -15.73 -12.83
N GLU I 116 10.11 -16.42 -13.96
CA GLU I 116 11.25 -16.70 -14.82
C GLU I 116 11.43 -15.56 -15.83
N ILE I 117 12.25 -14.59 -15.46
CA ILE I 117 12.47 -13.41 -16.29
C ILE I 117 13.04 -13.75 -17.66
N PHE I 118 14.06 -14.61 -17.68
CA PHE I 118 14.64 -15.08 -18.93
C PHE I 118 14.61 -16.60 -19.02
N PRO I 119 13.49 -17.15 -19.54
CA PRO I 119 13.27 -18.60 -19.67
C PRO I 119 14.50 -19.30 -20.24
N LYS I 120 14.95 -20.34 -19.55
CA LYS I 120 16.19 -21.03 -19.93
C LYS I 120 16.16 -21.60 -21.34
N THR I 121 15.01 -22.16 -21.73
CA THR I 121 14.90 -22.86 -23.01
C THR I 121 14.90 -21.91 -24.20
N SER I 122 14.17 -20.81 -24.11
CA SER I 122 13.95 -19.93 -25.26
C SER I 122 14.89 -18.72 -25.32
N SER I 123 15.52 -18.39 -24.20
CA SER I 123 16.26 -17.13 -24.10
C SER I 123 17.64 -17.15 -24.73
N TRP I 124 18.43 -18.19 -24.46
CA TRP I 124 19.80 -18.24 -24.91
C TRP I 124 20.01 -19.36 -25.92
N PRO I 125 19.85 -19.05 -27.22
CA PRO I 125 19.98 -19.97 -28.35
C PRO I 125 21.41 -20.10 -28.85
N ASN I 126 22.25 -19.11 -28.58
CA ASN I 126 23.61 -19.09 -29.12
C ASN I 126 24.68 -19.33 -28.05
N HIS I 127 24.25 -19.73 -26.86
CA HIS I 127 25.16 -19.96 -25.75
C HIS I 127 24.76 -21.22 -25.00
N ASP I 128 25.72 -21.83 -24.32
CA ASP I 128 25.46 -23.05 -23.57
C ASP I 128 24.94 -22.73 -22.17
N SER I 129 23.72 -23.17 -21.87
CA SER I 129 23.09 -22.90 -20.59
C SER I 129 22.98 -24.16 -19.74
N ASN I 130 23.86 -25.12 -19.98
CA ASN I 130 23.80 -26.40 -19.27
C ASN I 130 25.12 -26.74 -18.58
N LYS I 131 26.23 -26.32 -19.18
CA LYS I 131 27.55 -26.61 -18.65
C LYS I 131 27.88 -25.76 -17.41
N GLY I 132 27.05 -24.76 -17.15
CA GLY I 132 27.31 -23.81 -16.09
C GLY I 132 27.09 -24.33 -14.67
N VAL I 133 27.84 -25.35 -14.28
CA VAL I 133 27.78 -25.87 -12.92
C VAL I 133 29.18 -25.97 -12.33
N THR I 134 29.27 -26.04 -11.01
CA THR I 134 30.56 -26.05 -10.32
C THR I 134 30.55 -26.92 -9.06
N ALA I 135 31.74 -27.36 -8.65
CA ALA I 135 31.87 -28.18 -7.45
C ALA I 135 31.81 -27.32 -6.20
N ALA I 136 31.67 -26.02 -6.40
CA ALA I 136 31.55 -25.08 -5.28
C ALA I 136 30.10 -24.97 -4.84
N CYS I 137 29.18 -25.47 -5.66
CA CYS I 137 27.75 -25.44 -5.35
C CYS I 137 27.14 -26.83 -5.56
N PRO I 138 27.48 -27.77 -4.67
CA PRO I 138 27.07 -29.18 -4.74
C PRO I 138 25.65 -29.40 -4.23
N HIS I 139 24.85 -30.17 -4.97
CA HIS I 139 23.54 -30.59 -4.48
C HIS I 139 23.43 -32.09 -4.58
N ALA I 140 23.76 -32.76 -3.47
CA ALA I 140 23.75 -34.23 -3.44
C ALA I 140 24.88 -34.80 -4.30
N GLY I 141 26.11 -34.46 -3.95
CA GLY I 141 27.28 -34.98 -4.64
C GLY I 141 27.51 -34.38 -6.02
N ALA I 142 26.42 -34.08 -6.71
CA ALA I 142 26.50 -33.54 -8.06
C ALA I 142 26.88 -32.06 -8.08
N LYS I 143 27.69 -31.67 -9.05
CA LYS I 143 28.00 -30.25 -9.22
C LYS I 143 26.75 -29.51 -9.70
N SER I 144 26.46 -28.39 -9.03
CA SER I 144 25.26 -27.62 -9.35
C SER I 144 25.57 -26.15 -9.08
N PHE I 145 24.53 -25.32 -9.15
CA PHE I 145 24.69 -23.87 -9.16
C PHE I 145 23.39 -23.21 -8.71
N TYR I 146 23.43 -21.90 -8.52
CA TYR I 146 22.26 -21.15 -8.09
C TYR I 146 21.09 -21.41 -9.03
N LYS I 147 19.89 -21.46 -8.47
CA LYS I 147 18.71 -21.76 -9.27
C LYS I 147 18.20 -20.54 -10.04
N ASN I 148 18.45 -19.35 -9.48
CA ASN I 148 17.89 -18.13 -10.06
C ASN I 148 18.80 -17.47 -11.08
N LEU I 149 20.01 -18.00 -11.23
CA LEU I 149 20.95 -17.51 -12.23
C LEU I 149 21.40 -18.64 -13.13
N ILE I 150 21.89 -18.30 -14.32
CA ILE I 150 22.44 -19.29 -15.24
C ILE I 150 23.82 -18.88 -15.71
N TRP I 151 24.79 -19.76 -15.52
CA TRP I 151 26.17 -19.48 -15.90
C TRP I 151 26.40 -19.77 -17.38
N LEU I 152 26.14 -18.77 -18.21
CA LEU I 152 26.28 -18.92 -19.67
C LEU I 152 27.73 -19.09 -20.09
N VAL I 153 28.03 -20.23 -20.74
CA VAL I 153 29.35 -20.49 -21.28
C VAL I 153 29.28 -20.59 -22.80
N LYS I 154 30.44 -20.55 -23.45
CA LYS I 154 30.51 -20.59 -24.91
C LYS I 154 29.89 -21.86 -25.46
N LYS I 155 29.34 -21.76 -26.67
CA LYS I 155 28.76 -22.91 -27.35
C LYS I 155 29.74 -23.41 -28.41
N GLY I 156 30.64 -24.30 -28.00
CA GLY I 156 31.63 -24.86 -28.91
C GLY I 156 32.49 -23.81 -29.58
N ASN I 157 33.48 -23.30 -28.85
CA ASN I 157 34.43 -22.34 -29.42
C ASN I 157 33.80 -21.08 -30.02
N SER I 158 32.62 -20.71 -29.52
CA SER I 158 31.96 -19.50 -29.98
C SER I 158 31.09 -18.85 -28.90
N TYR I 159 31.38 -17.59 -28.62
CA TYR I 159 30.60 -16.80 -27.67
C TYR I 159 30.22 -15.47 -28.30
N PRO I 160 29.12 -15.45 -29.05
CA PRO I 160 28.66 -14.25 -29.76
C PRO I 160 28.18 -13.19 -28.78
N LYS I 161 28.39 -11.92 -29.10
CA LYS I 161 27.87 -10.85 -28.26
C LYS I 161 26.39 -11.11 -28.01
N LEU I 162 26.01 -11.24 -26.74
CA LEU I 162 24.61 -11.46 -26.42
C LEU I 162 23.95 -10.15 -26.01
N SER I 163 22.64 -10.06 -26.23
CA SER I 163 21.89 -8.88 -25.89
C SER I 163 20.43 -9.24 -25.60
N LYS I 164 20.09 -9.29 -24.31
CA LYS I 164 18.73 -9.61 -23.91
C LYS I 164 18.13 -8.47 -23.08
N SER I 165 16.86 -8.17 -23.31
CA SER I 165 16.18 -7.13 -22.54
C SER I 165 14.88 -7.63 -21.93
N TYR I 166 14.62 -7.21 -20.69
CA TYR I 166 13.35 -7.47 -20.07
C TYR I 166 12.62 -6.17 -19.80
N ILE I 167 11.30 -6.19 -19.97
CA ILE I 167 10.50 -5.01 -19.74
C ILE I 167 9.46 -5.31 -18.66
N ASN I 168 9.52 -4.56 -17.56
CA ASN I 168 8.70 -4.80 -16.39
C ASN I 168 7.21 -4.59 -16.67
N ASP I 169 6.51 -5.68 -16.97
CA ASP I 169 5.10 -5.63 -17.30
C ASP I 169 4.23 -5.99 -16.09
N LYS I 170 4.86 -6.21 -14.95
CA LYS I 170 4.13 -6.39 -13.71
C LYS I 170 3.57 -5.04 -13.29
N GLY I 171 2.90 -5.01 -12.14
CA GLY I 171 2.38 -3.78 -11.60
C GLY I 171 3.23 -3.23 -10.47
N LYS I 172 4.32 -3.93 -10.20
CA LYS I 172 5.16 -3.63 -9.05
C LYS I 172 6.62 -3.65 -9.44
N GLU I 173 7.51 -3.36 -8.50
CA GLU I 173 8.95 -3.40 -8.77
C GLU I 173 9.41 -4.82 -9.01
N VAL I 174 10.41 -4.97 -9.86
CA VAL I 174 11.02 -6.28 -10.09
C VAL I 174 12.46 -6.26 -9.62
N LEU I 175 12.80 -7.20 -8.73
CA LEU I 175 14.16 -7.34 -8.24
C LEU I 175 14.94 -8.25 -9.17
N VAL I 176 15.92 -7.69 -9.86
CA VAL I 176 16.73 -8.47 -10.79
C VAL I 176 18.14 -8.68 -10.25
N LEU I 177 18.57 -9.94 -10.22
CA LEU I 177 19.92 -10.26 -9.77
C LEU I 177 20.75 -10.87 -10.90
N TRP I 178 22.05 -10.60 -10.88
CA TRP I 178 22.96 -11.18 -11.85
C TRP I 178 24.38 -11.23 -11.28
N GLY I 179 25.24 -11.99 -11.93
CA GLY I 179 26.62 -12.10 -11.48
C GLY I 179 27.63 -11.81 -12.57
N ILE I 180 28.82 -11.37 -12.16
CA ILE I 180 29.94 -11.22 -13.07
C ILE I 180 31.04 -12.17 -12.65
N HIS I 181 31.53 -12.98 -13.58
CA HIS I 181 32.55 -13.97 -13.25
C HIS I 181 33.97 -13.55 -13.61
N HIS I 182 34.86 -13.64 -12.63
CA HIS I 182 36.26 -13.30 -12.83
C HIS I 182 37.13 -14.55 -12.74
N PRO I 183 37.47 -15.12 -13.90
CA PRO I 183 38.31 -16.32 -13.98
C PRO I 183 39.66 -16.11 -13.31
N SER I 184 40.31 -17.20 -12.93
CA SER I 184 41.59 -17.14 -12.24
C SER I 184 42.75 -16.96 -13.22
N THR I 185 42.60 -17.55 -14.40
CA THR I 185 43.66 -17.51 -15.40
C THR I 185 43.10 -17.21 -16.78
N SER I 186 43.90 -16.51 -17.60
CA SER I 186 43.48 -16.13 -18.95
C SER I 186 43.17 -17.34 -19.82
N ALA I 187 43.64 -18.51 -19.38
CA ALA I 187 43.33 -19.76 -20.06
C ALA I 187 41.91 -20.19 -19.72
N ASP I 188 41.57 -20.16 -18.43
CA ASP I 188 40.22 -20.43 -17.99
C ASP I 188 39.26 -19.47 -18.70
N GLN I 189 39.72 -18.26 -18.95
CA GLN I 189 38.92 -17.25 -19.61
C GLN I 189 38.43 -17.70 -20.98
N GLN I 190 39.37 -18.09 -21.85
CA GLN I 190 39.02 -18.48 -23.20
C GLN I 190 38.39 -19.86 -23.22
N SER I 191 38.73 -20.65 -22.21
CA SER I 191 38.12 -21.96 -22.04
C SER I 191 36.60 -21.82 -21.86
N LEU I 192 36.20 -20.81 -21.10
CA LEU I 192 34.79 -20.58 -20.80
C LEU I 192 34.09 -19.70 -21.83
N TYR I 193 34.72 -18.61 -22.23
CA TYR I 193 34.08 -17.66 -23.13
C TYR I 193 35.37 -17.55 -23.96
N GLN I 194 35.33 -18.02 -25.21
CA GLN I 194 36.48 -17.97 -26.11
C GLN I 194 37.26 -16.65 -26.08
N ASN I 195 36.56 -15.55 -26.32
CA ASN I 195 37.16 -14.22 -26.35
C ASN I 195 38.01 -13.89 -25.13
N ALA I 196 39.15 -13.26 -25.35
CA ALA I 196 40.08 -12.94 -24.28
C ALA I 196 39.73 -11.61 -23.59
N ASP I 197 39.42 -10.60 -24.40
CA ASP I 197 39.07 -9.29 -23.89
C ASP I 197 37.55 -9.09 -23.97
N THR I 198 36.88 -9.26 -22.84
CA THR I 198 35.42 -9.21 -22.81
C THR I 198 34.86 -8.09 -21.95
N TYR I 199 33.54 -7.99 -21.91
CA TYR I 199 32.87 -6.97 -21.12
C TYR I 199 31.39 -7.32 -20.94
N VAL I 200 30.82 -6.85 -19.84
CA VAL I 200 29.39 -7.02 -19.59
C VAL I 200 28.79 -5.65 -19.31
N PHE I 201 27.60 -5.39 -19.86
CA PHE I 201 26.93 -4.13 -19.62
C PHE I 201 25.47 -4.33 -19.20
N VAL I 202 25.10 -3.71 -18.09
CA VAL I 202 23.72 -3.73 -17.63
C VAL I 202 23.19 -2.31 -17.58
N GLY I 203 21.96 -2.10 -18.04
CA GLY I 203 21.39 -0.77 -18.06
C GLY I 203 19.88 -0.64 -18.15
N SER I 204 19.32 0.15 -17.24
CA SER I 204 17.91 0.52 -17.31
C SER I 204 17.76 2.02 -17.45
N SER I 205 16.65 2.55 -16.94
CA SER I 205 16.43 4.00 -16.98
C SER I 205 17.22 4.72 -15.90
N ARG I 206 17.52 3.98 -14.82
CA ARG I 206 18.24 4.58 -13.69
C ARG I 206 19.60 3.91 -13.47
N TYR I 207 19.70 2.64 -13.80
CA TYR I 207 20.94 1.89 -13.61
C TYR I 207 21.76 1.85 -14.89
N SER I 208 23.08 1.88 -14.74
CA SER I 208 23.99 1.80 -15.88
C SER I 208 25.41 1.54 -15.40
N LYS I 209 25.98 0.42 -15.82
CA LYS I 209 27.33 0.06 -15.41
C LYS I 209 27.96 -0.96 -16.36
N LYS I 210 29.22 -0.71 -16.71
CA LYS I 210 29.97 -1.62 -17.57
C LYS I 210 30.96 -2.40 -16.70
N PHE I 211 31.02 -3.71 -16.91
CA PHE I 211 31.86 -4.56 -16.10
C PHE I 211 33.03 -5.16 -16.89
N LYS I 212 34.23 -5.04 -16.35
CA LYS I 212 35.42 -5.64 -16.94
C LYS I 212 35.95 -6.75 -16.03
N PRO I 213 36.02 -7.97 -16.56
CA PRO I 213 36.51 -9.13 -15.81
C PRO I 213 37.94 -8.91 -15.34
N GLU I 214 38.15 -9.05 -14.03
CA GLU I 214 39.49 -8.95 -13.46
C GLU I 214 40.07 -10.34 -13.28
N ILE I 215 40.97 -10.73 -14.17
CA ILE I 215 41.51 -12.09 -14.20
C ILE I 215 42.78 -12.22 -13.38
N ALA I 216 42.75 -13.11 -12.39
CA ALA I 216 43.91 -13.33 -11.51
C ALA I 216 43.66 -14.48 -10.56
N ILE I 217 44.72 -14.92 -9.88
CA ILE I 217 44.61 -16.04 -8.95
C ILE I 217 44.37 -15.56 -7.52
N ARG I 218 43.13 -15.67 -7.06
CA ARG I 218 42.83 -15.41 -5.66
C ARG I 218 43.06 -16.67 -4.84
N PRO I 219 43.43 -16.50 -3.57
CA PRO I 219 43.60 -17.65 -2.68
C PRO I 219 42.37 -18.56 -2.72
N LYS I 220 42.62 -19.87 -2.74
CA LYS I 220 41.52 -20.84 -2.87
C LYS I 220 40.44 -20.65 -1.82
N VAL I 221 39.19 -20.55 -2.29
CA VAL I 221 38.04 -20.56 -1.40
C VAL I 221 37.02 -21.51 -1.97
N ARG I 222 36.64 -22.52 -1.18
CA ARG I 222 35.76 -23.56 -1.67
C ARG I 222 36.24 -24.06 -3.03
N GLU I 223 37.56 -24.19 -3.17
CA GLU I 223 38.17 -24.77 -4.36
C GLU I 223 38.31 -23.81 -5.53
N GLN I 224 37.91 -22.57 -5.33
CA GLN I 224 37.89 -21.61 -6.43
C GLN I 224 38.97 -20.53 -6.28
N GLU I 225 39.82 -20.42 -7.30
CA GLU I 225 40.82 -19.36 -7.34
C GLU I 225 40.25 -18.17 -8.09
N GLY I 226 39.11 -18.40 -8.75
CA GLY I 226 38.40 -17.33 -9.43
C GLY I 226 37.33 -16.76 -8.52
N ARG I 227 36.70 -15.66 -8.94
CA ARG I 227 35.69 -15.02 -8.13
C ARG I 227 34.43 -14.73 -8.93
N MET I 228 33.35 -14.40 -8.23
CA MET I 228 32.08 -14.09 -8.88
C MET I 228 31.33 -13.07 -8.04
N ASN I 229 31.21 -11.85 -8.56
CA ASN I 229 30.51 -10.78 -7.84
C ASN I 229 29.03 -10.71 -8.22
N TYR I 230 28.18 -10.48 -7.21
CA TYR I 230 26.74 -10.49 -7.44
C TYR I 230 26.16 -9.09 -7.33
N TYR I 231 25.32 -8.74 -8.31
CA TYR I 231 24.72 -7.42 -8.36
C TYR I 231 23.19 -7.51 -8.43
N TRP I 232 22.53 -6.42 -8.08
CA TRP I 232 21.07 -6.40 -8.08
C TRP I 232 20.56 -4.98 -8.27
N THR I 233 19.33 -4.87 -8.77
CA THR I 233 18.70 -3.57 -8.95
C THR I 233 17.20 -3.74 -9.04
N LEU I 234 16.46 -2.70 -8.67
CA LEU I 234 15.01 -2.72 -8.77
C LEU I 234 14.54 -1.98 -10.02
N VAL I 235 13.84 -2.70 -10.90
CA VAL I 235 13.34 -2.14 -12.14
C VAL I 235 11.93 -1.60 -11.93
N GLU I 236 11.75 -0.29 -12.10
CA GLU I 236 10.45 0.34 -11.90
C GLU I 236 9.44 -0.21 -12.91
N PRO I 237 8.16 -0.22 -12.53
CA PRO I 237 7.11 -0.70 -13.43
C PRO I 237 7.09 0.10 -14.73
N GLY I 238 7.09 -0.59 -15.86
CA GLY I 238 7.08 0.07 -17.15
C GLY I 238 8.47 0.31 -17.70
N ASP I 239 9.47 0.20 -16.82
CA ASP I 239 10.85 0.37 -17.22
C ASP I 239 11.40 -0.95 -17.78
N LYS I 240 12.52 -0.88 -18.48
CA LYS I 240 13.13 -2.08 -19.01
C LYS I 240 14.63 -2.13 -18.73
N ILE I 241 15.15 -3.34 -18.53
CA ILE I 241 16.55 -3.53 -18.20
C ILE I 241 17.23 -4.33 -19.32
N THR I 242 18.44 -3.92 -19.68
CA THR I 242 19.15 -4.54 -20.79
C THR I 242 20.47 -5.18 -20.37
N PHE I 243 20.65 -6.44 -20.75
CA PHE I 243 21.91 -7.14 -20.53
C PHE I 243 22.65 -7.31 -21.85
N GLU I 244 23.97 -7.12 -21.79
CA GLU I 244 24.80 -7.20 -22.98
C GLU I 244 26.20 -7.63 -22.57
N ALA I 245 26.70 -8.71 -23.16
CA ALA I 245 28.00 -9.24 -22.77
C ALA I 245 28.68 -10.03 -23.89
N THR I 246 30.00 -9.97 -23.90
CA THR I 246 30.80 -10.80 -24.78
C THR I 246 31.46 -11.90 -23.95
N GLY I 247 30.91 -12.13 -22.76
CA GLY I 247 31.40 -13.18 -21.88
C GLY I 247 31.34 -12.81 -20.41
N ASN I 248 31.56 -13.79 -19.54
CA ASN I 248 31.69 -13.55 -18.11
C ASN I 248 30.40 -13.13 -17.40
N LEU I 249 29.28 -13.14 -18.13
CA LEU I 249 28.00 -12.75 -17.55
C LEU I 249 27.21 -13.94 -17.03
N VAL I 250 26.92 -13.95 -15.75
CA VAL I 250 26.02 -14.93 -15.16
C VAL I 250 24.61 -14.37 -15.23
N VAL I 251 23.85 -14.75 -16.26
CA VAL I 251 22.56 -14.14 -16.54
C VAL I 251 21.47 -14.54 -15.56
N PRO I 252 20.47 -13.66 -15.39
CA PRO I 252 19.29 -13.90 -14.58
C PRO I 252 18.39 -14.96 -15.22
N ARG I 253 17.76 -15.78 -14.39
CA ARG I 253 16.77 -16.74 -14.86
C ARG I 253 15.46 -16.41 -14.18
N TYR I 254 15.50 -16.28 -12.86
CA TYR I 254 14.34 -15.89 -12.09
C TYR I 254 14.53 -14.52 -11.45
N ALA I 255 13.47 -13.70 -11.52
CA ALA I 255 13.46 -12.41 -10.85
C ALA I 255 12.33 -12.39 -9.84
N PHE I 256 12.03 -11.22 -9.29
CA PHE I 256 10.99 -11.14 -8.27
C PHE I 256 10.11 -9.91 -8.38
N ALA I 257 8.85 -10.13 -8.78
CA ALA I 257 7.84 -9.08 -8.71
C ALA I 257 7.60 -8.85 -7.22
N MET I 258 7.69 -7.61 -6.79
CA MET I 258 7.81 -7.33 -5.38
C MET I 258 7.21 -5.98 -4.98
N GLU I 259 6.49 -5.99 -3.86
CA GLU I 259 5.96 -4.77 -3.28
C GLU I 259 6.35 -4.73 -1.81
N ARG I 260 7.09 -3.71 -1.42
CA ARG I 260 7.68 -3.67 -0.09
C ARG I 260 7.07 -2.61 0.82
N ASN I 261 7.04 -2.92 2.12
CA ASN I 261 6.58 -1.98 3.13
C ASN I 261 7.64 -1.76 4.20
N ALA I 262 8.17 -0.55 4.26
CA ALA I 262 9.27 -0.23 5.16
C ALA I 262 8.88 -0.44 6.63
N GLY I 263 9.88 -0.42 7.50
CA GLY I 263 9.64 -0.41 8.93
C GLY I 263 9.93 -1.71 9.65
N SER I 264 10.60 -2.64 8.99
CA SER I 264 10.94 -3.91 9.62
C SER I 264 12.42 -4.23 9.54
N GLY I 265 12.79 -5.41 10.02
CA GLY I 265 14.19 -5.79 10.09
C GLY I 265 14.42 -7.29 10.06
N ILE I 266 15.56 -7.71 10.60
CA ILE I 266 15.99 -9.10 10.50
C ILE I 266 16.51 -9.60 11.84
N ILE I 267 15.97 -10.73 12.29
CA ILE I 267 16.37 -11.31 13.57
C ILE I 267 17.24 -12.55 13.38
N ILE I 268 18.45 -12.51 13.91
CA ILE I 268 19.31 -13.70 13.93
C ILE I 268 19.17 -14.41 15.26
N SER I 269 18.48 -15.55 15.26
CA SER I 269 18.17 -16.26 16.50
C SER I 269 17.87 -17.74 16.28
N ASP I 270 18.12 -18.53 17.32
CA ASP I 270 17.77 -19.95 17.28
C ASP I 270 16.35 -20.17 17.77
N THR I 271 15.77 -19.13 18.38
CA THR I 271 14.42 -19.23 18.91
C THR I 271 13.44 -19.72 17.86
N PRO I 272 12.70 -20.79 18.19
CA PRO I 272 11.74 -21.45 17.31
C PRO I 272 10.63 -20.52 16.83
N VAL I 273 10.24 -20.64 15.57
CA VAL I 273 9.12 -19.87 15.05
C VAL I 273 7.82 -20.64 15.28
N HIS I 274 6.76 -19.94 15.66
CA HIS I 274 5.49 -20.58 15.99
C HIS I 274 4.31 -19.89 15.32
N ASP I 275 3.12 -20.46 15.51
CA ASP I 275 1.90 -19.85 15.04
C ASP I 275 1.21 -19.11 16.17
N CYS I 276 1.64 -17.88 16.43
CA CYS I 276 1.06 -17.05 17.47
C CYS I 276 1.14 -15.59 17.08
N ASN I 277 0.35 -14.77 17.72
CA ASN I 277 0.34 -13.37 17.42
C ASN I 277 1.13 -12.58 18.44
N THR I 278 1.70 -11.46 18.02
CA THR I 278 2.45 -10.60 18.92
C THR I 278 2.50 -9.18 18.35
N THR I 279 2.64 -8.20 19.23
CA THR I 279 2.70 -6.82 18.78
C THR I 279 4.14 -6.34 18.88
N CYS I 280 4.97 -7.17 19.50
CA CYS I 280 6.35 -6.83 19.77
C CYS I 280 7.21 -8.09 19.78
N GLN I 281 8.29 -8.07 19.01
CA GLN I 281 9.15 -9.24 18.87
C GLN I 281 10.61 -8.95 19.23
N THR I 282 11.21 -9.87 19.98
CA THR I 282 12.63 -9.80 20.27
C THR I 282 13.29 -11.11 19.86
N PRO I 283 14.61 -11.09 19.66
CA PRO I 283 15.34 -12.31 19.30
C PRO I 283 15.16 -13.43 20.31
N LYS I 284 14.81 -13.09 21.55
CA LYS I 284 14.63 -14.09 22.60
C LYS I 284 13.20 -14.62 22.65
N GLY I 285 12.27 -13.84 22.11
CA GLY I 285 10.87 -14.22 22.12
C GLY I 285 9.96 -13.01 22.04
N ALA I 286 8.66 -13.25 21.87
CA ALA I 286 7.69 -12.16 21.75
C ALA I 286 7.33 -11.57 23.11
N ILE I 287 6.76 -10.37 23.09
CA ILE I 287 6.36 -9.68 24.31
C ILE I 287 4.90 -9.24 24.28
N ASN I 288 4.10 -9.81 25.17
CA ASN I 288 2.71 -9.40 25.34
C ASN I 288 2.57 -8.54 26.58
N THR I 289 2.39 -7.24 26.38
CA THR I 289 2.35 -6.33 27.52
C THR I 289 1.77 -4.96 27.22
N SER I 290 1.31 -4.28 28.27
CA SER I 290 0.83 -2.91 28.17
C SER I 290 1.82 -1.98 28.86
N LEU I 291 2.67 -2.56 29.70
CA LEU I 291 3.67 -1.80 30.45
C LEU I 291 4.54 -0.95 29.55
N PRO I 292 5.03 0.18 30.07
CA PRO I 292 5.84 1.15 29.33
C PRO I 292 7.28 0.69 29.12
N PHE I 293 7.77 -0.19 29.99
CA PHE I 293 9.17 -0.57 29.96
C PHE I 293 9.38 -2.08 29.98
N GLN I 294 10.42 -2.53 29.29
CA GLN I 294 10.81 -3.93 29.30
C GLN I 294 12.33 -4.03 29.36
N ASN I 295 12.82 -5.04 30.06
CA ASN I 295 14.27 -5.25 30.18
C ASN I 295 14.70 -6.56 29.55
N ILE I 296 13.90 -7.04 28.60
CA ILE I 296 14.13 -8.33 27.95
C ILE I 296 15.18 -8.26 26.84
N HIS I 297 15.11 -7.24 26.01
CA HIS I 297 16.06 -7.09 24.90
C HIS I 297 15.97 -5.70 24.28
N PRO I 298 17.14 -5.12 23.95
CA PRO I 298 17.27 -3.79 23.34
C PRO I 298 16.80 -3.77 21.89
N ILE I 299 17.15 -4.81 21.13
CA ILE I 299 16.76 -4.90 19.73
C ILE I 299 15.36 -5.45 19.59
N THR I 300 14.45 -4.63 19.08
CA THR I 300 13.03 -4.96 19.08
C THR I 300 12.41 -4.71 17.71
N ILE I 301 11.33 -5.42 17.41
CA ILE I 301 10.59 -5.19 16.18
C ILE I 301 9.08 -5.07 16.45
N GLY I 302 8.52 -3.93 16.09
CA GLY I 302 7.10 -3.69 16.29
C GLY I 302 6.82 -2.51 17.20
N LYS I 303 5.60 -2.43 17.71
CA LYS I 303 5.23 -1.39 18.65
C LYS I 303 5.55 -1.86 20.07
N CYS I 304 6.73 -1.50 20.55
CA CYS I 304 7.28 -2.08 21.78
C CYS I 304 7.49 -1.10 22.94
N PRO I 305 7.63 -1.65 24.15
CA PRO I 305 8.01 -0.91 25.36
C PRO I 305 9.47 -0.48 25.27
N LYS I 306 9.81 0.63 25.91
CA LYS I 306 11.18 1.13 25.88
C LYS I 306 12.09 0.21 26.67
N TYR I 307 13.25 -0.09 26.10
CA TYR I 307 14.20 -0.97 26.78
C TYR I 307 14.89 -0.24 27.90
N VAL I 308 14.92 -0.87 29.08
CA VAL I 308 15.50 -0.27 30.27
C VAL I 308 16.46 -1.25 30.96
N LYS I 309 17.47 -0.71 31.64
CA LYS I 309 18.46 -1.52 32.34
C LYS I 309 17.96 -1.96 33.72
N SER I 310 16.85 -1.37 34.15
CA SER I 310 16.28 -1.67 35.45
C SER I 310 15.98 -3.15 35.64
N THR I 311 16.04 -3.60 36.90
CA THR I 311 15.71 -4.98 37.24
C THR I 311 14.28 -5.06 37.76
N LYS I 312 13.85 -4.04 38.50
CA LYS I 312 12.50 -3.97 39.04
C LYS I 312 11.99 -2.54 39.08
N LEU I 313 10.77 -2.32 38.58
CA LEU I 313 10.14 -1.01 38.65
C LEU I 313 8.80 -1.13 39.37
N ARG I 314 8.85 -1.43 40.66
CA ARG I 314 7.65 -1.65 41.45
C ARG I 314 7.01 -0.34 41.90
N LEU I 315 5.78 -0.12 41.45
CA LEU I 315 5.06 1.11 41.72
C LEU I 315 4.04 0.88 42.84
N ALA I 316 4.12 1.68 43.89
CA ALA I 316 3.23 1.52 45.04
C ALA I 316 1.83 2.08 44.77
N THR I 317 0.81 1.28 45.09
CA THR I 317 -0.58 1.71 44.94
C THR I 317 -1.30 1.78 46.29
N GLY I 318 -0.96 0.86 47.18
CA GLY I 318 -1.51 0.88 48.52
C GLY I 318 -0.74 1.82 49.43
N LEU I 319 -0.71 1.51 50.72
CA LEU I 319 0.01 2.34 51.69
C LEU I 319 1.00 1.52 52.50
N ARG I 320 1.73 2.18 53.41
CA ARG I 320 2.64 1.47 54.29
C ARG I 320 1.95 0.32 54.99
N ASN I 321 2.67 -0.79 55.18
CA ASN I 321 2.11 -1.96 55.81
C ASN I 321 2.61 -2.12 57.24
N ILE I 322 1.67 -2.19 58.18
CA ILE I 322 1.97 -2.44 59.58
C ILE I 322 1.18 -3.65 60.08
N PRO I 323 1.58 -4.20 61.24
CA PRO I 323 0.81 -5.26 61.90
C PRO I 323 -0.08 -4.69 63.00
N GLY J 1 4.48 10.17 55.81
CA GLY J 1 4.71 10.92 57.03
C GLY J 1 4.81 12.41 56.76
N LEU J 2 4.25 12.83 55.63
CA LEU J 2 4.25 14.25 55.27
C LEU J 2 3.10 14.98 55.95
N PHE J 3 2.05 14.24 56.28
CA PHE J 3 0.86 14.82 56.91
C PHE J 3 0.72 14.41 58.37
N GLY J 4 1.66 13.61 58.86
CA GLY J 4 1.72 13.28 60.27
C GLY J 4 0.71 12.27 60.76
N ALA J 5 -0.15 11.79 59.87
CA ALA J 5 -1.19 10.83 60.25
C ALA J 5 -0.74 9.37 60.24
N ILE J 6 -0.52 8.82 59.05
CA ILE J 6 -0.08 7.44 58.91
C ILE J 6 1.32 7.32 59.48
N ALA J 7 1.54 6.29 60.29
CA ALA J 7 2.80 6.11 61.00
C ALA J 7 3.19 7.40 61.72
N GLY J 8 2.18 8.19 62.09
CA GLY J 8 2.39 9.43 62.82
C GLY J 8 1.71 9.38 64.17
N PHE J 9 0.64 10.15 64.33
CA PHE J 9 -0.14 10.09 65.57
C PHE J 9 -1.12 8.91 65.55
N ILE J 10 -1.20 8.25 64.40
CA ILE J 10 -1.89 6.96 64.30
C ILE J 10 -0.83 5.91 63.98
N GLU J 11 -0.17 5.43 65.02
CA GLU J 11 1.03 4.60 64.89
C GLU J 11 0.93 3.45 63.90
N GLY J 12 -0.14 2.66 63.99
CA GLY J 12 -0.23 1.46 63.18
C GLY J 12 -1.50 1.33 62.35
N GLY J 13 -1.61 0.23 61.63
CA GLY J 13 -2.78 -0.05 60.81
C GLY J 13 -3.54 -1.26 61.32
N TRP J 14 -4.74 -1.45 60.81
CA TRP J 14 -5.60 -2.55 61.28
C TRP J 14 -5.69 -3.67 60.25
N THR J 15 -5.07 -4.81 60.56
CA THR J 15 -5.20 -5.99 59.73
C THR J 15 -6.66 -6.45 59.74
N GLY J 16 -7.38 -6.05 60.79
CA GLY J 16 -8.77 -6.42 60.95
C GLY J 16 -9.67 -5.80 59.90
N MET J 17 -9.38 -4.55 59.53
CA MET J 17 -10.15 -3.86 58.50
C MET J 17 -9.68 -4.30 57.13
N VAL J 18 -10.45 -5.18 56.49
CA VAL J 18 -10.02 -5.78 55.23
C VAL J 18 -10.85 -5.33 54.04
N ASP J 19 -11.87 -4.52 54.31
CA ASP J 19 -12.81 -4.12 53.26
C ASP J 19 -12.52 -2.74 52.67
N GLY J 20 -11.46 -2.09 53.12
CA GLY J 20 -11.10 -0.77 52.60
C GLY J 20 -9.75 -0.27 53.07
N TRP J 21 -9.31 0.86 52.52
CA TRP J 21 -8.03 1.45 52.89
C TRP J 21 -8.12 2.27 54.17
N TYR J 22 -9.16 3.09 54.27
CA TYR J 22 -9.38 3.91 55.47
C TYR J 22 -10.74 3.58 56.08
N GLY J 23 -10.82 3.59 57.41
CA GLY J 23 -12.06 3.23 58.07
C GLY J 23 -12.12 3.57 59.55
N TYR J 24 -13.12 3.01 60.23
CA TYR J 24 -13.33 3.27 61.65
C TYR J 24 -13.35 1.99 62.46
N HIS J 25 -13.17 2.12 63.77
CA HIS J 25 -13.37 1.01 64.70
C HIS J 25 -14.17 1.48 65.90
N HIS J 26 -15.47 1.20 65.90
CA HIS J 26 -16.36 1.65 66.94
C HIS J 26 -16.31 0.75 68.18
N GLN J 27 -16.65 1.31 69.33
CA GLN J 27 -16.64 0.57 70.59
C GLN J 27 -17.72 1.09 71.53
N ASN J 28 -18.88 0.44 71.53
CA ASN J 28 -19.96 0.82 72.43
C ASN J 28 -20.61 -0.37 73.12
N GLU J 29 -21.81 -0.18 73.64
CA GLU J 29 -22.50 -1.21 74.41
C GLU J 29 -23.05 -2.33 73.53
N GLN J 30 -23.18 -2.06 72.24
CA GLN J 30 -23.71 -3.06 71.30
C GLN J 30 -22.59 -3.90 70.68
N GLY J 31 -21.36 -3.69 71.14
CA GLY J 31 -20.24 -4.47 70.67
C GLY J 31 -19.14 -3.67 70.02
N SER J 32 -18.24 -4.35 69.30
CA SER J 32 -17.15 -3.70 68.60
C SER J 32 -17.15 -4.10 67.13
N GLY J 33 -16.22 -3.54 66.36
CA GLY J 33 -16.10 -3.90 64.96
C GLY J 33 -15.36 -2.88 64.11
N TYR J 34 -14.87 -3.34 62.96
CA TYR J 34 -14.23 -2.46 61.99
C TYR J 34 -15.18 -2.20 60.84
N ALA J 35 -14.93 -1.13 60.10
CA ALA J 35 -15.74 -0.80 58.93
C ALA J 35 -15.07 0.27 58.09
N ALA J 36 -14.72 -0.09 56.86
CA ALA J 36 -14.06 0.85 55.96
C ALA J 36 -14.99 1.99 55.57
N ASP J 37 -14.42 3.16 55.30
CA ASP J 37 -15.19 4.30 54.83
C ASP J 37 -15.45 4.15 53.34
N LEU J 38 -16.65 3.67 53.00
CA LEU J 38 -17.01 3.38 51.62
C LEU J 38 -16.54 4.46 50.64
N LYS J 39 -17.08 5.66 50.79
CA LYS J 39 -16.81 6.75 49.85
C LYS J 39 -15.34 7.14 49.80
N SER J 40 -14.72 7.24 50.98
CA SER J 40 -13.33 7.67 51.08
C SER J 40 -12.38 6.67 50.40
N THR J 41 -12.65 5.38 50.59
CA THR J 41 -11.82 4.34 50.02
C THR J 41 -11.97 4.25 48.50
N GLN J 42 -13.19 4.35 48.02
CA GLN J 42 -13.46 4.25 46.59
C GLN J 42 -12.78 5.38 45.83
N ASN J 43 -12.77 6.56 46.43
CA ASN J 43 -12.15 7.72 45.79
C ASN J 43 -10.67 7.52 45.53
N ALA J 44 -9.96 7.02 46.54
CA ALA J 44 -8.53 6.74 46.41
C ALA J 44 -8.28 5.69 45.33
N ILE J 45 -9.09 4.63 45.35
CA ILE J 45 -8.98 3.57 44.35
C ILE J 45 -9.14 4.14 42.94
N ASP J 46 -10.13 5.01 42.74
CA ASP J 46 -10.33 5.62 41.44
C ASP J 46 -9.11 6.43 41.03
N GLU J 47 -8.66 7.31 41.91
CA GLU J 47 -7.56 8.21 41.60
C GLU J 47 -6.22 7.46 41.45
N ILE J 48 -5.95 6.54 42.35
CA ILE J 48 -4.74 5.72 42.26
C ILE J 48 -4.74 4.90 40.98
N THR J 49 -5.88 4.32 40.63
CA THR J 49 -6.03 3.59 39.38
C THR J 49 -5.70 4.50 38.20
N ASN J 50 -6.33 5.67 38.16
CA ASN J 50 -6.06 6.64 37.12
C ASN J 50 -4.57 6.96 37.02
N LYS J 51 -3.95 7.15 38.17
CA LYS J 51 -2.51 7.42 38.23
C LYS J 51 -1.73 6.34 37.48
N VAL J 52 -1.85 5.11 37.94
CA VAL J 52 -1.19 3.99 37.29
C VAL J 52 -1.49 3.96 35.80
N ASN J 53 -2.74 4.19 35.44
CA ASN J 53 -3.15 4.18 34.04
C ASN J 53 -2.52 5.32 33.24
N SER J 54 -2.34 6.46 33.88
CA SER J 54 -1.72 7.61 33.22
C SER J 54 -0.25 7.33 32.90
N VAL J 55 0.46 6.79 33.88
CA VAL J 55 1.86 6.45 33.70
C VAL J 55 2.05 5.44 32.56
N ILE J 56 1.08 4.56 32.38
CA ILE J 56 1.15 3.55 31.34
C ILE J 56 0.63 4.06 30.00
N GLU J 57 -0.58 4.61 30.01
CA GLU J 57 -1.28 4.99 28.79
C GLU J 57 -0.58 6.10 28.01
N LYS J 58 0.16 6.97 28.70
CA LYS J 58 0.83 8.08 28.04
C LYS J 58 2.00 7.63 27.18
N MET J 59 2.49 6.42 27.43
CA MET J 59 3.58 5.86 26.64
C MET J 59 3.04 5.26 25.35
N ASN J 60 2.94 6.10 24.32
CA ASN J 60 2.49 5.67 23.00
C ASN J 60 3.68 5.57 22.06
N THR J 61 4.02 4.34 21.66
CA THR J 61 5.23 4.09 20.88
C THR J 61 4.98 3.92 19.39
N GLN J 62 6.05 4.09 18.60
CA GLN J 62 6.01 3.91 17.16
C GLN J 62 6.26 2.45 16.83
N PHE J 63 5.87 2.04 15.63
CA PHE J 63 6.28 0.73 15.14
C PHE J 63 7.65 0.85 14.51
N THR J 64 8.67 0.37 15.21
CA THR J 64 10.04 0.48 14.72
C THR J 64 10.79 -0.83 14.86
N ALA J 65 11.76 -1.03 13.97
CA ALA J 65 12.63 -2.18 14.06
C ALA J 65 14.02 -1.70 14.43
N VAL J 66 14.30 -1.64 15.72
CA VAL J 66 15.64 -1.32 16.16
C VAL J 66 16.58 -2.42 15.68
N GLY J 67 17.84 -2.08 15.51
CA GLY J 67 18.81 -3.06 15.04
C GLY J 67 19.10 -2.89 13.56
N LYS J 68 20.38 -2.67 13.27
CA LYS J 68 20.83 -2.45 11.91
C LYS J 68 22.02 -3.35 11.64
N GLU J 69 22.29 -3.60 10.37
CA GLU J 69 23.44 -4.42 9.98
C GLU J 69 24.46 -3.59 9.22
N PHE J 70 25.72 -3.74 9.59
CA PHE J 70 26.79 -3.00 8.92
C PHE J 70 27.97 -3.92 8.63
N ASN J 71 28.65 -3.69 7.50
CA ASN J 71 29.80 -4.52 7.16
C ASN J 71 31.09 -4.02 7.81
N HIS J 72 32.16 -4.79 7.65
CA HIS J 72 33.41 -4.52 8.35
C HIS J 72 33.97 -3.13 8.08
N LEU J 73 33.48 -2.49 7.01
CA LEU J 73 33.96 -1.16 6.64
C LEU J 73 32.93 -0.07 6.94
N GLU J 74 32.06 -0.36 7.90
CA GLU J 74 31.07 0.61 8.34
C GLU J 74 31.02 0.70 9.86
N LYS J 75 32.16 0.42 10.49
CA LYS J 75 32.27 0.40 11.94
C LYS J 75 31.84 1.73 12.55
N ARG J 76 32.16 2.83 11.88
CA ARG J 76 31.80 4.14 12.38
C ARG J 76 30.28 4.29 12.53
N ILE J 77 29.54 4.07 11.44
CA ILE J 77 28.08 4.19 11.52
C ILE J 77 27.48 3.10 12.40
N GLU J 78 28.20 2.00 12.55
CA GLU J 78 27.75 0.96 13.48
C GLU J 78 27.81 1.50 14.89
N ASN J 79 28.90 2.18 15.22
CA ASN J 79 29.06 2.78 16.54
C ASN J 79 28.14 3.97 16.75
N LEU J 80 27.79 4.64 15.66
CA LEU J 80 26.82 5.74 15.73
C LEU J 80 25.48 5.15 16.15
N ASN J 81 25.10 4.07 15.50
CA ASN J 81 23.89 3.36 15.85
C ASN J 81 23.94 2.90 17.30
N LYS J 82 25.07 2.33 17.70
CA LYS J 82 25.22 1.88 19.07
C LYS J 82 25.08 3.04 20.04
N LYS J 83 25.52 4.23 19.63
CA LYS J 83 25.44 5.40 20.49
C LYS J 83 23.99 5.82 20.71
N VAL J 84 23.21 5.84 19.64
CA VAL J 84 21.81 6.25 19.73
C VAL J 84 21.02 5.24 20.56
N ASP J 85 21.41 3.98 20.50
CA ASP J 85 20.71 2.94 21.26
C ASP J 85 21.01 3.07 22.75
N ASP J 86 22.30 3.23 23.08
CA ASP J 86 22.70 3.39 24.48
C ASP J 86 22.27 4.76 25.00
N GLY J 87 22.09 5.71 24.11
CA GLY J 87 21.63 7.02 24.47
C GLY J 87 20.20 6.99 24.98
N PHE J 88 19.37 6.23 24.27
CA PHE J 88 17.98 6.05 24.67
C PHE J 88 17.88 5.21 25.93
N LEU J 89 18.78 4.23 26.05
CA LEU J 89 18.78 3.34 27.20
C LEU J 89 19.02 4.09 28.50
N ASP J 90 19.98 5.01 28.48
CA ASP J 90 20.31 5.78 29.67
C ASP J 90 19.19 6.77 30.00
N ILE J 91 18.63 7.38 28.97
CA ILE J 91 17.53 8.32 29.14
C ILE J 91 16.29 7.66 29.75
N TRP J 92 15.84 6.56 29.15
CA TRP J 92 14.65 5.88 29.64
C TRP J 92 14.85 5.26 31.01
N THR J 93 15.99 4.61 31.22
CA THR J 93 16.27 4.00 32.51
C THR J 93 16.19 5.04 33.63
N TYR J 94 16.88 6.15 33.45
CA TYR J 94 16.92 7.19 34.47
C TYR J 94 15.53 7.75 34.76
N ASN J 95 14.82 8.16 33.71
CA ASN J 95 13.47 8.70 33.85
C ASN J 95 12.52 7.70 34.52
N ALA J 96 12.53 6.46 34.04
CA ALA J 96 11.66 5.43 34.60
C ALA J 96 11.97 5.21 36.08
N GLU J 97 13.25 5.06 36.39
CA GLU J 97 13.68 4.88 37.78
C GLU J 97 13.23 6.04 38.66
N LEU J 98 13.48 7.26 38.22
CA LEU J 98 13.11 8.44 38.99
C LEU J 98 11.61 8.66 39.05
N LEU J 99 10.91 8.32 37.97
CA LEU J 99 9.47 8.46 37.93
C LEU J 99 8.83 7.62 39.03
N VAL J 100 9.33 6.40 39.19
CA VAL J 100 8.83 5.50 40.22
C VAL J 100 9.11 6.06 41.62
N LEU J 101 10.36 6.46 41.86
CA LEU J 101 10.74 7.03 43.14
C LEU J 101 9.87 8.22 43.50
N LEU J 102 9.68 9.12 42.53
CA LEU J 102 8.86 10.30 42.74
C LEU J 102 7.42 9.96 43.04
N GLU J 103 6.80 9.17 42.16
CA GLU J 103 5.39 8.84 42.29
C GLU J 103 5.07 8.01 43.54
N ASN J 104 6.02 7.18 43.97
CA ASN J 104 5.84 6.42 45.18
C ASN J 104 5.82 7.33 46.41
N GLU J 105 6.76 8.24 46.47
CA GLU J 105 6.78 9.25 47.53
C GLU J 105 5.44 9.96 47.62
N ARG J 106 4.94 10.44 46.48
CA ARG J 106 3.67 11.15 46.44
C ARG J 106 2.49 10.29 46.86
N THR J 107 2.46 9.03 46.39
CA THR J 107 1.35 8.14 46.66
C THR J 107 1.20 7.88 48.16
N LEU J 108 2.30 7.59 48.83
CA LEU J 108 2.29 7.35 50.26
C LEU J 108 1.80 8.59 51.02
N ASP J 109 2.21 9.76 50.56
CA ASP J 109 1.75 11.01 51.14
C ASP J 109 0.27 11.23 50.82
N TYR J 110 -0.16 10.75 49.66
CA TYR J 110 -1.55 10.86 49.26
C TYR J 110 -2.45 10.14 50.26
N HIS J 111 -2.02 8.96 50.70
CA HIS J 111 -2.79 8.18 51.68
C HIS J 111 -2.73 8.84 53.05
N ASP J 112 -1.56 9.33 53.43
CA ASP J 112 -1.41 10.03 54.68
C ASP J 112 -2.41 11.18 54.74
N SER J 113 -2.52 11.91 53.63
CA SER J 113 -3.46 13.01 53.52
C SER J 113 -4.90 12.56 53.70
N ASN J 114 -5.26 11.44 53.08
CA ASN J 114 -6.64 10.95 53.15
C ASN J 114 -7.03 10.54 54.57
N VAL J 115 -6.10 9.95 55.32
CA VAL J 115 -6.36 9.56 56.69
C VAL J 115 -6.50 10.81 57.57
N LYS J 116 -5.54 11.71 57.46
CA LYS J 116 -5.56 12.96 58.20
C LYS J 116 -6.87 13.73 57.95
N ASN J 117 -7.32 13.72 56.69
CA ASN J 117 -8.54 14.42 56.33
C ASN J 117 -9.79 13.76 56.90
N LEU J 118 -9.78 12.44 56.97
CA LEU J 118 -10.91 11.69 57.51
C LEU J 118 -11.03 11.95 59.01
N TYR J 119 -9.89 12.11 59.67
CA TYR J 119 -9.86 12.44 61.09
C TYR J 119 -10.39 13.85 61.31
N GLU J 120 -9.82 14.81 60.58
CA GLU J 120 -10.25 16.20 60.66
C GLU J 120 -11.75 16.32 60.44
N LYS J 121 -12.27 15.54 59.51
CA LYS J 121 -13.70 15.58 59.18
C LYS J 121 -14.56 15.24 60.40
N VAL J 122 -14.22 14.16 61.08
CA VAL J 122 -14.95 13.71 62.25
C VAL J 122 -14.77 14.66 63.44
N ARG J 123 -13.52 15.03 63.69
CA ARG J 123 -13.19 15.90 64.82
C ARG J 123 -13.95 17.21 64.76
N SER J 124 -13.99 17.83 63.59
CA SER J 124 -14.68 19.10 63.42
C SER J 124 -16.19 18.89 63.36
N GLN J 125 -16.61 17.65 63.54
CA GLN J 125 -18.03 17.32 63.53
C GLN J 125 -18.57 17.18 64.95
N LEU J 126 -17.84 16.47 65.81
CA LEU J 126 -18.19 16.37 67.22
C LEU J 126 -17.19 17.17 68.07
N LYS J 127 -17.47 18.45 68.25
CA LYS J 127 -16.55 19.33 68.97
C LYS J 127 -16.36 19.02 70.44
N ASN J 128 -17.43 19.19 71.22
CA ASN J 128 -17.38 18.98 72.67
C ASN J 128 -17.83 17.56 73.00
N ASN J 129 -18.77 17.05 72.22
CA ASN J 129 -19.42 15.77 72.50
C ASN J 129 -18.47 14.60 72.63
N ALA J 130 -17.17 14.85 72.39
CA ALA J 130 -16.16 13.82 72.54
C ALA J 130 -14.78 14.44 72.65
N LYS J 131 -13.88 13.78 73.36
CA LYS J 131 -12.53 14.30 73.55
C LYS J 131 -11.49 13.46 72.81
N GLU J 132 -10.48 14.13 72.27
CA GLU J 132 -9.41 13.45 71.54
C GLU J 132 -8.50 12.68 72.50
N ILE J 133 -8.44 11.37 72.33
CA ILE J 133 -7.48 10.57 73.07
C ILE J 133 -6.07 10.91 72.62
N GLY J 134 -5.92 11.17 71.32
CA GLY J 134 -4.64 11.54 70.75
C GLY J 134 -4.08 10.46 69.85
N ASN J 135 -4.79 9.33 69.77
CA ASN J 135 -4.34 8.20 68.96
C ASN J 135 -5.23 8.02 67.75
N GLY J 136 -5.80 9.12 67.27
CA GLY J 136 -6.79 9.07 66.21
C GLY J 136 -8.07 8.49 66.75
N CYS J 137 -8.20 8.55 68.08
CA CYS J 137 -9.37 8.02 68.76
C CYS J 137 -10.18 9.11 69.44
N PHE J 138 -11.50 8.99 69.37
CA PHE J 138 -12.41 9.92 70.03
C PHE J 138 -13.19 9.20 71.12
N GLU J 139 -13.18 9.76 72.32
CA GLU J 139 -13.94 9.21 73.43
C GLU J 139 -15.21 10.04 73.66
N PHE J 140 -16.36 9.42 73.44
CA PHE J 140 -17.64 10.11 73.54
C PHE J 140 -17.99 10.50 74.98
N TYR J 141 -18.46 11.73 75.15
CA TYR J 141 -18.99 12.18 76.42
C TYR J 141 -20.45 11.79 76.54
N HIS J 142 -21.13 11.74 75.40
CA HIS J 142 -22.53 11.30 75.37
C HIS J 142 -22.61 9.88 74.79
N LYS J 143 -23.35 9.01 75.45
CA LYS J 143 -23.54 7.64 74.99
C LYS J 143 -23.83 7.63 73.49
N CYS J 144 -23.18 6.72 72.76
CA CYS J 144 -23.34 6.65 71.32
C CYS J 144 -23.66 5.23 70.84
N ASP J 145 -24.93 5.01 70.49
CA ASP J 145 -25.37 3.71 69.98
C ASP J 145 -25.02 3.54 68.50
N ASN J 146 -25.34 2.37 67.95
CA ASN J 146 -24.99 2.06 66.57
C ASN J 146 -25.55 3.04 65.54
N THR J 147 -26.84 3.34 65.63
CA THR J 147 -27.46 4.30 64.72
C THR J 147 -26.89 5.69 64.96
N CYS J 148 -26.14 5.85 66.04
CA CYS J 148 -25.43 7.09 66.33
C CYS J 148 -24.10 7.11 65.60
N MET J 149 -23.38 5.99 65.66
CA MET J 149 -22.12 5.84 64.94
C MET J 149 -22.33 6.09 63.46
N GLU J 150 -23.55 5.82 63.00
CA GLU J 150 -23.91 6.01 61.60
C GLU J 150 -23.87 7.50 61.24
N SER J 151 -24.45 8.32 62.10
CA SER J 151 -24.52 9.76 61.84
C SER J 151 -23.13 10.38 61.85
N VAL J 152 -22.13 9.60 62.24
CA VAL J 152 -20.76 10.09 62.27
C VAL J 152 -20.05 9.73 60.97
N LYS J 153 -20.27 8.50 60.50
CA LYS J 153 -19.70 8.03 59.25
C LYS J 153 -20.34 8.74 58.06
N ASN J 154 -21.66 8.75 58.00
CA ASN J 154 -22.38 9.47 56.95
C ASN J 154 -22.09 10.97 56.98
N GLY J 155 -21.39 11.42 58.02
CA GLY J 155 -21.09 12.82 58.18
C GLY J 155 -22.34 13.61 58.51
N THR J 156 -23.39 12.89 58.90
CA THR J 156 -24.67 13.49 59.26
C THR J 156 -24.89 13.45 60.76
N TYR J 157 -23.93 13.99 61.51
CA TYR J 157 -23.97 13.98 62.96
C TYR J 157 -24.65 15.23 63.53
N ASP J 158 -25.83 15.04 64.12
CA ASP J 158 -26.57 16.13 64.78
C ASP J 158 -25.85 16.50 66.06
N TYR J 159 -26.46 17.40 66.82
CA TYR J 159 -25.97 17.80 68.12
C TYR J 159 -26.93 17.73 69.30
N PRO J 160 -27.56 16.56 69.53
CA PRO J 160 -28.26 16.44 70.80
C PRO J 160 -27.28 16.03 71.92
N LYS J 161 -26.55 17.00 72.48
CA LYS J 161 -25.57 16.70 73.51
C LYS J 161 -25.77 17.52 74.79
N TYR J 162 -27.03 17.67 75.21
CA TYR J 162 -27.32 18.34 76.44
C TYR J 162 -26.68 17.44 77.43
N SER J 163 -26.08 16.36 76.96
CA SER J 163 -25.11 15.56 77.69
C SER J 163 -23.66 16.05 77.45
N GLU J 164 -23.55 17.34 77.61
CA GLU J 164 -22.35 18.15 77.74
C GLU J 164 -22.35 17.94 79.27
N GLU J 165 -21.98 16.72 79.65
CA GLU J 165 -21.95 16.26 81.04
C GLU J 165 -21.16 14.94 81.02
N ALA J 166 -19.84 15.09 80.99
CA ALA J 166 -19.24 16.42 81.01
C ALA J 166 -18.19 16.63 79.92
N ASP K 2 6.97 30.20 82.17
CA ASP K 2 7.59 28.95 81.71
C ASP K 2 7.10 28.58 80.32
N THR K 3 7.94 28.80 79.31
CA THR K 3 7.54 28.58 77.93
C THR K 3 8.41 27.53 77.22
N LEU K 4 7.83 26.87 76.23
CA LEU K 4 8.55 25.93 75.38
C LEU K 4 8.25 26.25 73.92
N CYS K 5 9.30 26.50 73.15
CA CYS K 5 9.13 26.85 71.74
C CYS K 5 9.61 25.77 70.79
N ILE K 6 9.03 25.73 69.60
CA ILE K 6 9.42 24.78 68.57
C ILE K 6 9.88 25.52 67.31
N GLY K 7 11.13 25.28 66.91
CA GLY K 7 11.71 25.98 65.78
C GLY K 7 12.63 25.13 64.94
N TYR K 8 13.37 25.79 64.04
CA TYR K 8 14.24 25.09 63.10
C TYR K 8 15.61 25.75 62.97
N HIS K 9 16.54 25.01 62.36
CA HIS K 9 17.93 25.41 62.26
C HIS K 9 18.14 26.66 61.40
N ALA K 10 19.31 27.28 61.57
CA ALA K 10 19.72 28.41 60.75
C ALA K 10 21.23 28.57 60.89
N ASN K 11 21.86 29.21 59.92
CA ASN K 11 23.32 29.39 59.96
C ASN K 11 23.83 30.52 59.08
N ASN K 12 25.15 30.63 58.99
CA ASN K 12 25.78 31.70 58.21
C ASN K 12 25.85 31.38 56.72
N SER K 13 25.28 30.24 56.34
CA SER K 13 25.32 29.79 54.95
C SER K 13 24.74 30.83 53.99
N THR K 14 25.32 30.89 52.79
CA THR K 14 24.86 31.82 51.77
C THR K 14 24.40 31.08 50.52
N ASP K 15 24.52 29.75 50.56
CA ASP K 15 24.10 28.91 49.44
C ASP K 15 22.68 29.24 48.99
N THR K 16 22.51 29.49 47.70
CA THR K 16 21.20 29.68 47.12
C THR K 16 20.83 28.54 46.16
N VAL K 17 19.54 28.27 46.04
CA VAL K 17 19.04 27.27 45.12
C VAL K 17 17.76 27.76 44.49
N ASP K 18 17.38 27.20 43.35
CA ASP K 18 16.14 27.58 42.70
C ASP K 18 15.07 26.51 42.86
N THR K 19 13.83 26.95 42.97
CA THR K 19 12.70 26.03 42.97
C THR K 19 11.77 26.38 41.81
N VAL K 20 10.74 25.57 41.63
CA VAL K 20 9.77 25.84 40.57
C VAL K 20 9.02 27.14 40.85
N LEU K 21 8.85 27.46 42.14
CA LEU K 21 8.05 28.61 42.54
C LEU K 21 8.89 29.85 42.83
N GLU K 22 10.16 29.64 43.20
CA GLU K 22 10.98 30.75 43.68
C GLU K 22 12.44 30.60 43.31
N LYS K 23 13.07 31.70 42.91
CA LYS K 23 14.48 31.69 42.52
C LYS K 23 15.35 32.29 43.62
N ASN K 24 16.63 31.95 43.62
CA ASN K 24 17.58 32.47 44.61
C ASN K 24 17.09 32.31 46.05
N VAL K 25 16.83 31.07 46.45
CA VAL K 25 16.38 30.80 47.81
C VAL K 25 17.55 30.34 48.67
N THR K 26 17.85 31.10 49.72
CA THR K 26 18.96 30.79 50.61
C THR K 26 18.63 29.59 51.50
N VAL K 27 19.58 28.68 51.62
CA VAL K 27 19.32 27.37 52.20
C VAL K 27 20.46 27.02 53.16
N THR K 28 20.17 26.25 54.20
CA THR K 28 21.17 25.92 55.21
C THR K 28 22.22 24.94 54.69
N HIS K 29 21.80 24.01 53.85
CA HIS K 29 22.70 23.00 53.30
C HIS K 29 22.32 22.64 51.87
N SER K 30 23.31 22.21 51.09
CA SER K 30 23.08 21.86 49.69
C SER K 30 24.23 21.07 49.08
N VAL K 31 23.92 20.35 48.01
CA VAL K 31 24.92 19.60 47.26
C VAL K 31 24.85 19.99 45.79
N ASN K 32 25.96 19.83 45.08
CA ASN K 32 25.99 20.12 43.65
C ASN K 32 25.94 18.85 42.82
N LEU K 33 24.93 18.74 41.96
CA LEU K 33 24.77 17.57 41.11
C LEU K 33 25.59 17.70 39.84
N LEU K 34 26.12 18.90 39.59
CA LEU K 34 26.84 19.18 38.36
C LEU K 34 28.35 19.15 38.55
N GLU K 35 29.01 18.22 37.88
CA GLU K 35 30.47 18.16 37.90
C GLU K 35 31.03 19.14 36.89
N ASP K 36 31.81 20.11 37.36
CA ASP K 36 32.41 21.11 36.49
C ASP K 36 33.90 21.23 36.73
N LYS K 37 34.54 20.10 37.05
CA LYS K 37 35.94 20.11 37.43
C LYS K 37 36.69 18.95 36.77
N HIS K 38 37.73 19.30 36.02
CA HIS K 38 38.58 18.29 35.38
C HIS K 38 40.04 18.50 35.78
N ASN K 39 40.83 17.44 35.66
CA ASN K 39 42.23 17.48 36.07
C ASN K 39 43.20 17.91 34.96
N GLY K 40 42.65 18.43 33.86
CA GLY K 40 43.45 18.94 32.77
C GLY K 40 44.58 18.02 32.35
N LYS K 41 44.32 16.72 32.32
CA LYS K 41 45.32 15.74 31.92
C LYS K 41 44.69 14.60 31.11
N LEU K 42 45.46 14.03 30.20
CA LEU K 42 45.04 12.85 29.46
C LEU K 42 45.58 11.61 30.18
N CYS K 43 44.67 10.85 30.78
CA CYS K 43 45.07 9.75 31.65
C CYS K 43 44.74 8.40 31.06
N LYS K 44 45.01 7.33 31.80
CA LYS K 44 44.76 6.01 31.27
C LYS K 44 43.37 5.54 31.56
N LEU K 45 42.71 4.96 30.59
CA LEU K 45 41.32 4.64 30.79
C LEU K 45 40.67 3.53 31.51
N ARG K 46 41.21 2.34 31.34
CA ARG K 46 40.57 1.18 31.91
C ARG K 46 41.68 1.04 32.89
N GLY K 47 42.75 0.37 32.51
CA GLY K 47 43.95 0.37 33.32
C GLY K 47 45.12 0.66 32.40
N VAL K 48 44.79 0.84 31.12
CA VAL K 48 45.76 1.01 30.05
C VAL K 48 45.92 2.48 29.64
N ALA K 49 47.13 2.87 29.27
CA ALA K 49 47.37 4.22 28.80
C ALA K 49 47.02 4.37 27.32
N PRO K 50 46.85 5.61 26.87
CA PRO K 50 46.54 5.89 25.47
C PRO K 50 47.79 5.86 24.60
N LEU K 51 47.61 5.64 23.31
CA LEU K 51 48.71 5.69 22.36
C LEU K 51 48.90 7.13 21.90
N HIS K 52 50.04 7.72 22.25
CA HIS K 52 50.30 9.11 21.85
C HIS K 52 51.20 9.16 20.62
N LEU K 53 50.69 9.74 19.55
CA LEU K 53 51.47 9.86 18.31
C LEU K 53 52.27 11.15 18.32
N GLY K 54 51.85 12.10 19.16
CA GLY K 54 52.54 13.37 19.28
C GLY K 54 52.65 14.10 17.96
N LYS K 55 53.83 14.04 17.35
CA LYS K 55 54.11 14.77 16.12
C LYS K 55 53.34 14.25 14.91
N CYS K 56 53.03 12.97 14.91
CA CYS K 56 52.45 12.32 13.74
C CYS K 56 50.97 12.02 13.91
N ASN K 57 50.32 11.70 12.80
CA ASN K 57 48.95 11.23 12.83
C ASN K 57 48.90 9.75 12.43
N ILE K 58 47.74 9.14 12.60
CA ILE K 58 47.59 7.71 12.34
C ILE K 58 48.24 7.32 11.01
N ALA K 59 47.91 8.07 9.96
CA ALA K 59 48.45 7.80 8.64
C ALA K 59 49.97 7.63 8.67
N GLY K 60 50.66 8.63 9.23
CA GLY K 60 52.11 8.59 9.30
C GLY K 60 52.61 7.46 10.19
N TRP K 61 51.87 7.19 11.26
CA TRP K 61 52.30 6.20 12.25
C TRP K 61 52.29 4.77 11.72
N ILE K 62 51.24 4.40 10.98
CA ILE K 62 51.10 3.04 10.50
C ILE K 62 51.92 2.79 9.24
N LEU K 63 52.02 3.79 8.39
CA LEU K 63 52.81 3.69 7.18
C LEU K 63 54.29 3.68 7.53
N GLY K 64 54.63 4.30 8.65
CA GLY K 64 56.01 4.35 9.10
C GLY K 64 56.76 5.56 8.58
N ASN K 65 56.08 6.69 8.50
CA ASN K 65 56.73 7.94 8.15
C ASN K 65 58.04 8.06 8.92
N PRO K 66 59.12 8.45 8.23
CA PRO K 66 60.46 8.55 8.81
C PRO K 66 60.49 9.42 10.08
N GLU K 67 59.48 10.26 10.27
CA GLU K 67 59.43 11.15 11.43
C GLU K 67 58.79 10.48 12.65
N CYS K 68 57.94 9.48 12.41
CA CYS K 68 57.26 8.77 13.49
C CYS K 68 58.06 7.56 13.92
N GLU K 69 59.35 7.75 14.11
CA GLU K 69 60.28 6.65 14.32
C GLU K 69 60.42 6.26 15.79
N SER K 70 59.92 7.11 16.68
CA SER K 70 60.22 7.01 18.10
C SER K 70 59.15 6.31 18.93
N LEU K 71 58.08 5.89 18.26
CA LEU K 71 56.78 5.76 18.93
C LEU K 71 56.02 4.66 19.71
N SER K 72 55.57 3.65 18.97
CA SER K 72 54.61 2.66 19.46
C SER K 72 55.49 1.53 20.00
N THR K 73 55.98 1.70 21.22
CA THR K 73 56.63 0.62 21.93
C THR K 73 55.53 -0.11 22.68
N ALA K 74 54.29 0.28 22.41
CA ALA K 74 53.15 -0.24 23.16
C ALA K 74 52.47 -1.40 22.46
N SER K 75 52.04 -2.38 23.25
CA SER K 75 51.37 -3.57 22.71
C SER K 75 49.86 -3.49 22.91
N SER K 76 49.41 -2.37 23.47
CA SER K 76 47.99 -2.14 23.68
C SER K 76 47.75 -0.71 24.12
N TRP K 77 46.54 -0.22 23.88
CA TRP K 77 46.16 1.13 24.32
C TRP K 77 44.64 1.25 24.42
N SER K 78 44.19 2.12 25.31
CA SER K 78 42.77 2.30 25.57
C SER K 78 42.14 3.25 24.56
N TYR K 79 42.92 4.21 24.09
CA TYR K 79 42.47 5.16 23.08
C TYR K 79 43.67 5.84 22.45
N ILE K 80 43.44 6.67 21.44
CA ILE K 80 44.54 7.30 20.72
C ILE K 80 44.51 8.82 20.86
N VAL K 81 45.70 9.42 20.94
CA VAL K 81 45.81 10.86 21.09
C VAL K 81 46.65 11.47 19.97
N GLU K 82 46.04 12.31 19.15
CA GLU K 82 46.77 13.11 18.18
C GLU K 82 46.79 14.55 18.66
N THR K 83 47.79 15.31 18.25
CA THR K 83 47.82 16.73 18.56
C THR K 83 47.22 17.51 17.40
N PRO K 84 46.60 18.67 17.70
CA PRO K 84 45.97 19.46 16.65
C PRO K 84 46.96 19.94 15.58
N SER K 85 48.25 19.85 15.90
CA SER K 85 49.28 20.34 14.98
C SER K 85 50.20 19.24 14.47
N SER K 86 49.85 17.99 14.73
CA SER K 86 50.62 16.85 14.24
C SER K 86 50.36 16.63 12.74
N ASP K 87 51.32 17.00 11.91
CA ASP K 87 51.11 17.05 10.46
C ASP K 87 51.73 15.90 9.67
N ASN K 88 52.81 15.33 10.21
CA ASN K 88 53.54 14.28 9.52
C ASN K 88 52.76 12.97 9.37
N GLY K 89 52.18 12.75 8.20
CA GLY K 89 51.51 11.49 7.90
C GLY K 89 51.95 10.88 6.59
N THR K 90 51.11 10.97 5.56
CA THR K 90 51.47 10.50 4.23
C THR K 90 52.30 11.55 3.48
N CYS K 91 53.62 11.50 3.66
CA CYS K 91 54.53 12.46 3.06
C CYS K 91 54.44 12.50 1.53
N TYR K 92 54.36 11.33 0.91
CA TYR K 92 54.15 11.27 -0.53
C TYR K 92 52.67 11.49 -0.84
N PRO K 93 52.37 12.55 -1.60
CA PRO K 93 50.98 12.92 -1.88
C PRO K 93 50.20 11.73 -2.42
N GLY K 94 48.99 11.54 -1.91
CA GLY K 94 48.15 10.44 -2.36
C GLY K 94 46.84 10.36 -1.62
N ASP K 95 46.13 9.26 -1.81
CA ASP K 95 44.82 9.09 -1.22
C ASP K 95 44.82 7.85 -0.33
N PHE K 96 44.59 8.04 0.97
CA PHE K 96 44.49 6.94 1.91
C PHE K 96 43.05 6.45 1.93
N ILE K 97 42.82 5.28 1.36
CA ILE K 97 41.47 4.75 1.20
C ILE K 97 40.91 4.22 2.52
N ASP K 98 39.65 4.54 2.78
CA ASP K 98 39.00 4.15 4.02
C ASP K 98 39.87 4.49 5.22
N TYR K 99 40.44 5.69 5.21
CA TYR K 99 41.32 6.16 6.28
C TYR K 99 40.56 6.29 7.60
N GLU K 100 39.42 6.97 7.57
CA GLU K 100 38.63 7.16 8.77
C GLU K 100 38.22 5.83 9.37
N GLU K 101 37.82 4.89 8.52
CA GLU K 101 37.47 3.55 9.00
C GLU K 101 38.64 2.89 9.71
N LEU K 102 39.83 3.02 9.11
CA LEU K 102 41.03 2.44 9.70
C LEU K 102 41.30 3.04 11.08
N ARG K 103 41.27 4.37 11.15
CA ARG K 103 41.49 5.05 12.42
C ARG K 103 40.55 4.54 13.49
N GLU K 104 39.30 4.28 13.12
CA GLU K 104 38.31 3.76 14.06
C GLU K 104 38.69 2.37 14.54
N GLN K 105 39.09 1.52 13.60
CA GLN K 105 39.44 0.14 13.91
C GLN K 105 40.65 0.08 14.83
N LEU K 106 41.52 1.08 14.72
CA LEU K 106 42.77 1.13 15.47
C LEU K 106 42.63 1.90 16.79
N SER K 107 41.48 2.52 17.00
CA SER K 107 41.27 3.43 18.12
C SER K 107 41.64 2.80 19.45
N SER K 108 41.31 1.52 19.62
CA SER K 108 41.68 0.79 20.82
C SER K 108 42.03 -0.65 20.49
N VAL K 109 43.21 -1.08 20.91
CA VAL K 109 43.63 -2.46 20.68
C VAL K 109 44.03 -3.20 21.93
N SER K 110 43.75 -4.50 21.91
CA SER K 110 44.07 -5.37 23.03
C SER K 110 45.52 -5.84 22.94
N SER K 111 45.87 -6.43 21.82
CA SER K 111 47.26 -6.80 21.55
C SER K 111 47.68 -6.29 20.17
N PHE K 112 48.92 -5.86 20.05
CA PHE K 112 49.38 -5.20 18.83
C PHE K 112 50.88 -5.37 18.63
N GLU K 113 51.28 -6.39 17.87
CA GLU K 113 52.68 -6.59 17.57
C GLU K 113 52.97 -6.44 16.09
N ARG K 114 54.00 -5.67 15.76
CA ARG K 114 54.39 -5.40 14.38
C ARG K 114 55.50 -6.35 13.95
N PHE K 115 55.29 -7.03 12.83
CA PHE K 115 56.27 -7.98 12.33
C PHE K 115 56.60 -7.75 10.86
N GLU K 116 57.69 -8.35 10.40
CA GLU K 116 58.13 -8.17 9.01
C GLU K 116 57.49 -9.21 8.11
N ILE K 117 56.33 -8.86 7.54
CA ILE K 117 55.56 -9.78 6.72
C ILE K 117 56.34 -10.26 5.50
N PHE K 118 56.98 -9.33 4.80
CA PHE K 118 57.83 -9.68 3.66
C PHE K 118 59.24 -9.15 3.85
N PRO K 119 60.10 -9.95 4.50
CA PRO K 119 61.50 -9.60 4.80
C PRO K 119 62.19 -8.99 3.58
N LYS K 120 62.81 -7.83 3.78
CA LYS K 120 63.41 -7.09 2.67
C LYS K 120 64.49 -7.88 1.93
N THR K 121 65.31 -8.59 2.69
CA THR K 121 66.46 -9.28 2.12
C THR K 121 66.08 -10.49 1.27
N SER K 122 65.14 -11.29 1.76
CA SER K 122 64.84 -12.57 1.13
C SER K 122 63.65 -12.55 0.18
N SER K 123 62.80 -11.53 0.31
CA SER K 123 61.52 -11.53 -0.40
C SER K 123 61.59 -11.14 -1.89
N TRP K 124 62.31 -10.07 -2.19
CA TRP K 124 62.34 -9.55 -3.55
C TRP K 124 63.74 -9.68 -4.16
N PRO K 125 63.99 -10.81 -4.83
CA PRO K 125 65.26 -11.16 -5.48
C PRO K 125 65.38 -10.61 -6.90
N ASN K 126 64.25 -10.31 -7.54
CA ASN K 126 64.27 -9.90 -8.94
C ASN K 126 63.92 -8.43 -9.13
N HIS K 127 63.86 -7.69 -8.03
CA HIS K 127 63.50 -6.28 -8.06
C HIS K 127 64.39 -5.47 -7.12
N ASP K 128 64.52 -4.19 -7.40
CA ASP K 128 65.37 -3.34 -6.57
C ASP K 128 64.61 -2.79 -5.38
N SER K 129 65.06 -3.12 -4.18
CA SER K 129 64.39 -2.71 -2.96
C SER K 129 65.20 -1.68 -2.19
N ASN K 130 66.06 -0.95 -2.88
CA ASN K 130 66.94 0.03 -2.24
C ASN K 130 66.79 1.44 -2.84
N LYS K 131 66.50 1.51 -4.13
CA LYS K 131 66.37 2.79 -4.81
C LYS K 131 65.06 3.49 -4.46
N GLY K 132 64.16 2.78 -3.80
CA GLY K 132 62.83 3.31 -3.52
C GLY K 132 62.76 4.37 -2.44
N VAL K 133 63.44 5.50 -2.65
CA VAL K 133 63.37 6.62 -1.73
C VAL K 133 63.04 7.91 -2.47
N THR K 134 62.54 8.90 -1.74
CA THR K 134 62.10 10.15 -2.36
C THR K 134 62.39 11.37 -1.48
N ALA K 135 62.48 12.54 -2.11
CA ALA K 135 62.71 13.79 -1.40
C ALA K 135 61.44 14.28 -0.74
N ALA K 136 60.35 13.55 -0.92
CA ALA K 136 59.08 13.89 -0.28
C ALA K 136 59.02 13.30 1.11
N CYS K 137 59.92 12.36 1.41
CA CYS K 137 59.98 11.73 2.73
C CYS K 137 61.39 11.77 3.29
N PRO K 138 61.84 12.97 3.68
CA PRO K 138 63.20 13.24 4.14
C PRO K 138 63.40 12.86 5.61
N HIS K 139 64.50 12.17 5.91
CA HIS K 139 64.88 11.88 7.28
C HIS K 139 66.29 12.37 7.53
N ALA K 140 66.43 13.60 8.01
CA ALA K 140 67.73 14.21 8.24
C ALA K 140 68.43 14.50 6.92
N GLY K 141 67.80 15.33 6.10
CA GLY K 141 68.38 15.75 4.83
C GLY K 141 68.35 14.68 3.76
N ALA K 142 68.51 13.42 4.17
CA ALA K 142 68.56 12.31 3.23
C ALA K 142 67.17 11.94 2.73
N LYS K 143 67.09 11.57 1.45
CA LYS K 143 65.84 11.08 0.89
C LYS K 143 65.52 9.72 1.50
N SER K 144 64.29 9.55 1.97
CA SER K 144 63.89 8.32 2.62
C SER K 144 62.42 8.04 2.32
N PHE K 145 61.86 7.03 2.96
CA PHE K 145 60.49 6.62 2.69
C PHE K 145 59.89 5.91 3.90
N TYR K 146 58.61 5.56 3.80
CA TYR K 146 57.93 4.85 4.88
C TYR K 146 58.72 3.61 5.28
N LYS K 147 58.72 3.30 6.57
CA LYS K 147 59.46 2.15 7.08
C LYS K 147 58.73 0.84 6.87
N ASN K 148 57.41 0.89 6.83
CA ASN K 148 56.60 -0.32 6.76
C ASN K 148 56.28 -0.77 5.34
N LEU K 149 56.66 0.06 4.37
CA LEU K 149 56.47 -0.29 2.96
C LEU K 149 57.80 -0.21 2.23
N ILE K 150 57.89 -0.87 1.08
CA ILE K 150 59.08 -0.80 0.24
C ILE K 150 58.69 -0.47 -1.19
N TRP K 151 59.29 0.59 -1.73
CA TRP K 151 58.99 1.02 -3.08
C TRP K 151 59.81 0.23 -4.12
N LEU K 152 59.27 -0.92 -4.55
CA LEU K 152 59.99 -1.75 -5.51
C LEU K 152 60.10 -1.12 -6.88
N VAL K 153 61.34 -0.95 -7.33
CA VAL K 153 61.61 -0.44 -8.67
C VAL K 153 62.32 -1.52 -9.50
N LYS K 154 62.38 -1.29 -10.82
CA LYS K 154 62.98 -2.27 -11.72
C LYS K 154 64.44 -2.52 -11.39
N LYS K 155 64.91 -3.73 -11.68
CA LYS K 155 66.30 -4.09 -11.47
C LYS K 155 67.05 -4.06 -12.79
N GLY K 156 67.56 -2.88 -13.15
CA GLY K 156 68.29 -2.70 -14.39
C GLY K 156 67.49 -3.09 -15.62
N ASN K 157 66.59 -2.20 -16.04
CA ASN K 157 65.81 -2.41 -17.26
C ASN K 157 64.99 -3.70 -17.27
N SER K 158 64.63 -4.19 -16.10
CA SER K 158 63.82 -5.40 -16.02
C SER K 158 62.91 -5.40 -14.79
N TYR K 159 61.60 -5.55 -15.03
CA TYR K 159 60.63 -5.67 -13.95
C TYR K 159 59.73 -6.86 -14.21
N PRO K 160 60.17 -8.05 -13.77
CA PRO K 160 59.43 -9.30 -13.99
C PRO K 160 58.14 -9.33 -13.18
N LYS K 161 57.09 -9.94 -13.72
CA LYS K 161 55.85 -10.08 -12.96
C LYS K 161 56.20 -10.68 -11.60
N LEU K 162 55.84 -9.98 -10.54
CA LEU K 162 56.12 -10.46 -9.20
C LEU K 162 54.88 -11.09 -8.61
N SER K 163 55.07 -12.05 -7.71
CA SER K 163 53.97 -12.73 -7.06
C SER K 163 54.39 -13.25 -5.69
N LYS K 164 53.97 -12.54 -4.65
CA LYS K 164 54.30 -12.93 -3.28
C LYS K 164 53.02 -13.15 -2.47
N SER K 165 53.01 -14.18 -1.64
CA SER K 165 51.86 -14.46 -0.79
C SER K 165 52.24 -14.61 0.67
N TYR K 166 51.41 -14.06 1.55
CA TYR K 166 51.57 -14.28 2.98
C TYR K 166 50.39 -15.05 3.54
N ILE K 167 50.66 -15.94 4.47
CA ILE K 167 49.61 -16.72 5.09
C ILE K 167 49.59 -16.45 6.59
N ASN K 168 48.46 -15.96 7.08
CA ASN K 168 48.34 -15.53 8.47
C ASN K 168 48.47 -16.68 9.45
N ASP K 169 49.68 -16.86 9.97
CA ASP K 169 49.96 -17.95 10.90
C ASP K 169 49.92 -17.48 12.35
N LYS K 170 49.59 -16.22 12.57
CA LYS K 170 49.34 -15.71 13.91
C LYS K 170 48.03 -16.29 14.41
N GLY K 171 47.64 -15.88 15.62
CA GLY K 171 46.38 -16.32 16.19
C GLY K 171 45.31 -15.25 16.09
N LYS K 172 45.68 -14.12 15.49
CA LYS K 172 44.85 -12.94 15.46
C LYS K 172 44.82 -12.35 14.07
N GLU K 173 44.05 -11.28 13.89
CA GLU K 173 43.98 -10.61 12.60
C GLU K 173 45.31 -9.94 12.29
N VAL K 174 45.64 -9.88 11.00
CA VAL K 174 46.83 -9.16 10.56
C VAL K 174 46.43 -7.97 9.70
N LEU K 175 46.87 -6.78 10.10
CA LEU K 175 46.62 -5.57 9.32
C LEU K 175 47.70 -5.39 8.27
N VAL K 176 47.33 -5.52 7.00
CA VAL K 176 48.29 -5.39 5.92
C VAL K 176 48.08 -4.10 5.14
N LEU K 177 49.14 -3.31 5.00
CA LEU K 177 49.08 -2.07 4.23
C LEU K 177 49.96 -2.12 3.00
N TRP K 178 49.53 -1.44 1.95
CA TRP K 178 50.32 -1.36 0.72
C TRP K 178 49.93 -0.11 -0.07
N GLY K 179 50.76 0.25 -1.04
CA GLY K 179 50.49 1.42 -1.85
C GLY K 179 50.51 1.15 -3.33
N ILE K 180 49.79 1.97 -4.09
CA ILE K 180 49.85 1.93 -5.54
C ILE K 180 50.37 3.27 -6.04
N HIS K 181 51.42 3.24 -6.86
CA HIS K 181 52.04 4.47 -7.33
C HIS K 181 51.58 4.88 -8.72
N HIS K 182 51.15 6.13 -8.84
CA HIS K 182 50.74 6.67 -10.12
C HIS K 182 51.72 7.75 -10.59
N PRO K 183 52.66 7.36 -11.46
CA PRO K 183 53.65 8.29 -12.02
C PRO K 183 53.00 9.48 -12.71
N SER K 184 53.76 10.56 -12.86
CA SER K 184 53.24 11.78 -13.47
C SER K 184 53.31 11.71 -15.00
N THR K 185 54.33 11.04 -15.51
CA THR K 185 54.55 10.95 -16.95
C THR K 185 54.90 9.52 -17.37
N SER K 186 54.48 9.14 -18.57
CA SER K 186 54.74 7.80 -19.10
C SER K 186 56.22 7.50 -19.21
N ALA K 187 57.04 8.55 -19.16
CA ALA K 187 58.49 8.39 -19.13
C ALA K 187 58.94 7.95 -17.75
N ASP K 188 58.44 8.64 -16.72
CA ASP K 188 58.70 8.24 -15.34
C ASP K 188 58.26 6.81 -15.13
N GLN K 189 57.19 6.42 -15.82
CA GLN K 189 56.65 5.08 -15.70
C GLN K 189 57.68 4.02 -16.08
N GLN K 190 58.24 4.12 -17.28
CA GLN K 190 59.18 3.11 -17.75
C GLN K 190 60.53 3.29 -17.07
N SER K 191 60.80 4.52 -16.64
CA SER K 191 62.01 4.79 -15.87
C SER K 191 62.02 3.97 -14.58
N LEU K 192 60.86 3.85 -13.95
CA LEU K 192 60.73 3.14 -12.68
C LEU K 192 60.45 1.65 -12.86
N TYR K 193 59.52 1.31 -13.75
CA TYR K 193 59.10 -0.08 -13.91
C TYR K 193 59.15 0.06 -15.43
N GLN K 194 60.09 -0.65 -16.08
CA GLN K 194 60.24 -0.63 -17.54
C GLN K 194 58.92 -0.67 -18.32
N ASN K 195 58.12 -1.69 -18.04
CA ASN K 195 56.84 -1.90 -18.73
C ASN K 195 55.95 -0.66 -18.72
N ALA K 196 55.29 -0.40 -19.85
CA ALA K 196 54.45 0.78 -19.98
C ALA K 196 53.02 0.52 -19.50
N ASP K 197 52.47 -0.63 -19.87
CA ASP K 197 51.13 -1.01 -19.46
C ASP K 197 51.19 -2.04 -18.33
N THR K 198 50.99 -1.58 -17.11
CA THR K 198 51.15 -2.44 -15.94
C THR K 198 49.86 -2.62 -15.14
N TYR K 199 49.93 -3.41 -14.08
CA TYR K 199 48.80 -3.66 -13.22
C TYR K 199 49.24 -4.26 -11.91
N VAL K 200 48.49 -3.98 -10.84
CA VAL K 200 48.72 -4.71 -9.60
C VAL K 200 47.44 -5.34 -9.08
N PHE K 201 47.58 -6.52 -8.50
CA PHE K 201 46.45 -7.27 -8.00
C PHE K 201 46.68 -7.76 -6.58
N VAL K 202 45.73 -7.45 -5.70
CA VAL K 202 45.76 -7.95 -4.33
C VAL K 202 44.52 -8.78 -4.08
N GLY K 203 44.69 -9.92 -3.41
CA GLY K 203 43.56 -10.80 -3.16
C GLY K 203 43.73 -11.72 -1.97
N SER K 204 42.66 -11.85 -1.19
CA SER K 204 42.58 -12.84 -0.11
C SER K 204 41.28 -13.60 -0.27
N SER K 205 40.78 -14.18 0.81
CA SER K 205 39.51 -14.88 0.76
C SER K 205 38.32 -13.94 0.67
N ARG K 206 38.50 -12.72 1.18
CA ARG K 206 37.43 -11.73 1.21
C ARG K 206 37.73 -10.50 0.35
N TYR K 207 39.01 -10.16 0.25
CA TYR K 207 39.43 -9.00 -0.53
C TYR K 207 39.88 -9.40 -1.93
N SER K 208 39.61 -8.52 -2.89
CA SER K 208 40.01 -8.76 -4.28
C SER K 208 39.86 -7.48 -5.08
N LYS K 209 40.96 -7.00 -5.64
CA LYS K 209 40.93 -5.76 -6.41
C LYS K 209 42.13 -5.64 -7.34
N LYS K 210 41.88 -5.23 -8.58
CA LYS K 210 42.94 -5.03 -9.55
C LYS K 210 43.16 -3.53 -9.72
N PHE K 211 44.41 -3.12 -9.73
CA PHE K 211 44.75 -1.71 -9.78
C PHE K 211 45.44 -1.34 -11.09
N LYS K 212 44.94 -0.29 -11.74
CA LYS K 212 45.55 0.25 -12.94
C LYS K 212 46.13 1.63 -12.67
N PRO K 213 47.44 1.78 -12.88
CA PRO K 213 48.12 3.07 -12.67
C PRO K 213 47.54 4.15 -13.55
N GLU K 214 47.10 5.25 -12.93
CA GLU K 214 46.60 6.40 -13.67
C GLU K 214 47.71 7.43 -13.82
N ILE K 215 48.30 7.49 -15.02
CA ILE K 215 49.46 8.33 -15.27
C ILE K 215 49.07 9.71 -15.77
N ALA K 216 49.48 10.75 -15.03
CA ALA K 216 49.16 12.12 -15.40
C ALA K 216 49.87 13.11 -14.48
N ILE K 217 49.86 14.38 -14.87
CA ILE K 217 50.50 15.43 -14.09
C ILE K 217 49.53 16.08 -13.11
N ARG K 218 49.63 15.73 -11.84
CA ARG K 218 48.88 16.41 -10.80
C ARG K 218 49.66 17.64 -10.33
N PRO K 219 48.95 18.68 -9.88
CA PRO K 219 49.61 19.86 -9.32
C PRO K 219 50.63 19.48 -8.27
N LYS K 220 51.79 20.12 -8.29
CA LYS K 220 52.87 19.78 -7.37
C LYS K 220 52.42 19.79 -5.92
N VAL K 221 52.67 18.69 -5.21
CA VAL K 221 52.50 18.63 -3.77
C VAL K 221 53.74 18.01 -3.15
N ARG K 222 54.39 18.74 -2.25
CA ARG K 222 55.66 18.30 -1.71
C ARG K 222 56.58 17.82 -2.82
N GLU K 223 56.58 18.56 -3.94
CA GLU K 223 57.50 18.33 -5.04
C GLU K 223 57.07 17.20 -5.97
N GLN K 224 55.92 16.61 -5.71
CA GLN K 224 55.48 15.44 -6.48
C GLN K 224 54.30 15.75 -7.40
N GLU K 225 54.49 15.50 -8.68
CA GLU K 225 53.40 15.64 -9.65
C GLU K 225 52.71 14.30 -9.81
N GLY K 226 53.34 13.26 -9.28
CA GLY K 226 52.74 11.94 -9.24
C GLY K 226 52.00 11.72 -7.94
N ARG K 227 51.28 10.62 -7.84
CA ARG K 227 50.51 10.32 -6.64
C ARG K 227 50.75 8.90 -6.16
N MET K 228 50.32 8.62 -4.94
CA MET K 228 50.47 7.30 -4.35
C MET K 228 49.31 7.02 -3.39
N ASN K 229 48.44 6.10 -3.78
CA ASN K 229 47.28 5.76 -2.95
C ASN K 229 47.57 4.60 -2.01
N TYR K 230 47.08 4.69 -0.79
CA TYR K 230 47.39 3.70 0.23
C TYR K 230 46.16 2.86 0.55
N TYR K 231 46.36 1.54 0.59
CA TYR K 231 45.27 0.62 0.86
C TYR K 231 45.59 -0.29 2.04
N TRP K 232 44.55 -0.87 2.65
CA TRP K 232 44.73 -1.74 3.79
C TRP K 232 43.60 -2.75 3.89
N THR K 233 43.87 -3.87 4.56
CA THR K 233 42.86 -4.89 4.76
C THR K 233 43.26 -5.78 5.93
N LEU K 234 42.26 -6.37 6.58
CA LEU K 234 42.52 -7.28 7.69
C LEU K 234 42.42 -8.74 7.22
N VAL K 235 43.52 -9.47 7.35
CA VAL K 235 43.57 -10.87 6.94
C VAL K 235 43.20 -11.78 8.10
N GLU K 236 42.10 -12.51 7.97
CA GLU K 236 41.64 -13.40 9.03
C GLU K 236 42.68 -14.49 9.31
N PRO K 237 42.72 -14.97 10.55
CA PRO K 237 43.67 -16.04 10.93
C PRO K 237 43.46 -17.27 10.06
N GLY K 238 44.55 -17.78 9.49
CA GLY K 238 44.47 -18.96 8.63
C GLY K 238 44.26 -18.61 7.17
N ASP K 239 43.88 -17.36 6.92
CA ASP K 239 43.67 -16.90 5.56
C ASP K 239 45.01 -16.44 4.98
N LYS K 240 45.09 -16.28 3.66
CA LYS K 240 46.31 -15.82 3.03
C LYS K 240 46.02 -14.72 2.02
N ILE K 241 46.97 -13.80 1.87
CA ILE K 241 46.81 -12.67 0.98
C ILE K 241 47.88 -12.71 -0.11
N THR K 242 47.48 -12.43 -1.34
CA THR K 242 48.39 -12.53 -2.48
C THR K 242 48.61 -11.20 -3.18
N PHE K 243 49.88 -10.85 -3.38
CA PHE K 243 50.25 -9.66 -4.15
C PHE K 243 50.83 -10.08 -5.50
N GLU K 244 50.46 -9.34 -6.53
CA GLU K 244 50.89 -9.65 -7.89
C GLU K 244 50.91 -8.36 -8.70
N ALA K 245 52.06 -8.03 -9.28
CA ALA K 245 52.19 -6.79 -10.01
C ALA K 245 53.25 -6.85 -11.10
N THR K 246 53.02 -6.10 -12.18
CA THR K 246 54.01 -5.92 -13.22
C THR K 246 54.59 -4.52 -13.10
N GLY K 247 54.40 -3.91 -11.93
CA GLY K 247 54.92 -2.59 -11.64
C GLY K 247 54.01 -1.74 -10.77
N ASN K 248 54.54 -0.61 -10.31
CA ASN K 248 53.74 0.39 -9.59
C ASN K 248 53.26 -0.06 -8.21
N LEU K 249 53.71 -1.22 -7.75
CA LEU K 249 53.29 -1.72 -6.45
C LEU K 249 54.28 -1.36 -5.36
N VAL K 250 53.81 -0.64 -4.35
CA VAL K 250 54.60 -0.38 -3.16
C VAL K 250 54.31 -1.48 -2.15
N VAL K 251 55.17 -2.49 -2.11
CA VAL K 251 54.91 -3.69 -1.33
C VAL K 251 55.02 -3.50 0.18
N PRO K 252 54.31 -4.33 0.94
CA PRO K 252 54.38 -4.35 2.40
C PRO K 252 55.71 -4.91 2.86
N ARG K 253 56.22 -4.38 3.96
CA ARG K 253 57.42 -4.92 4.60
C ARG K 253 57.02 -5.35 6.01
N TYR K 254 56.38 -4.44 6.75
CA TYR K 254 55.88 -4.74 8.07
C TYR K 254 54.36 -4.72 8.11
N ALA K 255 53.79 -5.71 8.79
CA ALA K 255 52.35 -5.78 9.02
C ALA K 255 52.09 -5.76 10.51
N PHE K 256 50.85 -6.01 10.92
CA PHE K 256 50.51 -5.94 12.32
C PHE K 256 49.57 -7.05 12.78
N ALA K 257 50.11 -7.97 13.58
CA ALA K 257 49.27 -8.94 14.28
C ALA K 257 48.50 -8.14 15.32
N MET K 258 47.18 -8.28 15.33
CA MET K 258 46.35 -7.33 16.04
C MET K 258 45.06 -7.93 16.57
N GLU K 259 44.73 -7.58 17.81
CA GLU K 259 43.46 -7.98 18.40
C GLU K 259 42.79 -6.73 18.97
N ARG K 260 41.59 -6.44 18.47
CA ARG K 260 40.94 -5.17 18.78
C ARG K 260 39.71 -5.32 19.66
N ASN K 261 39.48 -4.31 20.49
CA ASN K 261 38.29 -4.24 21.34
C ASN K 261 37.52 -2.94 21.09
N ALA K 262 36.31 -3.09 20.54
CA ALA K 262 35.51 -1.93 20.16
C ALA K 262 35.18 -1.05 21.37
N GLY K 263 34.67 0.15 21.09
CA GLY K 263 34.14 1.00 22.13
C GLY K 263 34.98 2.20 22.50
N SER K 264 36.00 2.49 21.70
CA SER K 264 36.85 3.65 21.98
C SER K 264 36.96 4.60 20.79
N GLY K 265 37.78 5.63 20.94
CA GLY K 265 37.90 6.65 19.93
C GLY K 265 39.23 7.37 19.93
N ILE K 266 39.24 8.59 19.41
CA ILE K 266 40.47 9.34 19.20
C ILE K 266 40.32 10.78 19.66
N ILE K 267 41.24 11.23 20.50
CA ILE K 267 41.21 12.59 21.02
C ILE K 267 42.29 13.46 20.39
N ILE K 268 41.88 14.54 19.74
CA ILE K 268 42.83 15.52 19.24
C ILE K 268 42.96 16.66 20.25
N SER K 269 44.09 16.70 20.96
CA SER K 269 44.28 17.67 22.02
C SER K 269 45.75 17.93 22.34
N ASP K 270 46.04 19.12 22.86
CA ASP K 270 47.37 19.47 23.30
C ASP K 270 47.58 19.05 24.74
N THR K 271 46.47 18.73 25.41
CA THR K 271 46.53 18.33 26.82
C THR K 271 47.54 17.22 27.06
N PRO K 272 48.48 17.44 27.99
CA PRO K 272 49.57 16.51 28.32
C PRO K 272 49.06 15.15 28.79
N VAL K 273 49.73 14.09 28.38
CA VAL K 273 49.40 12.75 28.85
C VAL K 273 50.19 12.46 30.12
N HIS K 274 49.55 11.81 31.08
CA HIS K 274 50.16 11.54 32.37
C HIS K 274 49.97 10.10 32.83
N ASP K 275 50.58 9.76 33.95
CA ASP K 275 50.39 8.46 34.55
C ASP K 275 49.37 8.55 35.68
N CYS K 276 48.10 8.49 35.32
CA CYS K 276 47.01 8.55 36.29
C CYS K 276 45.83 7.74 35.78
N ASN K 277 44.97 7.32 36.70
CA ASN K 277 43.76 6.58 36.33
C ASN K 277 42.57 7.51 36.17
N THR K 278 41.63 7.09 35.33
CA THR K 278 40.38 7.82 35.16
C THR K 278 39.34 6.89 34.57
N THR K 279 38.08 7.17 34.85
CA THR K 279 36.99 6.35 34.34
C THR K 279 36.30 7.09 33.21
N CYS K 280 36.70 8.34 33.02
CA CYS K 280 36.09 9.22 32.04
C CYS K 280 37.10 10.22 31.52
N GLN K 281 37.24 10.30 30.20
CA GLN K 281 38.23 11.19 29.62
C GLN K 281 37.64 12.19 28.64
N THR K 282 38.09 13.45 28.73
CA THR K 282 37.71 14.46 27.76
C THR K 282 38.96 15.07 27.17
N PRO K 283 38.83 15.73 26.01
CA PRO K 283 39.97 16.39 25.38
C PRO K 283 40.61 17.44 26.28
N LYS K 284 39.86 17.95 27.25
CA LYS K 284 40.38 19.00 28.14
C LYS K 284 41.04 18.40 29.38
N GLY K 285 40.68 17.15 29.70
CA GLY K 285 41.23 16.48 30.87
C GLY K 285 40.29 15.40 31.37
N ALA K 286 40.76 14.61 32.33
CA ALA K 286 39.96 13.52 32.89
C ALA K 286 38.92 14.02 33.90
N ILE K 287 37.93 13.19 34.18
CA ILE K 287 36.87 13.53 35.11
C ILE K 287 36.67 12.47 36.19
N ASN K 288 36.95 12.86 37.43
CA ASN K 288 36.71 11.98 38.58
C ASN K 288 35.45 12.43 39.30
N THR K 289 34.37 11.67 39.16
CA THR K 289 33.10 12.08 39.73
C THR K 289 32.06 10.97 39.83
N SER K 290 31.10 11.17 40.72
CA SER K 290 29.96 10.26 40.85
C SER K 290 28.71 10.96 40.36
N LEU K 291 28.80 12.28 40.25
CA LEU K 291 27.66 13.09 39.81
C LEU K 291 27.11 12.63 38.46
N PRO K 292 25.82 12.86 38.22
CA PRO K 292 25.12 12.42 37.01
C PRO K 292 25.42 13.32 35.81
N PHE K 293 25.79 14.57 36.06
CA PHE K 293 25.95 15.51 34.98
C PHE K 293 27.28 16.26 35.03
N GLN K 294 27.83 16.56 33.85
CA GLN K 294 29.03 17.37 33.74
C GLN K 294 28.87 18.35 32.59
N ASN K 295 29.45 19.53 32.75
CA ASN K 295 29.40 20.56 31.70
C ASN K 295 30.78 20.89 31.16
N ILE K 296 31.70 19.94 31.31
CA ILE K 296 33.10 20.13 30.92
C ILE K 296 33.33 19.97 29.42
N HIS K 297 32.74 18.92 28.83
CA HIS K 297 32.91 18.65 27.41
C HIS K 297 31.92 17.61 26.91
N PRO K 298 31.35 17.85 25.72
CA PRO K 298 30.37 16.96 25.08
C PRO K 298 31.00 15.66 24.58
N ILE K 299 32.19 15.75 23.99
CA ILE K 299 32.88 14.57 23.47
C ILE K 299 33.65 13.86 24.58
N THR K 300 33.23 12.64 24.89
CA THR K 300 33.72 11.93 26.05
C THR K 300 34.13 10.50 25.71
N ILE K 301 35.04 9.93 26.50
CA ILE K 301 35.43 8.54 26.32
C ILE K 301 35.44 7.79 27.65
N GLY K 302 34.63 6.75 27.74
CA GLY K 302 34.53 5.94 28.94
C GLY K 302 33.13 5.94 29.53
N LYS K 303 33.02 5.55 30.80
CA LYS K 303 31.75 5.58 31.52
C LYS K 303 31.55 6.96 32.16
N CYS K 304 30.88 7.86 31.45
CA CYS K 304 30.85 9.27 31.83
C CYS K 304 29.47 9.81 32.22
N PRO K 305 29.47 10.97 32.90
CA PRO K 305 28.26 11.74 33.22
C PRO K 305 27.70 12.36 31.96
N LYS K 306 26.38 12.57 31.92
CA LYS K 306 25.75 13.17 30.75
C LYS K 306 26.14 14.64 30.61
N TYR K 307 26.50 15.05 29.40
CA TYR K 307 26.89 16.42 29.15
C TYR K 307 25.67 17.33 29.17
N VAL K 308 25.77 18.42 29.93
CA VAL K 308 24.67 19.37 30.08
C VAL K 308 25.15 20.81 29.88
N LYS K 309 24.25 21.66 29.39
CA LYS K 309 24.57 23.05 29.14
C LYS K 309 24.49 23.90 30.41
N SER K 310 23.94 23.31 31.48
CA SER K 310 23.77 24.01 32.75
C SER K 310 25.08 24.56 33.29
N THR K 311 24.98 25.64 34.04
CA THR K 311 26.13 26.25 34.70
C THR K 311 26.20 25.80 36.16
N LYS K 312 25.04 25.66 36.79
CA LYS K 312 24.95 25.20 38.18
C LYS K 312 23.71 24.35 38.40
N LEU K 313 23.88 23.20 39.04
CA LEU K 313 22.76 22.35 39.41
C LEU K 313 22.76 22.11 40.91
N ARG K 314 22.50 23.17 41.68
CA ARG K 314 22.58 23.10 43.14
C ARG K 314 21.31 22.51 43.74
N LEU K 315 21.46 21.37 44.41
CA LEU K 315 20.34 20.65 44.99
C LEU K 315 20.25 20.92 46.48
N ALA K 316 19.09 21.38 46.94
CA ALA K 316 18.90 21.73 48.34
C ALA K 316 18.70 20.49 49.21
N THR K 317 19.43 20.42 50.32
CA THR K 317 19.30 19.32 51.27
C THR K 317 18.79 19.81 52.63
N GLY K 318 19.21 21.01 53.03
CA GLY K 318 18.75 21.62 54.26
C GLY K 318 17.44 22.33 54.04
N LEU K 319 17.19 23.37 54.85
CA LEU K 319 15.96 24.15 54.73
C LEU K 319 16.24 25.63 54.54
N ARG K 320 15.18 26.43 54.41
CA ARG K 320 15.34 27.88 54.29
C ARG K 320 16.20 28.42 55.41
N ASN K 321 17.02 29.41 55.09
CA ASN K 321 17.91 30.00 56.08
C ASN K 321 17.41 31.35 56.56
N ILE K 322 17.23 31.48 57.87
CA ILE K 322 16.86 32.75 58.49
C ILE K 322 17.88 33.12 59.57
N PRO K 323 17.87 34.38 60.01
CA PRO K 323 18.67 34.82 61.16
C PRO K 323 17.84 34.82 62.45
N LEU L 2 4.52 25.61 52.36
CA LEU L 2 3.37 24.78 51.99
C LEU L 2 2.63 24.33 53.23
N PHE L 3 3.34 24.25 54.35
CA PHE L 3 2.75 23.77 55.60
C PHE L 3 2.56 24.89 56.61
N GLY L 4 2.96 26.10 56.24
CA GLY L 4 2.70 27.28 57.04
C GLY L 4 3.56 27.45 58.28
N ALA L 5 4.48 26.52 58.50
CA ALA L 5 5.36 26.58 59.66
C ALA L 5 6.66 27.36 59.56
N ILE L 6 7.52 26.96 58.62
CA ILE L 6 8.79 27.63 58.39
C ILE L 6 8.47 28.90 57.62
N ALA L 7 9.05 30.02 58.05
CA ALA L 7 8.74 31.32 57.47
C ALA L 7 7.23 31.53 57.41
N GLY L 8 6.52 30.89 58.34
CA GLY L 8 5.08 31.03 58.45
C GLY L 8 4.71 31.61 59.80
N PHE L 9 4.10 30.80 60.67
CA PHE L 9 3.79 31.25 62.01
C PHE L 9 5.02 31.16 62.93
N ILE L 10 6.07 30.55 62.41
CA ILE L 10 7.38 30.61 63.05
C ILE L 10 8.31 31.41 62.14
N GLU L 11 8.22 32.73 62.28
CA GLU L 11 8.85 33.65 61.33
C GLU L 11 10.30 33.36 60.96
N GLY L 12 11.14 33.12 61.97
CA GLY L 12 12.56 32.97 61.72
C GLY L 12 13.20 31.70 62.27
N GLY L 13 14.50 31.57 62.06
CA GLY L 13 15.25 30.44 62.57
C GLY L 13 16.27 30.86 63.62
N TRP L 14 16.83 29.88 64.32
CA TRP L 14 17.76 30.16 65.40
C TRP L 14 19.19 29.83 65.02
N THR L 15 20.00 30.87 64.84
CA THR L 15 21.43 30.67 64.59
C THR L 15 22.06 30.03 65.82
N GLY L 16 21.40 30.19 66.96
CA GLY L 16 21.88 29.65 68.22
C GLY L 16 21.86 28.13 68.26
N MET L 17 20.83 27.55 67.66
CA MET L 17 20.73 26.09 67.59
C MET L 17 21.60 25.57 66.46
N VAL L 18 22.76 25.03 66.81
CA VAL L 18 23.74 24.62 65.80
C VAL L 18 23.91 23.10 65.72
N ASP L 19 23.23 22.38 66.60
CA ASP L 19 23.41 20.94 66.71
C ASP L 19 22.35 20.12 65.97
N GLY L 20 21.42 20.81 65.30
CA GLY L 20 20.37 20.12 64.56
C GLY L 20 19.53 21.03 63.68
N TRP L 21 18.66 20.42 62.88
CA TRP L 21 17.79 21.19 61.98
C TRP L 21 16.55 21.71 62.70
N TYR L 22 15.92 20.84 63.51
CA TYR L 22 14.75 21.25 64.29
C TYR L 22 15.03 21.04 65.77
N GLY L 23 14.51 21.93 66.62
CA GLY L 23 14.74 21.82 68.04
C GLY L 23 13.86 22.71 68.91
N TYR L 24 14.25 22.84 70.17
CA TYR L 24 13.49 23.62 71.14
C TYR L 24 14.35 24.70 71.79
N HIS L 25 13.68 25.68 72.39
CA HIS L 25 14.35 26.68 73.21
C HIS L 25 13.57 26.88 74.51
N HIS L 26 14.03 26.24 75.58
CA HIS L 26 13.34 26.29 76.86
C HIS L 26 13.67 27.56 77.64
N GLN L 27 12.76 27.95 78.53
CA GLN L 27 12.93 29.15 79.34
C GLN L 27 12.25 28.99 80.70
N ASN L 28 13.02 28.59 81.70
CA ASN L 28 12.48 28.44 83.05
C ASN L 28 13.40 29.05 84.12
N GLU L 29 13.20 28.65 85.36
CA GLU L 29 13.94 29.22 86.48
C GLU L 29 15.38 28.72 86.54
N GLN L 30 15.67 27.62 85.86
CA GLN L 30 17.01 27.05 85.85
C GLN L 30 17.86 27.58 84.69
N GLY L 31 17.31 28.54 83.96
CA GLY L 31 18.03 29.19 82.87
C GLY L 31 17.38 29.02 81.51
N SER L 32 18.15 29.31 80.46
CA SER L 32 17.68 29.17 79.08
C SER L 32 18.61 28.28 78.28
N GLY L 33 18.27 28.04 77.02
CA GLY L 33 19.13 27.28 76.14
C GLY L 33 18.42 26.68 74.94
N TYR L 34 19.21 26.34 73.93
CA TYR L 34 18.69 25.65 72.75
C TYR L 34 19.05 24.18 72.80
N ALA L 35 18.34 23.36 72.04
CA ALA L 35 18.62 21.94 71.97
C ALA L 35 17.88 21.29 70.81
N ALA L 36 18.63 20.76 69.86
CA ALA L 36 18.04 20.13 68.68
C ALA L 36 17.29 18.85 69.07
N ASP L 37 16.25 18.53 68.31
CA ASP L 37 15.51 17.29 68.52
C ASP L 37 16.28 16.14 67.88
N LEU L 38 17.03 15.42 68.69
CA LEU L 38 17.90 14.35 68.22
C LEU L 38 17.22 13.47 67.16
N LYS L 39 16.15 12.78 67.53
CA LYS L 39 15.50 11.83 66.63
C LYS L 39 14.94 12.49 65.38
N SER L 40 14.29 13.63 65.56
CA SER L 40 13.66 14.33 64.45
C SER L 40 14.68 14.80 63.41
N THR L 41 15.82 15.30 63.89
CA THR L 41 16.88 15.79 63.01
C THR L 41 17.56 14.67 62.24
N GLN L 42 17.85 13.57 62.94
CA GLN L 42 18.54 12.45 62.32
C GLN L 42 17.71 11.84 61.20
N ASN L 43 16.40 11.79 61.40
CA ASN L 43 15.50 11.22 60.40
C ASN L 43 15.56 11.99 59.09
N ALA L 44 15.53 13.31 59.17
CA ALA L 44 15.60 14.15 57.98
C ALA L 44 16.94 13.95 57.28
N ILE L 45 18.01 13.92 58.06
CA ILE L 45 19.35 13.70 57.52
C ILE L 45 19.42 12.38 56.75
N ASP L 46 18.86 11.32 57.33
CA ASP L 46 18.84 10.03 56.65
C ASP L 46 18.08 10.11 55.33
N GLU L 47 16.87 10.65 55.38
CA GLU L 47 16.01 10.70 54.20
C GLU L 47 16.55 11.65 53.14
N ILE L 48 17.00 12.84 53.56
CA ILE L 48 17.58 13.79 52.63
C ILE L 48 18.83 13.22 51.96
N THR L 49 19.64 12.53 52.75
CA THR L 49 20.83 11.86 52.22
C THR L 49 20.43 10.84 51.16
N ASN L 50 19.48 9.99 51.51
CA ASN L 50 18.97 9.01 50.57
C ASN L 50 18.49 9.67 49.30
N LYS L 51 17.77 10.78 49.44
CA LYS L 51 17.29 11.55 48.30
C LYS L 51 18.44 11.89 47.37
N VAL L 52 19.41 12.64 47.86
CA VAL L 52 20.58 13.01 47.09
C VAL L 52 21.23 11.79 46.45
N ASN L 53 21.37 10.72 47.23
CA ASN L 53 21.97 9.48 46.73
C ASN L 53 21.15 8.82 45.63
N SER L 54 19.82 8.90 45.72
CA SER L 54 18.96 8.34 44.70
C SER L 54 19.11 9.07 43.37
N VAL L 55 19.11 10.41 43.43
CA VAL L 55 19.28 11.22 42.24
C VAL L 55 20.61 10.92 41.54
N ILE L 56 21.62 10.59 42.33
CA ILE L 56 22.94 10.30 41.78
C ILE L 56 23.09 8.84 41.36
N GLU L 57 22.76 7.93 42.28
CA GLU L 57 23.01 6.51 42.09
C GLU L 57 22.20 5.90 40.93
N LYS L 58 21.03 6.47 40.64
CA LYS L 58 20.18 5.93 39.58
C LYS L 58 20.76 6.18 38.19
N MET L 59 21.67 7.14 38.09
CA MET L 59 22.34 7.43 36.82
C MET L 59 23.46 6.44 36.57
N ASN L 60 23.12 5.31 35.95
CA ASN L 60 24.09 4.30 35.58
C ASN L 60 24.37 4.35 34.08
N THR L 61 25.58 4.75 33.73
CA THR L 61 25.94 4.99 32.33
C THR L 61 26.71 3.86 31.67
N GLN L 62 26.70 3.85 30.35
CA GLN L 62 27.43 2.87 29.56
C GLN L 62 28.86 3.36 29.32
N PHE L 63 29.76 2.45 28.99
CA PHE L 63 31.07 2.86 28.53
C PHE L 63 31.01 3.16 27.04
N THR L 64 31.01 4.45 26.70
CA THR L 64 30.91 4.86 25.30
C THR L 64 31.93 5.91 24.94
N ALA L 65 32.31 5.91 23.67
CA ALA L 65 33.19 6.93 23.14
C ALA L 65 32.41 7.81 22.19
N VAL L 66 31.81 8.87 22.72
CA VAL L 66 31.14 9.82 21.85
C VAL L 66 32.18 10.46 20.95
N GLY L 67 31.75 10.94 19.79
CA GLY L 67 32.68 11.56 18.87
C GLY L 67 33.06 10.62 17.75
N LYS L 68 32.77 11.05 16.53
CA LYS L 68 33.03 10.26 15.34
C LYS L 68 33.78 11.12 14.34
N GLU L 69 34.49 10.48 13.41
CA GLU L 69 35.21 11.20 12.38
C GLU L 69 34.60 10.91 11.01
N PHE L 70 34.38 11.96 10.21
CA PHE L 70 33.82 11.79 8.88
C PHE L 70 34.59 12.64 7.87
N ASN L 71 34.72 12.13 6.64
CA ASN L 71 35.43 12.88 5.61
C ASN L 71 34.54 13.88 4.89
N HIS L 72 35.13 14.70 4.03
CA HIS L 72 34.43 15.81 3.40
C HIS L 72 33.19 15.37 2.63
N LEU L 73 33.10 14.08 2.32
CA LEU L 73 31.97 13.56 1.56
C LEU L 73 31.01 12.75 2.44
N GLU L 74 31.02 13.04 3.73
CA GLU L 74 30.12 12.38 4.68
C GLU L 74 29.46 13.40 5.58
N LYS L 75 29.31 14.62 5.07
CA LYS L 75 28.73 15.71 5.83
C LYS L 75 27.34 15.37 6.38
N ARG L 76 26.56 14.63 5.60
CA ARG L 76 25.22 14.24 6.03
C ARG L 76 25.25 13.42 7.31
N ILE L 77 25.98 12.29 7.30
CA ILE L 77 26.07 11.46 8.50
C ILE L 77 26.81 12.19 9.63
N GLU L 78 27.64 13.16 9.28
CA GLU L 78 28.29 13.98 10.28
C GLU L 78 27.24 14.80 11.00
N ASN L 79 26.33 15.38 10.24
CA ASN L 79 25.24 16.17 10.81
C ASN L 79 24.23 15.31 11.54
N LEU L 80 24.10 14.07 11.10
CA LEU L 80 23.22 13.11 11.78
C LEU L 80 23.78 12.88 13.17
N ASN L 81 25.09 12.64 13.24
CA ASN L 81 25.77 12.48 14.50
C ASN L 81 25.62 13.72 15.37
N LYS L 82 25.80 14.88 14.76
CA LYS L 82 25.65 16.13 15.47
C LYS L 82 24.23 16.25 16.02
N LYS L 83 23.26 15.74 15.28
CA LYS L 83 21.87 15.83 15.71
C LYS L 83 21.60 14.98 16.95
N VAL L 84 22.13 13.77 16.95
CA VAL L 84 21.94 12.87 18.08
C VAL L 84 22.65 13.40 19.32
N ASP L 85 23.76 14.09 19.13
CA ASP L 85 24.50 14.66 20.25
C ASP L 85 23.76 15.84 20.87
N ASP L 86 23.29 16.75 20.03
CA ASP L 86 22.54 17.90 20.49
C ASP L 86 21.16 17.49 20.97
N GLY L 87 20.67 16.36 20.47
CA GLY L 87 19.39 15.83 20.91
C GLY L 87 19.45 15.38 22.36
N PHE L 88 20.54 14.70 22.70
CA PHE L 88 20.75 14.25 24.07
C PHE L 88 21.05 15.43 24.99
N LEU L 89 21.75 16.42 24.46
CA LEU L 89 22.12 17.61 25.23
C LEU L 89 20.88 18.36 25.71
N ASP L 90 19.92 18.53 24.81
CA ASP L 90 18.69 19.24 25.14
C ASP L 90 17.84 18.44 26.12
N ILE L 91 17.77 17.14 25.89
CA ILE L 91 17.01 16.25 26.77
C ILE L 91 17.57 16.24 28.19
N TRP L 92 18.86 16.01 28.34
CA TRP L 92 19.47 15.93 29.67
C TRP L 92 19.46 17.28 30.39
N THR L 93 19.78 18.34 29.66
CA THR L 93 19.80 19.67 30.26
C THR L 93 18.45 20.00 30.86
N TYR L 94 17.39 19.82 30.06
CA TYR L 94 16.04 20.14 30.50
C TYR L 94 15.63 19.32 31.73
N ASN L 95 15.77 18.00 31.63
CA ASN L 95 15.44 17.12 32.74
C ASN L 95 16.22 17.44 34.01
N ALA L 96 17.53 17.61 33.88
CA ALA L 96 18.37 17.92 35.02
C ALA L 96 17.94 19.23 35.65
N GLU L 97 17.76 20.25 34.82
CA GLU L 97 17.32 21.56 35.31
C GLU L 97 15.99 21.47 36.05
N LEU L 98 15.02 20.80 35.45
CA LEU L 98 13.70 20.65 36.05
C LEU L 98 13.71 19.75 37.27
N LEU L 99 14.55 18.73 37.25
CA LEU L 99 14.65 17.80 38.37
C LEU L 99 15.09 18.54 39.62
N VAL L 100 16.05 19.44 39.46
CA VAL L 100 16.53 20.25 40.56
C VAL L 100 15.43 21.18 41.08
N LEU L 101 14.80 21.91 40.18
CA LEU L 101 13.71 22.82 40.56
C LEU L 101 12.62 22.08 41.32
N LEU L 102 12.23 20.93 40.80
CA LEU L 102 11.18 20.13 41.43
C LEU L 102 11.61 19.66 42.82
N GLU L 103 12.76 19.00 42.89
CA GLU L 103 13.21 18.40 44.14
C GLU L 103 13.51 19.44 45.22
N ASN L 104 13.96 20.63 44.81
CA ASN L 104 14.21 21.69 45.76
C ASN L 104 12.91 22.18 46.39
N GLU L 105 11.90 22.39 45.55
CA GLU L 105 10.57 22.76 46.03
C GLU L 105 10.11 21.77 47.09
N ARG L 106 10.20 20.48 46.76
CA ARG L 106 9.75 19.43 47.67
C ARG L 106 10.55 19.39 48.97
N THR L 107 11.86 19.56 48.86
CA THR L 107 12.74 19.48 50.03
C THR L 107 12.43 20.56 51.05
N LEU L 108 12.27 21.79 50.59
CA LEU L 108 11.91 22.89 51.46
C LEU L 108 10.57 22.65 52.15
N ASP L 109 9.62 22.07 51.41
CA ASP L 109 8.32 21.73 51.98
C ASP L 109 8.47 20.55 52.93
N TYR L 110 9.43 19.68 52.67
CA TYR L 110 9.70 18.54 53.54
C TYR L 110 10.09 19.02 54.93
N HIS L 111 10.92 20.06 54.98
CA HIS L 111 11.35 20.62 56.26
C HIS L 111 10.21 21.37 56.94
N ASP L 112 9.45 22.11 56.16
CA ASP L 112 8.29 22.81 56.69
C ASP L 112 7.38 21.81 57.38
N SER L 113 7.18 20.67 56.74
CA SER L 113 6.36 19.59 57.30
C SER L 113 6.92 19.08 58.62
N ASN L 114 8.23 18.89 58.69
CA ASN L 114 8.85 18.35 59.89
C ASN L 114 8.73 19.28 61.09
N VAL L 115 8.84 20.58 60.85
CA VAL L 115 8.68 21.57 61.90
C VAL L 115 7.23 21.62 62.38
N LYS L 116 6.31 21.73 61.42
CA LYS L 116 4.89 21.73 61.73
C LYS L 116 4.49 20.50 62.53
N ASN L 117 5.05 19.34 62.17
CA ASN L 117 4.74 18.09 62.86
C ASN L 117 5.30 18.06 64.27
N LEU L 118 6.48 18.64 64.45
CA LEU L 118 7.11 18.68 65.77
C LEU L 118 6.31 19.56 66.72
N TYR L 119 5.73 20.63 66.17
CA TYR L 119 4.87 21.52 66.93
C TYR L 119 3.58 20.81 67.31
N GLU L 120 2.91 20.24 66.32
CA GLU L 120 1.69 19.49 66.55
C GLU L 120 1.89 18.42 67.61
N LYS L 121 3.05 17.77 67.57
CA LYS L 121 3.36 16.71 68.53
C LYS L 121 3.32 17.21 69.96
N VAL L 122 3.98 18.33 70.23
CA VAL L 122 3.98 18.85 71.59
C VAL L 122 2.66 19.49 72.00
N ARG L 123 2.06 20.25 71.09
CA ARG L 123 0.77 20.88 71.38
C ARG L 123 -0.29 19.86 71.79
N SER L 124 -0.38 18.76 71.06
CA SER L 124 -1.37 17.73 71.37
C SER L 124 -0.93 16.90 72.58
N GLN L 125 0.19 17.29 73.17
CA GLN L 125 0.71 16.59 74.35
C GLN L 125 0.33 17.34 75.61
N LEU L 126 0.56 18.66 75.61
CA LEU L 126 0.15 19.51 76.71
C LEU L 126 -1.05 20.27 76.16
N LYS L 127 -2.25 19.89 76.58
CA LYS L 127 -3.47 20.51 76.07
C LYS L 127 -3.70 21.79 76.86
N ASN L 128 -4.16 21.65 78.10
CA ASN L 128 -4.47 22.79 78.94
C ASN L 128 -3.25 23.34 79.67
N ASN L 129 -2.34 22.45 80.05
CA ASN L 129 -1.19 22.79 80.88
C ASN L 129 -0.32 23.91 80.33
N ALA L 130 -0.65 24.39 79.13
CA ALA L 130 0.07 25.50 78.52
C ALA L 130 -0.75 26.11 77.39
N LYS L 131 -0.55 27.40 77.16
CA LYS L 131 -1.30 28.10 76.12
C LYS L 131 -0.40 28.51 74.96
N GLU L 132 -0.95 28.45 73.76
CA GLU L 132 -0.21 28.82 72.55
C GLU L 132 -0.03 30.33 72.46
N ILE L 133 1.22 30.78 72.47
CA ILE L 133 1.51 32.18 72.24
C ILE L 133 1.17 32.53 70.79
N GLY L 134 1.41 31.58 69.90
CA GLY L 134 1.12 31.76 68.49
C GLY L 134 2.37 31.88 67.64
N ASN L 135 3.52 31.87 68.29
CA ASN L 135 4.80 32.01 67.60
C ASN L 135 5.58 30.70 67.64
N GLY L 136 4.85 29.60 67.68
CA GLY L 136 5.46 28.30 67.85
C GLY L 136 5.96 28.19 69.28
N CYS L 137 5.42 29.02 70.15
CA CYS L 137 5.80 29.05 71.55
C CYS L 137 4.66 28.63 72.46
N PHE L 138 5.01 27.86 73.49
CA PHE L 138 4.04 27.45 74.49
C PHE L 138 4.38 28.05 75.84
N GLU L 139 3.39 28.68 76.47
CA GLU L 139 3.58 29.25 77.80
C GLU L 139 2.93 28.35 78.85
N PHE L 140 3.74 27.79 79.72
CA PHE L 140 3.26 26.84 80.73
C PHE L 140 2.41 27.50 81.80
N TYR L 141 1.29 26.86 82.13
CA TYR L 141 0.47 27.29 83.25
C TYR L 141 1.01 26.67 84.54
N HIS L 142 1.60 25.50 84.42
CA HIS L 142 2.22 24.84 85.57
C HIS L 142 3.73 24.96 85.47
N LYS L 143 4.38 25.34 86.56
CA LYS L 143 5.83 25.45 86.61
C LYS L 143 6.48 24.22 85.97
N CYS L 144 7.49 24.46 85.14
CA CYS L 144 8.15 23.36 84.42
C CYS L 144 9.67 23.40 84.57
N ASP L 145 10.21 22.52 85.41
CA ASP L 145 11.64 22.43 85.62
C ASP L 145 12.32 21.64 84.50
N ASN L 146 13.65 21.55 84.56
CA ASN L 146 14.42 20.89 83.53
C ASN L 146 14.01 19.43 83.26
N THR L 147 13.90 18.64 84.31
CA THR L 147 13.48 17.25 84.15
C THR L 147 12.03 17.18 83.67
N CYS L 148 11.36 18.32 83.69
CA CYS L 148 10.01 18.44 83.13
C CYS L 148 10.08 18.68 81.64
N MET L 149 10.96 19.58 81.23
CA MET L 149 11.18 19.86 79.81
C MET L 149 11.57 18.57 79.10
N GLU L 150 12.18 17.66 79.84
CA GLU L 150 12.61 16.38 79.29
C GLU L 150 11.42 15.55 78.87
N SER L 151 10.41 15.50 79.74
CA SER L 151 9.22 14.70 79.47
C SER L 151 8.43 15.25 78.29
N VAL L 152 8.83 16.43 77.80
CA VAL L 152 8.18 17.03 76.65
C VAL L 152 8.91 16.64 75.37
N LYS L 153 10.24 16.71 75.43
CA LYS L 153 11.08 16.33 74.29
C LYS L 153 10.99 14.82 74.01
N ASN L 154 11.19 14.02 75.05
CA ASN L 154 11.06 12.56 74.93
C ASN L 154 9.66 12.15 74.54
N GLY L 155 8.73 13.10 74.53
CA GLY L 155 7.35 12.83 74.21
C GLY L 155 6.69 12.03 75.32
N THR L 156 7.35 11.98 76.47
CA THR L 156 6.85 11.27 77.64
C THR L 156 6.35 12.23 78.70
N TYR L 157 5.46 13.13 78.29
CA TYR L 157 4.86 14.10 79.20
C TYR L 157 3.65 13.37 79.73
N ASP L 158 3.93 12.35 80.55
CA ASP L 158 2.96 11.30 80.85
C ASP L 158 1.96 11.71 81.92
N TYR L 159 1.91 13.00 82.20
CA TYR L 159 0.97 13.52 83.19
C TYR L 159 0.68 15.00 83.01
N PRO L 160 -0.55 15.32 82.63
CA PRO L 160 -1.06 16.70 82.74
C PRO L 160 -1.36 16.98 84.21
N LYS L 161 -1.42 18.25 84.60
CA LYS L 161 -1.61 18.58 86.01
C LYS L 161 -1.71 20.10 85.87
N TYR L 162 -1.63 20.79 87.00
CA TYR L 162 -1.86 22.24 87.08
C TYR L 162 -2.43 22.19 88.49
C1 NAG M . -34.43 -32.01 -50.30
C2 NAG M . -33.65 -32.67 -51.45
C3 NAG M . -33.92 -34.17 -51.71
C4 NAG M . -33.97 -34.95 -50.42
C5 NAG M . -34.92 -34.25 -49.46
C6 NAG M . -35.02 -35.03 -48.16
C7 NAG M . -33.06 -30.87 -52.86
C8 NAG M . -32.83 -30.44 -54.29
N2 NAG M . -33.86 -31.93 -52.68
O3 NAG M . -32.93 -34.76 -52.55
O4 NAG M . -34.49 -36.22 -50.73
O5 NAG M . -34.56 -32.89 -49.21
O6 NAG M . -33.75 -35.19 -47.57
O7 NAG M . -32.54 -30.28 -51.91
C1 NAG M . -33.74 -37.39 -50.38
C2 NAG M . -34.76 -38.24 -49.62
C3 NAG M . -34.48 -39.72 -49.54
C4 NAG M . -34.14 -40.21 -50.93
C5 NAG M . -32.91 -39.43 -51.39
C6 NAG M . -32.26 -40.01 -52.67
C7 NAG M . -36.41 -37.63 -48.09
C8 NAG M . -36.87 -37.12 -46.73
N2 NAG M . -35.10 -37.74 -48.31
O3 NAG M . -35.66 -40.35 -49.07
O4 NAG M . -33.89 -41.61 -50.88
O5 NAG M . -33.19 -38.04 -51.53
O6 NAG M . -33.10 -40.95 -53.32
O7 NAG M . -37.24 -37.92 -48.96
C1 NAG N . 14.00 -31.95 -28.19
C2 NAG N . 14.96 -31.95 -29.42
C3 NAG N . 16.33 -31.28 -29.22
C4 NAG N . 16.04 -29.91 -28.64
C5 NAG N . 15.41 -30.18 -27.27
C6 NAG N . 15.36 -28.93 -26.39
C7 NAG N . 14.19 -33.69 -30.90
C8 NAG N . 14.42 -35.02 -31.56
N2 NAG N . 15.11 -33.28 -30.02
O3 NAG N . 17.01 -31.15 -30.46
O4 NAG N . 17.10 -28.97 -28.64
O5 NAG N . 14.11 -30.74 -27.44
O6 NAG N . 14.70 -27.86 -27.04
O7 NAG N . 13.19 -33.02 -31.18
C1 NAG N . 18.40 -29.59 -28.49
C2 NAG N . 18.67 -28.99 -27.12
C3 NAG N . 20.15 -29.19 -26.79
C4 NAG N . 20.56 -30.64 -27.02
C5 NAG N . 19.97 -31.25 -28.31
C6 NAG N . 20.31 -32.74 -28.44
C7 NAG N . 18.14 -26.81 -26.09
C8 NAG N . 18.24 -25.31 -26.29
N2 NAG N . 18.40 -27.56 -27.17
O3 NAG N . 20.41 -28.80 -25.45
O4 NAG N . 21.98 -30.70 -27.09
O5 NAG N . 18.57 -31.00 -28.42
O6 NAG N . 20.18 -33.39 -27.18
O7 NAG N . 17.80 -27.26 -24.98
C1 NAG O . 26.15 -25.77 2.70
C2 NAG O . 27.26 -26.01 1.64
C3 NAG O . 28.45 -26.93 2.01
C4 NAG O . 28.93 -26.84 3.45
C5 NAG O . 27.69 -26.83 4.34
C6 NAG O . 28.13 -26.67 5.80
C7 NAG O . 26.10 -25.80 -0.47
C8 NAG O . 26.05 -26.28 -1.90
N2 NAG O . 26.66 -26.59 0.44
O3 NAG O . 29.58 -26.78 1.17
O4 NAG O . 29.65 -28.05 3.66
O5 NAG O . 26.73 -25.82 4.00
O6 NAG O . 27.78 -25.41 6.36
O7 NAG O . 25.61 -24.71 -0.15
C1 NAG O . 30.61 -28.26 4.71
C2 NAG O . 31.85 -27.42 4.35
C3 NAG O . 33.04 -27.85 5.21
C4 NAG O . 32.63 -27.80 6.69
C5 NAG O . 31.34 -28.60 6.92
C6 NAG O . 30.85 -28.58 8.37
C7 NAG O . 32.70 -26.46 2.30
C8 NAG O . 33.51 -26.75 1.05
N2 NAG O . 32.21 -27.52 2.93
O3 NAG O . 34.17 -27.01 4.94
O4 NAG O . 33.66 -28.33 7.51
O5 NAG O . 30.30 -28.09 6.09
O6 NAG O . 30.40 -27.28 8.72
O7 NAG O . 32.54 -25.29 2.68
C1 NAG P . -59.59 -15.76 1.46
C2 NAG P . -59.84 -14.67 0.40
C3 NAG P . -61.21 -14.67 -0.30
C4 NAG P . -61.75 -16.09 -0.47
C5 NAG P . -61.77 -16.86 0.85
C6 NAG P . -62.04 -18.34 0.53
C7 NAG P . -59.03 -12.42 0.23
C8 NAG P . -59.01 -11.00 0.73
N2 NAG P . -59.65 -13.33 0.98
O3 NAG P . -61.05 -14.11 -1.60
O4 NAG P . -63.07 -16.02 -1.00
O5 NAG P . -60.56 -16.81 1.62
O6 NAG P . -61.32 -18.69 -0.64
O7 NAG P . -58.48 -12.69 -0.85
C1 NAG Q . -6.78 0.55 9.43
C2 NAG Q . -5.55 -0.16 8.86
C3 NAG Q . -4.78 0.58 7.77
C4 NAG Q . -5.56 1.66 7.00
C5 NAG Q . -6.66 2.37 7.81
C6 NAG Q . -7.60 3.07 6.82
C7 NAG Q . -4.05 -1.60 10.21
C8 NAG Q . -3.20 -1.64 11.45
N2 NAG Q . -4.60 -0.39 9.95
O3 NAG Q . -4.31 -0.41 6.89
O4 NAG Q . -4.66 2.65 6.51
O5 NAG Q . -7.46 1.47 8.58
O6 NAG Q . -8.08 2.14 5.86
O7 NAG Q . -4.23 -2.60 9.49
C1 NAG R . -39.21 15.32 -10.16
C2 NAG R . -38.33 16.52 -10.59
C3 NAG R . -38.43 16.89 -12.09
C4 NAG R . -38.37 15.64 -12.96
C5 NAG R . -39.45 14.68 -12.45
C6 NAG R . -39.58 13.44 -13.33
C7 NAG R . -37.55 18.52 -9.45
C8 NAG R . -37.93 19.90 -8.96
N2 NAG R . -38.59 17.73 -9.79
O3 NAG R . -37.37 17.76 -12.45
O4 NAG R . -38.58 15.98 -14.31
O5 NAG R . -39.10 14.30 -11.14
O6 NAG R . -38.34 12.76 -13.31
O7 NAG R . -36.35 18.18 -9.52
C1 NAG S . -12.24 14.28 29.19
C2 NAG S . -12.97 12.94 29.30
C3 NAG S . -13.13 12.20 27.97
C4 NAG S . -13.39 13.12 26.77
C5 NAG S . -12.50 14.36 26.77
C6 NAG S . -12.94 15.37 25.71
C7 NAG S . -12.90 11.11 30.94
C8 NAG S . -12.27 9.74 30.92
N2 NAG S . -12.26 12.07 30.24
O3 NAG S . -14.24 11.32 28.12
O4 NAG S . -13.14 12.38 25.60
O5 NAG S . -12.54 15.03 28.02
O6 NAG S . -13.99 16.20 26.23
O7 NAG S . -13.95 11.32 31.56
C1 NAG T . -3.99 -14.37 15.34
C2 NAG T . -4.40 -15.74 15.97
C3 NAG T . -5.25 -16.60 15.02
C4 NAG T . -6.45 -15.73 14.66
C5 NAG T . -5.91 -14.61 13.75
C6 NAG T . -7.04 -13.72 13.25
C7 NAG T . -3.42 -17.46 17.40
C8 NAG T . -2.82 -18.81 17.15
N2 NAG T . -3.25 -16.51 16.45
O3 NAG T . -5.63 -17.85 15.60
O4 NAG T . -7.52 -16.44 14.05
O5 NAG T . -4.96 -13.81 14.45
O6 NAG T . -7.48 -12.85 14.28
O7 NAG T . -4.03 -17.26 18.45
C1 NAG U . 57.37 16.28 8.95
C2 NAG U . 57.60 15.76 7.53
C3 NAG U . 58.45 16.66 6.64
C4 NAG U . 57.88 18.07 6.69
C5 NAG U . 57.74 18.52 8.16
C6 NAG U . 57.28 19.98 8.19
C7 NAG U . 57.36 13.58 6.96
C8 NAG U . 57.99 12.53 6.08
N2 NAG U . 58.16 14.44 7.55
O3 NAG U . 58.40 16.11 5.33
O4 NAG U . 58.72 18.97 5.98
O5 NAG U . 56.92 17.64 8.95
O6 NAG U . 56.36 20.24 7.13
O7 NAG U . 56.13 13.66 7.11
#